data_9CE3
#
_entry.id   9CE3
#
_cell.length_a   1.00
_cell.length_b   1.00
_cell.length_c   1.00
_cell.angle_alpha   90.00
_cell.angle_beta   90.00
_cell.angle_gamma   90.00
#
_symmetry.space_group_name_H-M   'P 1'
#
loop_
_entity.id
_entity.type
_entity.pdbx_description
1 polymer 'Isoform 4 of Tuberin'
2 polymer Hamartin
3 polymer 'TBC1 domain family member 7'
4 polymer 'WD repeat domain phosphoinositide-interacting protein 3'
5 polymer 'Unknown fragment'
#
loop_
_entity_poly.entity_id
_entity_poly.type
_entity_poly.pdbx_seq_one_letter_code
_entity_poly.pdbx_strand_id
1 'polypeptide(L)'
;MDYKDDDDKAKPTSKDSGLKEKFKILLGLGTPRPNPRSAEGKQTEFIITAEILRELSMECGLNNRIRMIGQICEVAKTKK
FEEHAVEALWKAVADLLQPERPLEARHAVLALLKAIVQGQGERLGVLRALFFKVIKDYPSNEDLHERLEVFKALTDNGRH
ITYLEEELADFVLQWMDVGLSSEFLLVLVNLVKFNSCYLDEYIARMVQMICLLCVRTASSVDIEVSLQVLDAVVCYNCLP
AESLPLFIVTLCRTINVKELCEPCWKLMRNLLGTHLGHSAIYNMCHLMEDRAYMEDAPLLRGAVFFVGMALWGAHRLYSL
RNSPTSVLPSFYQAMACPNEVVSYEIVLSITRLIKKYRKELQVVAWDILLNIIERLLQQLQTLDSPELRTIVHDLLTTVE
ELCDQNEFHGSQERYFELVERCADQRPESSLLNLISYRAQSIHPAKDGWIQNLQALMERFFRSESRGAVRIKVLDVLSFV
LLINRQFYEEELINSVVISQLSHIPEDKDHQVRKLATQLLVDLAEGCHTHHFNSLLDIIEKVMARSLSPPPELEERDVAA
YSASLEDVKTAVLGLLVILQTKLYTLPASHATRVYEMLVSHIQLHYKHSYTLPIASSIRLQAFDFLLLLRADSLHRLGLP
NKDGVVRFSPYCVCDYMEPERGSEKKTSGPLSPPTGPPGPAPAGPAVRLGSVPYSLLFRVLLQCLKQESDWKVLKLVLGR
LPESLRYKVLIFTSPCSVDQLCSALCSMLSGPKTLERLRGAPEGFSRTDLHLAVVPVLTALISYHNYLDKTKQREMVYCL
EQGLIHRCASQCVVALSICSVEMPDIIIKALPVLVVKLTHISATASMAVPLLEFLSTLARLPHLYRNFAAEQYASVFAIS
LPYTNPSKFNQYIVCLAHHVIAMWFIRCRLPFRKDFVPFITKGLRSNVLLSFDDTPEKDSFRARSTSLNERPKSLRIARP
PKQGLNNSPPVKEFKESSAAEAFRCRSISVSEHVVRSRIQTSLTSASLGSADENSVAQADDSLKNLHLELTETCLDMMAR
YVFSNFTAVPKRSPVGEFLLAGGRTKTWLVGNKLVTVTTSVGTGTRSLLGLDSGELQSGPESSSSPGVHVRQTKEAPAKL
ESQAGQQVSRGARDRVRSMSGGHGLRVGALDVPASQFLGSATSPGPRTAPAAKPEKASAGTRVPVQEKTNLAAYVPLLTQ
GWAEILVRRPTGNTSWLMSLENPLSPFSSDINNMPLQELSNALMAAERFKEHRDTALYKSLSVPAASTAKPPPLPRSNTD
SAVVMEEGSPGEVPVLVEPPGLEDVEAALGMDRRTDAYSRSSSVSSQEEKSLHAEELVGRGIPIERVVSSEGGRPSVDLS
FQPSQPLSKSSSSPELQTLQDILGDPGDKADVGRLSPEVKARSQSGTLDGESAAWSASGEDSRGQPEGPLPSSSPRSPSG
LRPRGYTISDSAPSRRGKRVERDALKSRATASNAEKVPGINPSFVFLQLYHSPFFGDESNKPILLPNESQSFERSVQLLD
QIPSYDTHKIAVLYVGEGQSNSELAILSNEHGSYRYTEFLTGLGRLIELKDCQPDKVYLGGLDVCGEDGQFTYCWHDDIM
QAVFHIATLMPTKDVDKHRCDKKRHLGNDFVSIVYNDSGEDFKLGTIKGQFNFVHVIVTPLDYECNLVSLQCRKDMEGLV
DTSVAKIVSDRNLPFVARQMALHANMASQVHHSRSNPTDIYPSKWIARLRHIKRLRQRICEEAAYSNPSLPLVHPPSHSK
APAQTPAEPTPGYEVGQRKRLISSVEDFTEFV
;
A,B
2 'polypeptide(L)'
;MAQQANVGELLAMLDSPMLGVRDDVTAVFKENLNSDRGPMLVNTLVDYYLETSSQPALHILTTLQEPHDKHLLDRINEYV
GKAATRLSILSLLGHVIRLQPSWKHKLSQAPLLPSLLKCLKMDTDVVVLTTGVLVLITMLPMIPQSGKQHLLDFFDIFGR
LSSWCLKKPGHVAEVYLVHLHASVYALFHRLYGMYPCNFVSFLRSHYSMKENLETFEEVVKPMMEHVRIHPELVTGSKDH
ELDPRRWKRLETHDVVIECAKISLDPTEASYEDGYSVSHQISARFPHRSADVTTSPYADTQNSYGCATSTPYSTSRLMLL
NMPGQLPQTLSSPSTRLITEPPQATLWSPSMVCGMTTPPTSPGNVPPDLSHPYSKVFGTTAGGKGTPLGTPATSPPPAPL
CHSDDYVHISLPQATVTPPRKEERMDSARPCLHRQHHLLNDRGSEEPPGSKGSVTLSDLPGFLGDLASEEDSIEKDKEEA
AISRELSEITTAEAEPVVPRGGFDSPFYRDSLPGSQRKTHSAASSSQGASVNPEPLHSSLDKLGPDTPKQAFTPIDLPCG
SADESPAGDRECQTSLETSIFTPSPCKIPPPTRVGFGSGQPPPYDHLFEVALPKTAHHFVIRKTEELLKKAKGNTEEDGV
PSTSPMEVLDRLIQQGADAHSKELNKLPLPSKSVDWTHFGGSPPSDEIRTLRDQLLLLHNQLLYERFKRQQHALRNRRLL
RKVIKAAALEEHNAAMKDQLKLQEKDIQMWKVSLQKEQARYNQLQEQRDTMVTKLHSQIRQLQHDREEFYNQSQELQTKL
EDCRNMIAELRIELKKANNKVCHTELLLSQVSQKLSNSESVQQQMEFLNRQLLVLGEVNELYLEQLQNKHSDTTKEVEMM
KAAYRKELEKNRSHVLQQTQRLDTSQKRILELESHLAKKDHLLLEQKKYLEDVKLQARGQLQAAESRYEAQKRITQVFEL
EILDLYGRLEKDGLLKKLEEEKAEAAEAAEERLDCCNDGCSDSMVGHNEEASGHNGETKTPRPSSARGSSGSRGGGGSSS
SSSELSTPEKPPHQRAGPFSSRWETTMGEASASIPTTVGSLPSSKSFLGMKARELFRNKSESQCDEDGMTSSLSESLKTE
LGKDLGVEAKIPLNLDGPHPSPPTPDSVGQLHIMDYNETHHEHSGTKLGPEQKLISEEDLNSAVDHHHHHH
;
C,D
3 'polypeptide(L)'
;MTEDSQRNFRSVYYEKVGFRGVEEKKSLEILLKDDRLDTEKLCTFSQRFPLPSMYRALVWKVLLGILPPHHESHAKVMMY
RKEQYLDVLHALKVVRFVSDATPQAEVYLRMYQLESGKLPRSPSFPLEPDDEVFLAIAKAMEEMVEDSVDCYWITRRFVN
QLNTKYRDSLPQLPKAFEQYLNLEDGRLLTHLRMCSAAPKLPYDLWFKRCFAGCLPESSLQRVWDKVVSGSCKILVFVAV
EILLTFKIKVMALNSAEKITKFLENIPQDSSDAIVSKAIDLWHKHCGTPVHSSDYKDDDDK
;
E
4 'polypeptide(L)'
;MHHHHHHGLLYAGFNQDHGCFACGMENGFRVYNTDPLKEKEKQEFLEGGVGHVEMLFRCNYLALVGGGKKKVMIWDDLKK
KTVIEIEFSTEVKAVKLRRDRIVVVLDSMIKVFTFTHNPHQLHVFETCYNPKGLCVLCPNSNNSLLAFPGTHTGHVQLVD
LASTEKPPVDIPAHEGVLSCIALNLQGTRIATASEKGTLIRIFDTSSGHLIQELRRGSQAANIYCINFNQDASLICVSSD
HGTVHIFAAEDPKSKWSFSKFQVPSGSPCICAFGTEPNAVIAICADGSYYKFLFNPKGECIRDVYAQFLEMTDDKL
;
F
5 'polypeptide(L)' (UNK)(UNK)(UNK)(UNK)(UNK)(UNK)(UNK)(UNK)(UNK)(UNK)(UNK)(UNK) G,H
#
# COMPACT_ATOMS: atom_id res chain seq x y z
N GLN A 43 -103.53 73.80 162.69
CA GLN A 43 -104.11 72.51 162.97
C GLN A 43 -105.54 72.63 163.50
N THR A 44 -106.38 71.67 163.15
CA THR A 44 -107.74 71.64 163.65
C THR A 44 -107.77 71.20 165.11
N GLU A 45 -108.84 71.58 165.80
CA GLU A 45 -108.98 71.35 167.23
C GLU A 45 -109.88 70.16 167.51
N PHE A 46 -109.58 69.44 168.59
CA PHE A 46 -110.46 68.40 169.08
C PHE A 46 -110.35 68.33 170.59
N ILE A 47 -111.44 67.92 171.24
CA ILE A 47 -111.52 67.84 172.70
C ILE A 47 -112.02 66.46 173.07
N ILE A 48 -111.34 65.82 174.03
CA ILE A 48 -111.78 64.53 174.53
C ILE A 48 -113.01 64.72 175.41
N THR A 49 -114.04 63.94 175.16
CA THR A 49 -115.33 64.10 175.83
C THR A 49 -115.50 63.02 176.90
N ALA A 50 -116.28 63.36 177.93
CA ALA A 50 -116.57 62.40 178.99
C ALA A 50 -117.24 61.15 178.45
N GLU A 51 -117.94 61.27 177.32
CA GLU A 51 -118.53 60.09 176.69
C GLU A 51 -117.45 59.12 176.24
N ILE A 52 -116.31 59.64 175.77
CA ILE A 52 -115.20 58.77 175.40
C ILE A 52 -114.66 58.06 176.64
N LEU A 53 -114.57 58.77 177.76
CA LEU A 53 -114.13 58.14 179.01
C LEU A 53 -115.10 57.03 179.41
N ARG A 54 -116.40 57.27 179.27
CA ARG A 54 -117.37 56.22 179.55
C ARG A 54 -117.21 55.04 178.59
N GLU A 55 -116.97 55.33 177.32
CA GLU A 55 -116.84 54.27 176.33
C GLU A 55 -115.56 53.46 176.50
N LEU A 56 -114.56 54.01 177.19
CA LEU A 56 -113.38 53.22 177.55
C LEU A 56 -113.54 52.48 178.87
N SER A 57 -114.55 52.82 179.67
CA SER A 57 -114.66 52.33 181.03
C SER A 57 -114.85 50.82 181.05
N MET A 58 -114.63 50.25 182.24
CA MET A 58 -114.79 48.81 182.45
C MET A 58 -116.24 48.37 182.31
N GLU A 59 -117.20 49.30 182.38
CA GLU A 59 -118.60 48.95 182.29
C GLU A 59 -119.02 48.57 180.88
N CYS A 60 -118.20 48.83 179.87
CA CYS A 60 -118.53 48.49 178.50
C CYS A 60 -118.07 47.07 178.17
N GLY A 61 -118.53 46.57 177.03
CA GLY A 61 -118.16 45.23 176.61
C GLY A 61 -116.73 45.14 176.14
N LEU A 62 -116.19 43.92 176.22
CA LEU A 62 -114.79 43.70 175.86
C LEU A 62 -114.54 44.02 174.39
N ASN A 63 -115.22 43.30 173.49
CA ASN A 63 -115.03 43.54 172.06
C ASN A 63 -115.49 44.93 171.66
N ASN A 64 -116.54 45.45 172.30
CA ASN A 64 -116.95 46.82 172.07
C ASN A 64 -115.84 47.79 172.46
N ARG A 65 -115.20 47.56 173.61
CA ARG A 65 -114.10 48.42 174.02
C ARG A 65 -112.93 48.33 173.07
N ILE A 66 -112.64 47.13 172.57
CA ILE A 66 -111.53 46.97 171.63
C ILE A 66 -111.81 47.75 170.35
N ARG A 67 -113.04 47.63 169.83
CA ARG A 67 -113.40 48.37 168.62
C ARG A 67 -113.33 49.87 168.85
N MET A 68 -113.83 50.34 169.99
CA MET A 68 -113.79 51.77 170.28
C MET A 68 -112.35 52.27 170.44
N ILE A 69 -111.47 51.44 171.01
CA ILE A 69 -110.06 51.79 171.12
C ILE A 69 -109.44 51.94 169.74
N GLY A 70 -109.73 50.99 168.86
CA GLY A 70 -109.25 51.12 167.49
C GLY A 70 -109.74 52.38 166.81
N GLN A 71 -111.02 52.71 167.01
CA GLN A 71 -111.56 53.93 166.42
C GLN A 71 -110.88 55.17 166.99
N ILE A 72 -110.62 55.17 168.30
CA ILE A 72 -109.97 56.31 168.95
C ILE A 72 -108.53 56.46 168.47
N CYS A 73 -107.91 55.36 168.02
CA CYS A 73 -106.51 55.41 167.58
C CYS A 73 -106.27 56.49 166.53
N GLU A 74 -107.14 56.55 165.51
CA GLU A 74 -106.94 57.52 164.44
C GLU A 74 -107.07 58.95 164.95
N VAL A 75 -108.04 59.19 165.84
CA VAL A 75 -108.19 60.50 166.46
C VAL A 75 -106.93 60.86 167.23
N ALA A 76 -106.35 59.89 167.95
CA ALA A 76 -105.13 60.15 168.71
C ALA A 76 -103.98 60.51 167.78
N LYS A 77 -103.87 59.82 166.65
CA LYS A 77 -102.78 60.09 165.71
C LYS A 77 -102.90 61.49 165.14
N THR A 78 -104.12 61.92 164.81
CA THR A 78 -104.28 63.15 164.03
C THR A 78 -104.68 64.38 164.84
N LYS A 79 -105.18 64.22 166.07
CA LYS A 79 -105.76 65.33 166.80
C LYS A 79 -105.11 65.46 168.18
N LYS A 80 -105.08 66.69 168.68
CA LYS A 80 -104.40 67.00 169.93
C LYS A 80 -105.22 66.54 171.13
N PHE A 81 -104.54 65.93 172.09
CA PHE A 81 -105.12 65.56 173.38
C PHE A 81 -104.51 66.45 174.47
N GLU A 82 -104.92 66.20 175.71
CA GLU A 82 -104.37 66.93 176.86
C GLU A 82 -104.06 65.95 177.98
N GLU A 83 -103.13 66.38 178.85
CA GLU A 83 -102.37 65.46 179.68
C GLU A 83 -103.26 64.68 180.66
N HIS A 84 -104.09 65.38 181.43
CA HIS A 84 -104.96 64.69 182.37
C HIS A 84 -105.94 63.78 181.65
N ALA A 85 -106.44 64.24 180.50
CA ALA A 85 -107.29 63.40 179.68
C ALA A 85 -106.54 62.18 179.19
N VAL A 86 -105.25 62.33 178.87
CA VAL A 86 -104.46 61.17 178.43
C VAL A 86 -104.26 60.19 179.59
N GLU A 87 -104.06 60.70 180.80
CA GLU A 87 -103.95 59.83 181.97
C GLU A 87 -105.24 59.04 182.16
N ALA A 88 -106.39 59.72 182.04
CA ALA A 88 -107.67 59.02 182.12
C ALA A 88 -107.81 58.00 181.00
N LEU A 89 -107.41 58.36 179.79
CA LEU A 89 -107.52 57.45 178.65
C LEU A 89 -106.70 56.19 178.89
N TRP A 90 -105.49 56.34 179.42
CA TRP A 90 -104.68 55.17 179.73
C TRP A 90 -105.30 54.35 180.85
N LYS A 91 -105.67 54.99 181.95
CA LYS A 91 -106.19 54.25 183.10
C LYS A 91 -107.47 53.51 182.76
N ALA A 92 -108.31 54.07 181.90
CA ALA A 92 -109.57 53.43 181.53
C ALA A 92 -109.39 52.22 180.64
N VAL A 93 -108.20 52.02 180.08
CA VAL A 93 -107.91 50.83 179.29
C VAL A 93 -106.86 49.95 179.92
N ALA A 94 -106.28 50.37 181.05
CA ALA A 94 -105.24 49.57 181.69
C ALA A 94 -105.73 48.17 182.03
N ASP A 95 -106.99 48.05 182.43
CA ASP A 95 -107.51 46.74 182.82
C ASP A 95 -107.64 45.77 181.66
N LEU A 96 -107.23 46.16 180.45
CA LEU A 96 -107.27 45.29 179.29
C LEU A 96 -105.89 44.78 178.88
N LEU A 97 -104.87 45.04 179.70
CA LEU A 97 -103.50 44.65 179.35
C LEU A 97 -102.97 43.47 180.15
N GLN A 98 -103.58 43.14 181.27
CA GLN A 98 -103.08 42.05 182.10
C GLN A 98 -103.19 40.74 181.33
N PRO A 99 -102.36 39.75 181.66
CA PRO A 99 -102.45 38.45 180.99
C PRO A 99 -103.81 37.78 181.14
N GLU A 100 -104.57 38.12 182.17
CA GLU A 100 -105.93 37.59 182.31
C GLU A 100 -106.82 38.01 181.16
N ARG A 101 -106.50 39.11 180.49
CA ARG A 101 -107.23 39.54 179.31
C ARG A 101 -106.72 38.80 178.09
N PRO A 102 -107.56 38.68 177.05
CA PRO A 102 -107.11 38.00 175.83
C PRO A 102 -106.05 38.81 175.09
N LEU A 103 -105.30 38.09 174.25
CA LEU A 103 -104.20 38.71 173.51
C LEU A 103 -104.70 39.85 172.63
N GLU A 104 -105.91 39.71 172.07
CA GLU A 104 -106.44 40.77 171.23
C GLU A 104 -106.66 42.06 172.02
N ALA A 105 -107.18 41.96 173.24
CA ALA A 105 -107.38 43.15 174.06
C ALA A 105 -106.04 43.79 174.45
N ARG A 106 -105.05 42.96 174.79
CA ARG A 106 -103.73 43.50 175.13
C ARG A 106 -103.12 44.22 173.95
N HIS A 107 -103.23 43.63 172.75
CA HIS A 107 -102.71 44.29 171.56
C HIS A 107 -103.50 45.55 171.24
N ALA A 108 -104.80 45.59 171.57
CA ALA A 108 -105.56 46.82 171.40
C ALA A 108 -105.04 47.90 172.32
N VAL A 109 -104.70 47.54 173.56
CA VAL A 109 -104.13 48.52 174.49
C VAL A 109 -102.83 49.05 173.94
N LEU A 110 -101.94 48.16 173.49
CA LEU A 110 -100.66 48.60 172.95
C LEU A 110 -100.84 49.41 171.68
N ALA A 111 -101.85 49.09 170.88
CA ALA A 111 -102.15 49.85 169.67
C ALA A 111 -102.55 51.28 170.01
N LEU A 112 -103.41 51.44 171.01
CA LEU A 112 -103.77 52.78 171.45
C LEU A 112 -102.56 53.52 172.00
N LEU A 113 -101.69 52.80 172.72
CA LEU A 113 -100.48 53.43 173.23
C LEU A 113 -99.62 53.96 172.10
N LYS A 114 -99.38 53.13 171.09
CA LYS A 114 -98.56 53.57 169.95
C LYS A 114 -99.21 54.72 169.21
N ALA A 115 -100.53 54.66 169.02
CA ALA A 115 -101.23 55.73 168.33
C ALA A 115 -101.11 57.05 169.08
N ILE A 116 -101.32 57.02 170.40
CA ILE A 116 -101.20 58.23 171.20
C ILE A 116 -99.77 58.75 171.15
N VAL A 117 -98.79 57.87 171.30
CA VAL A 117 -97.40 58.31 171.30
C VAL A 117 -97.05 58.98 169.98
N GLN A 118 -97.43 58.35 168.86
CA GLN A 118 -97.15 58.93 167.55
C GLN A 118 -97.87 60.24 167.35
N GLY A 119 -99.14 60.33 167.76
CA GLY A 119 -99.93 61.52 167.48
C GLY A 119 -99.69 62.68 168.41
N GLN A 120 -99.19 62.42 169.62
CA GLN A 120 -98.97 63.48 170.60
C GLN A 120 -97.51 63.88 170.73
N GLY A 121 -96.59 62.91 170.71
CA GLY A 121 -95.17 63.25 170.57
C GLY A 121 -94.64 64.10 171.69
N GLU A 122 -93.97 65.19 171.31
CA GLU A 122 -93.24 66.02 172.27
C GLU A 122 -94.19 66.67 173.27
N ARG A 123 -95.44 66.87 172.92
CA ARG A 123 -96.39 67.55 173.79
C ARG A 123 -96.86 66.68 174.95
N LEU A 124 -96.51 65.39 174.97
CA LEU A 124 -96.87 64.54 176.09
C LEU A 124 -96.20 64.99 177.38
N GLY A 125 -94.87 65.16 177.34
CA GLY A 125 -94.15 65.56 178.53
C GLY A 125 -93.87 64.41 179.47
N VAL A 126 -94.34 64.52 180.72
CA VAL A 126 -94.11 63.48 181.72
C VAL A 126 -94.85 62.20 181.37
N LEU A 127 -95.87 62.27 180.52
CA LEU A 127 -96.64 61.08 180.15
C LEU A 127 -95.77 60.04 179.46
N ARG A 128 -94.62 60.43 178.93
CA ARG A 128 -93.74 59.47 178.30
C ARG A 128 -93.28 58.42 179.29
N ALA A 129 -92.97 58.82 180.51
CA ALA A 129 -92.65 57.84 181.54
C ALA A 129 -93.86 56.98 181.87
N LEU A 130 -95.04 57.58 181.90
CA LEU A 130 -96.25 56.81 182.19
C LEU A 130 -96.47 55.70 181.18
N PHE A 131 -96.09 55.93 179.93
CA PHE A 131 -96.24 54.88 178.93
C PHE A 131 -95.06 53.91 178.91
N PHE A 132 -93.84 54.41 179.14
CA PHE A 132 -92.69 53.53 179.14
C PHE A 132 -92.70 52.56 180.31
N LYS A 133 -93.24 52.98 181.46
CA LYS A 133 -93.38 52.05 182.58
C LYS A 133 -94.28 50.89 182.20
N VAL A 134 -95.35 51.19 181.46
CA VAL A 134 -96.26 50.16 180.96
C VAL A 134 -95.54 49.22 180.02
N ILE A 135 -94.78 49.78 179.07
CA ILE A 135 -94.10 48.97 178.07
C ILE A 135 -93.05 48.09 178.71
N LYS A 136 -92.36 48.59 179.74
CA LYS A 136 -91.17 47.97 180.30
C LYS A 136 -91.48 46.97 181.41
N ASP A 137 -92.40 47.31 182.31
CA ASP A 137 -92.73 46.46 183.44
C ASP A 137 -93.81 45.42 183.12
N TYR A 138 -94.05 45.17 181.84
CA TYR A 138 -95.05 44.20 181.44
C TYR A 138 -94.65 42.80 181.94
N PRO A 139 -95.59 42.03 182.48
CA PRO A 139 -95.22 40.87 183.29
C PRO A 139 -94.88 39.61 182.49
N SER A 140 -94.90 39.64 181.17
CA SER A 140 -94.72 38.43 180.39
C SER A 140 -93.94 38.72 179.12
N ASN A 141 -93.42 37.66 178.52
CA ASN A 141 -92.77 37.76 177.22
C ASN A 141 -93.76 37.96 176.08
N GLU A 142 -95.05 37.96 176.37
CA GLU A 142 -96.09 38.11 175.36
C GLU A 142 -96.05 39.52 174.76
N ASP A 143 -96.81 39.69 173.67
CA ASP A 143 -97.01 40.99 173.03
C ASP A 143 -95.67 41.63 172.67
N LEU A 144 -94.74 40.80 172.19
CA LEU A 144 -93.38 41.27 171.94
C LEU A 144 -93.37 42.39 170.89
N HIS A 145 -93.94 42.12 169.72
CA HIS A 145 -93.86 43.07 168.62
C HIS A 145 -94.57 44.37 168.95
N GLU A 146 -95.76 44.28 169.58
CA GLU A 146 -96.50 45.50 169.88
C GLU A 146 -95.78 46.34 170.93
N ARG A 147 -95.23 45.70 171.96
CA ARG A 147 -94.45 46.42 172.94
C ARG A 147 -93.28 47.14 172.27
N LEU A 148 -92.55 46.43 171.41
CA LEU A 148 -91.41 47.05 170.75
C LEU A 148 -91.85 48.17 169.82
N GLU A 149 -93.02 48.04 169.21
CA GLU A 149 -93.52 49.11 168.34
C GLU A 149 -93.81 50.37 169.14
N VAL A 150 -94.49 50.22 170.28
CA VAL A 150 -94.77 51.39 171.10
C VAL A 150 -93.47 51.98 171.63
N PHE A 151 -92.50 51.12 171.95
CA PHE A 151 -91.19 51.63 172.39
C PHE A 151 -90.49 52.40 171.29
N LYS A 152 -90.55 51.89 170.06
CA LYS A 152 -89.96 52.58 168.92
C LYS A 152 -90.61 53.95 168.74
N ALA A 153 -91.93 54.01 168.88
CA ALA A 153 -92.61 55.30 168.78
C ALA A 153 -92.24 56.21 169.95
N LEU A 154 -92.04 55.64 171.12
CA LEU A 154 -91.77 56.44 172.32
C LEU A 154 -90.35 56.99 172.32
N THR A 155 -89.42 56.33 171.66
CA THR A 155 -88.04 56.77 171.60
C THR A 155 -87.63 57.31 170.23
N ASP A 156 -88.54 57.30 169.25
CA ASP A 156 -88.23 57.65 167.87
C ASP A 156 -87.04 56.83 167.37
N ASN A 157 -87.22 55.52 167.38
CA ASN A 157 -86.23 54.50 167.05
C ASN A 157 -85.08 54.48 168.05
N GLY A 158 -85.09 55.34 169.05
CA GLY A 158 -84.00 55.46 170.01
C GLY A 158 -83.30 56.80 170.01
N ARG A 159 -83.65 57.73 169.12
CA ARG A 159 -82.95 59.01 169.05
C ARG A 159 -83.20 59.85 170.29
N HIS A 160 -84.45 59.89 170.76
CA HIS A 160 -84.88 60.82 171.81
C HIS A 160 -85.48 60.02 172.95
N ILE A 161 -84.89 60.14 174.14
CA ILE A 161 -85.30 59.32 175.28
C ILE A 161 -85.63 60.18 176.49
N THR A 162 -86.11 61.40 176.27
CA THR A 162 -86.46 62.26 177.38
C THR A 162 -87.53 61.62 178.25
N TYR A 163 -87.41 61.82 179.56
CA TYR A 163 -88.26 61.25 180.60
C TYR A 163 -88.14 59.74 180.69
N LEU A 164 -87.24 59.12 179.94
CA LEU A 164 -87.04 57.68 179.99
C LEU A 164 -85.62 57.29 180.39
N GLU A 165 -84.75 58.25 180.64
CA GLU A 165 -83.33 57.95 180.81
C GLU A 165 -83.07 56.98 181.96
N GLU A 166 -83.88 57.06 183.02
CA GLU A 166 -83.62 56.23 184.19
C GLU A 166 -83.87 54.76 183.89
N GLU A 167 -84.98 54.44 183.24
CA GLU A 167 -85.44 53.07 183.09
C GLU A 167 -85.00 52.43 181.78
N LEU A 168 -84.35 53.17 180.89
CA LEU A 168 -84.05 52.68 179.55
C LEU A 168 -83.16 51.44 179.60
N ALA A 169 -82.16 51.45 180.48
CA ALA A 169 -81.20 50.36 180.52
C ALA A 169 -81.85 49.05 180.92
N ASP A 170 -82.80 49.11 181.85
CA ASP A 170 -83.46 47.88 182.28
C ASP A 170 -84.29 47.28 181.15
N PHE A 171 -84.97 48.12 180.37
CA PHE A 171 -85.71 47.62 179.22
C PHE A 171 -84.77 46.99 178.19
N VAL A 172 -83.64 47.63 177.93
CA VAL A 172 -82.68 47.06 176.98
C VAL A 172 -82.18 45.71 177.47
N LEU A 173 -81.78 45.61 178.74
CA LEU A 173 -81.28 44.35 179.26
C LEU A 173 -82.36 43.27 179.22
N GLN A 174 -83.59 43.63 179.60
CA GLN A 174 -84.68 42.67 179.56
C GLN A 174 -84.88 42.14 178.15
N TRP A 175 -84.89 43.02 177.16
CA TRP A 175 -85.15 42.58 175.80
C TRP A 175 -84.02 41.73 175.25
N MET A 176 -82.78 42.02 175.62
CA MET A 176 -81.72 41.17 175.14
C MET A 176 -81.74 39.81 175.83
N ASP A 177 -82.49 39.66 176.93
CA ASP A 177 -82.81 38.32 177.42
C ASP A 177 -84.13 37.76 176.85
N VAL A 178 -85.00 38.59 176.28
CA VAL A 178 -86.38 38.24 175.99
C VAL A 178 -86.71 38.31 174.51
N GLY A 179 -86.20 39.31 173.80
CA GLY A 179 -86.64 39.53 172.44
C GLY A 179 -85.58 39.77 171.38
N LEU A 180 -84.43 39.10 171.49
CA LEU A 180 -83.38 39.25 170.50
C LEU A 180 -83.90 39.02 169.09
N SER A 181 -83.91 40.07 168.28
CA SER A 181 -84.47 40.00 166.93
C SER A 181 -83.93 41.16 166.12
N SER A 182 -84.08 41.05 164.80
CA SER A 182 -83.59 42.10 163.92
C SER A 182 -84.29 43.43 164.20
N GLU A 183 -85.55 43.38 164.63
CA GLU A 183 -86.26 44.61 164.95
C GLU A 183 -85.65 45.29 166.17
N PHE A 184 -85.39 44.52 167.22
CA PHE A 184 -84.78 45.09 168.41
C PHE A 184 -83.35 45.53 168.15
N LEU A 185 -82.61 44.79 167.33
CA LEU A 185 -81.27 45.24 166.97
C LEU A 185 -81.33 46.52 166.15
N LEU A 186 -82.35 46.67 165.31
CA LEU A 186 -82.52 47.95 164.61
C LEU A 186 -82.75 49.09 165.59
N VAL A 187 -83.55 48.83 166.63
CA VAL A 187 -83.74 49.83 167.68
C VAL A 187 -82.41 50.11 168.39
N LEU A 188 -81.65 49.06 168.67
CA LEU A 188 -80.35 49.20 169.34
C LEU A 188 -79.37 50.01 168.52
N VAL A 189 -79.46 49.96 167.19
CA VAL A 189 -78.55 50.76 166.39
C VAL A 189 -78.68 52.23 166.77
N ASN A 190 -79.90 52.75 166.78
CA ASN A 190 -80.11 54.15 167.12
C ASN A 190 -79.91 54.41 168.60
N LEU A 191 -80.25 53.46 169.46
CA LEU A 191 -79.99 53.65 170.89
C LEU A 191 -78.50 53.80 171.15
N VAL A 192 -77.69 52.87 170.65
CA VAL A 192 -76.26 52.90 170.89
C VAL A 192 -75.60 54.02 170.08
N LYS A 193 -76.24 54.52 169.03
CA LYS A 193 -75.64 55.64 168.31
C LYS A 193 -75.95 56.98 168.99
N PHE A 194 -77.23 57.34 169.06
CA PHE A 194 -77.61 58.66 169.54
C PHE A 194 -77.69 58.76 171.05
N ASN A 195 -77.70 57.63 171.76
CA ASN A 195 -77.79 57.60 173.21
C ASN A 195 -76.80 56.60 173.77
N SER A 196 -75.54 56.69 173.30
CA SER A 196 -74.52 55.75 173.71
C SER A 196 -74.26 55.80 175.21
N CYS A 197 -74.23 57.02 175.78
CA CYS A 197 -73.84 57.18 177.18
C CYS A 197 -74.82 56.50 178.13
N TYR A 198 -76.12 56.59 177.84
CA TYR A 198 -77.11 56.09 178.78
C TYR A 198 -77.08 54.58 178.95
N LEU A 199 -76.34 53.85 178.11
CA LEU A 199 -76.14 52.42 178.26
C LEU A 199 -74.67 52.07 178.51
N ASP A 200 -73.90 53.04 179.02
CA ASP A 200 -72.44 52.89 179.07
C ASP A 200 -72.03 51.73 179.96
N GLU A 201 -72.68 51.57 181.12
CA GLU A 201 -72.33 50.48 182.02
C GLU A 201 -72.80 49.13 181.52
N TYR A 202 -73.63 49.10 180.48
CA TYR A 202 -74.30 47.89 180.02
C TYR A 202 -73.75 47.35 178.72
N ILE A 203 -72.90 48.13 178.04
CA ILE A 203 -72.36 47.70 176.74
C ILE A 203 -71.68 46.34 176.79
N ALA A 204 -71.02 45.99 177.90
CA ALA A 204 -70.38 44.68 177.95
C ALA A 204 -71.39 43.55 177.83
N ARG A 205 -72.51 43.67 178.55
CA ARG A 205 -73.59 42.71 178.40
C ARG A 205 -74.14 42.73 176.98
N MET A 206 -74.32 43.93 176.42
CA MET A 206 -74.87 44.05 175.07
C MET A 206 -74.00 43.33 174.06
N VAL A 207 -72.68 43.54 174.13
CA VAL A 207 -71.77 42.93 173.17
C VAL A 207 -71.71 41.42 173.36
N GLN A 208 -71.63 40.95 174.61
CA GLN A 208 -71.59 39.50 174.81
C GLN A 208 -72.85 38.83 174.28
N MET A 209 -74.00 39.45 174.54
CA MET A 209 -75.29 38.91 174.13
C MET A 209 -75.46 38.95 172.61
N ILE A 210 -74.97 40.01 171.95
CA ILE A 210 -75.03 40.11 170.49
C ILE A 210 -74.06 39.13 169.83
N CYS A 211 -72.88 38.95 170.42
CA CYS A 211 -71.92 37.99 169.91
C CYS A 211 -72.44 36.56 170.02
N LEU A 212 -73.00 36.20 171.17
CA LEU A 212 -73.59 34.89 171.31
C LEU A 212 -74.80 34.73 170.41
N LEU A 213 -75.52 35.81 170.13
CA LEU A 213 -76.55 35.76 169.08
C LEU A 213 -75.94 35.37 167.74
N CYS A 214 -74.86 36.04 167.34
CA CYS A 214 -74.25 35.74 166.05
C CYS A 214 -73.75 34.31 165.97
N VAL A 215 -73.22 33.78 167.07
CA VAL A 215 -72.77 32.39 167.08
C VAL A 215 -73.95 31.42 167.02
N ARG A 216 -75.04 31.73 167.74
CA ARG A 216 -76.14 30.79 167.93
C ARG A 216 -77.33 30.99 166.99
N THR A 217 -77.41 32.12 166.30
CA THR A 217 -78.59 32.40 165.48
C THR A 217 -78.62 31.50 164.25
N ALA A 218 -79.83 31.11 163.85
CA ALA A 218 -80.03 30.46 162.58
C ALA A 218 -80.25 31.46 161.45
N SER A 219 -80.76 32.65 161.78
CA SER A 219 -81.06 33.66 160.79
C SER A 219 -79.88 34.59 160.60
N SER A 220 -79.62 34.95 159.34
CA SER A 220 -78.45 35.77 159.01
C SER A 220 -78.75 37.26 158.92
N VAL A 221 -80.01 37.65 158.70
CA VAL A 221 -80.36 39.06 158.82
C VAL A 221 -80.16 39.53 160.25
N ASP A 222 -80.41 38.65 161.23
CA ASP A 222 -80.06 38.94 162.60
C ASP A 222 -78.57 39.24 162.74
N ILE A 223 -77.73 38.49 162.01
CA ILE A 223 -76.30 38.77 162.05
C ILE A 223 -75.99 40.11 161.42
N GLU A 224 -76.69 40.46 160.35
CA GLU A 224 -76.43 41.75 159.72
C GLU A 224 -76.73 42.90 160.68
N VAL A 225 -77.90 42.87 161.32
CA VAL A 225 -78.21 43.96 162.24
C VAL A 225 -77.33 43.86 163.49
N SER A 226 -76.83 42.68 163.82
CA SER A 226 -75.88 42.54 164.91
C SER A 226 -74.58 43.26 164.58
N LEU A 227 -74.08 43.08 163.36
CA LEU A 227 -72.90 43.82 162.92
C LEU A 227 -73.17 45.32 162.92
N GLN A 228 -74.39 45.74 162.58
CA GLN A 228 -74.72 47.17 162.68
C GLN A 228 -74.67 47.67 164.12
N VAL A 229 -75.25 46.91 165.06
CA VAL A 229 -75.22 47.33 166.47
C VAL A 229 -73.80 47.33 167.01
N LEU A 230 -73.02 46.33 166.64
CA LEU A 230 -71.63 46.31 167.07
C LEU A 230 -70.86 47.48 166.45
N ASP A 231 -71.24 47.90 165.24
CA ASP A 231 -70.65 49.09 164.65
C ASP A 231 -71.02 50.32 165.46
N ALA A 232 -72.26 50.36 165.96
CA ALA A 232 -72.65 51.46 166.84
C ALA A 232 -71.82 51.47 168.11
N VAL A 233 -71.62 50.30 168.71
CA VAL A 233 -70.81 50.17 169.91
C VAL A 233 -69.38 50.62 169.64
N VAL A 234 -68.82 50.22 168.51
CA VAL A 234 -67.43 50.53 168.20
C VAL A 234 -67.24 52.00 167.83
N CYS A 235 -68.16 52.58 167.07
CA CYS A 235 -67.99 53.95 166.60
C CYS A 235 -68.43 54.97 167.64
N TYR A 236 -69.71 54.95 168.01
CA TYR A 236 -70.25 56.01 168.85
C TYR A 236 -70.08 55.74 170.33
N ASN A 237 -69.55 54.58 170.69
CA ASN A 237 -69.32 54.21 172.07
C ASN A 237 -67.94 53.58 172.14
N CYS A 238 -67.65 52.93 173.26
CA CYS A 238 -66.40 52.21 173.42
C CYS A 238 -66.70 50.72 173.56
N LEU A 239 -66.07 49.92 172.72
CA LEU A 239 -66.09 48.49 172.95
C LEU A 239 -65.33 48.22 174.23
N PRO A 240 -65.93 47.56 175.21
CA PRO A 240 -65.18 47.21 176.43
C PRO A 240 -64.01 46.31 176.09
N ALA A 241 -62.87 46.58 176.71
CA ALA A 241 -61.67 45.80 176.41
C ALA A 241 -61.84 44.34 176.79
N GLU A 242 -62.71 44.05 177.76
CA GLU A 242 -62.96 42.66 178.14
C GLU A 242 -63.95 41.97 177.21
N SER A 243 -64.68 42.72 176.39
CA SER A 243 -65.50 42.16 175.33
C SER A 243 -64.77 41.98 174.03
N LEU A 244 -63.49 42.39 173.96
CA LEU A 244 -62.75 42.31 172.72
C LEU A 244 -62.55 40.89 172.20
N PRO A 245 -62.17 39.90 173.01
CA PRO A 245 -61.98 38.56 172.44
C PRO A 245 -63.23 37.96 171.84
N LEU A 246 -64.38 38.09 172.51
CA LEU A 246 -65.62 37.54 171.98
C LEU A 246 -66.11 38.29 170.75
N PHE A 247 -65.94 39.61 170.74
CA PHE A 247 -66.20 40.41 169.54
C PHE A 247 -65.36 39.92 168.36
N ILE A 248 -64.06 39.70 168.61
CA ILE A 248 -63.15 39.28 167.56
C ILE A 248 -63.52 37.89 167.04
N VAL A 249 -63.81 36.97 167.96
CA VAL A 249 -64.22 35.63 167.55
C VAL A 249 -65.49 35.69 166.73
N THR A 250 -66.43 36.55 167.13
CA THR A 250 -67.67 36.69 166.39
C THR A 250 -67.44 37.19 164.99
N LEU A 251 -66.55 38.17 164.83
CA LEU A 251 -66.28 38.68 163.50
C LEU A 251 -65.53 37.65 162.65
N CYS A 252 -64.63 36.90 163.26
CA CYS A 252 -63.93 35.86 162.52
C CYS A 252 -64.91 34.79 162.04
N ARG A 253 -65.94 34.51 162.84
CA ARG A 253 -66.96 33.58 162.39
C ARG A 253 -67.83 34.19 161.30
N THR A 254 -68.16 35.47 161.43
CA THR A 254 -69.11 36.10 160.52
C THR A 254 -68.50 36.37 159.16
N ILE A 255 -67.20 36.62 159.09
CA ILE A 255 -66.53 37.01 157.85
C ILE A 255 -66.50 35.84 156.88
N ASN A 256 -66.95 34.67 157.32
CA ASN A 256 -67.10 33.55 156.41
C ASN A 256 -68.45 33.50 155.73
N VAL A 257 -69.43 34.25 156.21
CA VAL A 257 -70.73 34.34 155.56
C VAL A 257 -70.59 35.29 154.38
N LYS A 258 -70.95 34.81 153.19
CA LYS A 258 -70.70 35.56 151.97
C LYS A 258 -71.42 36.90 151.97
N GLU A 259 -72.70 36.90 152.36
CA GLU A 259 -73.49 38.12 152.31
C GLU A 259 -73.06 39.16 153.32
N LEU A 260 -72.21 38.81 154.28
CA LEU A 260 -71.91 39.67 155.42
C LEU A 260 -70.43 40.04 155.50
N CYS A 261 -69.62 39.67 154.53
CA CYS A 261 -68.19 39.98 154.60
C CYS A 261 -67.96 41.50 154.59
N GLU A 262 -68.63 42.22 153.71
CA GLU A 262 -68.43 43.67 153.64
C GLU A 262 -68.83 44.35 154.94
N PRO A 263 -70.02 44.11 155.51
CA PRO A 263 -70.29 44.69 156.83
C PRO A 263 -69.33 44.20 157.90
N CYS A 264 -68.97 42.92 157.88
CA CYS A 264 -68.06 42.39 158.89
C CYS A 264 -66.68 43.03 158.78
N TRP A 265 -66.16 43.17 157.56
CA TRP A 265 -64.87 43.83 157.41
C TRP A 265 -64.94 45.30 157.80
N LYS A 266 -66.03 45.99 157.46
CA LYS A 266 -66.15 47.38 157.86
C LYS A 266 -66.18 47.50 159.38
N LEU A 267 -66.88 46.60 160.06
CA LEU A 267 -66.92 46.62 161.52
C LEU A 267 -65.55 46.34 162.11
N MET A 268 -64.82 45.38 161.57
CA MET A 268 -63.49 45.10 162.08
C MET A 268 -62.56 46.28 161.84
N ARG A 269 -62.68 46.93 160.69
CA ARG A 269 -61.83 48.09 160.40
C ARG A 269 -62.16 49.24 161.34
N ASN A 270 -63.44 49.45 161.64
CA ASN A 270 -63.79 50.49 162.59
C ASN A 270 -63.27 50.17 163.99
N LEU A 271 -63.36 48.92 164.42
CA LEU A 271 -62.78 48.55 165.71
C LEU A 271 -61.29 48.80 165.73
N LEU A 272 -60.59 48.39 164.66
CA LEU A 272 -59.16 48.56 164.61
C LEU A 272 -58.76 50.02 164.43
N GLY A 273 -59.70 50.88 164.05
CA GLY A 273 -59.46 52.30 164.07
C GLY A 273 -59.58 52.93 165.45
N THR A 274 -60.08 52.19 166.42
CA THR A 274 -60.12 52.64 167.80
C THR A 274 -58.82 52.29 168.51
N HIS A 275 -58.73 52.67 169.79
CA HIS A 275 -57.54 52.38 170.57
C HIS A 275 -57.32 50.88 170.74
N LEU A 276 -58.36 50.07 170.57
CA LEU A 276 -58.25 48.62 170.71
C LEU A 276 -57.71 47.95 169.45
N GLY A 277 -57.13 48.71 168.53
CA GLY A 277 -56.70 48.11 167.28
C GLY A 277 -55.51 47.18 167.43
N HIS A 278 -54.45 47.66 168.06
CA HIS A 278 -53.27 46.81 168.26
C HIS A 278 -53.62 45.64 169.16
N SER A 279 -54.47 45.88 170.17
CA SER A 279 -54.99 44.82 171.01
C SER A 279 -55.76 43.80 170.20
N ALA A 280 -56.56 44.25 169.23
CA ALA A 280 -57.34 43.32 168.43
C ALA A 280 -56.47 42.52 167.47
N ILE A 281 -55.46 43.16 166.87
CA ILE A 281 -54.54 42.42 166.02
C ILE A 281 -53.82 41.36 166.82
N TYR A 282 -53.39 41.70 168.03
CA TYR A 282 -52.73 40.74 168.89
C TYR A 282 -53.68 39.61 169.28
N ASN A 283 -54.94 39.91 169.55
CA ASN A 283 -55.91 38.86 169.87
C ASN A 283 -56.17 37.95 168.68
N MET A 284 -56.24 38.51 167.46
CA MET A 284 -56.47 37.68 166.29
C MET A 284 -55.26 36.82 165.98
N CYS A 285 -54.07 37.32 166.26
CA CYS A 285 -52.88 36.48 166.16
C CYS A 285 -52.87 35.41 167.25
N HIS A 286 -53.38 35.73 168.43
CA HIS A 286 -53.53 34.73 169.49
C HIS A 286 -54.50 33.63 169.08
N LEU A 287 -55.60 34.00 168.43
CA LEU A 287 -56.52 33.00 167.92
C LEU A 287 -55.84 32.12 166.89
N MET A 288 -55.05 32.72 166.00
CA MET A 288 -54.35 31.95 164.99
C MET A 288 -53.31 31.02 165.61
N GLU A 289 -52.81 31.34 166.80
CA GLU A 289 -51.78 30.54 167.43
C GLU A 289 -52.28 29.56 168.48
N ASP A 290 -53.46 29.81 169.07
CA ASP A 290 -53.93 28.95 170.15
C ASP A 290 -54.37 27.59 169.61
N ARG A 291 -54.07 26.54 170.38
CA ARG A 291 -54.38 25.19 169.94
C ARG A 291 -55.85 24.84 170.08
N ALA A 292 -56.58 25.55 170.93
CA ALA A 292 -58.01 25.31 171.04
C ALA A 292 -58.76 25.69 169.78
N TYR A 293 -58.14 26.44 168.87
CA TYR A 293 -58.77 26.91 167.65
C TYR A 293 -58.15 26.31 166.40
N MET A 294 -57.32 25.28 166.53
CA MET A 294 -56.70 24.67 165.36
C MET A 294 -57.77 24.12 164.41
N GLU A 295 -58.79 23.47 164.95
CA GLU A 295 -59.81 22.86 164.11
C GLU A 295 -60.91 23.83 163.69
N ASP A 296 -60.99 25.01 164.32
CA ASP A 296 -62.04 25.97 164.00
C ASP A 296 -61.63 26.72 162.74
N ALA A 297 -61.76 26.04 161.62
CA ALA A 297 -61.28 26.58 160.35
C ALA A 297 -61.92 27.91 159.99
N PRO A 298 -63.25 28.11 160.10
CA PRO A 298 -63.79 29.44 159.76
C PRO A 298 -63.22 30.55 160.60
N LEU A 299 -62.99 30.31 161.89
CA LEU A 299 -62.43 31.34 162.76
C LEU A 299 -60.97 31.63 162.40
N LEU A 300 -60.19 30.59 162.13
CA LEU A 300 -58.80 30.81 161.73
C LEU A 300 -58.74 31.58 160.42
N ARG A 301 -59.59 31.21 159.45
CA ARG A 301 -59.63 31.92 158.18
C ARG A 301 -60.01 33.37 158.39
N GLY A 302 -60.99 33.63 159.26
CA GLY A 302 -61.37 35.00 159.52
C GLY A 302 -60.26 35.81 160.15
N ALA A 303 -59.55 35.21 161.11
CA ALA A 303 -58.43 35.91 161.74
C ALA A 303 -57.34 36.22 160.73
N VAL A 304 -57.02 35.25 159.86
CA VAL A 304 -56.04 35.49 158.80
C VAL A 304 -56.49 36.66 157.92
N PHE A 305 -57.75 36.61 157.47
CA PHE A 305 -58.29 37.66 156.63
C PHE A 305 -58.17 39.01 157.31
N PHE A 306 -58.57 39.08 158.57
CA PHE A 306 -58.62 40.36 159.27
C PHE A 306 -57.23 40.94 159.47
N VAL A 307 -56.31 40.14 160.01
CA VAL A 307 -54.97 40.65 160.28
C VAL A 307 -54.30 41.08 158.98
N GLY A 308 -54.41 40.26 157.93
CA GLY A 308 -53.80 40.62 156.67
C GLY A 308 -54.44 41.83 156.01
N MET A 309 -55.76 41.89 155.99
CA MET A 309 -56.43 43.02 155.37
C MET A 309 -56.15 44.31 156.11
N ALA A 310 -55.97 44.23 157.43
CA ALA A 310 -55.70 45.43 158.21
C ALA A 310 -54.28 45.90 158.05
N LEU A 311 -53.33 44.97 157.90
CA LEU A 311 -51.92 45.38 157.87
C LEU A 311 -51.34 45.52 156.48
N TRP A 312 -51.89 44.87 155.46
CA TRP A 312 -51.38 45.08 154.11
C TRP A 312 -52.42 44.99 152.99
N GLY A 313 -53.70 44.96 153.33
CA GLY A 313 -54.72 44.92 152.30
C GLY A 313 -54.91 46.28 151.65
N ALA A 314 -55.77 46.31 150.62
CA ALA A 314 -56.12 47.59 150.02
C ALA A 314 -56.77 48.51 151.03
N HIS A 315 -57.45 47.94 152.03
CA HIS A 315 -58.07 48.67 153.12
C HIS A 315 -57.20 48.69 154.36
N ARG A 316 -55.89 48.75 154.18
CA ARG A 316 -54.95 48.81 155.28
C ARG A 316 -55.29 49.97 156.21
N LEU A 317 -55.11 49.75 157.51
CA LEU A 317 -55.18 50.81 158.49
C LEU A 317 -53.78 51.34 158.74
N TYR A 318 -53.50 52.53 158.23
CA TYR A 318 -52.18 53.12 158.43
C TYR A 318 -51.97 53.62 159.86
N SER A 319 -53.02 53.58 160.69
CA SER A 319 -52.87 53.81 162.11
C SER A 319 -52.25 52.63 162.85
N LEU A 320 -52.33 51.42 162.29
CA LEU A 320 -51.74 50.25 162.92
C LEU A 320 -50.23 50.24 162.66
N ARG A 321 -49.44 50.31 163.72
CA ARG A 321 -48.00 50.49 163.62
C ARG A 321 -47.24 49.18 163.43
N ASN A 322 -47.94 48.05 163.34
CA ASN A 322 -47.30 46.74 163.33
C ASN A 322 -46.70 46.41 161.97
N SER A 323 -45.43 46.02 161.96
CA SER A 323 -44.83 45.44 160.77
C SER A 323 -45.45 44.07 160.50
N PRO A 324 -45.49 43.63 159.23
CA PRO A 324 -45.95 42.27 158.94
C PRO A 324 -45.19 41.19 159.71
N THR A 325 -43.92 41.42 160.04
CA THR A 325 -43.11 40.45 160.78
C THR A 325 -43.78 40.01 162.07
N SER A 326 -44.55 40.90 162.69
CA SER A 326 -45.14 40.62 164.00
C SER A 326 -46.32 39.65 163.92
N VAL A 327 -46.96 39.52 162.76
CA VAL A 327 -48.17 38.73 162.65
C VAL A 327 -48.02 37.50 161.76
N LEU A 328 -47.03 37.46 160.87
CA LEU A 328 -46.88 36.30 160.00
C LEU A 328 -46.56 35.00 160.74
N PRO A 329 -45.83 34.97 161.86
CA PRO A 329 -45.73 33.71 162.61
C PRO A 329 -47.08 33.15 163.00
N SER A 330 -48.03 34.03 163.30
CA SER A 330 -49.40 33.59 163.58
C SER A 330 -50.07 33.01 162.35
N PHE A 331 -49.80 33.57 161.17
CA PHE A 331 -50.30 32.97 159.94
C PHE A 331 -49.76 31.56 159.78
N TYR A 332 -48.47 31.37 160.05
CA TYR A 332 -47.88 30.04 159.97
C TYR A 332 -48.56 29.08 160.94
N GLN A 333 -48.83 29.55 162.17
CA GLN A 333 -49.48 28.68 163.15
C GLN A 333 -50.95 28.45 162.82
N ALA A 334 -51.58 29.36 162.09
CA ALA A 334 -52.96 29.12 161.66
C ALA A 334 -53.04 27.93 160.72
N MET A 335 -51.92 27.56 160.08
CA MET A 335 -51.86 26.39 159.22
C MET A 335 -51.38 25.14 159.97
N ALA A 336 -51.42 25.14 161.30
CA ALA A 336 -50.96 23.99 162.07
C ALA A 336 -51.76 22.74 161.74
N CYS A 337 -53.07 22.88 161.59
CA CYS A 337 -53.92 21.81 161.09
C CYS A 337 -54.30 22.12 159.65
N PRO A 338 -53.96 21.26 158.68
CA PRO A 338 -54.22 21.58 157.27
C PRO A 338 -55.70 21.80 156.97
N ASN A 339 -55.98 22.91 156.29
CA ASN A 339 -57.35 23.27 155.89
C ASN A 339 -57.28 24.07 154.59
N GLU A 340 -57.99 23.58 153.56
CA GLU A 340 -57.91 24.21 152.24
C GLU A 340 -58.29 25.67 152.29
N VAL A 341 -59.36 26.01 152.99
CA VAL A 341 -59.88 27.38 152.95
C VAL A 341 -58.99 28.31 153.77
N VAL A 342 -58.52 27.84 154.93
CA VAL A 342 -57.60 28.64 155.74
C VAL A 342 -56.33 28.92 154.95
N SER A 343 -55.77 27.90 154.30
CA SER A 343 -54.56 28.09 153.52
C SER A 343 -54.82 28.93 152.28
N TYR A 344 -56.02 28.86 151.71
CA TYR A 344 -56.36 29.72 150.59
C TYR A 344 -56.38 31.19 151.01
N GLU A 345 -56.95 31.48 152.18
CA GLU A 345 -56.92 32.83 152.70
C GLU A 345 -55.50 33.27 153.01
N ILE A 346 -54.70 32.37 153.60
CA ILE A 346 -53.30 32.68 153.87
C ILE A 346 -52.59 33.08 152.60
N VAL A 347 -52.75 32.29 151.53
CA VAL A 347 -51.98 32.53 150.32
C VAL A 347 -52.50 33.76 149.58
N LEU A 348 -53.81 34.03 149.63
CA LEU A 348 -54.30 35.27 149.05
C LEU A 348 -53.75 36.49 149.78
N SER A 349 -53.79 36.47 151.11
CA SER A 349 -53.31 37.61 151.89
C SER A 349 -51.81 37.82 151.67
N ILE A 350 -51.06 36.73 151.66
CA ILE A 350 -49.62 36.82 151.42
C ILE A 350 -49.32 37.22 149.98
N THR A 351 -50.17 36.84 149.03
CA THR A 351 -50.02 37.32 147.66
C THR A 351 -50.14 38.84 147.62
N ARG A 352 -51.12 39.38 148.32
CA ARG A 352 -51.23 40.83 148.39
C ARG A 352 -50.00 41.45 149.04
N LEU A 353 -49.60 40.91 150.19
CA LEU A 353 -48.46 41.45 150.92
C LEU A 353 -47.20 41.46 150.07
N ILE A 354 -46.98 40.40 149.32
CA ILE A 354 -45.78 40.27 148.50
C ILE A 354 -45.87 41.15 147.27
N LYS A 355 -46.98 41.08 146.53
CA LYS A 355 -47.09 41.85 145.30
C LYS A 355 -47.12 43.35 145.55
N LYS A 356 -47.46 43.78 146.76
CA LYS A 356 -47.50 45.22 147.03
C LYS A 356 -46.26 45.70 147.79
N TYR A 357 -45.87 45.00 148.86
CA TYR A 357 -44.85 45.47 149.77
C TYR A 357 -43.53 44.73 149.61
N ARG A 358 -43.22 44.26 148.39
CA ARG A 358 -42.01 43.47 148.20
C ARG A 358 -40.75 44.22 148.63
N LYS A 359 -40.69 45.52 148.32
CA LYS A 359 -39.56 46.33 148.76
C LYS A 359 -39.57 46.51 150.27
N GLU A 360 -40.74 46.78 150.84
CA GLU A 360 -40.83 46.97 152.29
C GLU A 360 -40.50 45.70 153.04
N LEU A 361 -40.77 44.54 152.45
CA LEU A 361 -40.55 43.26 153.13
C LEU A 361 -39.05 43.02 153.29
N GLN A 362 -38.56 43.13 154.52
CA GLN A 362 -37.16 42.86 154.82
C GLN A 362 -36.95 41.35 154.98
N VAL A 363 -35.73 40.98 155.36
CA VAL A 363 -35.31 39.57 155.32
C VAL A 363 -36.07 38.73 156.34
N VAL A 364 -36.42 39.30 157.49
CA VAL A 364 -37.12 38.54 158.53
C VAL A 364 -38.56 38.25 158.10
N ALA A 365 -39.22 39.25 157.51
CA ALA A 365 -40.55 39.01 156.96
C ALA A 365 -40.51 37.94 155.90
N TRP A 366 -39.45 37.94 155.07
CA TRP A 366 -39.34 36.92 154.04
C TRP A 366 -39.01 35.55 154.64
N ASP A 367 -38.29 35.50 155.75
CA ASP A 367 -38.13 34.23 156.47
C ASP A 367 -39.48 33.64 156.79
N ILE A 368 -40.35 34.44 157.42
CA ILE A 368 -41.63 33.90 157.85
C ILE A 368 -42.52 33.58 156.64
N LEU A 369 -42.44 34.41 155.59
CA LEU A 369 -43.20 34.13 154.37
C LEU A 369 -42.75 32.84 153.71
N LEU A 370 -41.44 32.59 153.67
CA LEU A 370 -40.95 31.35 153.08
C LEU A 370 -41.30 30.14 153.94
N ASN A 371 -41.31 30.30 155.27
CA ASN A 371 -41.81 29.22 156.12
C ASN A 371 -43.28 28.93 155.84
N ILE A 372 -44.08 29.98 155.63
CA ILE A 372 -45.49 29.80 155.31
C ILE A 372 -45.64 29.10 153.95
N ILE A 373 -44.86 29.52 152.96
CA ILE A 373 -44.94 28.92 151.64
C ILE A 373 -44.47 27.47 151.69
N GLU A 374 -43.50 27.16 152.56
CA GLU A 374 -43.08 25.79 152.76
C GLU A 374 -44.20 24.93 153.36
N ARG A 375 -44.90 25.47 154.36
CA ARG A 375 -46.01 24.72 154.95
C ARG A 375 -47.17 24.57 153.97
N LEU A 376 -47.40 25.57 153.12
CA LEU A 376 -48.39 25.45 152.05
C LEU A 376 -48.00 24.35 151.06
N LEU A 377 -46.72 24.31 150.68
CA LEU A 377 -46.24 23.28 149.77
C LEU A 377 -46.27 21.90 150.40
N GLN A 378 -46.07 21.80 151.72
CA GLN A 378 -46.31 20.54 152.42
C GLN A 378 -47.77 20.13 152.30
N GLN A 379 -48.68 21.04 152.62
CA GLN A 379 -50.10 20.70 152.60
C GLN A 379 -50.55 20.22 151.23
N LEU A 380 -49.98 20.79 150.17
CA LEU A 380 -50.38 20.36 148.83
C LEU A 380 -49.96 18.93 148.50
N GLN A 381 -49.12 18.30 149.32
CA GLN A 381 -48.86 16.87 149.21
C GLN A 381 -49.98 16.02 149.79
N THR A 382 -50.94 16.63 150.49
CA THR A 382 -52.02 15.88 151.14
C THR A 382 -53.42 16.43 150.88
N LEU A 383 -53.60 17.75 150.70
CA LEU A 383 -54.93 18.31 150.47
C LEU A 383 -55.41 18.07 149.04
N ASP A 384 -54.49 18.06 148.07
CA ASP A 384 -54.78 17.78 146.66
C ASP A 384 -55.91 18.65 146.12
N SER A 385 -55.90 19.94 146.51
CA SER A 385 -56.94 20.88 146.14
C SER A 385 -56.46 21.77 145.01
N PRO A 386 -57.13 21.80 143.85
CA PRO A 386 -56.56 22.50 142.69
C PRO A 386 -56.56 24.02 142.81
N GLU A 387 -57.54 24.61 143.50
CA GLU A 387 -57.56 26.07 143.63
C GLU A 387 -56.43 26.55 144.53
N LEU A 388 -56.21 25.87 145.66
CA LEU A 388 -55.09 26.19 146.52
C LEU A 388 -53.77 25.96 145.81
N ARG A 389 -53.65 24.83 145.11
CA ARG A 389 -52.42 24.51 144.40
C ARG A 389 -52.11 25.60 143.37
N THR A 390 -53.13 26.03 142.63
CA THR A 390 -52.92 27.04 141.61
C THR A 390 -52.42 28.34 142.22
N ILE A 391 -53.04 28.82 143.30
CA ILE A 391 -52.58 30.11 143.80
C ILE A 391 -51.25 30.00 144.52
N VAL A 392 -50.92 28.86 145.15
CA VAL A 392 -49.60 28.69 145.72
C VAL A 392 -48.53 28.73 144.63
N HIS A 393 -48.78 28.05 143.51
CA HIS A 393 -47.75 28.02 142.48
C HIS A 393 -47.68 29.33 141.69
N ASP A 394 -48.80 30.05 141.59
CA ASP A 394 -48.74 31.42 141.10
C ASP A 394 -47.94 32.30 142.05
N LEU A 395 -48.09 32.11 143.36
CA LEU A 395 -47.34 32.90 144.33
C LEU A 395 -45.84 32.66 144.18
N LEU A 396 -45.45 31.41 144.03
CA LEU A 396 -44.06 31.09 143.73
C LEU A 396 -43.61 31.82 142.46
N THR A 397 -44.44 31.78 141.41
CA THR A 397 -44.08 32.47 140.17
C THR A 397 -43.91 33.98 140.37
N THR A 398 -44.71 34.59 141.25
CA THR A 398 -44.51 36.02 141.53
C THR A 398 -43.23 36.25 142.32
N VAL A 399 -42.91 35.37 143.27
CA VAL A 399 -41.65 35.49 144.00
C VAL A 399 -40.46 35.35 143.05
N GLU A 400 -40.58 34.48 142.06
CA GLU A 400 -39.55 34.37 141.03
C GLU A 400 -39.44 35.66 140.22
N GLU A 401 -40.57 36.24 139.85
CA GLU A 401 -40.51 37.50 139.10
C GLU A 401 -39.88 38.60 139.94
N LEU A 402 -40.14 38.62 141.24
CA LEU A 402 -39.48 39.57 142.12
C LEU A 402 -37.98 39.31 142.20
N CYS A 403 -37.57 38.05 142.16
CA CYS A 403 -36.15 37.75 142.06
C CYS A 403 -35.57 38.31 140.77
N ASP A 404 -36.30 38.20 139.66
CA ASP A 404 -35.84 38.74 138.40
C ASP A 404 -35.74 40.26 138.44
N GLN A 405 -36.70 40.92 139.07
CA GLN A 405 -36.67 42.37 139.21
C GLN A 405 -35.81 42.82 140.38
N ASN A 406 -35.21 41.89 141.11
CA ASN A 406 -34.34 42.17 142.25
C ASN A 406 -35.05 42.92 143.37
N GLU A 407 -36.38 42.83 143.42
CA GLU A 407 -37.14 43.37 144.54
C GLU A 407 -37.39 42.34 145.62
N PHE A 408 -36.94 41.11 145.41
CA PHE A 408 -37.07 40.06 146.41
C PHE A 408 -35.89 40.15 147.37
N HIS A 409 -36.18 40.31 148.66
CA HIS A 409 -35.16 40.48 149.68
C HIS A 409 -35.05 39.27 150.61
N GLY A 410 -35.63 38.14 150.24
CA GLY A 410 -35.54 36.95 151.04
C GLY A 410 -34.37 36.07 150.66
N SER A 411 -34.28 34.94 151.34
CA SER A 411 -33.22 33.97 151.07
C SER A 411 -33.58 33.21 149.80
N GLN A 412 -32.93 33.56 148.69
CA GLN A 412 -33.15 32.83 147.45
C GLN A 412 -32.72 31.38 147.60
N GLU A 413 -31.79 31.10 148.49
CA GLU A 413 -31.40 29.72 148.75
C GLU A 413 -32.57 28.92 149.27
N ARG A 414 -33.27 29.45 150.28
CA ARG A 414 -34.44 28.74 150.81
C ARG A 414 -35.57 28.70 149.80
N TYR A 415 -35.80 29.79 149.07
CA TYR A 415 -36.88 29.81 148.10
C TYR A 415 -36.68 28.76 147.02
N PHE A 416 -35.46 28.65 146.49
CA PHE A 416 -35.22 27.66 145.47
C PHE A 416 -35.09 26.26 146.04
N GLU A 417 -34.80 26.13 147.33
CA GLU A 417 -34.99 24.83 147.96
C GLU A 417 -36.45 24.42 147.94
N LEU A 418 -37.34 25.37 148.22
CA LEU A 418 -38.77 25.08 148.13
C LEU A 418 -39.18 24.73 146.71
N VAL A 419 -38.68 25.47 145.73
CA VAL A 419 -38.99 25.19 144.34
C VAL A 419 -38.47 23.81 143.96
N GLU A 420 -37.30 23.44 144.46
CA GLU A 420 -36.78 22.10 144.19
C GLU A 420 -37.66 21.04 144.83
N ARG A 421 -38.16 21.28 146.04
CA ARG A 421 -38.98 20.30 146.73
C ARG A 421 -40.43 20.31 146.25
N CYS A 422 -40.79 21.19 145.31
CA CYS A 422 -42.06 21.07 144.60
C CYS A 422 -41.88 21.12 143.08
N ALA A 423 -40.68 20.78 142.58
CA ALA A 423 -40.33 20.92 141.17
C ALA A 423 -41.35 20.28 140.23
N ASP A 424 -41.84 19.09 140.57
CA ASP A 424 -42.71 18.37 139.65
C ASP A 424 -43.92 19.21 139.24
N GLN A 425 -44.42 20.03 140.17
CA GLN A 425 -45.63 20.82 139.96
C GLN A 425 -45.36 22.20 139.35
N ARG A 426 -44.10 22.58 139.17
CA ARG A 426 -43.75 23.92 138.72
C ARG A 426 -43.88 24.07 137.22
N PRO A 427 -44.07 25.29 136.73
CA PRO A 427 -43.89 25.54 135.30
C PRO A 427 -42.42 25.44 134.92
N GLU A 428 -42.19 25.21 133.63
CA GLU A 428 -40.84 24.96 133.14
C GLU A 428 -39.93 26.16 133.35
N SER A 429 -40.45 27.38 133.18
CA SER A 429 -39.63 28.57 133.36
C SER A 429 -39.16 28.70 134.80
N SER A 430 -39.99 28.29 135.76
CA SER A 430 -39.56 28.29 137.15
C SER A 430 -38.37 27.38 137.36
N LEU A 431 -38.41 26.19 136.77
CA LEU A 431 -37.26 25.29 136.88
C LEU A 431 -36.05 25.85 136.14
N LEU A 432 -36.26 26.59 135.06
CA LEU A 432 -35.14 27.24 134.39
C LEU A 432 -34.46 28.24 135.33
N ASN A 433 -35.26 29.05 136.04
CA ASN A 433 -34.69 29.97 137.01
C ASN A 433 -33.99 29.23 138.13
N LEU A 434 -34.57 28.13 138.60
CA LEU A 434 -33.92 27.35 139.65
C LEU A 434 -32.57 26.82 139.17
N ILE A 435 -32.51 26.33 137.93
CA ILE A 435 -31.27 25.78 137.41
C ILE A 435 -30.24 26.88 137.24
N SER A 436 -30.66 28.06 136.79
CA SER A 436 -29.71 29.18 136.69
C SER A 436 -29.15 29.54 138.06
N TYR A 437 -30.02 29.56 139.08
CA TYR A 437 -29.56 29.87 140.42
C TYR A 437 -28.57 28.83 140.92
N ARG A 438 -28.91 27.55 140.78
CA ARG A 438 -28.01 26.51 141.22
C ARG A 438 -26.71 26.52 140.43
N ALA A 439 -26.76 26.92 139.15
CA ALA A 439 -25.55 27.05 138.35
C ALA A 439 -24.66 28.14 138.90
N GLN A 440 -25.25 29.26 139.33
CA GLN A 440 -24.49 30.26 140.06
C GLN A 440 -23.75 29.63 141.22
N SER A 441 -24.38 28.67 141.90
CA SER A 441 -23.76 28.04 143.05
C SER A 441 -22.65 27.06 142.67
N ILE A 442 -22.40 26.81 141.38
CA ILE A 442 -21.49 25.75 140.96
C ILE A 442 -20.27 26.39 140.32
N HIS A 443 -19.21 26.57 141.11
CA HIS A 443 -17.90 26.91 140.61
C HIS A 443 -16.89 26.59 141.69
N PRO A 444 -15.61 26.46 141.35
CA PRO A 444 -14.64 25.95 142.33
C PRO A 444 -14.51 26.80 143.57
N ALA A 445 -14.97 28.05 143.53
CA ALA A 445 -14.90 28.90 144.72
C ALA A 445 -15.87 28.46 145.81
N LYS A 446 -16.94 27.76 145.46
CA LYS A 446 -17.96 27.37 146.42
C LYS A 446 -17.77 25.92 146.86
N ASP A 447 -17.97 25.69 148.15
CA ASP A 447 -17.68 24.39 148.73
C ASP A 447 -18.69 23.36 148.23
N GLY A 448 -18.18 22.16 147.95
CA GLY A 448 -19.03 21.09 147.46
C GLY A 448 -19.70 21.42 146.13
N TRP A 449 -19.06 22.23 145.31
CA TRP A 449 -19.63 22.61 144.02
C TRP A 449 -19.81 21.40 143.12
N ILE A 450 -18.89 20.44 143.21
CA ILE A 450 -19.03 19.20 142.46
C ILE A 450 -20.26 18.44 142.92
N GLN A 451 -20.47 18.37 144.24
CA GLN A 451 -21.66 17.72 144.76
C GLN A 451 -22.93 18.48 144.39
N ASN A 452 -22.86 19.82 144.38
CA ASN A 452 -24.02 20.61 143.96
C ASN A 452 -24.36 20.33 142.51
N LEU A 453 -23.35 20.27 141.64
CA LEU A 453 -23.59 19.96 140.25
C LEU A 453 -24.13 18.55 140.09
N GLN A 454 -23.61 17.60 140.87
CA GLN A 454 -24.10 16.24 140.82
C GLN A 454 -25.55 16.16 141.26
N ALA A 455 -25.93 16.91 142.28
CA ALA A 455 -27.30 16.91 142.75
C ALA A 455 -28.23 17.54 141.72
N LEU A 456 -27.83 18.67 141.14
CA LEU A 456 -28.64 19.29 140.11
C LEU A 456 -28.80 18.36 138.92
N MET A 457 -27.71 17.70 138.53
CA MET A 457 -27.74 16.76 137.42
C MET A 457 -28.68 15.60 137.73
N GLU A 458 -28.50 14.94 138.88
CA GLU A 458 -29.40 13.87 139.28
C GLU A 458 -30.86 14.33 139.17
N ARG A 459 -31.21 15.37 139.93
CA ARG A 459 -32.61 15.75 140.05
C ARG A 459 -33.21 16.16 138.71
N PHE A 460 -32.54 17.04 137.97
CA PHE A 460 -33.16 17.66 136.82
C PHE A 460 -32.69 17.12 135.48
N PHE A 461 -31.88 16.06 135.48
CA PHE A 461 -31.56 15.35 134.26
C PHE A 461 -31.88 13.87 134.41
N ARG A 462 -31.39 13.27 135.49
CA ARG A 462 -31.53 11.84 135.67
C ARG A 462 -32.94 11.46 136.10
N SER A 463 -33.59 12.30 136.90
CA SER A 463 -34.92 12.01 137.41
C SER A 463 -35.94 13.06 136.98
N GLU A 464 -35.61 13.86 135.97
CA GLU A 464 -36.56 14.76 135.34
C GLU A 464 -36.76 14.35 133.89
N SER A 465 -37.98 14.54 133.40
CA SER A 465 -38.34 14.10 132.06
C SER A 465 -38.75 15.23 131.13
N ARG A 466 -38.72 16.48 131.57
CA ARG A 466 -39.08 17.59 130.71
C ARG A 466 -37.89 18.02 129.87
N GLY A 467 -38.13 18.24 128.57
CA GLY A 467 -37.03 18.43 127.65
C GLY A 467 -36.24 19.70 127.89
N ALA A 468 -36.93 20.82 128.05
CA ALA A 468 -36.23 22.10 128.18
C ALA A 468 -35.42 22.15 129.47
N VAL A 469 -35.96 21.59 130.55
CA VAL A 469 -35.24 21.59 131.82
C VAL A 469 -33.96 20.79 131.71
N ARG A 470 -34.03 19.62 131.07
CA ARG A 470 -32.83 18.81 130.90
C ARG A 470 -31.84 19.47 129.95
N ILE A 471 -32.33 20.14 128.92
CA ILE A 471 -31.45 20.88 128.03
C ILE A 471 -30.73 21.99 128.79
N LYS A 472 -31.46 22.68 129.67
CA LYS A 472 -30.86 23.76 130.45
C LYS A 472 -29.81 23.23 131.42
N VAL A 473 -30.09 22.10 132.07
CA VAL A 473 -29.11 21.55 132.99
C VAL A 473 -27.92 20.99 132.23
N LEU A 474 -28.15 20.45 131.04
CA LEU A 474 -27.06 19.98 130.20
C LEU A 474 -26.21 21.15 129.72
N ASP A 475 -26.84 22.28 129.43
CA ASP A 475 -26.11 23.49 129.06
C ASP A 475 -25.36 24.05 130.25
N VAL A 476 -25.91 23.95 131.46
CA VAL A 476 -25.18 24.33 132.66
C VAL A 476 -23.93 23.46 132.81
N LEU A 477 -24.09 22.15 132.62
CA LEU A 477 -22.93 21.27 132.69
C LEU A 477 -21.92 21.60 131.60
N SER A 478 -22.40 21.94 130.41
CA SER A 478 -21.52 22.31 129.32
C SER A 478 -20.74 23.58 129.65
N PHE A 479 -21.40 24.58 130.23
CA PHE A 479 -20.72 25.81 130.61
C PHE A 479 -19.74 25.57 131.75
N VAL A 480 -20.13 24.74 132.71
CA VAL A 480 -19.23 24.40 133.82
C VAL A 480 -17.98 23.72 133.28
N LEU A 481 -18.14 22.81 132.33
CA LEU A 481 -16.98 22.17 131.71
C LEU A 481 -16.18 23.17 130.86
N LEU A 482 -16.87 24.04 130.13
CA LEU A 482 -16.17 25.02 129.30
C LEU A 482 -15.29 25.91 130.16
N ILE A 483 -15.74 26.27 131.34
CA ILE A 483 -14.98 27.18 132.19
C ILE A 483 -13.97 26.44 133.05
N ASN A 484 -14.33 25.29 133.60
CA ASN A 484 -13.55 24.65 134.66
C ASN A 484 -12.82 23.38 134.21
N ARG A 485 -12.83 23.06 132.92
CA ARG A 485 -11.95 21.99 132.45
C ARG A 485 -10.49 22.40 132.48
N GLN A 486 -10.22 23.69 132.68
CA GLN A 486 -8.85 24.16 132.87
C GLN A 486 -8.16 23.38 133.98
N PHE A 487 -8.83 23.25 135.13
CA PHE A 487 -8.24 22.62 136.31
C PHE A 487 -8.96 21.35 136.73
N TYR A 488 -10.29 21.37 136.83
CA TYR A 488 -11.05 20.30 137.46
C TYR A 488 -11.69 19.35 136.45
N GLU A 489 -11.05 19.13 135.31
CA GLU A 489 -11.62 18.28 134.27
C GLU A 489 -11.80 16.84 134.75
N GLU A 490 -10.77 16.28 135.39
CA GLU A 490 -10.85 14.89 135.83
C GLU A 490 -11.89 14.72 136.93
N GLU A 491 -11.89 15.61 137.90
CA GLU A 491 -12.86 15.53 138.99
C GLU A 491 -14.28 15.65 138.46
N LEU A 492 -14.51 16.59 137.55
CA LEU A 492 -15.85 16.75 136.99
C LEU A 492 -16.26 15.54 136.17
N ILE A 493 -15.36 15.00 135.35
CA ILE A 493 -15.71 13.85 134.54
C ILE A 493 -16.11 12.68 135.42
N ASN A 494 -15.26 12.36 136.42
CA ASN A 494 -15.57 11.26 137.34
C ASN A 494 -16.87 11.49 138.08
N SER A 495 -17.02 12.67 138.69
CA SER A 495 -18.13 12.88 139.61
C SER A 495 -19.45 13.06 138.87
N VAL A 496 -19.47 13.77 137.76
CA VAL A 496 -20.70 14.18 137.10
C VAL A 496 -20.90 13.49 135.76
N VAL A 497 -19.89 13.54 134.86
CA VAL A 497 -20.23 13.29 133.46
C VAL A 497 -20.41 11.79 133.22
N ILE A 498 -19.42 10.99 133.59
CA ILE A 498 -19.58 9.54 133.49
C ILE A 498 -20.76 9.06 134.33
N SER A 499 -20.93 9.65 135.50
CA SER A 499 -21.96 9.17 136.43
C SER A 499 -23.37 9.54 135.98
N GLN A 500 -23.54 10.57 135.16
CA GLN A 500 -24.88 11.02 134.79
C GLN A 500 -25.21 10.85 133.33
N LEU A 501 -24.29 11.14 132.40
CA LEU A 501 -24.63 11.05 130.99
C LEU A 501 -24.50 9.65 130.43
N SER A 502 -24.11 8.67 131.24
CA SER A 502 -23.93 7.32 130.72
C SER A 502 -25.23 6.71 130.20
N HIS A 503 -26.38 7.22 130.63
CA HIS A 503 -27.66 6.68 130.23
C HIS A 503 -28.23 7.33 128.98
N ILE A 504 -27.47 8.23 128.36
CA ILE A 504 -27.87 8.95 127.15
C ILE A 504 -28.29 8.00 126.04
N PRO A 505 -27.61 6.87 125.81
CA PRO A 505 -28.09 5.97 124.74
C PRO A 505 -29.53 5.52 124.91
N GLU A 506 -29.98 5.30 126.14
CA GLU A 506 -31.36 4.90 126.40
C GLU A 506 -32.31 6.07 126.50
N ASP A 507 -31.82 7.29 126.33
CA ASP A 507 -32.67 8.46 126.52
C ASP A 507 -33.66 8.61 125.37
N LYS A 508 -34.85 9.10 125.70
CA LYS A 508 -35.94 9.20 124.75
C LYS A 508 -36.07 10.57 124.11
N ASP A 509 -35.30 11.56 124.55
CA ASP A 509 -35.41 12.92 124.02
C ASP A 509 -34.31 13.12 122.99
N HIS A 510 -34.71 13.42 121.75
CA HIS A 510 -33.77 13.49 120.65
C HIS A 510 -32.88 14.71 120.76
N GLN A 511 -33.46 15.85 121.12
CA GLN A 511 -32.67 17.06 121.34
C GLN A 511 -31.67 16.83 122.47
N VAL A 512 -32.12 16.21 123.56
CA VAL A 512 -31.24 15.96 124.70
C VAL A 512 -30.10 15.02 124.31
N ARG A 513 -30.40 13.96 123.56
CA ARG A 513 -29.34 13.05 123.14
C ARG A 513 -28.35 13.75 122.21
N LYS A 514 -28.85 14.54 121.26
CA LYS A 514 -27.95 15.22 120.34
C LYS A 514 -27.05 16.19 121.07
N LEU A 515 -27.62 17.00 121.97
CA LEU A 515 -26.83 17.93 122.75
C LEU A 515 -25.89 17.19 123.70
N ALA A 516 -26.29 16.02 124.18
CA ALA A 516 -25.42 15.29 125.09
C ALA A 516 -24.23 14.68 124.36
N THR A 517 -24.43 14.18 123.13
CA THR A 517 -23.25 13.71 122.40
C THR A 517 -22.41 14.87 121.89
N GLN A 518 -23.01 16.02 121.62
CA GLN A 518 -22.17 17.18 121.34
C GLN A 518 -21.32 17.54 122.56
N LEU A 519 -21.91 17.48 123.75
CA LEU A 519 -21.15 17.73 124.98
C LEU A 519 -20.07 16.68 125.18
N LEU A 520 -20.43 15.40 125.11
CA LEU A 520 -19.47 14.32 125.30
C LEU A 520 -18.38 14.37 124.25
N VAL A 521 -18.71 14.80 123.04
CA VAL A 521 -17.72 14.92 121.96
C VAL A 521 -16.77 16.07 122.26
N ASP A 522 -17.31 17.27 122.48
CA ASP A 522 -16.48 18.42 122.78
C ASP A 522 -15.61 18.16 124.00
N LEU A 523 -16.11 17.38 124.94
CA LEU A 523 -15.37 17.03 126.14
C LEU A 523 -14.28 16.02 125.83
N ALA A 524 -14.59 14.99 125.03
CA ALA A 524 -13.62 13.95 124.73
C ALA A 524 -12.54 14.43 123.78
N GLU A 525 -12.85 15.42 122.94
CA GLU A 525 -11.87 15.97 122.01
C GLU A 525 -10.63 16.43 122.76
N GLY A 526 -10.83 17.17 123.85
CA GLY A 526 -9.72 17.66 124.64
C GLY A 526 -9.28 16.77 125.79
N CYS A 527 -10.12 15.84 126.24
CA CYS A 527 -9.78 15.00 127.38
C CYS A 527 -8.73 13.98 126.98
N HIS A 528 -7.49 14.16 127.46
CA HIS A 528 -6.41 13.23 127.17
C HIS A 528 -6.09 12.31 128.35
N THR A 529 -6.86 12.36 129.44
CA THR A 529 -6.67 11.47 130.57
C THR A 529 -7.17 10.06 130.24
N HIS A 530 -7.19 9.19 131.25
CA HIS A 530 -7.70 7.84 131.05
C HIS A 530 -9.22 7.76 131.12
N HIS A 531 -9.91 8.90 131.14
CA HIS A 531 -11.36 8.94 131.10
C HIS A 531 -11.88 9.15 129.69
N PHE A 532 -10.98 9.26 128.70
CA PHE A 532 -11.42 9.34 127.32
C PHE A 532 -12.12 8.06 126.88
N ASN A 533 -11.60 6.92 127.33
CA ASN A 533 -12.27 5.66 127.04
C ASN A 533 -13.69 5.66 127.57
N SER A 534 -13.90 6.24 128.76
CA SER A 534 -15.24 6.28 129.34
C SER A 534 -16.17 7.20 128.54
N LEU A 535 -15.64 8.29 128.00
CA LEU A 535 -16.48 9.18 127.20
C LEU A 535 -16.80 8.56 125.85
N LEU A 536 -15.82 7.88 125.25
CA LEU A 536 -16.09 7.16 124.02
C LEU A 536 -17.04 5.98 124.26
N ASP A 537 -17.08 5.43 125.47
CA ASP A 537 -18.09 4.41 125.75
C ASP A 537 -19.50 4.95 125.50
N ILE A 538 -19.78 6.15 125.99
CA ILE A 538 -21.11 6.74 125.81
C ILE A 538 -21.33 7.14 124.35
N ILE A 539 -20.31 7.70 123.69
CA ILE A 539 -20.45 8.04 122.28
C ILE A 539 -20.67 6.78 121.43
N GLU A 540 -19.95 5.70 121.74
CA GLU A 540 -20.10 4.44 121.03
C GLU A 540 -21.49 3.88 121.21
N LYS A 541 -21.96 3.83 122.45
CA LYS A 541 -23.30 3.31 122.69
C LYS A 541 -24.37 4.18 122.08
N VAL A 542 -24.09 5.46 121.83
CA VAL A 542 -25.02 6.26 121.02
C VAL A 542 -24.95 5.85 119.55
N MET A 543 -23.75 5.68 119.03
CA MET A 543 -23.59 5.26 117.64
C MET A 543 -24.05 3.82 117.41
N ALA A 544 -24.14 3.01 118.46
CA ALA A 544 -24.62 1.65 118.30
C ALA A 544 -26.06 1.57 117.80
N ARG A 545 -26.76 2.70 117.69
CA ARG A 545 -28.11 2.72 117.13
C ARG A 545 -28.11 2.27 115.68
N PRO A 550 -36.94 1.63 110.55
CA PRO A 550 -38.17 1.05 111.13
C PRO A 550 -39.03 0.35 110.08
N PRO A 551 -39.75 -0.70 110.50
CA PRO A 551 -40.57 -1.43 109.51
C PRO A 551 -41.72 -0.61 108.97
N GLU A 552 -42.34 0.25 109.78
CA GLU A 552 -43.46 1.07 109.35
C GLU A 552 -43.06 2.54 109.41
N LEU A 553 -43.18 3.23 108.28
CA LEU A 553 -43.04 4.69 108.23
C LEU A 553 -43.91 5.24 107.10
N GLU A 554 -44.56 6.37 107.36
CA GLU A 554 -45.35 7.09 106.37
C GLU A 554 -44.49 8.18 105.72
N GLU A 555 -44.86 8.58 104.50
CA GLU A 555 -43.98 9.39 103.65
C GLU A 555 -43.54 10.69 104.30
N ARG A 556 -44.43 11.33 105.07
CA ARG A 556 -44.04 12.53 105.81
C ARG A 556 -43.48 12.19 107.18
N ASP A 557 -43.93 11.08 107.78
CA ASP A 557 -43.39 10.64 109.05
C ASP A 557 -41.92 10.23 108.92
N VAL A 558 -41.45 9.92 107.70
CA VAL A 558 -40.02 9.65 107.51
C VAL A 558 -39.21 10.87 107.89
N ALA A 559 -39.62 12.05 107.41
CA ALA A 559 -38.88 13.28 107.71
C ALA A 559 -38.96 13.64 109.19
N ALA A 560 -40.13 13.44 109.81
CA ALA A 560 -40.27 13.72 111.23
C ALA A 560 -39.42 12.78 112.07
N TYR A 561 -39.44 11.48 111.74
CA TYR A 561 -38.62 10.51 112.45
C TYR A 561 -37.14 10.72 112.21
N SER A 562 -36.78 11.25 111.02
CA SER A 562 -35.38 11.35 110.65
C SER A 562 -34.58 12.07 111.71
N ALA A 563 -35.17 13.10 112.31
CA ALA A 563 -34.52 13.89 113.34
C ALA A 563 -34.24 13.08 114.60
N SER A 564 -34.86 11.92 114.76
CA SER A 564 -34.58 11.08 115.92
C SER A 564 -33.20 10.42 115.87
N LEU A 565 -32.43 10.61 114.81
CA LEU A 565 -31.11 10.02 114.66
C LEU A 565 -29.98 11.05 114.55
N GLU A 566 -30.30 12.33 114.73
CA GLU A 566 -29.25 13.33 114.63
C GLU A 566 -28.21 13.17 115.73
N ASP A 567 -28.54 12.48 116.82
CA ASP A 567 -27.51 12.22 117.82
C ASP A 567 -26.47 11.25 117.30
N VAL A 568 -26.87 10.27 116.50
CA VAL A 568 -25.89 9.44 115.79
C VAL A 568 -25.05 10.32 114.88
N LYS A 569 -25.68 11.28 114.23
CA LYS A 569 -24.93 12.17 113.34
C LYS A 569 -23.89 12.98 114.12
N THR A 570 -24.31 13.64 115.21
CA THR A 570 -23.36 14.44 115.98
C THR A 570 -22.33 13.56 116.66
N ALA A 571 -22.66 12.31 116.96
CA ALA A 571 -21.70 11.40 117.55
C ALA A 571 -20.59 11.06 116.56
N VAL A 572 -20.96 10.75 115.31
CA VAL A 572 -19.93 10.34 114.35
C VAL A 572 -19.19 11.55 113.76
N LEU A 573 -19.89 12.66 113.49
CA LEU A 573 -19.19 13.88 113.09
C LEU A 573 -18.32 14.37 114.24
N GLY A 574 -18.74 14.12 115.47
CA GLY A 574 -17.89 14.36 116.60
C GLY A 574 -16.67 13.47 116.63
N LEU A 575 -16.82 12.21 116.24
CA LEU A 575 -15.65 11.34 116.11
C LEU A 575 -14.67 11.90 115.09
N LEU A 576 -15.17 12.54 114.02
CA LEU A 576 -14.26 13.17 113.07
C LEU A 576 -13.44 14.26 113.76
N VAL A 577 -14.10 15.15 114.50
CA VAL A 577 -13.36 16.21 115.20
C VAL A 577 -12.41 15.61 116.24
N ILE A 578 -12.88 14.60 116.97
CA ILE A 578 -12.05 13.96 117.99
C ILE A 578 -10.83 13.34 117.36
N LEU A 579 -10.98 12.70 116.19
CA LEU A 579 -9.82 12.07 115.54
C LEU A 579 -8.85 13.13 115.05
N GLN A 580 -9.36 14.20 114.43
CA GLN A 580 -8.49 15.27 113.95
C GLN A 580 -7.66 15.85 115.09
N THR A 581 -8.16 15.79 116.32
CA THR A 581 -7.33 16.18 117.46
C THR A 581 -6.47 15.04 117.99
N LYS A 582 -7.08 13.90 118.28
CA LYS A 582 -6.43 12.82 119.01
C LYS A 582 -5.31 12.17 118.21
N LEU A 583 -5.28 12.32 116.89
CA LEU A 583 -4.23 11.69 116.10
C LEU A 583 -2.85 12.20 116.50
N TYR A 584 -2.74 13.46 116.91
CA TYR A 584 -1.46 14.08 117.22
C TYR A 584 -1.14 14.10 118.71
N THR A 585 -1.92 13.43 119.54
CA THR A 585 -1.78 13.54 120.99
C THR A 585 -1.78 12.16 121.64
N LEU A 586 -0.87 11.98 122.58
CA LEU A 586 -0.79 10.74 123.35
C LEU A 586 -1.90 10.68 124.39
N PRO A 587 -2.25 9.48 124.89
CA PRO A 587 -1.76 8.14 124.51
C PRO A 587 -2.37 7.72 123.20
N ALA A 588 -1.64 6.95 122.39
CA ALA A 588 -2.06 6.73 121.02
C ALA A 588 -3.24 5.77 120.91
N SER A 589 -3.62 5.09 121.99
CA SER A 589 -4.80 4.23 121.96
C SER A 589 -6.09 5.02 121.74
N HIS A 590 -6.08 6.32 122.00
CA HIS A 590 -7.28 7.14 121.81
C HIS A 590 -7.65 7.26 120.35
N ALA A 591 -6.71 7.71 119.53
CA ALA A 591 -6.94 7.78 118.09
C ALA A 591 -7.21 6.39 117.52
N THR A 592 -6.55 5.38 118.07
CA THR A 592 -6.80 4.01 117.63
C THR A 592 -8.26 3.63 117.85
N ARG A 593 -8.80 3.92 119.03
CA ARG A 593 -10.20 3.59 119.29
C ARG A 593 -11.13 4.44 118.43
N VAL A 594 -10.83 5.72 118.26
CA VAL A 594 -11.71 6.55 117.44
C VAL A 594 -11.75 6.04 116.01
N TYR A 595 -10.59 5.68 115.47
CA TYR A 595 -10.52 5.15 114.12
C TYR A 595 -11.28 3.82 114.01
N GLU A 596 -11.12 2.94 115.00
CA GLU A 596 -11.86 1.69 115.00
C GLU A 596 -13.36 1.92 115.08
N MET A 597 -13.80 2.89 115.89
CA MET A 597 -15.23 3.18 116.00
C MET A 597 -15.79 3.79 114.73
N LEU A 598 -15.09 4.78 114.19
CA LEU A 598 -15.50 5.41 112.95
C LEU A 598 -15.60 4.39 111.81
N VAL A 599 -14.59 3.51 111.69
CA VAL A 599 -14.59 2.53 110.61
C VAL A 599 -15.62 1.43 110.86
N SER A 600 -15.62 0.85 112.07
CA SER A 600 -16.57 -0.24 112.33
C SER A 600 -18.00 0.26 112.26
N HIS A 601 -18.24 1.55 112.52
CA HIS A 601 -19.59 2.06 112.36
C HIS A 601 -19.93 2.30 110.89
N ILE A 602 -18.99 2.85 110.11
CA ILE A 602 -19.27 3.02 108.69
C ILE A 602 -19.39 1.65 108.01
N GLN A 603 -18.91 0.59 108.65
CA GLN A 603 -19.15 -0.79 108.20
C GLN A 603 -20.46 -1.35 108.71
N LEU A 604 -20.87 -0.96 109.92
CA LEU A 604 -22.19 -1.31 110.41
C LEU A 604 -23.27 -0.80 109.47
N HIS A 605 -23.01 0.33 108.83
CA HIS A 605 -23.92 0.83 107.81
C HIS A 605 -24.18 -0.21 106.73
N TYR A 606 -23.14 -0.93 106.30
CA TYR A 606 -23.31 -1.93 105.26
C TYR A 606 -23.81 -3.26 105.80
N LYS A 607 -23.47 -3.58 107.06
CA LYS A 607 -24.03 -4.78 107.67
C LYS A 607 -25.55 -4.66 107.80
N HIS A 608 -26.04 -3.49 108.19
CA HIS A 608 -27.47 -3.28 108.34
C HIS A 608 -28.14 -2.72 107.09
N SER A 609 -27.37 -2.30 106.09
CA SER A 609 -27.90 -1.72 104.86
C SER A 609 -28.78 -0.50 105.16
N TYR A 610 -28.25 0.41 105.96
CA TYR A 610 -28.94 1.66 106.25
C TYR A 610 -29.16 2.46 104.97
N THR A 611 -30.31 3.12 104.86
CA THR A 611 -30.68 3.83 103.64
C THR A 611 -31.14 5.27 103.86
N LEU A 612 -31.41 5.69 105.09
CA LEU A 612 -32.00 7.01 105.33
C LEU A 612 -31.02 8.13 104.96
N PRO A 613 -31.53 9.31 104.62
CA PRO A 613 -30.63 10.42 104.26
C PRO A 613 -29.68 10.84 105.38
N ILE A 614 -30.08 10.69 106.64
CA ILE A 614 -29.14 10.92 107.73
C ILE A 614 -27.96 9.97 107.62
N ALA A 615 -28.23 8.69 107.41
CA ALA A 615 -27.16 7.71 107.27
C ALA A 615 -26.34 7.95 106.01
N SER A 616 -26.96 8.44 104.95
CA SER A 616 -26.22 8.81 103.75
C SER A 616 -25.25 9.94 104.03
N SER A 617 -25.70 10.98 104.72
CA SER A 617 -24.82 12.10 105.03
C SER A 617 -23.73 11.69 106.00
N ILE A 618 -24.06 10.81 106.95
CA ILE A 618 -23.06 10.28 107.88
C ILE A 618 -21.96 9.58 107.10
N ARG A 619 -22.34 8.69 106.18
CA ARG A 619 -21.34 7.99 105.37
C ARG A 619 -20.53 8.97 104.54
N LEU A 620 -21.18 9.96 103.93
CA LEU A 620 -20.48 10.92 103.09
C LEU A 620 -19.42 11.66 103.90
N GLN A 621 -19.81 12.24 105.04
CA GLN A 621 -18.88 13.01 105.84
C GLN A 621 -17.77 12.14 106.40
N ALA A 622 -18.12 10.95 106.90
CA ALA A 622 -17.11 10.07 107.47
C ALA A 622 -16.10 9.62 106.42
N PHE A 623 -16.58 9.25 105.23
CA PHE A 623 -15.65 8.87 104.17
C PHE A 623 -14.81 10.04 103.71
N ASP A 624 -15.40 11.24 103.66
CA ASP A 624 -14.64 12.41 103.25
C ASP A 624 -13.49 12.66 104.21
N PHE A 625 -13.73 12.46 105.51
CA PHE A 625 -12.63 12.58 106.47
C PHE A 625 -11.64 11.43 106.34
N LEU A 626 -12.16 10.20 106.25
CA LEU A 626 -11.31 9.02 106.29
C LEU A 626 -10.37 8.96 105.08
N LEU A 627 -10.88 9.26 103.90
CA LEU A 627 -10.07 9.23 102.69
C LEU A 627 -8.98 10.30 102.68
N LEU A 628 -9.06 11.28 103.57
CA LEU A 628 -8.02 12.29 103.69
C LEU A 628 -6.87 11.85 104.58
N LEU A 629 -6.90 10.63 105.12
CA LEU A 629 -5.78 10.11 105.88
C LEU A 629 -4.63 9.77 104.94
N ARG A 630 -3.60 10.60 104.95
CA ARG A 630 -2.37 10.33 104.20
C ARG A 630 -1.33 9.71 105.14
N ALA A 631 -0.25 9.22 104.53
CA ALA A 631 0.86 8.70 105.32
C ALA A 631 2.16 8.97 104.57
N ASP A 632 3.19 9.37 105.31
CA ASP A 632 4.48 9.65 104.72
C ASP A 632 5.30 8.36 104.64
N SER A 633 6.55 8.49 104.19
CA SER A 633 7.44 7.33 104.14
C SER A 633 7.74 6.77 105.51
N LEU A 634 7.58 7.57 106.56
CA LEU A 634 7.84 7.18 107.94
C LEU A 634 6.64 6.49 108.60
N HIS A 635 5.68 6.03 107.79
CA HIS A 635 4.46 5.35 108.24
C HIS A 635 3.54 6.28 109.03
N ARG A 636 3.93 7.53 109.23
CA ARG A 636 3.15 8.45 110.06
C ARG A 636 1.90 8.91 109.33
N LEU A 637 0.75 8.76 109.99
CA LEU A 637 -0.50 9.25 109.41
C LEU A 637 -0.53 10.77 109.41
N GLY A 638 -1.38 11.31 108.54
CA GLY A 638 -1.46 12.76 108.40
C GLY A 638 -2.84 13.19 107.95
N LEU A 639 -3.14 14.45 108.26
CA LEU A 639 -4.41 15.08 107.89
C LEU A 639 -4.16 16.54 107.59
N PRO A 640 -4.98 17.18 106.76
CA PRO A 640 -4.79 18.59 106.46
C PRO A 640 -5.38 19.49 107.55
N ASN A 641 -4.82 20.70 107.64
CA ASN A 641 -5.34 21.71 108.54
C ASN A 641 -6.43 22.51 107.83
N LYS A 642 -6.83 23.63 108.43
CA LYS A 642 -7.82 24.48 107.78
C LYS A 642 -7.30 25.01 106.44
N ASP A 643 -6.01 25.34 106.39
CA ASP A 643 -5.39 25.82 105.16
C ASP A 643 -5.06 24.70 104.18
N GLY A 644 -5.47 23.47 104.48
CA GLY A 644 -5.23 22.37 103.56
C GLY A 644 -3.81 21.86 103.54
N VAL A 645 -3.03 22.15 104.57
CA VAL A 645 -1.64 21.70 104.66
C VAL A 645 -1.58 20.48 105.57
N VAL A 646 -0.95 19.42 105.10
CA VAL A 646 -0.95 18.15 105.82
C VAL A 646 -0.01 18.24 107.02
N ARG A 647 -0.48 17.79 108.18
CA ARG A 647 0.34 17.61 109.37
C ARG A 647 0.44 16.13 109.65
N PHE A 648 1.67 15.61 109.65
CA PHE A 648 1.88 14.18 109.89
C PHE A 648 2.03 13.93 111.38
N SER A 649 1.38 12.87 111.85
CA SER A 649 1.29 12.59 113.28
C SER A 649 2.58 11.97 113.79
N PRO A 650 3.16 12.50 114.87
CA PRO A 650 4.37 11.90 115.44
C PRO A 650 4.12 10.65 116.29
N TYR A 651 2.88 10.21 116.42
CA TYR A 651 2.57 9.10 117.31
C TYR A 651 1.76 7.99 116.65
N CYS A 652 0.92 8.32 115.69
CA CYS A 652 0.04 7.36 115.05
C CYS A 652 0.64 6.93 113.72
N VAL A 653 0.84 5.63 113.54
CA VAL A 653 1.45 5.09 112.34
C VAL A 653 0.52 4.07 111.71
N CYS A 654 0.43 4.10 110.40
CA CYS A 654 -0.20 3.00 109.68
C CYS A 654 0.77 1.83 109.68
N ASP A 655 0.44 0.81 110.47
CA ASP A 655 1.23 -0.41 110.58
C ASP A 655 0.42 -1.39 111.41
N TYR A 656 0.53 -2.67 111.08
CA TYR A 656 -0.30 -3.70 111.71
C TYR A 656 0.50 -4.38 112.81
N MET A 657 -0.02 -4.32 114.03
CA MET A 657 0.60 -4.95 115.19
C MET A 657 -0.31 -6.02 115.74
N GLU A 658 0.20 -7.23 115.86
CA GLU A 658 -0.58 -8.31 116.46
C GLU A 658 -0.60 -8.16 117.98
N PRO A 659 -1.76 -8.12 118.61
CA PRO A 659 -1.83 -7.84 120.05
C PRO A 659 -1.50 -9.01 120.95
N GLU A 660 -1.14 -10.17 120.41
CA GLU A 660 -0.91 -11.34 121.22
C GLU A 660 0.50 -11.32 121.82
N ARG A 661 0.84 -12.40 122.52
CA ARG A 661 2.15 -12.54 123.14
C ARG A 661 3.27 -12.46 122.11
N ALA A 686 10.72 2.68 125.87
CA ALA A 686 10.24 3.08 124.56
C ALA A 686 8.87 3.77 124.66
N VAL A 687 8.63 4.74 123.78
CA VAL A 687 7.35 5.42 123.72
C VAL A 687 6.36 4.54 122.95
N ARG A 688 5.24 4.19 123.58
CA ARG A 688 4.26 3.35 122.93
C ARG A 688 3.66 4.08 121.72
N LEU A 689 3.43 3.31 120.66
CA LEU A 689 3.14 3.86 119.34
C LEU A 689 1.78 3.37 118.85
N GLY A 690 1.04 4.26 118.19
CA GLY A 690 -0.32 3.94 117.78
C GLY A 690 -0.46 3.22 116.46
N SER A 691 -0.69 1.92 116.53
CA SER A 691 -1.00 1.11 115.36
C SER A 691 -2.39 1.47 114.88
N VAL A 692 -2.47 2.25 113.80
CA VAL A 692 -3.73 2.64 113.17
C VAL A 692 -3.72 2.03 111.78
N PRO A 693 -3.92 0.72 111.64
CA PRO A 693 -3.67 0.07 110.35
C PRO A 693 -4.69 0.47 109.30
N TYR A 694 -4.19 0.79 108.10
CA TYR A 694 -5.06 1.23 107.02
C TYR A 694 -5.99 0.14 106.53
N SER A 695 -5.72 -1.12 106.89
CA SER A 695 -6.53 -2.23 106.40
C SER A 695 -7.99 -2.12 106.79
N LEU A 696 -8.30 -1.54 107.95
CA LEU A 696 -9.69 -1.43 108.36
C LEU A 696 -10.46 -0.49 107.44
N LEU A 697 -9.91 0.71 107.22
CA LEU A 697 -10.53 1.65 106.28
C LEU A 697 -10.54 1.07 104.86
N PHE A 698 -9.47 0.40 104.46
CA PHE A 698 -9.42 -0.20 103.14
C PHE A 698 -10.51 -1.25 102.97
N ARG A 699 -10.73 -2.07 103.99
CA ARG A 699 -11.75 -3.11 103.93
C ARG A 699 -13.14 -2.51 103.77
N VAL A 700 -13.41 -1.43 104.51
CA VAL A 700 -14.73 -0.84 104.34
C VAL A 700 -14.83 -0.09 103.01
N LEU A 701 -13.71 0.33 102.43
CA LEU A 701 -13.76 0.87 101.07
C LEU A 701 -14.14 -0.22 100.07
N LEU A 702 -13.62 -1.42 100.27
CA LEU A 702 -14.06 -2.56 99.47
C LEU A 702 -15.56 -2.74 99.57
N GLN A 703 -16.07 -2.74 100.80
CA GLN A 703 -17.51 -2.91 100.97
C GLN A 703 -18.29 -1.73 100.40
N CYS A 704 -17.72 -0.53 100.41
CA CYS A 704 -18.39 0.61 99.80
C CYS A 704 -18.50 0.45 98.30
N LEU A 705 -17.44 -0.06 97.67
CA LEU A 705 -17.51 -0.34 96.24
C LEU A 705 -18.52 -1.45 95.96
N LYS A 706 -18.60 -2.44 96.85
CA LYS A 706 -19.44 -3.61 96.56
C LYS A 706 -20.90 -3.41 96.92
N GLN A 707 -21.21 -2.56 97.90
CA GLN A 707 -22.54 -2.51 98.48
C GLN A 707 -23.19 -1.13 98.50
N GLU A 708 -22.43 -0.06 98.35
CA GLU A 708 -23.02 1.26 98.51
C GLU A 708 -24.09 1.50 97.45
N SER A 709 -25.13 2.24 97.85
CA SER A 709 -26.20 2.64 96.95
C SER A 709 -26.25 4.13 96.69
N ASP A 710 -25.76 4.95 97.62
CA ASP A 710 -25.81 6.39 97.47
C ASP A 710 -24.69 6.84 96.55
N TRP A 711 -25.07 7.40 95.38
CA TRP A 711 -24.05 7.82 94.43
C TRP A 711 -23.18 8.93 94.99
N LYS A 712 -23.73 9.79 95.84
CA LYS A 712 -22.90 10.86 96.40
C LYS A 712 -21.74 10.29 97.20
N VAL A 713 -21.90 9.09 97.74
CA VAL A 713 -20.81 8.45 98.47
C VAL A 713 -19.80 7.85 97.51
N LEU A 714 -20.28 7.12 96.50
CA LEU A 714 -19.37 6.50 95.56
C LEU A 714 -18.63 7.54 94.72
N LYS A 715 -19.31 8.61 94.34
CA LYS A 715 -18.64 9.71 93.66
C LYS A 715 -17.48 10.22 94.49
N LEU A 716 -17.63 10.21 95.81
CA LEU A 716 -16.54 10.59 96.70
C LEU A 716 -15.48 9.50 96.86
N VAL A 717 -15.90 8.27 97.10
CA VAL A 717 -14.95 7.19 97.34
C VAL A 717 -14.13 6.93 96.09
N LEU A 718 -14.79 6.89 94.93
CA LEU A 718 -14.07 6.82 93.67
C LEU A 718 -13.31 8.11 93.37
N GLY A 719 -13.79 9.26 93.86
CA GLY A 719 -13.08 10.49 93.59
C GLY A 719 -11.80 10.65 94.38
N ARG A 720 -11.72 9.99 95.54
CA ARG A 720 -10.55 10.10 96.39
C ARG A 720 -9.70 8.84 96.43
N LEU A 721 -10.20 7.73 95.91
CA LEU A 721 -9.39 6.52 95.87
C LEU A 721 -8.09 6.66 95.10
N PRO A 722 -8.03 7.32 93.93
CA PRO A 722 -6.73 7.40 93.23
C PRO A 722 -5.65 8.07 94.06
N GLU A 723 -5.99 9.19 94.67
CA GLU A 723 -5.04 9.91 95.50
C GLU A 723 -4.57 9.06 96.66
N SER A 724 -5.50 8.37 97.33
CA SER A 724 -5.13 7.51 98.44
C SER A 724 -4.24 6.38 97.98
N LEU A 725 -4.54 5.79 96.83
CA LEU A 725 -3.76 4.69 96.29
C LEU A 725 -2.35 5.09 95.93
N ARG A 726 -2.07 6.39 95.77
CA ARG A 726 -0.69 6.81 95.59
C ARG A 726 0.22 6.35 96.73
N TYR A 727 -0.29 6.31 97.95
CA TYR A 727 0.54 6.04 99.12
C TYR A 727 0.61 4.53 99.33
N LYS A 728 1.57 3.90 98.66
CA LYS A 728 1.74 2.46 98.79
C LYS A 728 2.11 2.04 100.20
N VAL A 729 2.61 2.97 101.01
CA VAL A 729 2.89 2.64 102.41
C VAL A 729 1.61 2.23 103.11
N LEU A 730 0.49 2.90 102.78
CA LEU A 730 -0.78 2.57 103.43
C LEU A 730 -1.20 1.13 103.13
N ILE A 731 -1.24 0.78 101.85
CA ILE A 731 -1.77 -0.52 101.46
C ILE A 731 -0.83 -1.64 101.88
N PHE A 732 0.46 -1.46 101.69
CA PHE A 732 1.39 -2.56 101.90
C PHE A 732 1.66 -2.83 103.37
N THR A 733 1.65 -1.81 104.22
CA THR A 733 1.98 -2.00 105.62
C THR A 733 0.86 -2.65 106.42
N SER A 734 -0.33 -2.78 105.84
CA SER A 734 -1.51 -3.29 106.52
C SER A 734 -2.06 -4.48 105.76
N PRO A 735 -2.86 -5.33 106.40
CA PRO A 735 -3.47 -6.45 105.68
C PRO A 735 -4.52 -6.00 104.67
N CYS A 736 -4.14 -5.08 103.79
CA CYS A 736 -4.99 -4.70 102.68
C CYS A 736 -4.91 -5.76 101.59
N SER A 737 -5.93 -5.79 100.74
CA SER A 737 -6.00 -6.74 99.64
C SER A 737 -6.26 -5.95 98.36
N VAL A 738 -5.21 -5.69 97.59
CA VAL A 738 -5.37 -4.99 96.33
C VAL A 738 -6.23 -5.81 95.38
N ASP A 739 -6.13 -7.13 95.45
CA ASP A 739 -6.92 -8.00 94.57
C ASP A 739 -8.41 -7.72 94.73
N GLN A 740 -8.87 -7.65 95.97
CA GLN A 740 -10.27 -7.32 96.21
C GLN A 740 -10.61 -5.95 95.68
N LEU A 741 -9.68 -5.01 95.72
CA LEU A 741 -9.96 -3.66 95.23
C LEU A 741 -10.17 -3.67 93.72
N CYS A 742 -9.25 -4.29 92.99
CA CYS A 742 -9.40 -4.35 91.55
C CYS A 742 -10.66 -5.13 91.18
N SER A 743 -10.94 -6.22 91.91
CA SER A 743 -12.15 -6.98 91.67
C SER A 743 -13.38 -6.12 91.85
N ALA A 744 -13.41 -5.31 92.91
CA ALA A 744 -14.57 -4.46 93.15
C ALA A 744 -14.77 -3.50 92.01
N LEU A 745 -13.69 -2.84 91.56
CA LEU A 745 -13.83 -1.86 90.49
C LEU A 745 -14.20 -2.51 89.16
N CYS A 746 -13.52 -3.60 88.82
CA CYS A 746 -13.76 -4.25 87.54
C CYS A 746 -15.17 -4.83 87.48
N SER A 747 -15.59 -5.55 88.53
CA SER A 747 -16.95 -6.06 88.56
C SER A 747 -17.96 -4.93 88.56
N MET A 748 -17.59 -3.78 89.11
CA MET A 748 -18.48 -2.63 89.03
C MET A 748 -18.69 -2.19 87.59
N LEU A 749 -17.61 -2.18 86.80
CA LEU A 749 -17.77 -1.79 85.41
C LEU A 749 -18.37 -2.91 84.54
N SER A 750 -18.04 -4.16 84.83
CA SER A 750 -18.39 -5.27 83.95
C SER A 750 -19.88 -5.53 83.94
N GLY A 751 -20.52 -5.50 85.10
CA GLY A 751 -21.90 -5.88 85.19
C GLY A 751 -22.82 -4.68 85.26
N PRO A 752 -24.10 -4.90 84.93
CA PRO A 752 -25.10 -3.84 85.12
C PRO A 752 -25.60 -3.74 86.54
N LYS A 753 -25.22 -4.67 87.41
CA LYS A 753 -25.78 -4.73 88.76
C LYS A 753 -25.51 -3.46 89.55
N THR A 754 -24.44 -2.75 89.23
CA THR A 754 -24.13 -1.52 89.96
C THR A 754 -25.21 -0.47 89.75
N LEU A 755 -25.71 -0.35 88.52
CA LEU A 755 -26.77 0.62 88.27
C LEU A 755 -28.10 0.19 88.87
N GLU A 756 -28.31 -1.10 89.05
CA GLU A 756 -29.47 -1.58 89.79
C GLU A 756 -29.30 -1.44 91.29
N ARG A 757 -28.07 -1.17 91.76
CA ARG A 757 -27.82 -0.93 93.16
C ARG A 757 -27.77 0.56 93.53
N LEU A 758 -27.42 1.41 92.58
CA LEU A 758 -27.23 2.83 92.87
C LEU A 758 -28.57 3.56 92.99
N ARG A 759 -28.56 4.61 93.81
CA ARG A 759 -29.67 5.53 93.94
C ARG A 759 -29.11 6.94 94.11
N GLY A 760 -29.97 7.93 93.88
CA GLY A 760 -29.57 9.31 94.07
C GLY A 760 -28.59 9.84 93.05
N ALA A 761 -28.23 9.05 92.05
CA ALA A 761 -27.36 9.52 90.99
C ALA A 761 -28.09 10.55 90.15
N PRO A 762 -27.35 11.39 89.40
CA PRO A 762 -28.01 12.38 88.55
C PRO A 762 -28.94 11.71 87.57
N GLU A 763 -30.01 12.44 87.19
CA GLU A 763 -31.12 11.83 86.49
C GLU A 763 -30.70 11.15 85.20
N GLY A 764 -29.59 11.58 84.61
CA GLY A 764 -29.11 10.97 83.39
C GLY A 764 -27.94 10.03 83.61
N PHE A 765 -27.73 9.60 84.84
CA PHE A 765 -26.59 8.74 85.14
C PHE A 765 -26.66 7.43 84.36
N SER A 766 -25.52 7.01 83.83
CA SER A 766 -25.47 5.86 82.94
C SER A 766 -24.20 5.07 83.21
N ARG A 767 -24.10 3.92 82.52
CA ARG A 767 -22.90 3.09 82.61
C ARG A 767 -21.65 3.87 82.17
N THR A 768 -21.81 4.79 81.24
CA THR A 768 -20.69 5.62 80.81
C THR A 768 -20.16 6.48 81.96
N ASP A 769 -21.06 7.04 82.76
CA ASP A 769 -20.62 7.83 83.90
C ASP A 769 -19.85 6.98 84.90
N LEU A 770 -20.30 5.75 85.12
CA LEU A 770 -19.58 4.83 85.98
C LEU A 770 -18.19 4.55 85.43
N HIS A 771 -18.07 4.43 84.10
CA HIS A 771 -16.76 4.27 83.50
C HIS A 771 -15.87 5.46 83.79
N LEU A 772 -16.40 6.67 83.60
CA LEU A 772 -15.62 7.87 83.84
C LEU A 772 -15.11 7.92 85.26
N ALA A 773 -15.88 7.40 86.21
CA ALA A 773 -15.47 7.48 87.61
C ALA A 773 -14.51 6.38 88.02
N VAL A 774 -14.66 5.17 87.47
CA VAL A 774 -13.83 4.07 87.94
C VAL A 774 -12.48 4.05 87.25
N VAL A 775 -12.41 4.48 85.99
CA VAL A 775 -11.16 4.47 85.23
C VAL A 775 -10.03 5.17 85.98
N PRO A 776 -10.24 6.32 86.63
CA PRO A 776 -9.14 6.91 87.40
C PRO A 776 -8.59 5.98 88.46
N VAL A 777 -9.45 5.23 89.15
CA VAL A 777 -8.96 4.33 90.18
C VAL A 777 -8.14 3.21 89.57
N LEU A 778 -8.60 2.64 88.45
CA LEU A 778 -7.85 1.60 87.78
C LEU A 778 -6.51 2.14 87.27
N THR A 779 -6.53 3.38 86.76
CA THR A 779 -5.30 4.00 86.29
C THR A 779 -4.28 4.08 87.40
N ALA A 780 -4.72 4.53 88.59
CA ALA A 780 -3.81 4.56 89.72
C ALA A 780 -3.45 3.16 90.21
N LEU A 781 -4.30 2.18 89.96
CA LEU A 781 -4.11 0.83 90.45
C LEU A 781 -3.11 0.06 89.61
N ILE A 782 -2.77 0.57 88.44
CA ILE A 782 -1.74 -0.07 87.61
C ILE A 782 -0.42 -0.21 88.37
N SER A 783 -0.11 0.73 89.26
CA SER A 783 1.15 0.70 89.99
C SER A 783 1.28 -0.50 90.92
N TYR A 784 0.18 -1.20 91.21
CA TYR A 784 0.20 -2.37 92.07
C TYR A 784 0.24 -3.67 91.27
N HIS A 785 0.78 -3.63 90.06
CA HIS A 785 0.73 -4.80 89.19
C HIS A 785 1.45 -5.98 89.81
N ASN A 786 2.59 -5.73 90.46
CA ASN A 786 3.30 -6.82 91.13
C ASN A 786 2.55 -7.37 92.32
N TYR A 787 1.50 -6.67 92.77
CA TYR A 787 0.72 -7.10 93.93
C TYR A 787 -0.74 -7.35 93.56
N LEU A 788 -1.00 -7.65 92.29
CA LEU A 788 -2.33 -7.99 91.82
C LEU A 788 -2.29 -9.35 91.14
N ASP A 789 -3.35 -10.13 91.33
CA ASP A 789 -3.49 -11.39 90.61
C ASP A 789 -3.70 -11.10 89.13
N LYS A 790 -3.07 -11.91 88.27
CA LYS A 790 -3.08 -11.62 86.86
C LYS A 790 -4.47 -11.69 86.25
N THR A 791 -5.39 -12.44 86.86
CA THR A 791 -6.78 -12.37 86.40
C THR A 791 -7.35 -10.99 86.64
N LYS A 792 -7.01 -10.38 87.78
CA LYS A 792 -7.44 -9.02 88.05
C LYS A 792 -6.77 -8.03 87.13
N GLN A 793 -5.49 -8.24 86.80
CA GLN A 793 -4.83 -7.38 85.83
C GLN A 793 -5.49 -7.49 84.48
N ARG A 794 -5.86 -8.71 84.07
CA ARG A 794 -6.54 -8.89 82.79
C ARG A 794 -7.89 -8.21 82.80
N GLU A 795 -8.62 -8.30 83.91
CA GLU A 795 -9.89 -7.61 84.02
C GLU A 795 -9.72 -6.10 84.01
N MET A 796 -8.66 -5.60 84.66
CA MET A 796 -8.40 -4.16 84.69
C MET A 796 -8.00 -3.65 83.32
N VAL A 797 -7.14 -4.37 82.62
CA VAL A 797 -6.79 -4.02 81.25
C VAL A 797 -8.04 -4.06 80.38
N TYR A 798 -8.91 -5.04 80.61
CA TYR A 798 -10.14 -5.12 79.84
C TYR A 798 -11.04 -3.93 80.14
N CYS A 799 -11.09 -3.48 81.39
CA CYS A 799 -11.89 -2.31 81.73
C CYS A 799 -11.34 -1.07 81.05
N LEU A 800 -10.02 -0.89 81.05
CA LEU A 800 -9.43 0.24 80.36
C LEU A 800 -9.69 0.17 78.87
N GLU A 801 -9.59 -1.02 78.29
CA GLU A 801 -9.90 -1.20 76.88
C GLU A 801 -11.35 -0.86 76.59
N GLN A 802 -12.26 -1.26 77.48
CA GLN A 802 -13.66 -0.93 77.35
C GLN A 802 -13.90 0.58 77.45
N GLY A 803 -13.02 1.30 78.12
CA GLY A 803 -13.21 2.73 78.26
C GLY A 803 -12.96 3.55 77.00
N LEU A 804 -12.35 2.96 75.97
CA LEU A 804 -12.11 3.69 74.74
C LEU A 804 -13.40 4.05 74.02
N ILE A 805 -14.52 3.44 74.40
CA ILE A 805 -15.80 3.78 73.80
C ILE A 805 -16.37 5.05 74.40
N HIS A 806 -16.01 5.36 75.63
CA HIS A 806 -16.66 6.42 76.39
C HIS A 806 -15.83 7.70 76.35
N ARG A 807 -16.29 8.71 77.07
CA ARG A 807 -15.67 10.03 77.07
C ARG A 807 -14.32 10.06 77.75
N CYS A 808 -13.94 8.98 78.44
CA CYS A 808 -12.63 8.87 79.08
C CYS A 808 -11.61 8.17 78.21
N ALA A 809 -11.72 8.29 76.89
CA ALA A 809 -10.82 7.57 75.99
C ALA A 809 -9.36 8.01 76.20
N SER A 810 -9.14 9.30 76.46
CA SER A 810 -7.78 9.78 76.67
C SER A 810 -7.12 9.12 77.87
N GLN A 811 -7.85 9.05 78.99
CA GLN A 811 -7.31 8.42 80.18
C GLN A 811 -7.02 6.95 79.92
N CYS A 812 -7.90 6.27 79.20
CA CYS A 812 -7.71 4.85 78.95
C CYS A 812 -6.48 4.61 78.08
N VAL A 813 -6.26 5.43 77.06
CA VAL A 813 -5.09 5.24 76.21
C VAL A 813 -3.81 5.49 77.01
N VAL A 814 -3.78 6.56 77.79
CA VAL A 814 -2.61 6.84 78.62
C VAL A 814 -2.35 5.70 79.59
N ALA A 815 -3.42 5.24 80.25
CA ALA A 815 -3.31 4.15 81.20
C ALA A 815 -2.80 2.90 80.51
N LEU A 816 -3.34 2.58 79.35
CA LEU A 816 -2.93 1.38 78.64
C LEU A 816 -1.48 1.47 78.17
N SER A 817 -0.98 2.67 77.90
CA SER A 817 0.44 2.80 77.60
C SER A 817 1.29 2.39 78.79
N ILE A 818 0.91 2.86 79.98
CA ILE A 818 1.64 2.41 81.16
C ILE A 818 1.44 0.92 81.38
N CYS A 819 0.24 0.41 81.09
CA CYS A 819 -0.01 -1.02 81.20
C CYS A 819 0.90 -1.80 80.27
N SER A 820 1.16 -1.26 79.09
CA SER A 820 2.06 -1.91 78.15
C SER A 820 3.44 -2.04 78.74
N VAL A 821 3.94 -0.96 79.37
CA VAL A 821 5.29 -1.04 79.93
C VAL A 821 5.31 -1.94 81.16
N GLU A 822 4.32 -1.81 82.04
CA GLU A 822 4.35 -2.44 83.35
C GLU A 822 3.79 -3.85 83.34
N MET A 823 2.91 -4.18 82.40
CA MET A 823 2.24 -5.47 82.37
C MET A 823 2.38 -6.09 80.99
N PRO A 824 3.61 -6.43 80.58
CA PRO A 824 3.80 -6.95 79.23
C PRO A 824 3.15 -8.31 79.03
N ASP A 825 3.25 -9.20 80.03
CA ASP A 825 2.76 -10.56 79.90
C ASP A 825 1.23 -10.63 79.90
N ILE A 826 0.54 -9.53 80.15
CA ILE A 826 -0.90 -9.51 80.01
C ILE A 826 -1.36 -8.50 78.97
N ILE A 827 -0.56 -7.50 78.62
CA ILE A 827 -0.93 -6.62 77.51
C ILE A 827 -0.63 -7.26 76.17
N ILE A 828 0.19 -8.32 76.15
CA ILE A 828 0.43 -9.05 74.92
C ILE A 828 -0.88 -9.57 74.34
N LYS A 829 -1.71 -10.19 75.17
CA LYS A 829 -2.90 -10.84 74.67
C LYS A 829 -4.01 -9.84 74.38
N ALA A 830 -4.01 -8.71 75.06
CA ALA A 830 -5.00 -7.68 74.76
C ALA A 830 -4.63 -6.86 73.53
N LEU A 831 -3.35 -6.83 73.16
CA LEU A 831 -2.91 -5.94 72.08
C LEU A 831 -3.58 -6.20 70.73
N PRO A 832 -3.66 -7.44 70.22
CA PRO A 832 -4.28 -7.61 68.90
C PRO A 832 -5.68 -7.04 68.80
N VAL A 833 -6.47 -7.14 69.86
CA VAL A 833 -7.78 -6.51 69.85
C VAL A 833 -7.67 -5.03 70.20
N LEU A 834 -6.68 -4.67 71.02
CA LEU A 834 -6.57 -3.29 71.48
C LEU A 834 -6.29 -2.33 70.34
N VAL A 835 -5.34 -2.70 69.47
CA VAL A 835 -4.95 -1.80 68.39
C VAL A 835 -6.11 -1.58 67.44
N VAL A 836 -6.93 -2.60 67.21
CA VAL A 836 -8.14 -2.42 66.42
C VAL A 836 -9.08 -1.45 67.12
N LYS A 837 -9.24 -1.61 68.44
CA LYS A 837 -10.20 -0.76 69.14
C LYS A 837 -9.77 0.70 69.15
N LEU A 838 -8.47 0.95 69.07
CA LEU A 838 -8.03 2.35 69.02
C LEU A 838 -8.34 3.00 67.67
N THR A 839 -8.49 2.22 66.61
CA THR A 839 -8.85 2.79 65.32
C THR A 839 -10.25 3.38 65.34
N HIS A 840 -11.11 2.88 66.22
CA HIS A 840 -12.47 3.39 66.32
C HIS A 840 -12.53 4.76 66.97
N ILE A 841 -11.44 5.24 67.54
CA ILE A 841 -11.40 6.56 68.16
C ILE A 841 -11.29 7.62 67.09
N SER A 842 -12.17 8.62 67.15
CA SER A 842 -12.14 9.71 66.19
C SER A 842 -10.88 10.55 66.37
N ALA A 843 -10.30 10.96 65.25
CA ALA A 843 -9.06 11.74 65.26
C ALA A 843 -9.36 13.15 65.75
N THR A 844 -9.08 13.40 67.01
CA THR A 844 -9.26 14.72 67.60
C THR A 844 -7.97 15.10 68.34
N ALA A 845 -7.79 16.41 68.50
CA ALA A 845 -6.58 16.90 69.14
C ALA A 845 -6.46 16.40 70.57
N SER A 846 -7.58 16.24 71.27
CA SER A 846 -7.52 15.75 72.63
C SER A 846 -6.98 14.33 72.71
N MET A 847 -7.07 13.57 71.61
CA MET A 847 -6.62 12.19 71.59
C MET A 847 -5.30 12.00 70.87
N ALA A 848 -4.80 13.04 70.18
CA ALA A 848 -3.62 12.86 69.33
C ALA A 848 -2.41 12.46 70.15
N VAL A 849 -2.11 13.22 71.19
CA VAL A 849 -0.93 12.93 72.01
C VAL A 849 -1.02 11.57 72.69
N PRO A 850 -2.13 11.21 73.35
CA PRO A 850 -2.17 9.88 73.98
C PRO A 850 -2.02 8.73 73.00
N LEU A 851 -2.73 8.78 71.86
CA LEU A 851 -2.64 7.68 70.91
C LEU A 851 -1.23 7.55 70.34
N LEU A 852 -0.62 8.68 69.99
CA LEU A 852 0.71 8.61 69.39
C LEU A 852 1.78 8.26 70.42
N GLU A 853 1.63 8.75 71.65
CA GLU A 853 2.49 8.30 72.73
C GLU A 853 2.33 6.80 72.96
N PHE A 854 1.11 6.29 72.90
CA PHE A 854 0.89 4.86 73.08
C PHE A 854 1.56 4.08 71.97
N LEU A 855 1.40 4.51 70.73
CA LEU A 855 1.98 3.78 69.60
C LEU A 855 3.50 3.87 69.61
N SER A 856 4.05 5.02 70.01
CA SER A 856 5.50 5.16 70.05
C SER A 856 6.11 4.41 71.23
N THR A 857 5.43 4.34 72.37
CA THR A 857 5.92 3.48 73.44
C THR A 857 5.77 2.01 73.07
N LEU A 858 4.69 1.67 72.38
CA LEU A 858 4.48 0.30 71.95
C LEU A 858 5.54 -0.14 70.95
N ALA A 859 5.89 0.75 70.03
CA ALA A 859 6.90 0.44 69.03
C ALA A 859 8.23 0.09 69.67
N ARG A 860 8.53 0.70 70.80
CA ARG A 860 9.80 0.47 71.47
C ARG A 860 9.71 -0.67 72.47
N LEU A 861 8.66 -1.48 72.39
CA LEU A 861 8.48 -2.70 73.19
C LEU A 861 8.29 -3.84 72.21
N PRO A 862 9.37 -4.29 71.57
CA PRO A 862 9.23 -5.29 70.50
C PRO A 862 8.70 -6.62 70.96
N HIS A 863 8.81 -6.95 72.24
CA HIS A 863 8.31 -8.23 72.73
C HIS A 863 6.80 -8.30 72.75
N LEU A 864 6.10 -7.19 72.53
CA LEU A 864 4.65 -7.19 72.61
C LEU A 864 4.00 -7.47 71.26
N TYR A 865 4.45 -6.79 70.21
CA TYR A 865 3.90 -6.97 68.88
C TYR A 865 4.68 -7.97 68.05
N ARG A 866 5.42 -8.88 68.70
CA ARG A 866 6.19 -9.87 67.96
C ARG A 866 5.30 -10.79 67.17
N ASN A 867 4.05 -10.96 67.61
CA ASN A 867 3.09 -11.83 66.94
C ASN A 867 1.97 -11.05 66.28
N PHE A 868 2.26 -9.83 65.83
CA PHE A 868 1.26 -9.02 65.16
C PHE A 868 1.03 -9.54 63.75
N ALA A 869 -0.23 -9.67 63.37
CA ALA A 869 -0.57 -9.99 61.99
C ALA A 869 -0.74 -8.68 61.21
N ALA A 870 -1.02 -8.81 59.92
CA ALA A 870 -1.13 -7.63 59.08
C ALA A 870 -2.25 -6.72 59.54
N GLU A 871 -3.34 -7.29 60.04
CA GLU A 871 -4.46 -6.48 60.48
C GLU A 871 -4.06 -5.60 61.67
N GLN A 872 -3.23 -6.12 62.56
CA GLN A 872 -2.78 -5.34 63.72
C GLN A 872 -1.93 -4.15 63.29
N TYR A 873 -0.95 -4.39 62.41
CA TYR A 873 -0.13 -3.28 61.93
C TYR A 873 -0.98 -2.26 61.17
N ALA A 874 -1.91 -2.75 60.34
CA ALA A 874 -2.79 -1.85 59.63
C ALA A 874 -3.60 -1.00 60.60
N SER A 875 -3.97 -1.56 61.74
CA SER A 875 -4.59 -0.76 62.78
C SER A 875 -3.66 0.32 63.28
N VAL A 876 -2.39 -0.01 63.48
CA VAL A 876 -1.43 0.97 63.98
C VAL A 876 -1.33 2.18 63.04
N PHE A 877 -1.19 1.91 61.75
CA PHE A 877 -1.10 3.01 60.80
C PHE A 877 -2.45 3.72 60.65
N ALA A 878 -3.55 2.99 60.79
CA ALA A 878 -4.86 3.63 60.72
C ALA A 878 -5.06 4.61 61.87
N ILE A 879 -4.46 4.32 63.03
CA ILE A 879 -4.55 5.25 64.15
C ILE A 879 -3.68 6.46 63.91
N SER A 880 -2.47 6.26 63.40
CA SER A 880 -1.51 7.37 63.36
C SER A 880 -1.58 8.22 62.09
N LEU A 881 -2.05 7.68 60.98
CA LEU A 881 -2.13 8.47 59.75
C LEU A 881 -3.02 9.69 59.86
N PRO A 882 -4.20 9.66 60.49
CA PRO A 882 -5.01 10.88 60.55
C PRO A 882 -4.29 12.02 61.23
N TYR A 883 -3.36 11.72 62.13
CA TYR A 883 -2.62 12.71 62.89
C TYR A 883 -1.44 13.28 62.13
N THR A 884 -1.17 12.83 60.91
CA THR A 884 -0.13 13.39 60.06
C THR A 884 -0.61 14.59 59.27
N ASN A 885 -1.70 15.22 59.68
CA ASN A 885 -2.32 16.27 58.87
C ASN A 885 -2.10 17.62 59.52
N PRO A 886 -1.19 18.46 59.03
CA PRO A 886 -1.04 19.79 59.61
C PRO A 886 -2.20 20.71 59.34
N SER A 887 -3.04 20.40 58.36
CA SER A 887 -4.22 21.21 58.12
C SER A 887 -5.21 21.11 59.27
N LYS A 888 -5.05 20.13 60.15
CA LYS A 888 -5.95 19.96 61.28
C LYS A 888 -5.20 19.85 62.60
N PHE A 889 -4.01 19.27 62.57
CA PHE A 889 -3.32 18.91 63.80
C PHE A 889 -2.06 19.74 63.99
N ASN A 890 -1.80 20.07 65.26
CA ASN A 890 -0.66 20.87 65.66
C ASN A 890 0.63 20.28 65.07
N GLN A 891 1.62 21.15 64.88
CA GLN A 891 2.85 20.74 64.23
C GLN A 891 3.58 19.68 65.04
N TYR A 892 3.50 19.75 66.37
CA TYR A 892 4.07 18.68 67.19
C TYR A 892 3.36 17.37 66.93
N ILE A 893 2.04 17.41 66.85
CA ILE A 893 1.27 16.20 66.57
C ILE A 893 1.69 15.61 65.24
N VAL A 894 1.86 16.46 64.22
CA VAL A 894 2.20 15.97 62.90
C VAL A 894 3.61 15.37 62.89
N CYS A 895 4.57 16.04 63.52
CA CYS A 895 5.92 15.50 63.57
C CYS A 895 5.95 14.18 64.33
N LEU A 896 5.24 14.12 65.47
CA LEU A 896 5.18 12.89 66.25
C LEU A 896 4.48 11.78 65.48
N ALA A 897 3.44 12.12 64.71
CA ALA A 897 2.71 11.11 63.95
C ALA A 897 3.59 10.49 62.88
N HIS A 898 4.36 11.31 62.18
CA HIS A 898 5.29 10.76 61.21
C HIS A 898 6.36 9.91 61.88
N HIS A 899 6.83 10.33 63.06
CA HIS A 899 7.80 9.52 63.79
C HIS A 899 7.21 8.16 64.16
N VAL A 900 5.95 8.14 64.61
CA VAL A 900 5.28 6.89 64.95
C VAL A 900 5.18 6.00 63.73
N ILE A 901 4.76 6.56 62.60
CA ILE A 901 4.62 5.78 61.38
C ILE A 901 5.98 5.24 60.95
N ALA A 902 7.03 6.04 61.11
CA ALA A 902 8.37 5.60 60.75
C ALA A 902 8.79 4.42 61.59
N MET A 903 8.61 4.51 62.90
CA MET A 903 8.99 3.42 63.78
C MET A 903 8.25 2.14 63.45
N TRP A 904 6.94 2.25 63.21
CA TRP A 904 6.16 1.02 63.00
C TRP A 904 6.42 0.43 61.63
N PHE A 905 6.62 1.26 60.62
CA PHE A 905 6.99 0.74 59.32
C PHE A 905 8.35 0.07 59.37
N ILE A 906 9.28 0.64 60.13
CA ILE A 906 10.63 0.09 60.19
C ILE A 906 10.65 -1.17 61.05
N ARG A 907 9.71 -1.30 61.97
CA ARG A 907 9.65 -2.43 62.88
C ARG A 907 8.70 -3.53 62.45
N CYS A 908 7.72 -3.25 61.60
CA CYS A 908 6.84 -4.30 61.14
C CYS A 908 7.60 -5.28 60.25
N ARG A 909 7.17 -6.53 60.27
CA ARG A 909 7.89 -7.57 59.55
C ARG A 909 7.89 -7.28 58.06
N LEU A 910 9.00 -7.62 57.40
CA LEU A 910 9.16 -7.33 55.98
C LEU A 910 8.02 -7.84 55.11
N PRO A 911 7.55 -9.08 55.24
CA PRO A 911 6.48 -9.53 54.34
C PRO A 911 5.24 -8.68 54.40
N PHE A 912 4.90 -8.14 55.57
CA PHE A 912 3.71 -7.32 55.67
C PHE A 912 3.96 -5.88 55.25
N ARG A 913 5.23 -5.48 55.16
CA ARG A 913 5.55 -4.06 55.08
C ARG A 913 5.09 -3.45 53.77
N LYS A 914 5.17 -4.20 52.67
CA LYS A 914 4.77 -3.65 51.37
C LYS A 914 3.29 -3.30 51.33
N ASP A 915 2.47 -4.02 52.11
CA ASP A 915 1.03 -3.83 52.04
C ASP A 915 0.61 -2.46 52.52
N PHE A 916 1.37 -1.85 53.42
CA PHE A 916 0.96 -0.62 54.08
C PHE A 916 1.33 0.62 53.29
N VAL A 917 2.14 0.48 52.24
CA VAL A 917 2.50 1.65 51.44
C VAL A 917 1.28 2.32 50.81
N PRO A 918 0.37 1.60 50.15
CA PRO A 918 -0.81 2.29 49.63
C PRO A 918 -1.64 2.96 50.69
N PHE A 919 -1.77 2.35 51.87
CA PHE A 919 -2.54 2.97 52.95
C PHE A 919 -1.88 4.26 53.43
N ILE A 920 -0.56 4.21 53.68
CA ILE A 920 0.15 5.39 54.14
C ILE A 920 0.12 6.48 53.08
N THR A 921 0.35 6.11 51.83
CA THR A 921 0.34 7.08 50.74
C THR A 921 -1.04 7.70 50.57
N LYS A 922 -2.09 6.89 50.70
CA LYS A 922 -3.44 7.43 50.62
C LYS A 922 -3.71 8.38 51.76
N GLY A 923 -3.20 8.08 52.96
CA GLY A 923 -3.35 9.01 54.06
C GLY A 923 -2.62 10.33 53.83
N LEU A 924 -1.38 10.24 53.35
CA LEU A 924 -0.61 11.45 53.06
C LEU A 924 -1.28 12.28 51.96
N ARG A 925 -1.71 11.63 50.90
CA ARG A 925 -2.38 12.33 49.81
C ARG A 925 -3.71 12.89 50.25
N SER A 926 -4.38 12.24 51.20
CA SER A 926 -5.62 12.80 51.73
C SER A 926 -5.34 14.08 52.51
N ASN A 927 -4.21 14.13 53.20
CA ASN A 927 -3.82 15.39 53.85
C ASN A 927 -3.66 16.50 52.82
N VAL A 928 -2.95 16.21 51.73
CA VAL A 928 -2.76 17.23 50.70
C VAL A 928 -4.09 17.61 50.07
N LEU A 929 -4.90 16.60 49.73
CA LEU A 929 -6.18 16.84 49.08
C LEU A 929 -7.13 17.63 49.97
N LEU A 930 -6.99 17.49 51.28
CA LEU A 930 -7.73 18.31 52.23
C LEU A 930 -6.99 19.59 52.58
N SER A 931 -5.98 19.96 51.80
CA SER A 931 -5.28 21.23 51.95
C SER A 931 -5.28 22.05 50.67
N PHE A 932 -5.16 21.41 49.51
CA PHE A 932 -5.18 22.11 48.23
C PHE A 932 -6.63 22.26 47.76
N ASP A 933 -6.99 23.48 47.39
CA ASP A 933 -8.32 23.74 46.86
C ASP A 933 -8.42 23.57 45.35
N ASP A 934 -7.28 23.60 44.65
CA ASP A 934 -7.28 23.51 43.20
C ASP A 934 -5.94 22.93 42.73
N THR A 935 -6.02 21.93 41.84
CA THR A 935 -4.87 21.31 41.19
C THR A 935 -3.83 20.86 42.21
N PRO A 936 -4.10 19.79 42.95
CA PRO A 936 -3.11 19.32 43.94
C PRO A 936 -1.93 18.62 43.28
N GLU A 937 -0.83 18.57 44.03
CA GLU A 937 0.39 17.88 43.60
C GLU A 937 0.29 16.44 44.08
N LYS A 938 -0.34 15.59 43.27
CA LYS A 938 -0.53 14.20 43.64
C LYS A 938 0.79 13.45 43.63
N ASP A 939 1.01 12.64 44.66
CA ASP A 939 2.27 11.94 44.85
C ASP A 939 2.25 10.57 44.16
N SER A 940 3.42 9.98 44.05
CA SER A 940 3.59 8.69 43.38
C SER A 940 3.49 7.58 44.40
N PHE A 941 2.41 6.81 44.32
CA PHE A 941 2.31 5.57 45.09
C PHE A 941 3.21 4.52 44.45
N ARG A 942 4.24 4.10 45.17
CA ARG A 942 5.34 3.37 44.54
C ARG A 942 4.98 1.94 44.21
N ALA A 943 4.19 1.28 45.05
CA ALA A 943 3.99 -0.16 44.86
C ALA A 943 3.25 -0.50 43.58
N ARG A 944 2.87 0.49 42.76
CA ARG A 944 2.51 0.19 41.38
C ARG A 944 3.71 -0.29 40.58
N SER A 945 4.91 -0.13 41.10
CA SER A 945 6.14 -0.56 40.43
C SER A 945 7.05 -1.28 41.42
N ASP A 1012 -3.11 41.43 55.32
CA ASP A 1012 -3.41 41.55 53.90
C ASP A 1012 -3.41 40.19 53.22
N GLU A 1013 -3.96 40.13 52.00
CA GLU A 1013 -4.12 38.87 51.31
C GLU A 1013 -2.78 38.23 50.96
N ASN A 1014 -1.76 39.04 50.68
CA ASN A 1014 -0.45 38.49 50.35
C ASN A 1014 0.16 37.74 51.53
N SER A 1015 0.01 38.28 52.74
CA SER A 1015 0.49 37.58 53.92
C SER A 1015 -0.24 36.26 54.13
N VAL A 1016 -1.56 36.26 53.93
CA VAL A 1016 -2.34 35.03 54.06
C VAL A 1016 -1.90 34.01 53.02
N ALA A 1017 -1.66 34.46 51.79
CA ALA A 1017 -1.22 33.56 50.73
C ALA A 1017 0.14 32.96 51.07
N GLN A 1018 1.06 33.77 51.60
CA GLN A 1018 2.37 33.26 51.99
C GLN A 1018 2.25 32.22 53.11
N ALA A 1019 1.40 32.49 54.10
CA ALA A 1019 1.22 31.52 55.19
C ALA A 1019 0.65 30.21 54.68
N ASP A 1020 -0.37 30.28 53.81
CA ASP A 1020 -0.95 29.07 53.26
C ASP A 1020 0.06 28.31 52.41
N ASP A 1021 0.86 29.03 51.62
CA ASP A 1021 1.87 28.36 50.78
C ASP A 1021 2.92 27.67 51.63
N SER A 1022 3.31 28.30 52.75
CA SER A 1022 4.22 27.63 53.67
C SER A 1022 3.61 26.35 54.20
N LEU A 1023 2.32 26.38 54.52
CA LEU A 1023 1.66 25.14 54.95
C LEU A 1023 1.66 24.09 53.85
N LYS A 1024 1.40 24.50 52.62
CA LYS A 1024 1.39 23.54 51.50
C LYS A 1024 2.76 22.90 51.35
N ASN A 1025 3.81 23.72 51.44
CA ASN A 1025 5.16 23.18 51.38
C ASN A 1025 5.45 22.24 52.54
N LEU A 1026 4.88 22.53 53.71
CA LEU A 1026 5.06 21.63 54.84
C LEU A 1026 4.41 20.28 54.58
N HIS A 1027 3.19 20.29 54.02
CA HIS A 1027 2.56 19.05 53.59
C HIS A 1027 3.49 18.28 52.67
N LEU A 1028 4.04 18.96 51.67
CA LEU A 1028 4.87 18.27 50.69
C LEU A 1028 6.14 17.72 51.32
N GLU A 1029 6.77 18.47 52.21
CA GLU A 1029 8.01 18.00 52.82
C GLU A 1029 7.76 16.78 53.71
N LEU A 1030 6.70 16.83 54.52
CA LEU A 1030 6.36 15.67 55.34
C LEU A 1030 6.05 14.46 54.47
N THR A 1031 5.24 14.66 53.43
CA THR A 1031 4.88 13.56 52.55
C THR A 1031 6.10 12.98 51.86
N GLU A 1032 7.00 13.85 51.38
CA GLU A 1032 8.15 13.41 50.63
C GLU A 1032 9.10 12.61 51.51
N THR A 1033 9.30 13.03 52.76
CA THR A 1033 10.16 12.28 53.65
C THR A 1033 9.53 10.95 54.05
N CYS A 1034 8.22 10.91 54.25
CA CYS A 1034 7.56 9.64 54.57
C CYS A 1034 7.64 8.67 53.39
N LEU A 1035 7.43 9.17 52.18
CA LEU A 1035 7.56 8.31 51.01
C LEU A 1035 8.99 7.83 50.83
N ASP A 1036 9.96 8.70 51.10
CA ASP A 1036 11.36 8.29 50.98
C ASP A 1036 11.70 7.21 51.99
N MET A 1037 11.17 7.34 53.21
CA MET A 1037 11.36 6.28 54.20
C MET A 1037 10.72 4.98 53.73
N MET A 1038 9.50 5.06 53.21
CA MET A 1038 8.84 3.84 52.72
C MET A 1038 9.64 3.22 51.60
N ALA A 1039 10.14 4.03 50.66
CA ALA A 1039 10.97 3.53 49.59
C ALA A 1039 12.28 2.97 50.12
N ARG A 1040 12.67 3.34 51.33
CA ARG A 1040 13.94 2.91 51.89
C ARG A 1040 13.82 1.66 52.74
N TYR A 1041 12.70 1.46 53.43
CA TYR A 1041 12.57 0.41 54.42
C TYR A 1041 11.55 -0.65 54.05
N VAL A 1042 10.87 -0.53 52.92
CA VAL A 1042 9.79 -1.46 52.57
C VAL A 1042 10.35 -2.87 52.41
N PHE A 1043 11.51 -3.02 51.78
CA PHE A 1043 12.08 -4.33 51.51
C PHE A 1043 13.40 -4.55 52.21
N SER A 1044 13.80 -3.65 53.11
CA SER A 1044 15.11 -3.77 53.74
C SER A 1044 15.03 -3.22 55.15
N ASN A 1045 16.02 -3.59 55.94
CA ASN A 1045 16.30 -2.98 57.23
C ASN A 1045 17.78 -2.66 57.33
N PHE A 1046 18.27 -1.94 56.32
CA PHE A 1046 19.66 -1.51 56.27
C PHE A 1046 19.81 -0.11 56.84
N THR A 1047 20.89 0.10 57.60
CA THR A 1047 21.12 1.38 58.27
C THR A 1047 21.14 2.51 57.25
N ALA A 1048 20.95 3.72 57.75
CA ALA A 1048 20.89 4.90 56.91
C ALA A 1048 22.27 5.45 56.54
N VAL A 1049 23.36 4.86 57.03
CA VAL A 1049 24.70 5.35 56.75
C VAL A 1049 25.57 4.23 56.18
N PRO A 1050 26.11 4.39 54.97
CA PRO A 1050 27.03 3.39 54.43
C PRO A 1050 28.36 3.32 55.14
N LYS A 1051 28.92 2.12 55.18
CA LYS A 1051 30.23 1.84 55.74
C LYS A 1051 31.12 1.41 54.59
N ARG A 1052 31.78 2.38 53.96
CA ARG A 1052 32.66 2.07 52.84
C ARG A 1052 33.78 1.17 53.28
N SER A 1053 33.99 0.08 52.55
CA SER A 1053 34.93 -0.94 52.94
C SER A 1053 36.36 -0.39 52.89
N PRO A 1054 37.27 -0.95 53.68
CA PRO A 1054 38.68 -0.56 53.54
C PRO A 1054 39.19 -0.68 52.11
N VAL A 1055 38.85 -1.77 51.43
CA VAL A 1055 39.28 -1.92 50.05
C VAL A 1055 38.53 -0.96 49.14
N GLY A 1056 37.28 -0.62 49.49
CA GLY A 1056 36.56 0.38 48.72
C GLY A 1056 37.21 1.74 48.81
N GLU A 1057 37.58 2.15 50.04
CA GLU A 1057 38.33 3.39 50.21
C GLU A 1057 39.64 3.36 49.44
N PHE A 1058 40.36 2.24 49.52
CA PHE A 1058 41.63 2.12 48.80
C PHE A 1058 41.43 2.31 47.31
N LEU A 1059 40.45 1.60 46.73
CA LEU A 1059 40.27 1.61 45.28
C LEU A 1059 39.64 2.89 44.79
N LEU A 1060 38.86 3.57 45.63
CA LEU A 1060 38.16 4.77 45.22
C LEU A 1060 38.74 6.03 45.85
N ALA A 1061 39.91 5.95 46.49
CA ALA A 1061 40.58 7.15 46.96
C ALA A 1061 41.03 7.98 45.77
N GLY A 1062 40.80 9.28 45.84
CA GLY A 1062 41.15 10.14 44.73
C GLY A 1062 40.46 9.78 43.44
N GLY A 1063 39.31 9.14 43.52
CA GLY A 1063 38.61 8.72 42.33
C GLY A 1063 37.88 9.85 41.65
N ARG A 1064 37.41 9.55 40.44
CA ARG A 1064 36.72 10.51 39.60
C ARG A 1064 35.26 10.56 40.03
N THR A 1065 34.83 11.67 40.62
CA THR A 1065 33.51 11.75 41.22
C THR A 1065 32.68 12.87 40.63
N LYS A 1066 31.37 12.63 40.52
CA LYS A 1066 30.40 13.61 40.08
C LYS A 1066 29.08 13.35 40.80
N THR A 1067 28.32 14.41 41.06
CA THR A 1067 27.08 14.32 41.82
C THR A 1067 25.94 14.96 41.07
N TRP A 1068 24.81 14.27 41.01
CA TRP A 1068 23.61 14.76 40.32
C TRP A 1068 22.45 14.90 41.29
N LEU A 1069 21.73 16.00 41.16
CA LEU A 1069 20.39 16.08 41.71
C LEU A 1069 19.43 15.39 40.74
N VAL A 1070 18.74 14.37 41.22
CA VAL A 1070 17.77 13.66 40.40
C VAL A 1070 16.45 13.69 41.15
N GLY A 1071 15.65 14.73 40.89
CA GLY A 1071 14.65 15.02 41.89
C GLY A 1071 15.35 15.46 43.16
N ASN A 1072 14.74 15.14 44.30
CA ASN A 1072 15.33 15.49 45.59
C ASN A 1072 16.19 14.36 46.13
N LYS A 1073 17.14 13.93 45.30
CA LYS A 1073 18.18 12.98 45.68
C LYS A 1073 19.51 13.46 45.11
N LEU A 1074 20.58 13.23 45.83
CA LEU A 1074 21.91 13.47 45.28
C LEU A 1074 22.52 12.12 44.91
N VAL A 1075 22.38 11.75 43.64
CA VAL A 1075 23.08 10.58 43.11
C VAL A 1075 24.53 10.95 42.88
N THR A 1076 25.44 10.39 43.67
CA THR A 1076 26.86 10.55 43.46
C THR A 1076 27.44 9.28 42.90
N VAL A 1077 28.20 9.38 41.82
CA VAL A 1077 28.97 8.27 41.30
C VAL A 1077 30.45 8.62 41.42
N THR A 1078 31.23 7.69 41.92
CA THR A 1078 32.68 7.79 41.96
C THR A 1078 33.24 6.57 41.25
N THR A 1079 34.31 6.78 40.48
CA THR A 1079 34.96 5.68 39.78
C THR A 1079 36.42 5.61 40.20
N SER A 1080 37.05 4.47 39.95
CA SER A 1080 38.40 4.25 40.42
C SER A 1080 39.41 4.87 39.47
N VAL A 1081 40.48 5.42 40.03
CA VAL A 1081 41.60 5.88 39.25
C VAL A 1081 42.79 4.91 39.34
N GLY A 1082 42.56 3.70 39.83
CA GLY A 1082 43.62 2.72 39.96
C GLY A 1082 44.24 2.68 41.34
N THR A 1083 44.82 3.80 41.77
CA THR A 1083 45.33 3.97 43.13
C THR A 1083 46.35 2.89 43.49
N GLY A 1084 47.17 2.50 42.51
CA GLY A 1084 48.19 1.49 42.77
C GLY A 1084 47.65 0.14 43.19
N THR A 1085 46.64 -0.34 42.45
CA THR A 1085 46.01 -1.63 42.75
C THR A 1085 47.01 -2.78 42.67
N ARG A 1086 48.10 -2.61 41.94
CA ARG A 1086 49.12 -3.65 41.84
C ARG A 1086 49.61 -4.08 43.22
N SER A 1087 49.64 -3.16 44.18
CA SER A 1087 50.08 -3.48 45.53
C SER A 1087 49.00 -4.20 46.33
N LEU A 1088 47.72 -3.92 46.05
CA LEU A 1088 46.64 -4.63 46.71
C LEU A 1088 46.57 -6.08 46.24
N LEU A 1089 46.64 -6.30 44.93
CA LEU A 1089 46.58 -7.64 44.37
C LEU A 1089 47.92 -8.37 44.42
N GLY A 1090 49.00 -7.67 44.79
CA GLY A 1090 50.31 -8.30 44.87
C GLY A 1090 50.83 -8.83 43.55
N LEU A 1091 50.47 -8.18 42.44
CA LEU A 1091 50.86 -8.66 41.13
C LEU A 1091 52.27 -8.20 40.77
N ASN A 1190 53.20 -6.13 29.13
CA ASN A 1190 51.80 -6.06 29.51
C ASN A 1190 51.63 -5.63 30.97
N LEU A 1191 52.77 -5.47 31.65
CA LEU A 1191 52.74 -5.20 33.09
C LEU A 1191 52.00 -3.90 33.40
N ALA A 1192 52.15 -2.89 32.54
CA ALA A 1192 51.53 -1.59 32.78
C ALA A 1192 50.09 -1.52 32.29
N ALA A 1193 49.55 -2.60 31.73
CA ALA A 1193 48.26 -2.57 31.06
C ALA A 1193 47.14 -3.25 31.83
N TYR A 1194 47.36 -4.45 32.36
CA TYR A 1194 46.23 -5.24 32.84
C TYR A 1194 45.62 -4.67 34.13
N VAL A 1195 46.42 -4.07 35.01
CA VAL A 1195 45.85 -3.47 36.22
C VAL A 1195 44.93 -2.30 35.88
N PRO A 1196 45.34 -1.32 35.06
CA PRO A 1196 44.38 -0.26 34.69
C PRO A 1196 43.16 -0.79 33.96
N LEU A 1197 43.33 -1.82 33.14
CA LEU A 1197 42.18 -2.45 32.49
C LEU A 1197 41.23 -3.05 33.52
N LEU A 1198 41.80 -3.66 34.57
CA LEU A 1198 40.99 -4.34 35.58
C LEU A 1198 40.22 -3.35 36.45
N THR A 1199 40.83 -2.20 36.76
CA THR A 1199 40.22 -1.32 37.75
C THR A 1199 39.11 -0.45 37.19
N GLN A 1200 39.18 -0.06 35.91
CA GLN A 1200 38.39 1.10 35.50
C GLN A 1200 36.90 0.81 35.37
N GLY A 1201 36.45 -0.41 35.64
CA GLY A 1201 35.04 -0.66 35.81
C GLY A 1201 34.52 -0.57 37.22
N TRP A 1202 35.40 -0.36 38.19
CA TRP A 1202 34.98 -0.27 39.58
C TRP A 1202 34.47 1.12 39.90
N ALA A 1203 33.37 1.17 40.66
CA ALA A 1203 32.66 2.41 40.92
C ALA A 1203 31.88 2.29 42.22
N GLU A 1204 31.43 3.44 42.72
CA GLU A 1204 30.48 3.51 43.82
C GLU A 1204 29.37 4.46 43.42
N ILE A 1205 28.13 4.04 43.58
CA ILE A 1205 27.00 4.93 43.45
C ILE A 1205 26.43 5.13 44.83
N LEU A 1206 26.38 6.38 45.27
CA LEU A 1206 25.92 6.75 46.60
C LEU A 1206 24.77 7.71 46.43
N VAL A 1207 23.57 7.30 46.84
CA VAL A 1207 22.37 8.12 46.71
C VAL A 1207 22.09 8.73 48.07
N ARG A 1208 22.38 10.02 48.22
CA ARG A 1208 21.95 10.76 49.39
C ARG A 1208 20.49 11.17 49.19
N ARG A 1209 19.67 10.90 50.20
CA ARG A 1209 18.23 11.08 50.14
C ARG A 1209 17.79 11.73 51.43
N PRO A 1210 16.55 12.22 51.51
CA PRO A 1210 16.08 12.79 52.78
C PRO A 1210 16.21 11.85 53.96
N THR A 1211 16.09 10.54 53.75
CA THR A 1211 16.10 9.59 54.87
C THR A 1211 17.45 8.90 55.07
N GLY A 1212 18.43 9.16 54.24
CA GLY A 1212 19.75 8.58 54.45
C GLY A 1212 20.50 8.42 53.16
N ASN A 1213 21.62 7.71 53.25
CA ASN A 1213 22.50 7.42 52.13
C ASN A 1213 22.49 5.91 51.89
N THR A 1214 22.33 5.49 50.63
CA THR A 1214 22.61 4.12 50.22
C THR A 1214 23.72 4.11 49.20
N SER A 1215 24.60 3.12 49.27
CA SER A 1215 25.64 3.02 48.28
C SER A 1215 25.99 1.57 48.04
N TRP A 1216 26.40 1.29 46.81
CA TRP A 1216 26.93 0.00 46.42
C TRP A 1216 28.26 0.24 45.72
N LEU A 1217 29.29 -0.46 46.17
CA LEU A 1217 30.43 -0.66 45.29
C LEU A 1217 29.94 -1.41 44.06
N MET A 1218 30.41 -0.99 42.89
CA MET A 1218 29.97 -1.52 41.62
C MET A 1218 31.17 -2.00 40.82
N SER A 1219 30.93 -2.94 39.92
CA SER A 1219 31.96 -3.42 39.01
C SER A 1219 31.30 -3.85 37.71
N LEU A 1220 31.62 -3.18 36.61
CA LEU A 1220 31.02 -3.46 35.32
C LEU A 1220 31.30 -4.88 34.85
N GLU A 1221 30.26 -5.52 34.32
CA GLU A 1221 30.46 -6.76 33.58
C GLU A 1221 30.85 -6.52 32.13
N ASN A 1222 30.70 -5.31 31.63
CA ASN A 1222 31.10 -4.99 30.27
C ASN A 1222 32.61 -4.91 30.16
N PRO A 1223 33.26 -5.75 29.37
CA PRO A 1223 34.70 -5.60 29.16
C PRO A 1223 35.00 -4.41 28.27
N LEU A 1224 36.26 -4.00 28.27
CA LEU A 1224 36.71 -2.95 27.36
C LEU A 1224 36.69 -3.46 25.93
N SER A 1225 36.25 -2.61 25.01
CA SER A 1225 36.05 -3.05 23.64
C SER A 1225 37.37 -3.15 22.91
N PRO A 1226 37.73 -4.34 22.40
CA PRO A 1226 38.98 -4.46 21.63
C PRO A 1226 39.01 -3.60 20.39
N PHE A 1227 37.85 -3.17 19.91
CA PHE A 1227 37.73 -2.43 18.68
C PHE A 1227 37.80 -0.92 18.87
N SER A 1228 37.67 -0.45 20.11
CA SER A 1228 37.54 0.97 20.37
C SER A 1228 38.31 1.47 21.58
N SER A 1229 39.03 0.62 22.31
CA SER A 1229 39.94 1.07 23.35
C SER A 1229 41.19 1.68 22.72
N ASP A 1230 42.16 2.03 23.56
CA ASP A 1230 43.43 2.54 23.06
C ASP A 1230 44.12 1.49 22.19
N ILE A 1231 44.68 1.94 21.06
CA ILE A 1231 45.11 1.03 20.00
C ILE A 1231 46.56 0.62 20.20
N ASN A 1232 47.17 0.99 21.33
CA ASN A 1232 48.56 0.65 21.55
C ASN A 1232 48.74 -0.85 21.79
N ASN A 1233 47.91 -1.44 22.64
CA ASN A 1233 48.00 -2.86 22.96
C ASN A 1233 46.73 -3.35 23.65
N MET A 1234 46.20 -4.48 23.19
CA MET A 1234 44.96 -5.05 23.75
C MET A 1234 45.18 -6.52 24.07
N PRO A 1235 45.81 -6.83 25.19
CA PRO A 1235 45.94 -8.23 25.60
C PRO A 1235 44.68 -8.73 26.29
N LEU A 1236 44.48 -10.05 26.20
CA LEU A 1236 43.32 -10.73 26.79
C LEU A 1236 43.55 -11.14 28.25
N GLN A 1237 44.57 -10.59 28.90
CA GLN A 1237 44.84 -10.92 30.29
C GLN A 1237 43.72 -10.47 31.22
N GLU A 1238 42.91 -9.49 30.79
CA GLU A 1238 41.73 -9.14 31.55
C GLU A 1238 40.81 -10.35 31.75
N LEU A 1239 40.51 -11.03 30.65
CA LEU A 1239 39.72 -12.26 30.75
C LEU A 1239 40.49 -13.34 31.49
N SER A 1240 41.83 -13.33 31.40
CA SER A 1240 42.60 -14.29 32.16
C SER A 1240 42.46 -14.09 33.67
N ASN A 1241 42.12 -12.88 34.12
CA ASN A 1241 41.94 -12.56 35.53
C ASN A 1241 40.48 -12.24 35.90
N ALA A 1242 39.55 -12.65 35.05
CA ALA A 1242 38.11 -12.45 35.28
C ALA A 1242 37.64 -12.73 36.72
N LEU A 1243 38.21 -13.71 37.43
CA LEU A 1243 37.74 -13.97 38.79
C LEU A 1243 38.12 -12.84 39.74
N MET A 1244 39.28 -12.23 39.51
CA MET A 1244 39.76 -11.08 40.25
C MET A 1244 39.13 -9.78 39.77
N ALA A 1245 38.44 -9.80 38.63
CA ALA A 1245 37.83 -8.60 38.08
C ALA A 1245 36.79 -7.95 39.00
N ALA A 1246 36.44 -8.57 40.12
CA ALA A 1246 35.59 -7.94 41.13
C ALA A 1246 36.16 -8.19 42.52
N GLU A 1247 37.49 -8.13 42.65
CA GLU A 1247 38.23 -8.43 43.86
C GLU A 1247 37.98 -7.43 44.99
N ARG A 1248 37.04 -6.51 44.82
CA ARG A 1248 36.58 -5.73 45.97
C ARG A 1248 35.68 -6.60 46.83
N PHE A 1249 36.10 -6.87 48.06
CA PHE A 1249 35.34 -7.71 48.98
C PHE A 1249 35.20 -6.97 50.30
N LYS A 1250 34.28 -7.44 51.14
CA LYS A 1250 33.81 -6.64 52.28
C LYS A 1250 34.93 -6.34 53.26
N GLU A 1251 35.86 -7.28 53.46
CA GLU A 1251 36.97 -7.13 54.39
C GLU A 1251 38.27 -7.50 53.69
N HIS A 1252 39.36 -6.78 54.00
CA HIS A 1252 40.65 -7.01 53.37
C HIS A 1252 41.77 -6.39 54.20
N ARG A 1253 43.00 -6.83 53.91
CA ARG A 1253 44.20 -6.06 54.25
C ARG A 1253 44.76 -5.47 52.96
N ASP A 1254 44.92 -4.14 52.94
CA ASP A 1254 45.28 -3.42 51.72
C ASP A 1254 46.75 -3.02 51.65
N THR A 1255 47.48 -3.03 52.77
CA THR A 1255 48.91 -2.68 52.73
C THR A 1255 49.65 -3.38 53.86
N ALA A 1256 50.97 -3.48 53.70
CA ALA A 1256 51.83 -4.19 54.65
C ALA A 1256 51.97 -3.44 55.98
N GLU A 1475 43.05 16.23 30.13
CA GLU A 1475 42.27 15.36 29.24
C GLU A 1475 42.77 13.92 29.33
N LYS A 1476 44.00 13.74 29.81
CA LYS A 1476 44.62 12.42 29.93
C LYS A 1476 44.37 11.77 31.28
N VAL A 1477 43.59 12.40 32.15
CA VAL A 1477 43.40 11.93 33.52
C VAL A 1477 42.76 10.54 33.51
N PRO A 1478 43.28 9.58 34.27
CA PRO A 1478 42.74 8.22 34.22
C PRO A 1478 41.41 8.10 34.96
N GLY A 1479 40.73 6.98 34.72
CA GLY A 1479 39.49 6.67 35.39
C GLY A 1479 38.25 7.04 34.59
N ILE A 1480 37.32 6.09 34.44
CA ILE A 1480 36.14 6.31 33.62
C ILE A 1480 35.27 7.40 34.23
N ASN A 1481 34.64 8.18 33.37
CA ASN A 1481 33.80 9.26 33.85
C ASN A 1481 32.63 8.69 34.63
N PRO A 1482 32.34 9.19 35.84
CA PRO A 1482 31.15 8.74 36.56
C PRO A 1482 29.87 8.95 35.79
N SER A 1483 29.89 9.83 34.79
CA SER A 1483 28.72 9.99 33.94
C SER A 1483 28.45 8.78 33.07
N PHE A 1484 29.39 7.84 32.91
CA PHE A 1484 29.01 6.59 32.26
C PHE A 1484 28.00 5.84 33.10
N VAL A 1485 28.31 5.62 34.39
CA VAL A 1485 27.36 4.96 35.26
C VAL A 1485 26.08 5.76 35.34
N PHE A 1486 26.20 7.09 35.45
CA PHE A 1486 24.99 7.87 35.55
C PHE A 1486 24.13 7.77 34.30
N LEU A 1487 24.71 7.99 33.12
CA LEU A 1487 23.91 7.97 31.90
C LEU A 1487 23.35 6.59 31.64
N GLN A 1488 24.13 5.54 31.88
CA GLN A 1488 23.61 4.19 31.68
C GLN A 1488 22.45 3.89 32.60
N LEU A 1489 22.51 4.36 33.85
CA LEU A 1489 21.40 4.11 34.77
C LEU A 1489 20.21 5.02 34.48
N TYR A 1490 20.44 6.31 34.32
CA TYR A 1490 19.39 7.31 34.41
C TYR A 1490 19.01 7.98 33.09
N HIS A 1491 19.82 7.92 32.05
CA HIS A 1491 19.51 8.67 30.83
C HIS A 1491 18.29 8.12 30.10
N SER A 1492 17.39 9.01 29.68
CA SER A 1492 16.35 8.71 28.71
C SER A 1492 15.83 10.01 28.14
N PRO A 1493 15.38 10.01 26.87
CA PRO A 1493 14.73 11.20 26.32
C PRO A 1493 13.41 11.50 27.00
N PHE A 1494 12.90 12.71 26.72
CA PHE A 1494 11.56 13.15 27.12
C PHE A 1494 11.38 13.16 28.65
N PHE A 1495 12.29 13.84 29.33
CA PHE A 1495 12.25 14.02 30.78
C PHE A 1495 11.12 14.97 31.20
N GLY A 1496 10.76 14.90 32.49
CA GLY A 1496 9.98 15.94 33.11
C GLY A 1496 10.82 17.20 33.25
N ASP A 1497 10.50 18.23 32.47
CA ASP A 1497 11.47 19.23 32.05
C ASP A 1497 12.25 19.83 33.22
N GLU A 1498 11.58 20.06 34.34
CA GLU A 1498 12.26 20.64 35.50
C GLU A 1498 12.03 19.85 36.79
N SER A 1499 10.98 19.03 36.86
CA SER A 1499 10.73 18.22 38.04
C SER A 1499 11.66 17.02 38.11
N ASN A 1500 12.04 16.45 36.97
CA ASN A 1500 12.79 15.20 36.93
C ASN A 1500 14.15 15.29 36.26
N LYS A 1501 14.38 16.29 35.41
CA LYS A 1501 15.61 16.42 34.64
C LYS A 1501 16.82 16.48 35.57
N PRO A 1502 17.81 15.59 35.42
CA PRO A 1502 18.96 15.60 36.32
C PRO A 1502 19.75 16.90 36.22
N ILE A 1503 20.28 17.32 37.36
CA ILE A 1503 21.08 18.53 37.47
C ILE A 1503 22.42 18.14 38.04
N LEU A 1504 23.48 18.34 37.27
CA LEU A 1504 24.83 18.07 37.75
C LEU A 1504 25.25 19.18 38.69
N LEU A 1505 25.64 18.83 39.90
CA LEU A 1505 26.20 19.82 40.80
C LEU A 1505 27.51 20.32 40.22
N PRO A 1506 27.70 21.64 40.11
CA PRO A 1506 28.96 22.16 39.56
C PRO A 1506 30.16 21.58 40.30
N ASN A 1507 30.91 20.73 39.62
CA ASN A 1507 32.00 20.02 40.27
C ASN A 1507 33.17 20.95 40.56
N GLU A 1508 33.28 22.04 39.81
CA GLU A 1508 34.44 22.93 39.92
C GLU A 1508 34.33 23.85 41.13
N SER A 1509 33.14 24.34 41.45
CA SER A 1509 32.98 25.34 42.51
C SER A 1509 32.85 24.65 43.85
N GLN A 1510 33.82 24.91 44.75
CA GLN A 1510 33.88 24.23 46.03
C GLN A 1510 32.70 24.56 46.94
N SER A 1511 31.97 25.64 46.64
CA SER A 1511 30.86 26.03 47.49
C SER A 1511 29.68 25.08 47.38
N PHE A 1512 29.70 24.15 46.43
CA PHE A 1512 28.67 23.12 46.33
C PHE A 1512 29.11 21.79 46.94
N GLU A 1513 30.39 21.44 46.80
CA GLU A 1513 30.90 20.31 47.57
C GLU A 1513 30.78 20.58 49.05
N ARG A 1514 30.95 21.84 49.46
CA ARG A 1514 30.67 22.22 50.84
C ARG A 1514 29.22 21.97 51.21
N SER A 1515 28.29 22.28 50.28
CA SER A 1515 26.88 22.05 50.55
C SER A 1515 26.58 20.57 50.75
N VAL A 1516 27.14 19.71 49.89
CA VAL A 1516 26.92 18.28 50.05
C VAL A 1516 27.55 17.77 51.34
N GLN A 1517 28.71 18.32 51.72
CA GLN A 1517 29.30 17.95 53.00
C GLN A 1517 28.40 18.35 54.16
N LEU A 1518 27.71 19.49 54.03
CA LEU A 1518 26.71 19.87 55.02
C LEU A 1518 25.57 18.86 55.07
N LEU A 1519 25.16 18.36 53.91
CA LEU A 1519 24.10 17.35 53.90
C LEU A 1519 24.55 16.08 54.62
N ASP A 1520 25.79 15.68 54.42
CA ASP A 1520 26.32 14.53 55.15
C ASP A 1520 26.47 14.81 56.64
N GLN A 1521 26.61 16.07 57.03
CA GLN A 1521 26.63 16.41 58.44
C GLN A 1521 25.23 16.56 59.04
N ILE A 1522 24.21 16.73 58.22
CA ILE A 1522 22.83 16.62 58.71
C ILE A 1522 22.54 15.14 58.85
N PRO A 1523 22.27 14.65 60.06
CA PRO A 1523 22.12 13.20 60.24
C PRO A 1523 20.85 12.70 59.59
N SER A 1524 20.84 11.40 59.33
CA SER A 1524 19.71 10.71 58.72
C SER A 1524 18.72 10.20 59.77
N TYR A 1525 18.76 10.78 60.96
CA TYR A 1525 18.01 10.33 62.12
C TYR A 1525 17.85 11.52 63.04
N ASP A 1526 16.70 11.65 63.66
CA ASP A 1526 16.50 12.74 64.61
C ASP A 1526 17.49 12.60 65.76
N THR A 1527 18.09 13.72 66.16
CA THR A 1527 19.06 13.74 67.24
C THR A 1527 18.48 14.47 68.43
N HIS A 1528 18.47 13.80 69.58
CA HIS A 1528 17.94 14.36 70.81
C HIS A 1528 19.03 14.34 71.87
N LYS A 1529 19.18 15.44 72.60
CA LYS A 1529 20.10 15.48 73.73
C LYS A 1529 19.29 15.77 74.98
N ILE A 1530 19.34 14.85 75.94
CA ILE A 1530 18.50 14.84 77.13
C ILE A 1530 19.40 14.98 78.35
N ALA A 1531 19.16 15.99 79.16
CA ALA A 1531 19.89 16.14 80.41
C ALA A 1531 19.31 15.22 81.46
N VAL A 1532 20.17 14.77 82.38
CA VAL A 1532 19.74 13.93 83.50
C VAL A 1532 20.42 14.46 84.75
N LEU A 1533 19.63 14.94 85.70
CA LEU A 1533 20.14 15.59 86.90
C LEU A 1533 19.72 14.80 88.13
N TYR A 1534 20.56 14.86 89.15
CA TYR A 1534 20.26 14.25 90.44
C TYR A 1534 20.09 15.34 91.48
N VAL A 1535 19.00 15.29 92.23
CA VAL A 1535 18.72 16.27 93.27
C VAL A 1535 18.72 15.54 94.60
N GLY A 1536 19.71 15.81 95.43
CA GLY A 1536 19.80 15.21 96.75
C GLY A 1536 18.99 15.98 97.78
N GLU A 1537 19.06 15.51 99.01
CA GLU A 1537 18.34 16.16 100.10
C GLU A 1537 18.82 17.60 100.25
N GLY A 1538 17.86 18.52 100.30
CA GLY A 1538 18.18 19.92 100.47
C GLY A 1538 18.63 20.63 99.21
N GLN A 1539 18.76 19.92 98.09
CA GLN A 1539 19.18 20.50 96.84
C GLN A 1539 18.01 20.98 95.99
N SER A 1540 16.79 20.94 96.53
CA SER A 1540 15.60 21.22 95.74
C SER A 1540 15.61 22.62 95.13
N ASN A 1541 16.38 23.55 95.71
CA ASN A 1541 16.48 24.90 95.17
C ASN A 1541 17.89 25.33 94.83
N SER A 1542 18.88 24.44 94.98
CA SER A 1542 20.27 24.80 94.76
C SER A 1542 20.70 24.32 93.38
N GLU A 1543 20.82 25.26 92.44
CA GLU A 1543 21.35 24.93 91.12
C GLU A 1543 22.78 24.39 91.22
N LEU A 1544 23.58 25.02 92.09
CA LEU A 1544 24.98 24.61 92.24
C LEU A 1544 25.09 23.20 92.81
N ALA A 1545 24.31 22.89 93.84
CA ALA A 1545 24.42 21.57 94.45
C ALA A 1545 24.01 20.48 93.47
N ILE A 1546 22.95 20.73 92.69
CA ILE A 1546 22.50 19.75 91.71
C ILE A 1546 23.61 19.45 90.72
N LEU A 1547 24.26 20.49 90.19
CA LEU A 1547 25.32 20.22 89.22
C LEU A 1547 26.58 19.69 89.88
N SER A 1548 26.73 19.88 91.18
CA SER A 1548 27.95 19.47 91.87
C SER A 1548 27.95 18.01 92.28
N ASN A 1549 26.85 17.29 92.07
CA ASN A 1549 26.77 15.90 92.48
C ASN A 1549 27.68 15.04 91.63
N GLU A 1550 28.39 14.11 92.27
CA GLU A 1550 29.24 13.17 91.57
C GLU A 1550 28.73 11.74 91.62
N HIS A 1551 27.88 11.41 92.58
CA HIS A 1551 27.26 10.10 92.70
C HIS A 1551 25.89 10.28 93.32
N GLY A 1552 24.90 9.55 92.78
CA GLY A 1552 23.55 9.62 93.26
C GLY A 1552 23.18 8.42 94.12
N SER A 1553 21.91 8.38 94.51
CA SER A 1553 21.39 7.23 95.23
C SER A 1553 21.53 5.98 94.37
N TYR A 1554 21.45 4.83 95.03
CA TYR A 1554 21.56 3.58 94.27
C TYR A 1554 20.41 3.44 93.29
N ARG A 1555 19.21 3.80 93.70
CA ARG A 1555 18.07 3.75 92.77
C ARG A 1555 18.31 4.65 91.57
N TYR A 1556 18.94 5.80 91.80
CA TYR A 1556 19.28 6.69 90.70
C TYR A 1556 20.26 6.03 89.74
N THR A 1557 21.25 5.32 90.28
CA THR A 1557 22.22 4.66 89.42
C THR A 1557 21.58 3.54 88.61
N GLU A 1558 20.67 2.79 89.22
CA GLU A 1558 19.97 1.77 88.46
C GLU A 1558 19.07 2.38 87.40
N PHE A 1559 18.50 3.56 87.68
CA PHE A 1559 17.75 4.28 86.66
C PHE A 1559 18.67 4.71 85.52
N LEU A 1560 19.91 5.08 85.84
CA LEU A 1560 20.87 5.38 84.78
C LEU A 1560 21.15 4.16 83.91
N THR A 1561 21.39 3.00 84.54
CA THR A 1561 21.80 1.84 83.78
C THR A 1561 20.74 1.40 82.77
N GLY A 1562 19.49 1.84 82.93
CA GLY A 1562 18.45 1.48 82.00
C GLY A 1562 18.20 2.46 80.88
N LEU A 1563 18.83 3.63 80.91
CA LEU A 1563 18.54 4.66 79.92
C LEU A 1563 18.92 4.25 78.51
N GLY A 1564 19.82 3.30 78.35
CA GLY A 1564 20.30 2.91 77.04
C GLY A 1564 21.60 2.13 77.21
N ARG A 1565 22.40 2.14 76.15
CA ARG A 1565 23.71 1.52 76.26
C ARG A 1565 24.69 2.54 76.83
N LEU A 1566 25.56 2.06 77.71
CA LEU A 1566 26.69 2.86 78.15
C LEU A 1566 27.67 2.99 76.99
N ILE A 1567 28.01 4.22 76.63
CA ILE A 1567 29.05 4.48 75.65
C ILE A 1567 30.24 5.10 76.36
N GLU A 1568 31.40 4.48 76.23
CA GLU A 1568 32.65 5.09 76.66
C GLU A 1568 33.00 6.16 75.65
N LEU A 1569 32.90 7.43 76.05
CA LEU A 1569 33.00 8.53 75.10
C LEU A 1569 34.30 8.50 74.33
N LYS A 1570 35.39 8.07 74.99
CA LYS A 1570 36.70 8.06 74.36
C LYS A 1570 36.70 7.30 73.05
N ASP A 1571 35.88 6.24 72.96
CA ASP A 1571 35.91 5.33 71.83
C ASP A 1571 34.74 5.55 70.86
N CYS A 1572 34.06 6.69 70.96
CA CYS A 1572 32.87 6.96 70.16
C CYS A 1572 33.17 8.02 69.10
N GLN A 1573 32.80 7.73 67.85
CA GLN A 1573 32.93 8.69 66.78
C GLN A 1573 31.77 9.68 66.85
N PRO A 1574 32.03 10.98 66.93
CA PRO A 1574 30.92 11.93 67.07
C PRO A 1574 29.94 11.91 65.91
N ASP A 1575 30.43 11.69 64.69
CA ASP A 1575 29.54 11.70 63.54
C ASP A 1575 28.58 10.52 63.55
N LYS A 1576 29.04 9.35 64.00
CA LYS A 1576 28.22 8.14 63.95
C LYS A 1576 27.39 7.92 65.20
N VAL A 1577 27.97 8.15 66.39
CA VAL A 1577 27.26 8.02 67.65
C VAL A 1577 27.01 9.42 68.18
N TYR A 1578 25.75 9.80 68.31
CA TYR A 1578 25.42 11.17 68.67
C TYR A 1578 25.81 11.43 70.12
N LEU A 1579 26.82 12.27 70.32
CA LEU A 1579 27.23 12.66 71.67
C LEU A 1579 26.59 13.95 72.13
N GLY A 1580 25.86 14.66 71.27
CA GLY A 1580 25.17 15.87 71.65
C GLY A 1580 26.03 17.05 72.01
N GLY A 1581 27.35 16.86 72.10
CA GLY A 1581 28.23 17.95 72.46
C GLY A 1581 29.28 17.54 73.46
N LEU A 1582 29.15 16.33 74.02
CA LEU A 1582 30.11 15.86 74.98
C LEU A 1582 31.47 15.68 74.33
N ASP A 1583 32.52 16.02 75.07
CA ASP A 1583 33.88 15.89 74.57
C ASP A 1583 34.23 14.41 74.42
N VAL A 1584 34.80 14.07 73.27
CA VAL A 1584 35.29 12.71 73.08
C VAL A 1584 36.46 12.43 74.00
N CYS A 1585 37.29 13.44 74.25
CA CYS A 1585 38.55 13.27 74.95
C CYS A 1585 38.41 13.22 76.47
N GLY A 1586 37.18 13.21 76.99
CA GLY A 1586 36.97 12.94 78.40
C GLY A 1586 36.83 14.15 79.30
N GLU A 1587 36.66 15.35 78.75
CA GLU A 1587 36.35 16.48 79.62
C GLU A 1587 35.04 16.28 80.37
N ASP A 1588 34.15 15.46 79.81
CA ASP A 1588 32.83 15.25 80.38
C ASP A 1588 32.62 13.81 80.84
N GLY A 1589 33.69 13.10 81.16
CA GLY A 1589 33.59 11.81 81.79
C GLY A 1589 33.93 10.67 80.85
N GLN A 1590 34.31 9.54 81.45
CA GLN A 1590 34.64 8.35 80.67
C GLN A 1590 33.41 7.82 79.93
N PHE A 1591 32.25 7.90 80.57
CA PHE A 1591 31.05 7.21 80.11
C PHE A 1591 29.87 8.17 80.01
N THR A 1592 28.91 7.80 79.18
CA THR A 1592 27.58 8.38 79.20
C THR A 1592 26.62 7.35 78.59
N TYR A 1593 25.33 7.58 78.78
CA TYR A 1593 24.32 6.68 78.21
C TYR A 1593 23.70 7.28 76.97
N CYS A 1594 23.44 6.43 75.99
CA CYS A 1594 22.81 6.84 74.75
C CYS A 1594 21.78 5.80 74.36
N TRP A 1595 20.84 6.23 73.52
CA TRP A 1595 19.64 5.46 73.23
C TRP A 1595 19.41 5.56 71.72
N HIS A 1596 19.59 4.44 71.02
CA HIS A 1596 19.64 4.46 69.58
C HIS A 1596 18.47 3.70 68.97
N ASP A 1597 18.10 4.15 67.79
CA ASP A 1597 17.00 3.65 67.00
C ASP A 1597 17.34 4.00 65.56
N ASP A 1598 16.71 3.33 64.60
CA ASP A 1598 16.96 3.70 63.21
C ASP A 1598 16.54 5.13 62.95
N ILE A 1599 15.42 5.54 63.54
CA ILE A 1599 14.84 6.83 63.24
C ILE A 1599 15.50 7.94 64.06
N MET A 1600 16.07 7.62 65.22
CA MET A 1600 16.58 8.67 66.07
C MET A 1600 17.69 8.16 66.98
N GLN A 1601 18.56 9.08 67.41
CA GLN A 1601 19.58 8.82 68.42
C GLN A 1601 19.43 9.84 69.52
N ALA A 1602 19.15 9.38 70.72
CA ALA A 1602 19.09 10.22 71.90
C ALA A 1602 20.33 9.99 72.73
N VAL A 1603 20.88 11.07 73.29
CA VAL A 1603 22.04 10.97 74.18
C VAL A 1603 21.68 11.61 75.50
N PHE A 1604 22.14 11.00 76.58
CA PHE A 1604 21.88 11.51 77.91
C PHE A 1604 23.11 12.20 78.45
N HIS A 1605 22.95 13.46 78.81
CA HIS A 1605 23.96 14.26 79.46
C HIS A 1605 23.70 14.13 80.96
N ILE A 1606 24.45 13.24 81.61
CA ILE A 1606 24.17 12.87 82.98
C ILE A 1606 25.16 13.60 83.88
N ALA A 1607 24.65 14.45 84.77
CA ALA A 1607 25.51 15.32 85.54
C ALA A 1607 26.50 14.54 86.38
N THR A 1608 26.05 13.45 87.00
CA THR A 1608 26.90 12.71 87.90
C THR A 1608 28.07 12.05 87.18
N LEU A 1609 27.90 11.70 85.90
CA LEU A 1609 28.98 11.09 85.15
C LEU A 1609 30.03 12.11 84.70
N MET A 1610 29.70 13.39 84.72
CA MET A 1610 30.64 14.43 84.34
C MET A 1610 31.54 14.77 85.52
N PRO A 1611 32.86 14.84 85.33
CA PRO A 1611 33.75 15.13 86.45
C PRO A 1611 33.56 16.55 86.96
N THR A 1612 33.88 16.73 88.24
CA THR A 1612 33.93 18.05 88.87
C THR A 1612 35.39 18.41 89.09
N LYS A 1613 35.90 19.34 88.31
CA LYS A 1613 37.26 19.84 88.49
C LYS A 1613 37.25 21.04 89.42
N ASP A 1614 38.33 21.17 90.20
CA ASP A 1614 38.41 22.28 91.15
C ASP A 1614 38.36 23.63 90.45
N VAL A 1615 38.86 23.69 89.22
CA VAL A 1615 38.85 24.96 88.49
C VAL A 1615 37.42 25.40 88.21
N ASP A 1616 36.54 24.46 87.92
CA ASP A 1616 35.18 24.76 87.50
C ASP A 1616 34.34 25.12 88.72
N LYS A 1617 34.08 26.41 88.90
CA LYS A 1617 33.41 26.87 90.11
C LYS A 1617 31.92 26.60 90.06
N HIS A 1618 31.23 27.15 89.07
CA HIS A 1618 29.79 26.98 88.91
C HIS A 1618 29.44 25.72 88.14
N ARG A 1619 30.38 24.80 87.98
CA ARG A 1619 30.19 23.60 87.18
C ARG A 1619 29.73 23.97 85.77
N CYS A 1620 30.39 24.97 85.19
CA CYS A 1620 30.05 25.38 83.84
C CYS A 1620 30.45 24.32 82.82
N ASP A 1621 31.44 23.50 83.12
CA ASP A 1621 31.74 22.38 82.24
C ASP A 1621 30.56 21.43 82.12
N LYS A 1622 29.73 21.35 83.16
CA LYS A 1622 28.50 20.56 83.09
C LYS A 1622 27.34 21.38 82.58
N LYS A 1623 27.24 22.64 83.02
CA LYS A 1623 26.12 23.46 82.63
C LYS A 1623 26.14 23.77 81.14
N ARG A 1624 27.32 23.80 80.50
CA ARG A 1624 27.39 24.04 79.08
C ARG A 1624 26.63 22.98 78.28
N HIS A 1625 26.46 21.79 78.85
CA HIS A 1625 25.69 20.72 78.22
C HIS A 1625 24.28 20.67 78.76
N LEU A 1626 24.13 20.60 80.08
CA LEU A 1626 22.81 20.43 80.67
C LEU A 1626 21.93 21.64 80.42
N GLY A 1627 22.49 22.85 80.47
CA GLY A 1627 21.68 24.04 80.33
C GLY A 1627 21.31 24.35 78.90
N ASN A 1628 22.00 23.76 77.93
CA ASN A 1628 21.69 23.96 76.53
C ASN A 1628 20.83 22.85 75.95
N ASP A 1629 20.29 21.96 76.79
CA ASP A 1629 19.40 20.91 76.35
C ASP A 1629 17.95 21.34 76.55
N PHE A 1630 17.08 20.92 75.65
CA PHE A 1630 15.67 21.29 75.75
C PHE A 1630 14.99 20.63 76.93
N VAL A 1631 15.45 19.44 77.34
CA VAL A 1631 14.75 18.59 78.29
C VAL A 1631 15.75 18.00 79.27
N SER A 1632 15.36 17.95 80.54
CA SER A 1632 16.16 17.30 81.58
C SER A 1632 15.28 16.33 82.35
N ILE A 1633 15.78 15.10 82.56
CA ILE A 1633 15.14 14.19 83.49
C ILE A 1633 15.73 14.50 84.86
N VAL A 1634 14.89 15.03 85.76
CA VAL A 1634 15.33 15.45 87.08
C VAL A 1634 14.99 14.33 88.05
N TYR A 1635 16.01 13.64 88.55
CA TYR A 1635 15.80 12.55 89.50
C TYR A 1635 15.64 13.15 90.87
N ASN A 1636 14.41 13.54 91.20
CA ASN A 1636 14.14 14.39 92.35
C ASN A 1636 14.14 13.56 93.62
N ASP A 1637 15.34 13.35 94.16
CA ASP A 1637 15.52 12.64 95.42
C ASP A 1637 15.54 13.59 96.62
N SER A 1638 15.03 14.81 96.44
CA SER A 1638 15.09 15.84 97.48
C SER A 1638 13.85 15.88 98.35
N GLY A 1639 12.86 15.05 98.09
CA GLY A 1639 11.67 15.02 98.90
C GLY A 1639 10.87 16.31 98.86
N GLU A 1640 11.15 17.17 97.88
CA GLU A 1640 10.46 18.44 97.80
C GLU A 1640 10.28 18.82 96.34
N ASP A 1641 9.16 19.46 96.03
CA ASP A 1641 8.80 19.75 94.66
C ASP A 1641 9.88 20.55 93.95
N PHE A 1642 10.53 19.92 92.98
CA PHE A 1642 11.48 20.60 92.13
C PHE A 1642 10.74 21.58 91.23
N LYS A 1643 11.32 22.76 91.07
CA LYS A 1643 10.71 23.82 90.29
C LYS A 1643 11.49 24.02 89.00
N LEU A 1644 10.78 24.05 87.88
CA LEU A 1644 11.40 24.36 86.61
C LEU A 1644 12.04 25.74 86.67
N GLY A 1645 13.16 25.89 85.98
CA GLY A 1645 13.91 27.12 86.03
C GLY A 1645 14.88 27.21 87.18
N THR A 1646 14.96 26.18 88.01
CA THR A 1646 15.99 26.16 89.04
C THR A 1646 17.37 26.16 88.41
N ILE A 1647 17.54 25.40 87.33
CA ILE A 1647 18.73 25.54 86.50
C ILE A 1647 18.47 26.72 85.57
N LYS A 1648 19.14 27.84 85.84
CA LYS A 1648 18.67 29.15 85.40
C LYS A 1648 18.78 29.37 83.89
N GLY A 1649 19.51 28.52 83.19
CA GLY A 1649 19.90 28.84 81.83
C GLY A 1649 18.72 28.93 80.87
N GLN A 1650 19.01 29.47 79.69
CA GLN A 1650 18.06 29.45 78.59
C GLN A 1650 17.84 28.01 78.15
N PHE A 1651 16.95 27.80 77.18
CA PHE A 1651 16.52 26.45 76.82
C PHE A 1651 15.87 25.86 78.07
N ASN A 1652 16.06 24.57 78.36
CA ASN A 1652 15.41 23.90 79.48
C ASN A 1652 13.91 24.20 79.49
N PHE A 1653 13.27 23.81 78.39
CA PHE A 1653 11.85 24.07 78.22
C PHE A 1653 10.99 23.11 79.04
N VAL A 1654 11.34 21.82 79.05
CA VAL A 1654 10.55 20.78 79.70
C VAL A 1654 11.44 19.99 80.64
N HIS A 1655 10.94 19.69 81.83
CA HIS A 1655 11.63 18.83 82.78
C HIS A 1655 10.82 17.58 83.02
N VAL A 1656 11.47 16.43 83.00
CA VAL A 1656 10.83 15.15 83.30
C VAL A 1656 11.25 14.83 84.73
N ILE A 1657 10.41 15.21 85.69
CA ILE A 1657 10.74 15.10 87.10
C ILE A 1657 10.42 13.70 87.60
N VAL A 1658 11.45 12.96 87.99
CA VAL A 1658 11.30 11.62 88.51
C VAL A 1658 11.36 11.69 90.02
N THR A 1659 10.21 11.52 90.68
CA THR A 1659 10.14 11.56 92.13
C THR A 1659 10.07 10.15 92.65
N PRO A 1660 11.17 9.57 93.13
CA PRO A 1660 11.11 8.19 93.63
C PRO A 1660 10.20 8.09 94.83
N LEU A 1661 9.27 7.14 94.76
CA LEU A 1661 8.39 6.83 95.85
C LEU A 1661 8.91 5.59 96.58
N ASP A 1662 8.20 5.20 97.62
CA ASP A 1662 8.58 4.02 98.39
C ASP A 1662 8.17 2.76 97.64
N TYR A 1663 8.71 1.63 98.09
CA TYR A 1663 8.34 0.30 97.60
C TYR A 1663 8.65 0.16 96.10
N GLU A 1664 9.85 0.57 95.72
CA GLU A 1664 10.40 0.33 94.39
C GLU A 1664 9.46 0.85 93.29
N CYS A 1665 9.14 2.13 93.35
CA CYS A 1665 8.35 2.75 92.31
C CYS A 1665 8.65 4.24 92.28
N ASN A 1666 8.22 4.90 91.21
CA ASN A 1666 8.55 6.28 90.96
C ASN A 1666 7.33 7.01 90.43
N LEU A 1667 7.34 8.33 90.55
CA LEU A 1667 6.29 9.18 90.00
C LEU A 1667 6.95 10.13 89.01
N VAL A 1668 6.59 10.02 87.74
CA VAL A 1668 7.19 10.80 86.67
C VAL A 1668 6.20 11.85 86.22
N SER A 1669 6.64 13.11 86.19
CA SER A 1669 5.78 14.21 85.81
C SER A 1669 6.55 15.19 84.93
N LEU A 1670 5.81 16.11 84.31
CA LEU A 1670 6.36 17.08 83.38
C LEU A 1670 6.07 18.48 83.89
N GLN A 1671 7.10 19.31 83.95
CA GLN A 1671 6.94 20.74 84.12
C GLN A 1671 7.51 21.41 82.89
N CYS A 1672 6.80 22.40 82.35
CA CYS A 1672 7.26 23.06 81.15
C CYS A 1672 6.96 24.54 81.21
N ARG A 1673 7.67 25.28 80.37
CA ARG A 1673 7.51 26.72 80.30
C ARG A 1673 6.11 27.07 79.79
N LYS A 1674 5.63 28.25 80.19
CA LYS A 1674 4.25 28.63 79.90
C LYS A 1674 3.95 28.70 78.40
N ASP A 1675 4.97 28.85 77.56
CA ASP A 1675 4.72 28.80 76.12
C ASP A 1675 4.73 27.37 75.61
N MET A 1676 5.49 26.49 76.25
CA MET A 1676 5.53 25.08 75.88
C MET A 1676 4.30 24.33 76.33
N GLU A 1677 3.51 24.90 77.24
CA GLU A 1677 2.41 24.17 77.85
C GLU A 1677 1.33 23.81 76.85
N GLY A 1678 1.32 24.43 75.67
CA GLY A 1678 0.40 24.00 74.63
C GLY A 1678 0.81 22.71 73.95
N LEU A 1679 2.10 22.38 73.99
CA LEU A 1679 2.60 21.17 73.36
C LEU A 1679 2.80 20.03 74.34
N VAL A 1680 3.09 20.32 75.60
CA VAL A 1680 3.42 19.32 76.60
C VAL A 1680 2.39 19.38 77.71
N ASP A 1681 1.87 18.21 78.10
CA ASP A 1681 0.83 18.10 79.11
C ASP A 1681 1.48 17.95 80.48
N THR A 1682 1.44 19.01 81.29
CA THR A 1682 2.07 18.99 82.60
C THR A 1682 1.27 18.17 83.61
N SER A 1683 0.01 17.86 83.32
CA SER A 1683 -0.82 17.11 84.25
C SER A 1683 -0.43 15.63 84.32
N VAL A 1684 0.60 15.21 83.59
CA VAL A 1684 1.03 13.83 83.61
C VAL A 1684 1.61 13.48 84.96
N ALA A 1685 1.17 12.36 85.53
CA ALA A 1685 1.68 11.86 86.79
C ALA A 1685 1.92 10.35 86.71
N LYS A 1686 2.61 9.92 85.66
CA LYS A 1686 2.81 8.50 85.39
C LYS A 1686 3.64 7.84 86.49
N ILE A 1687 3.00 7.01 87.30
CA ILE A 1687 3.69 6.23 88.31
C ILE A 1687 4.21 4.96 87.67
N VAL A 1688 5.50 4.69 87.82
CA VAL A 1688 6.14 3.56 87.17
C VAL A 1688 7.13 2.92 88.13
N SER A 1689 7.23 1.59 88.08
CA SER A 1689 8.15 0.87 88.93
C SER A 1689 9.59 1.17 88.50
N ASP A 1690 10.53 0.82 89.38
CA ASP A 1690 11.93 1.10 89.12
C ASP A 1690 12.43 0.34 87.89
N ARG A 1691 11.97 -0.90 87.71
CA ARG A 1691 12.46 -1.71 86.61
C ARG A 1691 12.01 -1.20 85.25
N ASN A 1692 10.98 -0.36 85.21
CA ASN A 1692 10.52 0.25 83.96
C ASN A 1692 10.63 1.76 83.98
N LEU A 1693 11.07 2.35 85.09
CA LEU A 1693 11.29 3.80 85.11
C LEU A 1693 12.26 4.29 84.06
N PRO A 1694 13.43 3.67 83.85
CA PRO A 1694 14.34 4.19 82.82
C PRO A 1694 13.83 3.97 81.41
N PHE A 1695 12.68 3.33 81.23
CA PHE A 1695 11.98 3.34 79.95
C PHE A 1695 10.98 4.49 79.89
N VAL A 1696 10.13 4.62 80.89
CA VAL A 1696 9.05 5.59 80.82
C VAL A 1696 9.58 7.02 80.87
N ALA A 1697 10.49 7.30 81.81
CA ALA A 1697 11.05 8.65 81.90
C ALA A 1697 11.86 8.97 80.65
N ARG A 1698 12.60 8.00 80.14
CA ARG A 1698 13.35 8.13 78.90
C ARG A 1698 12.45 8.51 77.74
N GLN A 1699 11.33 7.81 77.58
CA GLN A 1699 10.46 8.06 76.44
C GLN A 1699 9.63 9.33 76.61
N MET A 1700 9.24 9.66 77.84
CA MET A 1700 8.67 10.97 78.10
C MET A 1700 9.66 12.07 77.73
N ALA A 1701 10.94 11.86 78.05
CA ALA A 1701 11.95 12.83 77.69
C ALA A 1701 12.06 12.98 76.18
N LEU A 1702 11.94 11.87 75.45
CA LEU A 1702 11.94 11.96 73.99
C LEU A 1702 10.78 12.79 73.47
N HIS A 1703 9.56 12.49 73.92
CA HIS A 1703 8.40 13.20 73.37
C HIS A 1703 8.39 14.66 73.82
N ALA A 1704 8.87 14.93 75.04
CA ALA A 1704 9.08 16.31 75.47
C ALA A 1704 10.11 17.00 74.61
N ASN A 1705 11.17 16.29 74.24
CA ASN A 1705 12.22 16.89 73.42
C ASN A 1705 11.72 17.17 72.01
N MET A 1706 10.91 16.27 71.44
CA MET A 1706 10.33 16.52 70.13
C MET A 1706 9.43 17.75 70.18
N ALA A 1707 8.55 17.82 71.18
CA ALA A 1707 7.72 19.01 71.34
C ALA A 1707 8.59 20.26 71.46
N SER A 1708 9.67 20.17 72.21
CA SER A 1708 10.54 21.33 72.44
C SER A 1708 11.26 21.75 71.17
N GLN A 1709 11.76 20.78 70.41
CA GLN A 1709 12.46 21.07 69.16
C GLN A 1709 11.51 21.73 68.16
N VAL A 1710 10.25 21.28 68.11
CA VAL A 1710 9.27 21.94 67.26
C VAL A 1710 9.01 23.38 67.71
N HIS A 1711 8.85 23.58 69.02
CA HIS A 1711 8.60 24.93 69.53
C HIS A 1711 9.79 25.85 69.24
N HIS A 1712 11.00 25.33 69.41
CA HIS A 1712 12.20 26.10 69.12
C HIS A 1712 12.22 26.54 67.67
N SER A 1713 11.75 25.69 66.76
CA SER A 1713 11.67 26.11 65.36
C SER A 1713 10.67 27.24 65.17
N ARG A 1714 9.55 27.19 65.89
CA ARG A 1714 8.58 28.27 65.74
C ARG A 1714 9.18 29.60 66.18
N SER A 1715 9.96 29.60 67.27
CA SER A 1715 10.59 30.84 67.70
C SER A 1715 11.90 31.14 66.99
N ASN A 1716 12.49 30.17 66.30
CA ASN A 1716 13.74 30.37 65.56
C ASN A 1716 13.60 29.73 64.18
N PRO A 1717 12.82 30.35 63.29
CA PRO A 1717 12.48 29.67 62.04
C PRO A 1717 13.67 29.34 61.16
N THR A 1718 14.71 30.17 61.16
CA THR A 1718 15.83 29.97 60.25
C THR A 1718 16.66 28.75 60.57
N ASP A 1719 16.43 28.11 61.71
CA ASP A 1719 17.30 27.05 62.17
C ASP A 1719 17.11 25.79 61.34
N ILE A 1720 18.10 24.89 61.44
CA ILE A 1720 17.97 23.56 60.84
C ILE A 1720 16.78 22.85 61.46
N TYR A 1721 15.95 22.26 60.62
CA TYR A 1721 14.67 21.73 61.08
C TYR A 1721 14.90 20.61 62.09
N PRO A 1722 14.06 20.51 63.12
CA PRO A 1722 14.23 19.42 64.10
C PRO A 1722 14.10 18.04 63.49
N SER A 1723 13.14 17.84 62.60
CA SER A 1723 13.02 16.56 61.90
C SER A 1723 14.14 16.47 60.89
N LYS A 1724 15.16 15.66 61.18
CA LYS A 1724 16.34 15.63 60.34
C LYS A 1724 16.07 15.12 58.94
N TRP A 1725 15.03 14.31 58.75
CA TRP A 1725 14.63 13.96 57.40
C TRP A 1725 14.14 15.18 56.64
N ILE A 1726 13.30 16.01 57.27
CA ILE A 1726 12.89 17.26 56.64
C ILE A 1726 14.06 18.23 56.54
N ALA A 1727 14.98 18.20 57.51
CA ALA A 1727 16.17 19.04 57.39
C ALA A 1727 16.99 18.68 56.17
N ARG A 1728 17.17 17.38 55.92
CA ARG A 1728 17.85 16.93 54.72
C ARG A 1728 17.08 17.33 53.48
N LEU A 1729 15.77 17.14 53.49
CA LEU A 1729 14.97 17.47 52.31
C LEU A 1729 15.00 18.95 52.00
N ARG A 1730 14.90 19.80 53.03
CA ARG A 1730 14.98 21.23 52.81
C ARG A 1730 16.36 21.63 52.33
N HIS A 1731 17.41 20.96 52.82
CA HIS A 1731 18.74 21.19 52.31
C HIS A 1731 18.83 20.83 50.83
N ILE A 1732 18.26 19.69 50.45
CA ILE A 1732 18.30 19.24 49.06
C ILE A 1732 17.49 20.20 48.18
N LYS A 1733 16.32 20.62 48.67
CA LYS A 1733 15.50 21.59 47.95
C LYS A 1733 16.24 22.90 47.78
N ARG A 1734 16.88 23.39 48.84
CA ARG A 1734 17.59 24.65 48.80
C ARG A 1734 18.80 24.57 47.88
N LEU A 1735 19.49 23.43 47.88
CA LEU A 1735 20.61 23.22 46.97
C LEU A 1735 20.14 23.21 45.52
N ARG A 1736 19.04 22.52 45.25
CA ARG A 1736 18.48 22.50 43.90
C ARG A 1736 18.09 23.90 43.43
N GLN A 1737 17.43 24.67 44.30
CA GLN A 1737 17.03 26.01 43.93
C GLN A 1737 18.22 26.93 43.77
N ARG A 1738 19.25 26.76 44.60
CA ARG A 1738 20.45 27.57 44.46
C ARG A 1738 21.14 27.31 43.13
N ILE A 1739 21.21 26.05 42.71
CA ILE A 1739 21.80 25.75 41.42
C ILE A 1739 21.01 26.40 40.30
N CYS A 1740 19.68 26.37 40.39
CA CYS A 1740 18.89 27.03 39.36
C CYS A 1740 19.18 28.53 39.31
N GLU A 1741 19.29 29.17 40.48
CA GLU A 1741 19.59 30.60 40.49
C GLU A 1741 20.96 30.90 39.92
N GLU A 1742 21.98 30.13 40.31
CA GLU A 1742 23.33 30.41 39.83
C GLU A 1742 23.45 30.14 38.34
N ALA A 1743 22.80 29.09 37.84
CA ALA A 1743 22.77 28.86 36.39
C ALA A 1743 22.08 30.00 35.68
N ALA A 1744 20.97 30.49 36.24
CA ALA A 1744 20.29 31.63 35.64
C ALA A 1744 21.18 32.87 35.63
N TYR A 1745 21.90 33.10 36.71
CA TYR A 1745 22.86 34.20 36.79
C TYR A 1745 24.05 33.98 35.87
N SER A 1746 24.25 32.76 35.38
CA SER A 1746 25.33 32.45 34.45
C SER A 1746 24.87 32.49 33.00
N ASN A 1747 23.62 32.83 32.72
CA ASN A 1747 23.11 32.91 31.36
C ASN A 1747 22.56 34.29 31.04
N THR B 49 -16.00 16.36 -145.90
CA THR B 49 -14.81 17.02 -146.44
C THR B 49 -15.09 17.73 -147.78
N ALA B 50 -15.54 16.99 -148.79
CA ALA B 50 -15.95 17.53 -150.10
C ALA B 50 -14.77 18.23 -150.78
N GLU B 51 -15.07 19.23 -151.63
CA GLU B 51 -14.13 19.79 -152.59
C GLU B 51 -12.99 20.61 -151.98
N ILE B 52 -12.84 20.66 -150.65
CA ILE B 52 -11.75 21.39 -150.01
C ILE B 52 -10.38 20.82 -150.41
N LEU B 53 -10.35 19.61 -150.94
CA LEU B 53 -9.12 19.06 -151.48
C LEU B 53 -8.48 19.98 -152.50
N ARG B 54 -9.26 20.87 -153.11
CA ARG B 54 -8.71 21.89 -154.01
C ARG B 54 -7.67 22.75 -153.29
N GLU B 55 -7.95 23.10 -152.04
CA GLU B 55 -7.02 23.90 -151.25
C GLU B 55 -6.00 23.06 -150.49
N LEU B 56 -6.27 21.76 -150.28
CA LEU B 56 -5.28 20.94 -149.59
C LEU B 56 -4.20 20.38 -150.53
N SER B 57 -4.54 20.15 -151.80
CA SER B 57 -3.65 19.46 -152.71
C SER B 57 -2.48 20.36 -153.14
N MET B 58 -1.58 19.78 -153.94
CA MET B 58 -0.33 20.45 -154.29
C MET B 58 -0.54 21.71 -155.12
N GLU B 59 -1.72 21.87 -155.72
CA GLU B 59 -1.97 22.98 -156.63
C GLU B 59 -2.05 24.31 -155.89
N CYS B 60 -2.51 24.31 -154.64
CA CYS B 60 -2.67 25.54 -153.89
C CYS B 60 -1.37 25.91 -153.16
N GLY B 61 -1.28 27.18 -152.78
CA GLY B 61 -0.07 27.68 -152.14
C GLY B 61 0.14 27.11 -150.75
N LEU B 62 1.41 27.00 -150.36
CA LEU B 62 1.77 26.31 -149.12
C LEU B 62 1.15 26.99 -147.91
N ASN B 63 1.15 28.33 -147.90
CA ASN B 63 0.52 29.05 -146.79
C ASN B 63 -0.96 28.72 -146.69
N ASN B 64 -1.65 28.70 -147.83
CA ASN B 64 -3.07 28.34 -147.81
C ASN B 64 -3.26 26.86 -147.52
N ARG B 65 -2.33 26.01 -147.94
CA ARG B 65 -2.39 24.60 -147.54
C ARG B 65 -2.41 24.49 -146.03
N ILE B 66 -1.48 25.17 -145.36
CA ILE B 66 -1.42 25.09 -143.91
C ILE B 66 -2.66 25.69 -143.28
N ARG B 67 -3.14 26.82 -143.81
CA ARG B 67 -4.34 27.46 -143.29
C ARG B 67 -5.53 26.50 -143.33
N MET B 68 -5.78 25.91 -144.50
CA MET B 68 -6.92 25.02 -144.62
C MET B 68 -6.70 23.73 -143.86
N ILE B 69 -5.44 23.30 -143.68
CA ILE B 69 -5.23 22.09 -142.91
C ILE B 69 -5.53 22.34 -141.43
N GLY B 70 -5.30 23.56 -140.94
CA GLY B 70 -5.77 23.90 -139.62
C GLY B 70 -7.29 23.88 -139.53
N GLN B 71 -7.95 24.46 -140.53
CA GLN B 71 -9.42 24.39 -140.55
C GLN B 71 -9.91 22.95 -140.63
N ILE B 72 -9.17 22.06 -141.29
CA ILE B 72 -9.53 20.65 -141.29
C ILE B 72 -9.29 20.03 -139.93
N CYS B 73 -8.21 20.41 -139.25
CA CYS B 73 -7.95 19.84 -137.91
C CYS B 73 -9.13 20.08 -136.99
N GLU B 74 -9.74 21.25 -137.09
CA GLU B 74 -10.89 21.51 -136.22
C GLU B 74 -12.08 20.58 -136.53
N VAL B 75 -12.34 20.29 -137.80
CA VAL B 75 -13.43 19.35 -138.09
C VAL B 75 -13.00 17.91 -137.86
N ALA B 76 -11.70 17.62 -137.92
CA ALA B 76 -11.21 16.26 -137.80
C ALA B 76 -11.50 15.71 -136.42
N LYS B 77 -11.37 16.54 -135.40
CA LYS B 77 -11.64 16.12 -134.03
C LYS B 77 -13.07 16.40 -133.62
N THR B 78 -13.95 16.86 -134.53
CA THR B 78 -15.33 17.17 -134.14
C THR B 78 -16.42 16.68 -135.09
N LYS B 79 -16.13 16.28 -136.33
CA LYS B 79 -17.17 15.91 -137.29
C LYS B 79 -17.02 14.45 -137.69
N LYS B 80 -18.14 13.82 -138.05
CA LYS B 80 -18.13 12.42 -138.49
C LYS B 80 -17.72 12.37 -139.96
N PHE B 81 -16.46 12.02 -140.22
CA PHE B 81 -15.94 11.98 -141.58
C PHE B 81 -16.67 10.94 -142.42
N GLU B 82 -16.98 11.30 -143.67
CA GLU B 82 -17.53 10.32 -144.60
C GLU B 82 -16.47 9.28 -144.95
N GLU B 83 -16.92 8.09 -145.35
CA GLU B 83 -16.02 6.95 -145.44
C GLU B 83 -14.95 7.16 -146.50
N HIS B 84 -13.79 6.57 -146.27
CA HIS B 84 -12.62 6.64 -147.13
C HIS B 84 -12.04 8.04 -147.23
N ALA B 85 -12.59 9.02 -146.50
CA ALA B 85 -12.08 10.39 -146.59
C ALA B 85 -10.76 10.55 -145.85
N VAL B 86 -10.46 9.69 -144.89
CA VAL B 86 -9.20 9.82 -144.15
C VAL B 86 -8.04 9.67 -145.10
N GLU B 87 -8.05 8.63 -145.93
CA GLU B 87 -6.94 8.43 -146.84
C GLU B 87 -6.94 9.48 -147.94
N ALA B 88 -8.09 10.06 -148.26
CA ALA B 88 -8.12 11.14 -149.25
C ALA B 88 -7.45 12.40 -148.70
N LEU B 89 -7.79 12.79 -147.47
CA LEU B 89 -7.11 13.91 -146.83
C LEU B 89 -5.61 13.62 -146.71
N TRP B 90 -5.26 12.40 -146.31
CA TRP B 90 -3.86 12.04 -146.21
C TRP B 90 -3.17 12.16 -147.54
N LYS B 91 -3.83 11.71 -148.61
CA LYS B 91 -3.22 11.80 -149.94
C LYS B 91 -3.02 13.24 -150.35
N ALA B 92 -3.91 14.12 -149.89
CA ALA B 92 -3.78 15.52 -150.21
C ALA B 92 -2.65 16.21 -149.46
N VAL B 93 -2.18 15.64 -148.34
CA VAL B 93 -1.06 16.27 -147.63
C VAL B 93 0.09 15.30 -147.32
N ALA B 94 0.17 14.20 -148.05
CA ALA B 94 1.25 13.25 -147.82
C ALA B 94 2.59 13.83 -148.22
N ASP B 95 2.60 14.78 -149.15
CA ASP B 95 3.84 15.42 -149.55
C ASP B 95 4.23 16.56 -148.63
N LEU B 96 3.35 16.99 -147.73
CA LEU B 96 3.75 18.00 -146.75
C LEU B 96 4.80 17.47 -145.80
N LEU B 97 4.96 16.16 -145.70
CA LEU B 97 6.08 15.56 -144.99
C LEU B 97 7.26 15.45 -145.96
N GLN B 98 7.76 16.62 -146.36
CA GLN B 98 8.94 16.70 -147.20
C GLN B 98 9.80 17.87 -146.75
N PRO B 99 11.13 17.68 -146.71
CA PRO B 99 11.99 18.65 -146.03
C PRO B 99 11.95 20.04 -146.63
N GLU B 100 11.79 20.17 -147.94
CA GLU B 100 11.73 21.50 -148.53
C GLU B 100 10.62 22.33 -147.90
N ARG B 101 9.52 21.68 -147.55
CA ARG B 101 8.51 22.34 -146.73
C ARG B 101 9.08 22.55 -145.33
N PRO B 102 8.84 23.71 -144.73
CA PRO B 102 9.40 23.97 -143.39
C PRO B 102 8.77 23.06 -142.35
N LEU B 103 9.31 23.15 -141.13
CA LEU B 103 8.75 22.38 -140.04
C LEU B 103 7.33 22.81 -139.69
N GLU B 104 6.92 24.00 -140.14
CA GLU B 104 5.53 24.41 -139.95
C GLU B 104 4.58 23.49 -140.72
N ALA B 105 4.94 23.15 -141.96
CA ALA B 105 4.12 22.21 -142.72
C ALA B 105 4.11 20.83 -142.08
N ARG B 106 5.27 20.37 -141.60
CA ARG B 106 5.31 19.07 -140.94
C ARG B 106 4.44 19.07 -139.70
N HIS B 107 4.51 20.14 -138.92
CA HIS B 107 3.66 20.24 -137.73
C HIS B 107 2.19 20.28 -138.12
N ALA B 108 1.85 20.99 -139.18
CA ALA B 108 0.47 21.09 -139.60
C ALA B 108 -0.07 19.73 -140.04
N VAL B 109 0.72 18.96 -140.80
CA VAL B 109 0.24 17.65 -141.24
C VAL B 109 0.23 16.65 -140.09
N LEU B 110 1.21 16.72 -139.18
CA LEU B 110 1.16 15.84 -138.02
C LEU B 110 0.01 16.21 -137.10
N ALA B 111 -0.33 17.49 -137.02
CA ALA B 111 -1.51 17.91 -136.28
C ALA B 111 -2.78 17.38 -136.94
N LEU B 112 -2.82 17.38 -138.27
CA LEU B 112 -3.94 16.76 -138.96
C LEU B 112 -4.03 15.28 -138.63
N LEU B 113 -2.90 14.57 -138.66
CA LEU B 113 -2.91 13.16 -138.31
C LEU B 113 -3.42 12.96 -136.89
N LYS B 114 -2.92 13.74 -135.95
CA LYS B 114 -3.32 13.60 -134.55
C LYS B 114 -4.80 13.90 -134.37
N ALA B 115 -5.29 14.94 -135.02
CA ALA B 115 -6.70 15.29 -134.90
C ALA B 115 -7.60 14.24 -135.53
N ILE B 116 -7.17 13.66 -136.65
CA ILE B 116 -7.90 12.57 -137.27
C ILE B 116 -7.95 11.36 -136.35
N VAL B 117 -6.82 11.04 -135.71
CA VAL B 117 -6.81 9.95 -134.75
C VAL B 117 -7.73 10.26 -133.57
N GLN B 118 -7.68 11.48 -133.08
CA GLN B 118 -8.47 11.87 -131.92
C GLN B 118 -9.96 11.76 -132.20
N GLY B 119 -10.41 12.29 -133.33
CA GLY B 119 -11.83 12.34 -133.64
C GLY B 119 -12.37 11.09 -134.30
N GLN B 120 -11.77 10.69 -135.42
CA GLN B 120 -12.28 9.52 -136.13
C GLN B 120 -11.90 8.22 -135.43
N GLY B 121 -10.66 8.12 -134.96
CA GLY B 121 -10.26 7.05 -134.06
C GLY B 121 -10.60 5.64 -134.46
N GLU B 122 -11.55 5.04 -133.73
CA GLU B 122 -11.87 3.63 -133.89
C GLU B 122 -12.33 3.26 -135.30
N ARG B 123 -12.59 4.24 -136.15
CA ARG B 123 -12.97 3.96 -137.52
C ARG B 123 -11.79 4.00 -138.48
N LEU B 124 -10.57 4.17 -137.97
CA LEU B 124 -9.40 4.19 -138.84
C LEU B 124 -9.07 2.79 -139.36
N GLY B 125 -9.07 1.80 -138.47
CA GLY B 125 -8.81 0.43 -138.90
C GLY B 125 -7.40 0.27 -139.44
N VAL B 126 -7.29 -0.18 -140.70
CA VAL B 126 -6.00 -0.32 -141.35
C VAL B 126 -5.30 1.02 -141.49
N LEU B 127 -6.06 2.12 -141.43
CA LEU B 127 -5.43 3.42 -141.44
C LEU B 127 -4.62 3.66 -140.17
N ARG B 128 -4.85 2.88 -139.10
CA ARG B 128 -3.92 2.90 -137.98
C ARG B 128 -2.55 2.40 -138.41
N ALA B 129 -2.51 1.31 -139.15
CA ALA B 129 -1.23 0.84 -139.69
C ALA B 129 -0.63 1.90 -140.62
N LEU B 130 -1.47 2.55 -141.41
CA LEU B 130 -0.97 3.61 -142.29
C LEU B 130 -0.32 4.74 -141.50
N PHE B 131 -1.03 5.25 -140.49
CA PHE B 131 -0.50 6.35 -139.69
C PHE B 131 0.77 5.94 -138.95
N PHE B 132 0.80 4.72 -138.43
CA PHE B 132 1.98 4.28 -137.70
C PHE B 132 3.16 4.08 -138.63
N LYS B 133 2.90 3.62 -139.86
CA LYS B 133 3.96 3.56 -140.85
C LYS B 133 4.48 4.95 -141.15
N VAL B 134 3.59 5.95 -141.19
CA VAL B 134 4.03 7.32 -141.43
C VAL B 134 4.91 7.80 -140.29
N ILE B 135 4.50 7.56 -139.05
CA ILE B 135 5.24 8.06 -137.90
C ILE B 135 6.58 7.35 -137.76
N LYS B 136 6.60 6.04 -138.03
CA LYS B 136 7.82 5.25 -137.89
C LYS B 136 8.75 5.46 -139.08
N ASP B 137 8.28 5.15 -140.28
CA ASP B 137 9.06 5.31 -141.50
C ASP B 137 9.03 6.78 -141.95
N TYR B 138 9.51 7.64 -141.05
CA TYR B 138 9.37 9.07 -141.25
C TYR B 138 10.29 9.54 -142.38
N PRO B 139 9.80 10.41 -143.27
CA PRO B 139 10.66 10.95 -144.32
C PRO B 139 11.48 12.13 -143.81
N SER B 140 12.00 11.96 -142.60
CA SER B 140 12.91 12.87 -141.94
C SER B 140 13.33 12.20 -140.64
N ASN B 141 14.10 12.92 -139.84
CA ASN B 141 14.40 12.46 -138.49
C ASN B 141 14.33 13.58 -137.47
N GLU B 142 13.98 14.80 -137.88
CA GLU B 142 14.07 15.95 -136.99
C GLU B 142 13.00 15.90 -135.92
N ASP B 143 11.74 15.90 -136.33
CA ASP B 143 10.65 16.00 -135.37
C ASP B 143 10.53 14.71 -134.57
N LEU B 144 10.44 14.85 -133.26
CA LEU B 144 10.13 13.76 -132.35
C LEU B 144 8.91 14.05 -131.49
N HIS B 145 8.79 15.28 -131.01
CA HIS B 145 7.70 15.61 -130.09
C HIS B 145 6.34 15.47 -130.76
N GLU B 146 6.21 15.96 -131.99
CA GLU B 146 4.92 15.91 -132.67
C GLU B 146 4.59 14.49 -133.12
N ARG B 147 5.60 13.75 -133.59
CA ARG B 147 5.36 12.36 -133.94
C ARG B 147 4.95 11.57 -132.72
N LEU B 148 5.56 11.84 -131.57
CA LEU B 148 5.14 11.17 -130.36
C LEU B 148 3.74 11.60 -129.94
N GLU B 149 3.36 12.85 -130.20
CA GLU B 149 1.99 13.27 -129.91
C GLU B 149 0.99 12.49 -130.75
N VAL B 150 1.31 12.29 -132.03
CA VAL B 150 0.45 11.46 -132.87
C VAL B 150 0.43 10.03 -132.38
N PHE B 151 1.57 9.49 -132.00
CA PHE B 151 1.63 8.10 -131.54
C PHE B 151 0.87 7.91 -130.24
N LYS B 152 0.95 8.87 -129.34
CA LYS B 152 0.19 8.80 -128.10
C LYS B 152 -1.29 8.75 -128.38
N ALA B 153 -1.77 9.60 -129.29
CA ALA B 153 -3.18 9.49 -129.64
C ALA B 153 -3.49 8.18 -130.34
N LEU B 154 -2.54 7.67 -131.12
CA LEU B 154 -2.78 6.45 -131.88
C LEU B 154 -2.89 5.23 -130.99
N THR B 155 -2.21 5.24 -129.84
CA THR B 155 -2.21 4.07 -128.96
C THR B 155 -2.72 4.39 -127.56
N ASP B 156 -3.38 5.53 -127.36
CA ASP B 156 -3.88 5.94 -126.06
C ASP B 156 -2.79 5.83 -125.00
N ASN B 157 -1.70 6.57 -125.25
CA ASN B 157 -0.50 6.60 -124.44
C ASN B 157 0.24 5.27 -124.40
N GLY B 158 -0.20 4.29 -125.19
CA GLY B 158 0.55 3.05 -125.31
C GLY B 158 -0.16 1.79 -124.86
N ARG B 159 -1.47 1.87 -124.65
CA ARG B 159 -2.25 0.73 -124.19
C ARG B 159 -3.06 0.07 -125.30
N HIS B 160 -3.21 0.73 -126.45
CA HIS B 160 -4.10 0.29 -127.51
C HIS B 160 -3.30 0.19 -128.81
N ILE B 161 -2.71 -0.98 -129.06
CA ILE B 161 -1.72 -1.09 -130.13
C ILE B 161 -2.19 -2.02 -131.25
N THR B 162 -3.49 -2.11 -131.48
CA THR B 162 -4.00 -3.02 -132.50
C THR B 162 -3.57 -2.60 -133.91
N TYR B 163 -3.32 -3.61 -134.74
CA TYR B 163 -2.91 -3.56 -136.15
C TYR B 163 -1.49 -3.06 -136.36
N LEU B 164 -0.90 -2.41 -135.36
CA LEU B 164 0.48 -1.99 -135.45
C LEU B 164 1.38 -2.84 -134.58
N GLU B 165 0.86 -4.00 -134.17
CA GLU B 165 1.47 -4.78 -133.10
C GLU B 165 2.88 -5.26 -133.45
N GLU B 166 3.07 -5.79 -134.65
CA GLU B 166 4.39 -6.34 -134.99
C GLU B 166 5.43 -5.23 -135.13
N GLU B 167 5.11 -4.21 -135.93
CA GLU B 167 6.08 -3.19 -136.25
C GLU B 167 6.39 -2.29 -135.06
N LEU B 168 5.54 -2.33 -134.02
CA LEU B 168 5.82 -1.59 -132.81
C LEU B 168 7.09 -2.10 -132.13
N ALA B 169 7.40 -3.37 -132.28
CA ALA B 169 8.60 -3.93 -131.66
C ALA B 169 9.85 -3.26 -132.22
N ASP B 170 9.93 -3.11 -133.54
CA ASP B 170 11.06 -2.39 -134.13
C ASP B 170 10.99 -0.91 -133.84
N PHE B 171 9.78 -0.35 -133.81
CA PHE B 171 9.63 1.08 -133.56
C PHE B 171 10.17 1.46 -132.19
N VAL B 172 9.98 0.60 -131.20
CA VAL B 172 10.47 0.92 -129.87
C VAL B 172 11.97 1.12 -129.89
N LEU B 173 12.71 0.19 -130.47
CA LEU B 173 14.17 0.33 -130.54
C LEU B 173 14.58 1.54 -131.36
N GLN B 174 13.93 1.73 -132.51
CA GLN B 174 14.31 2.83 -133.37
C GLN B 174 14.11 4.17 -132.67
N TRP B 175 12.98 4.33 -132.00
CA TRP B 175 12.73 5.60 -131.32
C TRP B 175 13.63 5.76 -130.11
N MET B 176 13.92 4.66 -129.41
CA MET B 176 14.83 4.75 -128.27
C MET B 176 16.17 5.32 -128.71
N ASP B 177 16.74 4.75 -129.79
CA ASP B 177 18.03 5.28 -130.25
C ASP B 177 17.89 6.69 -130.78
N VAL B 178 16.86 6.95 -131.58
CA VAL B 178 16.63 8.30 -132.09
C VAL B 178 16.42 9.26 -130.92
N GLY B 179 15.75 8.80 -129.87
CA GLY B 179 15.72 9.53 -128.63
C GLY B 179 15.17 8.76 -127.46
N LEU B 180 15.94 8.69 -126.38
CA LEU B 180 15.43 8.15 -125.12
C LEU B 180 14.76 9.26 -124.31
N SER B 181 13.84 9.97 -124.96
CA SER B 181 13.29 11.17 -124.37
C SER B 181 12.31 10.81 -123.24
N SER B 182 11.87 11.84 -122.52
CA SER B 182 11.08 11.63 -121.32
C SER B 182 9.68 11.10 -121.66
N GLU B 183 8.90 11.89 -122.40
CA GLU B 183 7.55 11.46 -122.72
C GLU B 183 7.56 10.12 -123.42
N PHE B 184 8.59 9.86 -124.22
CA PHE B 184 8.67 8.54 -124.84
C PHE B 184 8.86 7.46 -123.81
N LEU B 185 9.57 7.74 -122.72
CA LEU B 185 9.68 6.74 -121.68
C LEU B 185 8.35 6.56 -120.94
N LEU B 186 7.53 7.61 -120.86
CA LEU B 186 6.16 7.39 -120.39
C LEU B 186 5.44 6.40 -121.28
N VAL B 187 5.51 6.62 -122.59
CA VAL B 187 4.87 5.73 -123.54
C VAL B 187 5.43 4.33 -123.41
N LEU B 188 6.74 4.22 -123.16
CA LEU B 188 7.35 2.91 -123.03
C LEU B 188 6.90 2.20 -121.77
N VAL B 189 6.69 2.96 -120.69
CA VAL B 189 6.11 2.36 -119.49
C VAL B 189 4.77 1.75 -119.83
N ASN B 190 3.91 2.52 -120.48
CA ASN B 190 2.59 2.00 -120.80
C ASN B 190 2.68 0.81 -121.74
N LEU B 191 3.63 0.86 -122.68
CA LEU B 191 3.79 -0.24 -123.63
C LEU B 191 4.19 -1.51 -122.92
N VAL B 192 5.21 -1.46 -122.06
CA VAL B 192 5.60 -2.70 -121.39
C VAL B 192 4.51 -3.14 -120.40
N LYS B 193 3.78 -2.18 -119.82
CA LYS B 193 2.76 -2.53 -118.85
C LYS B 193 1.64 -3.34 -119.48
N PHE B 194 1.19 -2.95 -120.67
CA PHE B 194 0.03 -3.61 -121.25
C PHE B 194 0.32 -4.44 -122.50
N ASN B 195 1.47 -4.26 -123.15
CA ASN B 195 1.71 -4.78 -124.48
C ASN B 195 3.13 -5.30 -124.61
N SER B 196 3.70 -5.84 -123.53
CA SER B 196 5.02 -6.45 -123.61
C SER B 196 5.02 -7.68 -124.50
N CYS B 197 3.85 -8.20 -124.83
CA CYS B 197 3.73 -9.48 -125.52
C CYS B 197 4.36 -9.47 -126.90
N TYR B 198 4.57 -8.31 -127.50
CA TYR B 198 5.16 -8.21 -128.81
C TYR B 198 6.60 -7.72 -128.79
N LEU B 199 7.09 -7.26 -127.65
CA LEU B 199 8.47 -6.84 -127.47
C LEU B 199 9.35 -7.99 -127.02
N ASP B 200 8.87 -9.23 -127.17
CA ASP B 200 9.49 -10.36 -126.46
C ASP B 200 10.92 -10.60 -126.90
N GLU B 201 11.20 -10.48 -128.19
CA GLU B 201 12.56 -10.70 -128.66
C GLU B 201 13.48 -9.55 -128.29
N TYR B 202 12.93 -8.39 -127.96
CA TYR B 202 13.72 -7.19 -127.77
C TYR B 202 13.81 -6.74 -126.32
N ILE B 203 13.21 -7.46 -125.39
CA ILE B 203 13.30 -7.08 -123.98
C ILE B 203 14.74 -7.12 -123.51
N ALA B 204 15.51 -8.09 -124.00
CA ALA B 204 16.94 -8.13 -123.71
C ALA B 204 17.62 -6.82 -124.10
N ARG B 205 17.39 -6.38 -125.33
CA ARG B 205 18.05 -5.18 -125.82
C ARG B 205 17.49 -3.92 -125.18
N MET B 206 16.19 -3.90 -124.90
CA MET B 206 15.62 -2.76 -124.21
C MET B 206 16.25 -2.58 -122.84
N VAL B 207 16.43 -3.68 -122.10
CA VAL B 207 17.09 -3.58 -120.81
C VAL B 207 18.54 -3.15 -120.96
N GLN B 208 19.24 -3.69 -121.97
CA GLN B 208 20.63 -3.30 -122.15
C GLN B 208 20.77 -1.81 -122.47
N MET B 209 19.81 -1.24 -123.20
CA MET B 209 19.85 0.18 -123.48
C MET B 209 19.45 0.99 -122.24
N ILE B 210 18.46 0.51 -121.51
CA ILE B 210 17.96 1.30 -120.39
C ILE B 210 18.98 1.31 -119.25
N CYS B 211 19.75 0.24 -119.08
CA CYS B 211 20.85 0.25 -118.12
C CYS B 211 21.82 1.37 -118.41
N LEU B 212 22.09 1.64 -119.69
CA LEU B 212 23.05 2.65 -120.07
C LEU B 212 22.43 4.03 -120.28
N LEU B 213 21.10 4.15 -120.19
CA LEU B 213 20.55 5.49 -119.97
C LEU B 213 20.52 5.85 -118.50
N CYS B 214 20.20 4.89 -117.63
CA CYS B 214 20.12 5.17 -116.20
C CYS B 214 21.48 5.53 -115.60
N VAL B 215 22.57 5.17 -116.28
CA VAL B 215 23.89 5.53 -115.82
C VAL B 215 24.18 7.01 -116.08
N ARG B 216 23.52 7.63 -117.07
CA ARG B 216 23.96 8.96 -117.51
C ARG B 216 22.79 9.72 -118.15
N THR B 217 22.20 10.65 -117.41
CA THR B 217 21.33 11.65 -118.01
C THR B 217 21.05 12.79 -117.03
N ALA B 218 21.26 14.03 -117.50
CA ALA B 218 21.16 15.19 -116.63
C ALA B 218 19.73 15.42 -116.17
N SER B 219 18.75 15.05 -116.98
CA SER B 219 17.35 15.22 -116.60
C SER B 219 16.99 14.18 -115.55
N SER B 220 16.65 14.65 -114.34
CA SER B 220 16.34 13.73 -113.25
C SER B 220 15.07 12.94 -113.54
N VAL B 221 14.05 13.62 -114.06
CA VAL B 221 12.79 12.95 -114.35
C VAL B 221 12.98 11.87 -115.39
N ASP B 222 14.03 11.97 -116.20
CA ASP B 222 14.33 10.88 -117.13
C ASP B 222 14.55 9.58 -116.40
N ILE B 223 15.38 9.58 -115.36
CA ILE B 223 15.57 8.34 -114.60
C ILE B 223 14.37 8.05 -113.70
N GLU B 224 13.68 9.09 -113.24
CA GLU B 224 12.46 8.84 -112.48
C GLU B 224 11.47 8.03 -113.30
N VAL B 225 11.45 8.23 -114.62
CA VAL B 225 10.58 7.45 -115.48
C VAL B 225 11.25 6.16 -115.95
N SER B 226 12.58 6.16 -116.09
CA SER B 226 13.26 4.94 -116.49
C SER B 226 13.11 3.85 -115.45
N LEU B 227 13.09 4.24 -114.17
CA LEU B 227 12.78 3.28 -113.13
C LEU B 227 11.41 2.68 -113.34
N GLN B 228 10.46 3.47 -113.85
CA GLN B 228 9.14 2.93 -114.12
C GLN B 228 9.17 1.98 -115.31
N VAL B 229 9.97 2.30 -116.33
CA VAL B 229 10.10 1.39 -117.47
C VAL B 229 10.65 0.05 -117.01
N LEU B 230 11.68 0.07 -116.19
CA LEU B 230 12.22 -1.17 -115.68
C LEU B 230 11.24 -1.86 -114.73
N ASP B 231 10.47 -1.08 -113.99
CA ASP B 231 9.44 -1.67 -113.13
C ASP B 231 8.44 -2.44 -113.96
N ALA B 232 8.08 -1.91 -115.12
CA ALA B 232 7.22 -2.64 -116.04
C ALA B 232 7.89 -3.90 -116.57
N VAL B 233 9.18 -3.81 -116.95
CA VAL B 233 9.87 -4.98 -117.45
C VAL B 233 9.96 -6.05 -116.37
N VAL B 234 10.05 -5.64 -115.11
CA VAL B 234 10.17 -6.56 -113.99
C VAL B 234 8.83 -7.19 -113.64
N CYS B 235 7.75 -6.41 -113.66
CA CYS B 235 6.47 -6.86 -113.14
C CYS B 235 5.56 -7.47 -114.21
N TYR B 236 5.65 -7.01 -115.45
CA TYR B 236 4.80 -7.52 -116.51
C TYR B 236 5.57 -8.31 -117.56
N ASN B 237 6.85 -8.61 -117.29
CA ASN B 237 7.64 -9.47 -118.16
C ASN B 237 8.79 -10.02 -117.32
N CYS B 238 9.82 -10.57 -117.98
CA CYS B 238 10.94 -11.14 -117.27
C CYS B 238 12.21 -10.88 -118.05
N LEU B 239 13.33 -10.78 -117.33
CA LEU B 239 14.61 -10.32 -117.85
C LEU B 239 15.51 -11.51 -118.16
N PRO B 240 16.18 -11.51 -119.30
CA PRO B 240 17.12 -12.60 -119.60
C PRO B 240 18.30 -12.60 -118.66
N ALA B 241 18.87 -13.78 -118.46
CA ALA B 241 20.08 -13.91 -117.67
C ALA B 241 21.25 -13.15 -118.31
N GLU B 242 21.20 -12.91 -119.62
CA GLU B 242 22.21 -12.07 -120.26
C GLU B 242 21.98 -10.59 -120.01
N SER B 243 20.82 -10.22 -119.45
CA SER B 243 20.51 -8.83 -119.12
C SER B 243 20.58 -8.57 -117.63
N LEU B 244 20.37 -9.58 -116.80
CA LEU B 244 20.27 -9.38 -115.36
C LEU B 244 21.53 -8.79 -114.73
N PRO B 245 22.77 -9.25 -115.04
CA PRO B 245 23.94 -8.61 -114.44
C PRO B 245 24.00 -7.10 -114.69
N LEU B 246 23.66 -6.66 -115.89
CA LEU B 246 23.69 -5.23 -116.16
C LEU B 246 22.54 -4.52 -115.46
N PHE B 247 21.40 -5.19 -115.31
CA PHE B 247 20.33 -4.62 -114.50
C PHE B 247 20.77 -4.41 -113.07
N ILE B 248 21.48 -5.40 -112.51
CA ILE B 248 21.97 -5.29 -111.15
C ILE B 248 22.93 -4.12 -111.02
N VAL B 249 23.89 -4.03 -111.94
CA VAL B 249 24.85 -2.93 -111.90
C VAL B 249 24.13 -1.60 -112.01
N THR B 250 23.16 -1.49 -112.91
CA THR B 250 22.54 -0.20 -113.12
C THR B 250 21.63 0.18 -111.95
N LEU B 251 20.99 -0.80 -111.31
CA LEU B 251 20.18 -0.50 -110.14
C LEU B 251 21.06 -0.06 -108.97
N CYS B 252 22.16 -0.79 -108.76
CA CYS B 252 23.09 -0.45 -107.69
C CYS B 252 23.64 0.96 -107.89
N ARG B 253 24.00 1.31 -109.13
CA ARG B 253 24.41 2.68 -109.39
C ARG B 253 23.25 3.65 -109.15
N THR B 254 22.05 3.29 -109.60
CA THR B 254 20.95 4.26 -109.67
C THR B 254 20.50 4.73 -108.30
N ILE B 255 20.56 3.87 -107.29
CA ILE B 255 19.98 4.28 -106.00
C ILE B 255 20.72 5.46 -105.34
N ASN B 256 21.90 5.83 -105.81
CA ASN B 256 22.74 6.79 -105.08
C ASN B 256 22.22 8.22 -105.10
N VAL B 257 21.10 8.52 -105.77
CA VAL B 257 20.55 9.88 -105.83
C VAL B 257 19.33 9.96 -104.93
N LYS B 258 19.23 11.03 -104.14
CA LYS B 258 18.29 11.03 -103.01
C LYS B 258 16.83 10.99 -103.45
N GLU B 259 16.45 11.75 -104.49
CA GLU B 259 15.05 11.75 -104.90
C GLU B 259 14.61 10.41 -105.44
N LEU B 260 15.55 9.61 -105.95
CA LEU B 260 15.23 8.33 -106.57
C LEU B 260 15.29 7.15 -105.60
N CYS B 261 15.60 7.38 -104.32
CA CYS B 261 15.95 6.29 -103.41
C CYS B 261 14.81 5.31 -103.22
N GLU B 262 13.66 5.78 -102.76
CA GLU B 262 12.53 4.88 -102.54
C GLU B 262 12.03 4.24 -103.83
N PRO B 263 11.85 4.98 -104.94
CA PRO B 263 11.48 4.31 -106.19
C PRO B 263 12.47 3.27 -106.62
N CYS B 264 13.77 3.54 -106.44
CA CYS B 264 14.77 2.57 -106.84
C CYS B 264 14.71 1.31 -105.99
N TRP B 265 14.52 1.47 -104.67
CA TRP B 265 14.35 0.28 -103.85
C TRP B 265 13.08 -0.47 -104.20
N LYS B 266 12.01 0.25 -104.52
CA LYS B 266 10.78 -0.43 -104.90
C LYS B 266 11.00 -1.30 -106.13
N LEU B 267 11.72 -0.75 -107.11
CA LEU B 267 12.08 -1.53 -108.30
C LEU B 267 12.93 -2.74 -107.93
N MET B 268 13.93 -2.53 -107.08
CA MET B 268 14.78 -3.64 -106.69
C MET B 268 13.99 -4.70 -105.95
N ARG B 269 13.02 -4.28 -105.14
CA ARG B 269 12.16 -5.24 -104.46
C ARG B 269 11.38 -6.05 -105.47
N ASN B 270 10.79 -5.37 -106.45
CA ASN B 270 9.95 -6.07 -107.41
C ASN B 270 10.75 -7.10 -108.19
N LEU B 271 12.03 -6.84 -108.47
CA LEU B 271 12.80 -7.88 -109.13
C LEU B 271 13.30 -8.92 -108.14
N LEU B 272 13.89 -8.49 -107.05
CA LEU B 272 14.56 -9.37 -106.12
C LEU B 272 13.61 -10.37 -105.49
N GLY B 273 12.30 -10.10 -105.57
CA GLY B 273 11.32 -11.06 -105.11
C GLY B 273 11.01 -12.19 -106.09
N THR B 274 11.32 -12.00 -107.37
CA THR B 274 11.01 -13.01 -108.38
C THR B 274 12.00 -14.16 -108.32
N HIS B 275 11.86 -15.08 -109.28
CA HIS B 275 12.80 -16.18 -109.40
C HIS B 275 14.21 -15.65 -109.67
N LEU B 276 14.32 -14.52 -110.35
CA LEU B 276 15.62 -13.93 -110.58
C LEU B 276 16.30 -13.52 -109.29
N GLY B 277 15.59 -13.54 -108.16
CA GLY B 277 16.15 -13.03 -106.92
C GLY B 277 17.43 -13.74 -106.51
N HIS B 278 17.45 -15.07 -106.64
CA HIS B 278 18.62 -15.82 -106.18
C HIS B 278 19.81 -15.61 -107.08
N SER B 279 19.61 -15.66 -108.39
CA SER B 279 20.69 -15.34 -109.31
C SER B 279 21.18 -13.92 -109.07
N ALA B 280 20.26 -13.01 -108.73
CA ALA B 280 20.64 -11.64 -108.49
C ALA B 280 21.49 -11.51 -107.24
N ILE B 281 21.09 -12.18 -106.16
CA ILE B 281 21.89 -12.14 -104.94
C ILE B 281 23.28 -12.69 -105.21
N TYR B 282 23.36 -13.81 -105.93
CA TYR B 282 24.68 -14.38 -106.18
C TYR B 282 25.51 -13.46 -107.07
N ASN B 283 24.88 -12.77 -108.03
CA ASN B 283 25.63 -11.84 -108.86
C ASN B 283 26.08 -10.62 -108.06
N MET B 284 25.24 -10.11 -107.17
CA MET B 284 25.67 -9.02 -106.30
C MET B 284 26.86 -9.46 -105.45
N CYS B 285 26.80 -10.67 -104.91
CA CYS B 285 27.91 -11.18 -104.12
C CYS B 285 29.18 -11.27 -104.95
N HIS B 286 29.08 -11.77 -106.18
CA HIS B 286 30.27 -11.87 -107.00
C HIS B 286 30.76 -10.51 -107.46
N LEU B 287 29.87 -9.52 -107.53
CA LEU B 287 30.32 -8.14 -107.76
C LEU B 287 31.08 -7.61 -106.57
N MET B 288 30.77 -8.10 -105.37
CA MET B 288 31.62 -7.79 -104.23
C MET B 288 32.97 -8.50 -104.32
N GLU B 289 33.02 -9.68 -104.95
CA GLU B 289 34.21 -10.49 -104.82
C GLU B 289 35.25 -10.29 -105.92
N ASP B 290 34.83 -10.10 -107.17
CA ASP B 290 35.79 -10.08 -108.26
C ASP B 290 36.74 -8.89 -108.13
N ARG B 291 38.03 -9.15 -108.35
CA ARG B 291 39.04 -8.12 -108.16
C ARG B 291 38.84 -6.94 -109.09
N ALA B 292 38.26 -7.18 -110.27
CA ALA B 292 38.14 -6.12 -111.26
C ALA B 292 37.21 -5.00 -110.79
N TYR B 293 36.18 -5.32 -110.02
CA TYR B 293 35.19 -4.33 -109.61
C TYR B 293 35.57 -3.62 -108.31
N MET B 294 36.74 -3.94 -107.75
CA MET B 294 37.01 -3.62 -106.34
C MET B 294 36.86 -2.14 -106.05
N GLU B 295 37.37 -1.28 -106.92
CA GLU B 295 37.43 0.14 -106.58
C GLU B 295 36.07 0.83 -106.62
N ASP B 296 35.04 0.22 -107.22
CA ASP B 296 33.79 0.94 -107.52
C ASP B 296 32.94 1.08 -106.26
N ALA B 297 33.20 2.15 -105.51
CA ALA B 297 32.47 2.36 -104.27
C ALA B 297 30.97 2.59 -104.46
N PRO B 298 30.48 3.49 -105.33
CA PRO B 298 29.01 3.69 -105.41
C PRO B 298 28.26 2.45 -105.82
N LEU B 299 28.83 1.65 -106.72
CA LEU B 299 28.30 0.34 -107.05
C LEU B 299 28.25 -0.54 -105.80
N LEU B 300 29.32 -0.54 -105.01
CA LEU B 300 29.36 -1.42 -103.86
C LEU B 300 28.44 -0.94 -102.75
N ARG B 301 28.15 0.36 -102.67
CA ARG B 301 27.10 0.81 -101.78
C ARG B 301 25.77 0.20 -102.18
N GLY B 302 25.46 0.24 -103.48
CA GLY B 302 24.27 -0.45 -103.94
C GLY B 302 24.29 -1.94 -103.61
N ALA B 303 25.42 -2.59 -103.83
CA ALA B 303 25.49 -4.04 -103.68
C ALA B 303 25.31 -4.44 -102.22
N VAL B 304 26.07 -3.80 -101.33
CA VAL B 304 25.91 -4.02 -99.89
C VAL B 304 24.48 -3.74 -99.48
N PHE B 305 23.93 -2.61 -99.92
CA PHE B 305 22.60 -2.21 -99.47
C PHE B 305 21.58 -3.25 -99.86
N PHE B 306 21.54 -3.58 -101.15
CA PHE B 306 20.50 -4.46 -101.64
C PHE B 306 20.65 -5.86 -101.06
N VAL B 307 21.86 -6.41 -100.99
CA VAL B 307 22.00 -7.77 -100.46
C VAL B 307 21.56 -7.83 -99.01
N GLY B 308 22.07 -6.92 -98.19
CA GLY B 308 21.66 -6.92 -96.79
C GLY B 308 20.17 -6.68 -96.64
N MET B 309 19.63 -5.76 -97.43
CA MET B 309 18.23 -5.40 -97.34
C MET B 309 17.36 -6.60 -97.66
N ALA B 310 17.70 -7.33 -98.72
CA ALA B 310 16.86 -8.42 -99.16
C ALA B 310 16.93 -9.60 -98.21
N LEU B 311 18.13 -9.99 -97.80
CA LEU B 311 18.24 -11.18 -96.98
C LEU B 311 17.81 -10.94 -95.54
N TRP B 312 18.24 -9.81 -94.96
CA TRP B 312 18.05 -9.60 -93.53
C TRP B 312 17.61 -8.19 -93.17
N GLY B 313 17.18 -7.38 -94.12
CA GLY B 313 16.67 -6.06 -93.83
C GLY B 313 15.23 -6.09 -93.33
N ALA B 314 14.68 -4.88 -93.18
CA ALA B 314 13.30 -4.75 -92.70
C ALA B 314 12.31 -5.27 -93.74
N HIS B 315 12.50 -4.87 -95.00
CA HIS B 315 11.64 -5.35 -96.07
C HIS B 315 12.25 -6.57 -96.74
N ARG B 316 12.58 -7.58 -95.94
CA ARG B 316 13.17 -8.79 -96.49
C ARG B 316 12.17 -9.50 -97.38
N LEU B 317 12.68 -10.16 -98.42
CA LEU B 317 11.86 -10.95 -99.34
C LEU B 317 12.23 -12.40 -99.15
N TYR B 318 11.29 -13.17 -98.58
CA TYR B 318 11.57 -14.47 -97.98
C TYR B 318 11.91 -15.56 -98.98
N SER B 319 11.72 -15.34 -100.28
CA SER B 319 12.00 -16.37 -101.25
C SER B 319 13.49 -16.68 -101.38
N LEU B 320 14.36 -15.85 -100.83
CA LEU B 320 15.79 -16.02 -100.99
C LEU B 320 16.28 -17.05 -99.98
N ARG B 321 16.64 -18.24 -100.48
CA ARG B 321 17.14 -19.32 -99.64
C ARG B 321 18.64 -19.23 -99.45
N ASN B 322 19.21 -18.04 -99.56
CA ASN B 322 20.64 -17.83 -99.39
C ASN B 322 20.92 -17.52 -97.92
N SER B 323 21.70 -18.37 -97.28
CA SER B 323 22.00 -18.16 -95.88
C SER B 323 22.95 -16.96 -95.72
N PRO B 324 22.81 -16.19 -94.64
CA PRO B 324 23.81 -15.16 -94.36
C PRO B 324 25.21 -15.74 -94.19
N THR B 325 25.30 -16.99 -93.73
CA THR B 325 26.60 -17.65 -93.59
C THR B 325 27.36 -17.69 -94.91
N SER B 326 26.66 -17.80 -96.03
CA SER B 326 27.30 -17.86 -97.34
C SER B 326 27.45 -16.50 -98.00
N VAL B 327 26.85 -15.45 -97.44
CA VAL B 327 26.85 -14.14 -98.06
C VAL B 327 27.84 -13.22 -97.38
N LEU B 328 27.99 -13.38 -96.07
CA LEU B 328 28.97 -12.57 -95.34
C LEU B 328 30.39 -12.67 -95.88
N PRO B 329 30.87 -13.79 -96.42
CA PRO B 329 32.19 -13.78 -97.07
C PRO B 329 32.28 -12.83 -98.26
N SER B 330 31.16 -12.48 -98.89
CA SER B 330 31.21 -11.45 -99.92
C SER B 330 31.32 -10.07 -99.29
N PHE B 331 30.70 -9.89 -98.13
CA PHE B 331 30.90 -8.68 -97.37
C PHE B 331 32.35 -8.55 -96.91
N TYR B 332 33.06 -9.68 -96.73
CA TYR B 332 34.50 -9.64 -96.52
C TYR B 332 35.17 -8.73 -97.53
N GLN B 333 35.07 -9.11 -98.81
CA GLN B 333 35.74 -8.41 -99.89
C GLN B 333 35.07 -7.11 -100.27
N ALA B 334 33.86 -6.86 -99.77
CA ALA B 334 33.28 -5.53 -99.93
C ALA B 334 34.12 -4.46 -99.24
N MET B 335 35.01 -4.86 -98.35
CA MET B 335 35.91 -3.96 -97.65
C MET B 335 37.37 -4.13 -98.07
N ALA B 336 37.63 -4.78 -99.21
CA ALA B 336 39.00 -4.93 -99.67
C ALA B 336 39.63 -3.59 -100.03
N CYS B 337 38.81 -2.57 -100.30
CA CYS B 337 39.29 -1.20 -100.51
C CYS B 337 38.44 -0.27 -99.66
N PRO B 338 38.96 0.17 -98.52
CA PRO B 338 38.16 0.95 -97.57
C PRO B 338 37.53 2.19 -98.18
N ASN B 339 36.35 2.54 -97.69
CA ASN B 339 35.65 3.71 -98.20
C ASN B 339 34.73 4.27 -97.13
N GLU B 340 34.53 5.60 -97.19
CA GLU B 340 33.85 6.38 -96.15
C GLU B 340 32.34 6.27 -96.17
N VAL B 341 31.74 5.73 -97.22
CA VAL B 341 30.28 5.61 -97.24
C VAL B 341 29.83 4.18 -97.55
N VAL B 342 30.64 3.40 -98.26
CA VAL B 342 30.28 2.00 -98.44
C VAL B 342 30.24 1.27 -97.10
N SER B 343 31.26 1.47 -96.27
CA SER B 343 31.27 0.79 -94.99
C SER B 343 30.21 1.32 -94.04
N TYR B 344 29.71 2.54 -94.26
CA TYR B 344 28.56 3.01 -93.50
C TYR B 344 27.34 2.15 -93.81
N GLU B 345 27.16 1.83 -95.09
CA GLU B 345 26.10 0.91 -95.47
C GLU B 345 26.36 -0.49 -94.92
N ILE B 346 27.61 -0.94 -94.90
CA ILE B 346 27.91 -2.25 -94.35
C ILE B 346 27.54 -2.30 -92.87
N VAL B 347 27.94 -1.29 -92.11
CA VAL B 347 27.70 -1.34 -90.67
C VAL B 347 26.22 -1.19 -90.38
N LEU B 348 25.50 -0.40 -91.16
CA LEU B 348 24.05 -0.31 -90.92
C LEU B 348 23.37 -1.64 -91.24
N SER B 349 23.68 -2.24 -92.39
CA SER B 349 23.02 -3.48 -92.75
C SER B 349 23.37 -4.60 -91.78
N ILE B 350 24.64 -4.69 -91.37
CA ILE B 350 25.04 -5.67 -90.37
C ILE B 350 24.41 -5.36 -89.01
N THR B 351 24.13 -4.09 -88.72
CA THR B 351 23.40 -3.77 -87.50
C THR B 351 22.03 -4.40 -87.51
N ARG B 352 21.31 -4.30 -88.63
CA ARG B 352 20.01 -4.99 -88.67
C ARG B 352 20.19 -6.51 -88.65
N LEU B 353 21.25 -7.02 -89.29
CA LEU B 353 21.51 -8.45 -89.24
C LEU B 353 21.64 -8.95 -87.81
N ILE B 354 22.53 -8.33 -87.04
CA ILE B 354 22.80 -8.82 -85.69
C ILE B 354 21.63 -8.53 -84.75
N LYS B 355 21.08 -7.32 -84.81
CA LYS B 355 19.98 -6.98 -83.89
C LYS B 355 18.73 -7.81 -84.16
N LYS B 356 18.55 -8.31 -85.39
CA LYS B 356 17.40 -9.16 -85.67
C LYS B 356 17.75 -10.65 -85.51
N TYR B 357 18.75 -11.10 -86.25
CA TYR B 357 19.04 -12.53 -86.38
C TYR B 357 20.09 -12.98 -85.39
N ARG B 358 19.99 -12.41 -84.19
CA ARG B 358 20.85 -12.75 -83.05
C ARG B 358 21.16 -14.24 -82.97
N LYS B 359 20.13 -15.08 -83.03
CA LYS B 359 20.23 -16.50 -82.73
C LYS B 359 20.65 -17.34 -83.94
N GLU B 360 20.23 -16.95 -85.14
CA GLU B 360 20.55 -17.74 -86.31
C GLU B 360 22.05 -17.69 -86.62
N LEU B 361 22.73 -16.63 -86.18
CA LEU B 361 24.17 -16.55 -86.34
C LEU B 361 24.87 -17.51 -85.38
N GLN B 362 25.25 -18.69 -85.88
CA GLN B 362 25.99 -19.64 -85.08
C GLN B 362 27.48 -19.53 -85.41
N VAL B 363 28.29 -20.45 -84.87
CA VAL B 363 29.69 -20.13 -84.58
C VAL B 363 30.52 -19.92 -85.85
N VAL B 364 30.31 -20.70 -86.90
CA VAL B 364 31.08 -20.46 -88.12
C VAL B 364 30.70 -19.12 -88.73
N ALA B 365 29.41 -18.81 -88.74
CA ALA B 365 28.96 -17.50 -89.19
C ALA B 365 29.55 -16.40 -88.34
N TRP B 366 29.61 -16.60 -87.02
CA TRP B 366 30.19 -15.57 -86.16
C TRP B 366 31.68 -15.44 -86.40
N ASP B 367 32.36 -16.54 -86.70
CA ASP B 367 33.78 -16.43 -87.00
C ASP B 367 34.00 -15.56 -88.22
N ILE B 368 33.07 -15.61 -89.18
CA ILE B 368 33.14 -14.68 -90.31
C ILE B 368 32.78 -13.26 -89.87
N LEU B 369 31.69 -13.13 -89.12
CA LEU B 369 31.13 -11.81 -88.83
C LEU B 369 32.04 -11.01 -87.90
N LEU B 370 32.77 -11.70 -87.04
CA LEU B 370 33.78 -11.04 -86.23
C LEU B 370 34.89 -10.47 -87.09
N ASN B 371 35.30 -11.19 -88.15
CA ASN B 371 36.29 -10.64 -89.05
C ASN B 371 35.74 -9.47 -89.85
N ILE B 372 34.44 -9.51 -90.17
CA ILE B 372 33.78 -8.34 -90.74
C ILE B 372 33.97 -7.14 -89.83
N ILE B 373 33.70 -7.34 -88.54
CA ILE B 373 33.88 -6.27 -87.57
C ILE B 373 35.35 -5.88 -87.46
N GLU B 374 36.26 -6.85 -87.60
CA GLU B 374 37.69 -6.56 -87.52
C GLU B 374 38.11 -5.61 -88.64
N ARG B 375 37.66 -5.89 -89.85
CA ARG B 375 37.93 -5.00 -90.97
C ARG B 375 37.30 -3.63 -90.72
N LEU B 376 36.07 -3.61 -90.22
CA LEU B 376 35.44 -2.34 -89.92
C LEU B 376 36.24 -1.53 -88.92
N LEU B 377 36.79 -2.20 -87.90
CA LEU B 377 37.55 -1.50 -86.88
C LEU B 377 38.89 -1.00 -87.42
N GLN B 378 39.56 -1.82 -88.23
CA GLN B 378 40.78 -1.34 -88.88
C GLN B 378 40.51 -0.12 -89.72
N GLN B 379 39.32 -0.07 -90.35
CA GLN B 379 38.95 1.11 -91.13
C GLN B 379 38.57 2.29 -90.24
N LEU B 380 38.05 2.01 -89.04
CA LEU B 380 37.62 3.07 -88.14
C LEU B 380 38.74 4.04 -87.82
N GLN B 381 39.99 3.57 -87.90
CA GLN B 381 41.13 4.45 -87.63
C GLN B 381 41.15 5.63 -88.59
N THR B 382 40.85 5.38 -89.87
CA THR B 382 41.10 6.36 -90.91
C THR B 382 39.85 6.89 -91.58
N LEU B 383 38.69 6.27 -91.37
CA LEU B 383 37.50 6.82 -92.00
C LEU B 383 36.97 8.04 -91.26
N ASP B 384 37.21 8.12 -89.95
CA ASP B 384 37.19 9.37 -89.20
C ASP B 384 35.84 10.04 -89.00
N SER B 385 34.78 9.53 -89.61
CA SER B 385 33.53 10.29 -89.55
C SER B 385 32.86 10.12 -88.19
N PRO B 386 32.30 11.20 -87.63
CA PRO B 386 31.56 11.04 -86.37
C PRO B 386 30.38 10.10 -86.50
N GLU B 387 29.70 10.12 -87.64
CA GLU B 387 28.58 9.22 -87.85
C GLU B 387 29.05 7.77 -87.92
N LEU B 388 30.17 7.52 -88.61
CA LEU B 388 30.69 6.17 -88.65
C LEU B 388 31.18 5.72 -87.27
N ARG B 389 31.89 6.60 -86.55
CA ARG B 389 32.27 6.28 -85.19
C ARG B 389 31.04 5.87 -84.39
N THR B 390 30.00 6.69 -84.47
CA THR B 390 28.81 6.46 -83.67
C THR B 390 28.16 5.13 -84.01
N ILE B 391 28.00 4.84 -85.29
CA ILE B 391 27.27 3.63 -85.66
C ILE B 391 28.11 2.39 -85.40
N VAL B 392 29.43 2.45 -85.60
CA VAL B 392 30.26 1.30 -85.26
C VAL B 392 30.23 1.06 -83.76
N HIS B 393 30.29 2.14 -82.97
CA HIS B 393 30.19 2.00 -81.53
C HIS B 393 28.85 1.41 -81.12
N ASP B 394 27.78 1.86 -81.76
CA ASP B 394 26.45 1.30 -81.49
C ASP B 394 26.41 -0.17 -81.84
N LEU B 395 27.03 -0.56 -82.95
CA LEU B 395 27.05 -1.97 -83.33
C LEU B 395 27.76 -2.80 -82.26
N LEU B 396 28.96 -2.38 -81.87
CA LEU B 396 29.69 -3.14 -80.86
C LEU B 396 28.95 -3.10 -79.53
N THR B 397 28.24 -2.02 -79.24
CA THR B 397 27.44 -1.96 -78.04
C THR B 397 26.30 -2.98 -78.09
N THR B 398 25.68 -3.13 -79.26
CA THR B 398 24.62 -4.12 -79.38
C THR B 398 25.18 -5.53 -79.30
N VAL B 399 26.38 -5.74 -79.86
CA VAL B 399 27.03 -7.04 -79.71
C VAL B 399 27.29 -7.32 -78.24
N GLU B 400 27.72 -6.29 -77.51
CA GLU B 400 27.97 -6.44 -76.08
C GLU B 400 26.68 -6.74 -75.33
N GLU B 401 25.61 -6.03 -75.65
CA GLU B 401 24.31 -6.29 -75.03
C GLU B 401 23.90 -7.74 -75.26
N LEU B 402 23.97 -8.19 -76.52
CA LEU B 402 23.60 -9.55 -76.85
C LEU B 402 24.53 -10.55 -76.20
N CYS B 403 25.76 -10.15 -75.88
CA CYS B 403 26.66 -11.03 -75.15
C CYS B 403 26.23 -11.15 -73.69
N ASP B 404 25.81 -10.03 -73.08
CA ASP B 404 25.26 -10.09 -71.74
C ASP B 404 23.95 -10.88 -71.73
N GLN B 405 23.11 -10.66 -72.74
CA GLN B 405 21.90 -11.46 -72.89
C GLN B 405 22.20 -12.91 -73.25
N ASN B 406 23.45 -13.21 -73.60
CA ASN B 406 23.87 -14.50 -74.13
C ASN B 406 23.09 -14.87 -75.39
N GLU B 407 22.58 -13.86 -76.10
CA GLU B 407 22.07 -14.06 -77.45
C GLU B 407 23.20 -14.21 -78.45
N PHE B 408 24.37 -13.65 -78.16
CA PHE B 408 25.58 -13.92 -78.93
C PHE B 408 26.08 -15.32 -78.57
N HIS B 409 26.26 -16.17 -79.58
CA HIS B 409 26.75 -17.52 -79.39
C HIS B 409 28.11 -17.76 -80.01
N GLY B 410 28.76 -16.71 -80.50
CA GLY B 410 30.01 -16.87 -81.23
C GLY B 410 31.20 -17.07 -80.30
N SER B 411 32.40 -16.95 -80.89
CA SER B 411 33.62 -17.08 -80.11
C SER B 411 33.83 -15.83 -79.27
N GLN B 412 33.81 -15.99 -77.96
CA GLN B 412 34.08 -14.86 -77.08
C GLN B 412 35.56 -14.50 -77.09
N GLU B 413 36.44 -15.47 -77.29
CA GLU B 413 37.87 -15.17 -77.29
C GLU B 413 38.19 -14.15 -78.37
N ARG B 414 37.79 -14.41 -79.60
CA ARG B 414 38.11 -13.49 -80.68
C ARG B 414 37.32 -12.20 -80.57
N TYR B 415 36.05 -12.28 -80.15
CA TYR B 415 35.27 -11.05 -80.06
C TYR B 415 35.87 -10.12 -79.03
N PHE B 416 36.27 -10.65 -77.88
CA PHE B 416 36.86 -9.78 -76.88
C PHE B 416 38.29 -9.41 -77.20
N GLU B 417 38.99 -10.19 -78.04
CA GLU B 417 40.23 -9.67 -78.60
C GLU B 417 39.98 -8.44 -79.44
N LEU B 418 38.94 -8.49 -80.29
CA LEU B 418 38.60 -7.35 -81.12
C LEU B 418 38.14 -6.17 -80.26
N VAL B 419 37.44 -6.46 -79.17
CA VAL B 419 37.10 -5.42 -78.21
C VAL B 419 38.37 -4.81 -77.64
N GLU B 420 39.36 -5.65 -77.34
CA GLU B 420 40.62 -5.17 -76.79
C GLU B 420 41.34 -4.25 -77.77
N ARG B 421 41.37 -4.63 -79.04
CA ARG B 421 42.02 -3.77 -80.03
C ARG B 421 41.35 -2.41 -80.09
N CYS B 422 40.03 -2.39 -80.02
CA CYS B 422 39.28 -1.14 -79.97
C CYS B 422 39.03 -0.67 -78.55
N ALA B 423 39.60 -1.36 -77.55
CA ALA B 423 39.37 -0.95 -76.17
C ALA B 423 39.85 0.47 -75.92
N ASP B 424 40.84 0.91 -76.69
CA ASP B 424 41.38 2.25 -76.53
C ASP B 424 40.36 3.32 -76.89
N GLN B 425 39.16 2.92 -77.28
CA GLN B 425 38.19 3.86 -77.84
C GLN B 425 37.20 4.33 -76.78
N ARG B 426 36.20 5.10 -77.24
CA ARG B 426 35.32 5.84 -76.34
C ARG B 426 34.47 4.97 -75.40
N PRO B 427 33.81 3.90 -75.85
CA PRO B 427 32.76 3.29 -75.01
C PRO B 427 33.28 2.90 -73.64
N GLU B 428 32.49 3.21 -72.62
CA GLU B 428 32.92 3.07 -71.24
C GLU B 428 32.50 1.73 -70.64
N SER B 429 31.20 1.45 -70.62
CA SER B 429 30.71 0.21 -70.03
C SER B 429 31.25 -1.00 -70.76
N SER B 430 31.56 -0.84 -72.05
CA SER B 430 32.15 -1.94 -72.80
C SER B 430 33.45 -2.39 -72.16
N LEU B 431 34.24 -1.45 -71.65
CA LEU B 431 35.49 -1.82 -71.00
C LEU B 431 35.23 -2.62 -69.74
N LEU B 432 34.22 -2.23 -68.96
CA LEU B 432 33.88 -3.01 -67.77
C LEU B 432 33.48 -4.42 -68.16
N ASN B 433 32.68 -4.55 -69.21
CA ASN B 433 32.29 -5.88 -69.66
C ASN B 433 33.50 -6.69 -70.11
N LEU B 434 34.42 -6.07 -70.85
CA LEU B 434 35.59 -6.78 -71.33
C LEU B 434 36.43 -7.27 -70.17
N ILE B 435 36.66 -6.42 -69.17
CA ILE B 435 37.49 -6.80 -68.05
C ILE B 435 36.84 -7.93 -67.27
N SER B 436 35.53 -7.81 -67.02
CA SER B 436 34.81 -8.87 -66.32
C SER B 436 34.91 -10.18 -67.08
N TYR B 437 34.77 -10.14 -68.40
CA TYR B 437 34.90 -11.35 -69.19
C TYR B 437 36.27 -11.96 -69.03
N ARG B 438 37.31 -11.17 -69.24
CA ARG B 438 38.66 -11.71 -69.21
C ARG B 438 39.01 -12.27 -67.85
N ALA B 439 38.32 -11.82 -66.81
CA ALA B 439 38.52 -12.44 -65.50
C ALA B 439 38.32 -13.94 -65.54
N GLN B 440 37.45 -14.43 -66.43
CA GLN B 440 37.13 -15.85 -66.44
C GLN B 440 38.36 -16.69 -66.73
N SER B 441 39.20 -16.25 -67.66
CA SER B 441 40.40 -16.98 -68.01
C SER B 441 41.50 -16.84 -66.97
N ILE B 442 41.20 -16.26 -65.81
CA ILE B 442 42.17 -16.07 -64.74
C ILE B 442 41.63 -16.78 -63.52
N HIS B 443 42.24 -17.91 -63.18
CA HIS B 443 41.74 -18.71 -62.06
C HIS B 443 42.83 -19.66 -61.65
N PRO B 444 43.03 -19.91 -60.36
CA PRO B 444 44.17 -20.72 -59.92
C PRO B 444 44.25 -22.09 -60.58
N ALA B 445 43.10 -22.69 -60.90
CA ALA B 445 43.13 -24.02 -61.50
C ALA B 445 43.56 -23.98 -62.95
N LYS B 446 43.30 -22.88 -63.65
CA LYS B 446 43.54 -22.82 -65.09
C LYS B 446 44.99 -22.44 -65.40
N ASP B 447 45.50 -23.00 -66.49
CA ASP B 447 46.88 -22.79 -66.88
C ASP B 447 47.12 -21.36 -67.33
N GLY B 448 48.31 -20.85 -67.03
CA GLY B 448 48.68 -19.50 -67.44
C GLY B 448 47.84 -18.41 -66.84
N TRP B 449 47.10 -18.71 -65.77
CA TRP B 449 46.18 -17.73 -65.21
C TRP B 449 46.91 -16.51 -64.67
N ILE B 450 48.03 -16.73 -63.99
CA ILE B 450 48.80 -15.61 -63.49
C ILE B 450 49.26 -14.74 -64.64
N GLN B 451 49.73 -15.36 -65.73
CA GLN B 451 50.18 -14.60 -66.88
C GLN B 451 49.04 -13.84 -67.51
N ASN B 452 47.87 -14.45 -67.62
CA ASN B 452 46.72 -13.76 -68.18
C ASN B 452 46.35 -12.56 -67.33
N LEU B 453 46.36 -12.73 -66.01
CA LEU B 453 46.10 -11.61 -65.10
C LEU B 453 47.17 -10.54 -65.26
N GLN B 454 48.42 -10.96 -65.43
CA GLN B 454 49.49 -10.01 -65.66
C GLN B 454 49.18 -9.15 -66.86
N ALA B 455 48.81 -9.79 -67.97
CA ALA B 455 48.47 -9.03 -69.16
C ALA B 455 47.27 -8.13 -68.90
N LEU B 456 46.28 -8.63 -68.17
CA LEU B 456 45.08 -7.85 -67.92
C LEU B 456 45.40 -6.58 -67.16
N MET B 457 46.25 -6.68 -66.14
CA MET B 457 46.60 -5.49 -65.38
C MET B 457 47.59 -4.62 -66.13
N GLU B 458 48.53 -5.22 -66.86
CA GLU B 458 49.51 -4.44 -67.60
C GLU B 458 48.81 -3.60 -68.67
N ARG B 459 47.71 -4.09 -69.20
CA ARG B 459 46.97 -3.28 -70.16
C ARG B 459 45.99 -2.33 -69.46
N PHE B 460 45.15 -2.86 -68.59
CA PHE B 460 44.03 -2.11 -68.06
C PHE B 460 44.22 -1.64 -66.62
N PHE B 461 45.37 -1.89 -66.01
CA PHE B 461 45.64 -1.36 -64.68
C PHE B 461 46.87 -0.47 -64.65
N ARG B 462 47.99 -0.93 -65.19
CA ARG B 462 49.25 -0.19 -65.14
C ARG B 462 49.53 0.58 -66.42
N SER B 463 48.63 0.52 -67.39
CA SER B 463 48.70 1.37 -68.57
C SER B 463 47.32 1.91 -68.90
N GLU B 464 46.57 2.29 -67.88
CA GLU B 464 45.21 2.75 -68.05
C GLU B 464 44.94 3.86 -67.03
N SER B 465 43.95 4.70 -67.34
CA SER B 465 43.59 5.79 -66.46
C SER B 465 42.09 5.97 -66.26
N ARG B 466 41.25 5.20 -66.95
CA ARG B 466 39.81 5.32 -66.75
C ARG B 466 39.42 4.72 -65.41
N GLY B 467 38.99 5.57 -64.48
CA GLY B 467 38.90 5.18 -63.09
C GLY B 467 38.04 3.96 -62.85
N ALA B 468 36.86 3.93 -63.46
CA ALA B 468 35.98 2.78 -63.28
C ALA B 468 36.62 1.52 -63.83
N VAL B 469 37.35 1.64 -64.94
CA VAL B 469 37.97 0.47 -65.54
C VAL B 469 39.01 -0.12 -64.59
N ARG B 470 39.88 0.74 -64.04
CA ARG B 470 40.89 0.25 -63.12
C ARG B 470 40.26 -0.23 -61.82
N ILE B 471 39.18 0.41 -61.39
CA ILE B 471 38.45 -0.07 -60.23
C ILE B 471 37.99 -1.49 -60.47
N LYS B 472 37.44 -1.75 -61.64
CA LYS B 472 36.92 -3.08 -61.93
C LYS B 472 38.05 -4.08 -62.09
N VAL B 473 39.18 -3.67 -62.66
CA VAL B 473 40.33 -4.56 -62.76
C VAL B 473 40.80 -4.96 -61.37
N LEU B 474 40.84 -3.99 -60.46
CA LEU B 474 41.29 -4.31 -59.11
C LEU B 474 40.24 -5.14 -58.37
N ASP B 475 38.96 -4.91 -58.64
CA ASP B 475 37.94 -5.77 -58.05
C ASP B 475 38.05 -7.18 -58.58
N VAL B 476 38.39 -7.32 -59.86
CA VAL B 476 38.63 -8.64 -60.44
C VAL B 476 39.82 -9.30 -59.77
N LEU B 477 40.89 -8.55 -59.54
CA LEU B 477 42.04 -9.13 -58.85
C LEU B 477 41.65 -9.53 -57.43
N SER B 478 40.83 -8.72 -56.77
CA SER B 478 40.39 -9.07 -55.43
C SER B 478 39.58 -10.34 -55.45
N PHE B 479 38.70 -10.49 -56.43
CA PHE B 479 37.92 -11.72 -56.55
C PHE B 479 38.81 -12.90 -56.85
N VAL B 480 39.86 -12.70 -57.63
CA VAL B 480 40.81 -13.77 -57.89
C VAL B 480 41.53 -14.15 -56.61
N LEU B 481 41.87 -13.18 -55.78
CA LEU B 481 42.57 -13.47 -54.53
C LEU B 481 41.65 -14.16 -53.52
N LEU B 482 40.40 -13.73 -53.45
CA LEU B 482 39.43 -14.35 -52.57
C LEU B 482 39.13 -15.78 -53.02
N ILE B 483 39.03 -16.00 -54.33
CA ILE B 483 38.91 -17.36 -54.85
C ILE B 483 40.18 -18.14 -54.56
N ASN B 484 41.33 -17.53 -54.76
CA ASN B 484 42.61 -18.15 -54.43
C ASN B 484 42.61 -18.61 -52.99
N ARG B 485 42.25 -17.70 -52.08
CA ARG B 485 42.08 -18.02 -50.68
C ARG B 485 43.31 -18.76 -50.14
N GLN B 486 44.48 -18.16 -50.38
CA GLN B 486 45.77 -18.57 -49.85
C GLN B 486 46.31 -19.81 -50.58
N PHE B 487 45.52 -20.44 -51.46
CA PHE B 487 45.90 -21.75 -52.00
C PHE B 487 47.26 -21.71 -52.68
N TYR B 488 47.43 -20.78 -53.62
CA TYR B 488 48.72 -20.55 -54.27
C TYR B 488 49.15 -19.11 -54.10
N GLU B 489 48.83 -18.50 -52.97
CA GLU B 489 49.17 -17.10 -52.78
C GLU B 489 50.67 -16.88 -52.67
N GLU B 490 51.46 -17.93 -52.45
CA GLU B 490 52.91 -17.79 -52.52
C GLU B 490 53.34 -17.25 -53.87
N GLU B 491 53.07 -18.03 -54.93
CA GLU B 491 53.47 -17.63 -56.27
C GLU B 491 52.74 -16.37 -56.71
N LEU B 492 51.44 -16.28 -56.44
CA LEU B 492 50.66 -15.15 -56.91
C LEU B 492 51.12 -13.86 -56.27
N ILE B 493 51.30 -13.87 -54.94
CA ILE B 493 51.89 -12.72 -54.28
C ILE B 493 53.23 -12.40 -54.92
N ASN B 494 54.17 -13.36 -54.87
CA ASN B 494 55.53 -13.12 -55.28
C ASN B 494 55.61 -12.49 -56.67
N SER B 495 54.74 -12.92 -57.58
CA SER B 495 54.75 -12.32 -58.92
C SER B 495 53.95 -11.02 -58.95
N VAL B 496 52.64 -11.10 -58.79
CA VAL B 496 51.78 -9.98 -59.14
C VAL B 496 51.81 -8.91 -58.07
N VAL B 497 51.71 -9.29 -56.80
CA VAL B 497 51.62 -8.30 -55.75
C VAL B 497 52.90 -7.50 -55.68
N ILE B 498 54.04 -8.16 -55.90
CA ILE B 498 55.31 -7.44 -55.95
C ILE B 498 55.36 -6.57 -57.20
N SER B 499 54.96 -7.11 -58.35
CA SER B 499 55.18 -6.39 -59.60
C SER B 499 54.22 -5.22 -59.77
N GLN B 500 52.91 -5.52 -59.87
CA GLN B 500 51.97 -4.52 -60.34
C GLN B 500 51.69 -3.48 -59.27
N LEU B 501 51.60 -3.91 -58.02
CA LEU B 501 50.85 -3.13 -57.03
C LEU B 501 51.59 -1.88 -56.59
N SER B 502 52.93 -1.89 -56.57
CA SER B 502 53.70 -0.86 -55.88
C SER B 502 53.42 0.56 -56.37
N HIS B 503 52.72 0.72 -57.50
CA HIS B 503 52.44 2.05 -58.02
C HIS B 503 51.32 2.76 -57.29
N ILE B 504 50.64 2.06 -56.37
CA ILE B 504 49.44 2.64 -55.75
C ILE B 504 49.74 3.89 -54.93
N PRO B 505 50.75 3.94 -54.06
CA PRO B 505 51.02 5.22 -53.37
C PRO B 505 51.41 6.33 -54.31
N GLU B 506 52.11 6.02 -55.40
CA GLU B 506 52.44 7.02 -56.40
C GLU B 506 51.25 7.34 -57.30
N ASP B 507 50.25 6.47 -57.32
CA ASP B 507 49.08 6.70 -58.15
C ASP B 507 48.38 7.99 -57.70
N LYS B 508 47.65 8.57 -58.63
CA LYS B 508 46.88 9.77 -58.36
C LYS B 508 45.41 9.61 -58.70
N ASP B 509 44.98 8.42 -59.11
CA ASP B 509 43.56 8.12 -59.29
C ASP B 509 42.96 7.95 -57.90
N HIS B 510 42.23 8.97 -57.44
CA HIS B 510 42.00 9.14 -56.00
C HIS B 510 41.16 8.00 -55.43
N GLN B 511 40.13 7.56 -56.15
CA GLN B 511 39.29 6.50 -55.61
C GLN B 511 40.00 5.15 -55.66
N VAL B 512 40.67 4.88 -56.78
CA VAL B 512 41.29 3.57 -57.00
C VAL B 512 42.20 3.20 -55.84
N ARG B 513 42.81 4.20 -55.21
CA ARG B 513 43.77 3.91 -54.14
C ARG B 513 43.08 3.23 -52.96
N LYS B 514 41.86 3.64 -52.63
CA LYS B 514 41.16 3.05 -51.49
C LYS B 514 40.99 1.54 -51.67
N LEU B 515 40.41 1.13 -52.81
CA LEU B 515 40.22 -0.28 -53.06
C LEU B 515 41.54 -1.01 -53.20
N ALA B 516 42.54 -0.34 -53.78
CA ALA B 516 43.84 -0.96 -53.91
C ALA B 516 44.43 -1.29 -52.55
N THR B 517 44.36 -0.33 -51.62
CA THR B 517 44.87 -0.59 -50.28
C THR B 517 44.05 -1.66 -49.59
N GLN B 518 42.75 -1.77 -49.89
CA GLN B 518 41.99 -2.87 -49.30
C GLN B 518 42.50 -4.21 -49.80
N LEU B 519 42.81 -4.28 -51.10
CA LEU B 519 43.42 -5.50 -51.64
C LEU B 519 44.75 -5.78 -50.95
N LEU B 520 45.55 -4.73 -50.76
CA LEU B 520 46.83 -4.89 -50.09
C LEU B 520 46.65 -5.34 -48.65
N VAL B 521 45.58 -4.91 -48.00
CA VAL B 521 45.29 -5.35 -46.64
C VAL B 521 44.99 -6.83 -46.62
N ASP B 522 44.17 -7.29 -47.58
CA ASP B 522 43.91 -8.73 -47.67
C ASP B 522 45.19 -9.51 -47.88
N LEU B 523 46.06 -9.02 -48.78
CA LEU B 523 47.31 -9.71 -49.05
C LEU B 523 48.24 -9.71 -47.84
N ALA B 524 48.32 -8.57 -47.13
CA ALA B 524 49.17 -8.49 -45.96
C ALA B 524 48.69 -9.45 -44.88
N GLU B 525 47.36 -9.55 -44.70
CA GLU B 525 46.84 -10.55 -43.78
C GLU B 525 47.16 -11.96 -44.26
N GLY B 526 47.29 -12.15 -45.58
CA GLY B 526 47.57 -13.48 -46.10
C GLY B 526 48.99 -13.94 -45.89
N CYS B 527 49.96 -13.08 -46.20
CA CYS B 527 51.34 -13.55 -46.38
C CYS B 527 51.95 -14.05 -45.08
N HIS B 528 52.86 -14.99 -45.22
CA HIS B 528 53.70 -15.51 -44.15
C HIS B 528 55.17 -15.51 -44.51
N THR B 529 55.52 -15.79 -45.76
CA THR B 529 56.90 -15.85 -46.18
C THR B 529 57.46 -14.43 -46.36
N HIS B 530 58.74 -14.35 -46.68
CA HIS B 530 59.48 -13.09 -46.68
C HIS B 530 58.95 -12.09 -47.70
N HIS B 531 57.92 -12.47 -48.47
CA HIS B 531 57.33 -11.53 -49.41
C HIS B 531 56.48 -10.47 -48.72
N PHE B 532 56.23 -10.60 -47.42
CA PHE B 532 55.31 -9.71 -46.72
C PHE B 532 55.86 -8.29 -46.60
N ASN B 533 57.18 -8.15 -46.49
CA ASN B 533 57.76 -6.84 -46.20
C ASN B 533 57.43 -5.84 -47.30
N SER B 534 57.35 -6.29 -48.55
CA SER B 534 56.95 -5.39 -49.64
C SER B 534 55.53 -4.88 -49.43
N LEU B 535 54.61 -5.76 -49.06
CA LEU B 535 53.25 -5.34 -48.78
C LEU B 535 53.23 -4.30 -47.67
N LEU B 536 53.98 -4.56 -46.60
CA LEU B 536 54.02 -3.60 -45.51
C LEU B 536 54.59 -2.27 -45.97
N ASP B 537 55.60 -2.30 -46.83
CA ASP B 537 56.19 -1.07 -47.36
C ASP B 537 55.16 -0.27 -48.14
N ILE B 538 54.40 -0.95 -48.99
CA ILE B 538 53.39 -0.27 -49.80
C ILE B 538 52.35 0.38 -48.91
N ILE B 539 51.88 -0.37 -47.91
CA ILE B 539 50.85 0.16 -47.01
C ILE B 539 51.43 1.31 -46.18
N GLU B 540 52.73 1.28 -45.89
CA GLU B 540 53.33 2.39 -45.17
C GLU B 540 53.39 3.64 -46.02
N LYS B 541 53.73 3.48 -47.30
CA LYS B 541 53.88 4.64 -48.17
C LYS B 541 52.53 5.32 -48.44
N VAL B 542 51.47 4.52 -48.61
CA VAL B 542 50.19 5.08 -49.04
C VAL B 542 49.64 6.07 -48.00
N MET B 543 49.95 5.89 -46.72
CA MET B 543 49.43 6.77 -45.69
C MET B 543 50.16 8.11 -45.69
N ALA B 544 51.46 8.08 -45.46
CA ALA B 544 52.23 9.31 -45.35
C ALA B 544 52.21 10.11 -46.64
N ARG B 545 51.98 9.46 -47.79
CA ARG B 545 52.00 10.19 -49.05
C ARG B 545 51.03 11.37 -49.04
N SER B 546 49.89 11.22 -48.38
CA SER B 546 48.94 12.32 -48.26
C SER B 546 49.13 13.04 -46.93
N LEU B 547 48.66 14.29 -46.87
CA LEU B 547 48.89 15.18 -45.74
C LEU B 547 47.66 16.07 -45.49
N SER B 548 47.69 16.78 -44.36
CA SER B 548 46.64 17.74 -43.96
C SER B 548 46.48 18.86 -44.98
N PRO B 549 45.31 19.48 -45.08
CA PRO B 549 45.00 20.34 -46.23
C PRO B 549 45.81 21.62 -46.24
N PRO B 550 46.34 22.02 -47.40
CA PRO B 550 46.95 23.34 -47.54
C PRO B 550 45.89 24.44 -47.51
N PRO B 551 46.22 25.61 -46.96
CA PRO B 551 45.18 26.61 -46.66
C PRO B 551 44.59 27.30 -47.88
N GLU B 552 45.17 27.13 -49.07
CA GLU B 552 44.56 27.71 -50.26
C GLU B 552 43.19 27.09 -50.54
N LEU B 553 42.91 25.93 -49.97
CA LEU B 553 41.62 25.27 -50.15
C LEU B 553 40.55 26.02 -49.38
N GLU B 554 39.52 26.48 -50.09
CA GLU B 554 38.33 27.03 -49.44
C GLU B 554 37.41 25.90 -48.96
N GLU B 555 36.34 26.29 -48.27
CA GLU B 555 35.39 25.32 -47.71
C GLU B 555 34.90 24.34 -48.77
N ARG B 556 34.58 24.85 -49.96
CA ARG B 556 34.09 24.02 -51.05
C ARG B 556 35.19 23.22 -51.73
N ASP B 557 36.46 23.61 -51.51
CA ASP B 557 37.60 22.80 -51.94
C ASP B 557 37.95 21.74 -50.91
N VAL B 558 37.90 22.09 -49.63
CA VAL B 558 38.08 21.11 -48.56
C VAL B 558 37.00 20.04 -48.64
N ALA B 559 35.79 20.42 -49.05
CA ALA B 559 34.71 19.44 -49.20
C ALA B 559 35.08 18.32 -50.16
N ALA B 560 36.01 18.57 -51.09
CA ALA B 560 36.55 17.53 -51.94
C ALA B 560 37.83 16.93 -51.38
N TYR B 561 38.75 17.78 -50.93
CA TYR B 561 40.06 17.30 -50.47
C TYR B 561 39.92 16.37 -49.27
N SER B 562 38.88 16.56 -48.46
CA SER B 562 38.63 15.67 -47.34
C SER B 562 38.38 14.25 -47.82
N ALA B 563 37.47 14.08 -48.78
CA ALA B 563 37.26 12.77 -49.38
C ALA B 563 38.53 12.27 -50.06
N SER B 564 39.33 13.18 -50.61
CA SER B 564 40.58 12.77 -51.23
C SER B 564 41.53 12.15 -50.22
N LEU B 565 41.46 12.60 -48.96
CA LEU B 565 42.31 12.02 -47.92
C LEU B 565 41.86 10.63 -47.47
N GLU B 566 40.66 10.16 -47.82
CA GLU B 566 40.22 8.85 -47.36
C GLU B 566 41.08 7.74 -47.94
N ASP B 567 41.90 8.09 -48.94
CA ASP B 567 43.12 7.39 -49.29
C ASP B 567 43.84 6.83 -48.06
N VAL B 568 43.99 7.66 -47.03
CA VAL B 568 44.66 7.23 -45.80
C VAL B 568 43.74 6.36 -44.95
N LYS B 569 42.47 6.76 -44.86
CA LYS B 569 41.58 6.17 -43.87
C LYS B 569 41.37 4.69 -44.12
N THR B 570 41.15 4.30 -45.38
CA THR B 570 41.00 2.86 -45.64
C THR B 570 42.27 2.10 -45.31
N ALA B 571 43.44 2.71 -45.58
CA ALA B 571 44.70 2.03 -45.30
C ALA B 571 44.90 1.79 -43.81
N VAL B 572 44.66 2.81 -42.99
CA VAL B 572 44.96 2.69 -41.57
C VAL B 572 43.94 1.79 -40.88
N LEU B 573 42.67 1.88 -41.29
CA LEU B 573 41.70 0.92 -40.78
C LEU B 573 42.09 -0.51 -41.18
N GLY B 574 42.63 -0.67 -42.39
CA GLY B 574 43.17 -1.96 -42.77
C GLY B 574 44.34 -2.39 -41.91
N LEU B 575 45.15 -1.44 -41.45
CA LEU B 575 46.23 -1.80 -40.53
C LEU B 575 45.67 -2.35 -39.23
N LEU B 576 44.58 -1.78 -38.74
CA LEU B 576 43.88 -2.38 -37.60
C LEU B 576 43.51 -3.82 -37.91
N VAL B 577 42.91 -4.04 -39.08
CA VAL B 577 42.48 -5.37 -39.47
C VAL B 577 43.66 -6.33 -39.55
N ILE B 578 44.78 -5.85 -40.10
CA ILE B 578 45.97 -6.67 -40.25
C ILE B 578 46.53 -7.07 -38.90
N LEU B 579 46.62 -6.11 -37.98
CA LEU B 579 47.17 -6.40 -36.66
C LEU B 579 46.31 -7.42 -35.91
N GLN B 580 44.98 -7.28 -36.00
CA GLN B 580 44.11 -8.18 -35.26
C GLN B 580 44.38 -9.64 -35.62
N THR B 581 44.82 -9.90 -36.84
CA THR B 581 45.14 -11.26 -37.25
C THR B 581 46.61 -11.58 -37.05
N LYS B 582 47.49 -10.61 -37.26
CA LYS B 582 48.92 -10.87 -37.22
C LYS B 582 49.47 -10.98 -35.81
N LEU B 583 48.71 -10.56 -34.80
CA LEU B 583 49.20 -10.71 -33.43
C LEU B 583 49.42 -12.19 -33.09
N TYR B 584 48.57 -13.07 -33.61
CA TYR B 584 48.67 -14.50 -33.33
C TYR B 584 49.30 -15.27 -34.47
N THR B 585 50.27 -14.68 -35.16
CA THR B 585 50.77 -15.23 -36.42
C THR B 585 52.29 -15.33 -36.39
N LEU B 586 52.81 -16.46 -36.82
CA LEU B 586 54.23 -16.48 -37.13
C LEU B 586 54.46 -16.11 -38.59
N PRO B 587 55.47 -15.30 -38.91
CA PRO B 587 56.44 -14.67 -38.00
C PRO B 587 55.85 -13.48 -37.28
N ALA B 588 56.27 -13.22 -36.05
CA ALA B 588 55.75 -12.10 -35.28
C ALA B 588 56.22 -10.76 -35.81
N SER B 589 57.17 -10.76 -36.75
CA SER B 589 57.59 -9.50 -37.35
C SER B 589 56.40 -8.76 -37.94
N HIS B 590 55.42 -9.49 -38.45
CA HIS B 590 54.19 -8.88 -38.93
C HIS B 590 53.56 -8.00 -37.87
N ALA B 591 53.22 -8.58 -36.72
CA ALA B 591 52.55 -7.83 -35.68
C ALA B 591 53.40 -6.68 -35.18
N THR B 592 54.70 -6.93 -34.98
CA THR B 592 55.61 -5.89 -34.51
C THR B 592 55.59 -4.69 -35.44
N ARG B 593 55.81 -4.93 -36.74
CA ARG B 593 55.90 -3.82 -37.66
C ARG B 593 54.55 -3.15 -37.86
N VAL B 594 53.47 -3.92 -37.88
CA VAL B 594 52.16 -3.32 -38.08
C VAL B 594 51.81 -2.43 -36.90
N TYR B 595 52.07 -2.90 -35.68
CA TYR B 595 51.84 -2.07 -34.51
C TYR B 595 52.68 -0.81 -34.55
N GLU B 596 53.97 -0.94 -34.92
CA GLU B 596 54.83 0.23 -34.98
C GLU B 596 54.34 1.23 -36.03
N MET B 597 53.95 0.73 -37.20
CA MET B 597 53.45 1.62 -38.25
C MET B 597 52.18 2.33 -37.80
N LEU B 598 51.27 1.60 -37.17
CA LEU B 598 50.01 2.18 -36.74
C LEU B 598 50.24 3.26 -35.70
N VAL B 599 51.03 2.93 -34.68
CA VAL B 599 51.32 3.88 -33.62
C VAL B 599 52.08 5.07 -34.17
N SER B 600 53.02 4.83 -35.10
CA SER B 600 53.80 5.92 -35.67
C SER B 600 52.94 6.84 -36.50
N HIS B 601 51.96 6.30 -37.23
CA HIS B 601 51.06 7.15 -37.97
C HIS B 601 50.23 8.02 -37.03
N ILE B 602 49.65 7.41 -36.00
CA ILE B 602 48.84 8.24 -35.11
C ILE B 602 49.72 9.18 -34.29
N GLN B 603 51.02 8.88 -34.15
CA GLN B 603 51.92 9.86 -33.53
C GLN B 603 52.24 11.00 -34.48
N LEU B 604 52.41 10.70 -35.77
CA LEU B 604 52.61 11.76 -36.74
C LEU B 604 51.40 12.68 -36.78
N HIS B 605 50.23 12.15 -36.44
CA HIS B 605 49.07 13.03 -36.30
C HIS B 605 49.32 14.14 -35.30
N TYR B 606 50.10 13.87 -34.26
CA TYR B 606 50.40 14.88 -33.25
C TYR B 606 51.72 15.60 -33.52
N LYS B 607 52.61 14.99 -34.30
CA LYS B 607 53.76 15.71 -34.82
C LYS B 607 53.34 16.78 -35.82
N HIS B 608 52.17 16.63 -36.45
CA HIS B 608 51.68 17.58 -37.44
C HIS B 608 50.37 18.24 -37.06
N SER B 609 49.60 17.69 -36.13
CA SER B 609 48.30 18.23 -35.72
C SER B 609 47.31 18.29 -36.88
N TYR B 610 47.00 17.11 -37.45
CA TYR B 610 45.96 17.01 -38.46
C TYR B 610 44.59 17.31 -37.86
N THR B 611 43.68 17.90 -38.66
CA THR B 611 42.46 18.48 -38.09
C THR B 611 41.15 18.12 -38.79
N LEU B 612 41.16 17.65 -40.04
CA LEU B 612 39.91 17.37 -40.75
C LEU B 612 39.18 16.18 -40.15
N PRO B 613 37.85 16.12 -40.31
CA PRO B 613 37.09 14.99 -39.75
C PRO B 613 37.59 13.62 -40.22
N ILE B 614 38.14 13.53 -41.42
CA ILE B 614 38.74 12.27 -41.85
C ILE B 614 39.91 11.89 -40.95
N ALA B 615 40.77 12.87 -40.63
CA ALA B 615 41.88 12.59 -39.72
C ALA B 615 41.40 12.27 -38.32
N SER B 616 40.45 13.05 -37.81
CA SER B 616 40.02 12.82 -36.43
C SER B 616 39.30 11.49 -36.28
N SER B 617 38.53 11.08 -37.29
CA SER B 617 37.90 9.77 -37.24
C SER B 617 38.91 8.64 -37.42
N ILE B 618 39.99 8.88 -38.20
CA ILE B 618 41.08 7.90 -38.23
C ILE B 618 41.58 7.66 -36.82
N ARG B 619 41.85 8.74 -36.09
CA ARG B 619 42.34 8.63 -34.72
C ARG B 619 41.35 7.90 -33.84
N LEU B 620 40.09 8.31 -33.92
CA LEU B 620 39.05 7.73 -33.08
C LEU B 620 39.05 6.22 -33.19
N GLN B 621 39.03 5.71 -34.42
CA GLN B 621 38.96 4.26 -34.60
C GLN B 621 40.30 3.58 -34.30
N ALA B 622 41.43 4.24 -34.56
CA ALA B 622 42.72 3.62 -34.33
C ALA B 622 42.99 3.44 -32.85
N PHE B 623 42.72 4.48 -32.06
CA PHE B 623 42.74 4.34 -30.61
C PHE B 623 41.74 3.29 -30.15
N ASP B 624 40.53 3.33 -30.70
CA ASP B 624 39.50 2.39 -30.27
C ASP B 624 39.96 0.95 -30.42
N PHE B 625 40.77 0.66 -31.44
CA PHE B 625 41.30 -0.69 -31.51
C PHE B 625 42.50 -0.89 -30.59
N LEU B 626 43.44 0.05 -30.60
CA LEU B 626 44.68 -0.15 -29.87
C LEU B 626 44.45 -0.28 -28.38
N LEU B 627 43.58 0.55 -27.82
CA LEU B 627 43.32 0.55 -26.39
C LEU B 627 42.73 -0.75 -25.89
N LEU B 628 42.29 -1.63 -26.79
CA LEU B 628 41.81 -2.94 -26.41
C LEU B 628 42.92 -3.97 -26.32
N LEU B 629 44.17 -3.57 -26.52
CA LEU B 629 45.31 -4.45 -26.33
C LEU B 629 45.49 -4.76 -24.85
N ARG B 630 45.63 -6.05 -24.52
CA ARG B 630 45.78 -6.54 -23.16
C ARG B 630 46.97 -7.48 -23.08
N ALA B 631 47.35 -7.87 -21.86
CA ALA B 631 48.41 -8.85 -21.67
C ALA B 631 48.18 -9.62 -20.37
N ASP B 632 48.87 -10.74 -20.23
CA ASP B 632 48.71 -11.64 -19.09
C ASP B 632 50.01 -11.72 -18.28
N SER B 633 50.01 -12.57 -17.26
CA SER B 633 51.11 -12.62 -16.30
C SER B 633 52.40 -13.15 -16.92
N LEU B 634 52.32 -13.86 -18.04
CA LEU B 634 53.50 -14.23 -18.79
C LEU B 634 53.73 -13.30 -19.98
N HIS B 635 53.08 -12.14 -19.96
CA HIS B 635 53.30 -10.98 -20.82
C HIS B 635 52.75 -11.14 -22.24
N ARG B 636 51.98 -12.18 -22.51
CA ARG B 636 51.50 -12.42 -23.86
C ARG B 636 50.37 -11.47 -24.21
N LEU B 637 50.51 -10.76 -25.33
CA LEU B 637 49.54 -9.76 -25.71
C LEU B 637 48.31 -10.39 -26.32
N GLY B 638 47.19 -9.69 -26.17
CA GLY B 638 45.92 -10.18 -26.65
C GLY B 638 45.00 -9.06 -27.04
N LEU B 639 44.14 -9.34 -28.02
CA LEU B 639 43.12 -8.44 -28.52
C LEU B 639 41.81 -9.19 -28.62
N PRO B 640 40.69 -8.49 -28.49
CA PRO B 640 39.39 -9.16 -28.68
C PRO B 640 39.25 -9.71 -30.09
N ASN B 641 38.65 -10.89 -30.20
CA ASN B 641 38.42 -11.51 -31.49
C ASN B 641 37.12 -10.97 -32.09
N LYS B 642 36.64 -11.60 -33.17
CA LYS B 642 35.42 -11.14 -33.81
C LYS B 642 34.23 -11.18 -32.87
N ASP B 643 34.24 -12.10 -31.90
CA ASP B 643 33.18 -12.20 -30.91
C ASP B 643 33.39 -11.27 -29.72
N GLY B 644 34.48 -10.50 -29.70
CA GLY B 644 34.78 -9.66 -28.57
C GLY B 644 35.47 -10.35 -27.42
N VAL B 645 36.01 -11.54 -27.64
CA VAL B 645 36.68 -12.31 -26.60
C VAL B 645 38.17 -12.27 -26.88
N VAL B 646 38.96 -11.92 -25.88
CA VAL B 646 40.39 -11.73 -26.04
C VAL B 646 41.09 -13.09 -26.12
N ARG B 647 42.03 -13.20 -27.06
CA ARG B 647 42.95 -14.34 -27.13
C ARG B 647 44.36 -13.81 -26.98
N PHE B 648 45.21 -14.55 -26.28
CA PHE B 648 46.57 -14.13 -26.02
C PHE B 648 47.53 -14.88 -26.94
N SER B 649 48.46 -14.15 -27.52
CA SER B 649 49.34 -14.69 -28.55
C SER B 649 50.55 -15.37 -27.92
N PRO B 650 50.94 -16.54 -28.42
CA PRO B 650 52.17 -17.18 -27.97
C PRO B 650 53.42 -16.59 -28.58
N TYR B 651 53.29 -15.60 -29.46
CA TYR B 651 54.42 -15.07 -30.21
C TYR B 651 54.65 -13.58 -30.02
N CYS B 652 53.69 -12.83 -29.46
CA CYS B 652 53.84 -11.40 -29.22
C CYS B 652 53.72 -11.12 -27.73
N VAL B 653 54.70 -10.43 -27.19
CA VAL B 653 54.73 -10.11 -25.77
C VAL B 653 54.87 -8.61 -25.59
N CYS B 654 54.38 -8.12 -24.46
CA CYS B 654 54.40 -6.71 -24.11
C CYS B 654 55.77 -6.24 -23.65
N ASP B 655 56.76 -7.12 -23.61
CA ASP B 655 58.08 -6.84 -23.06
C ASP B 655 58.89 -5.96 -24.03
N TYR B 656 59.24 -4.75 -23.59
CA TYR B 656 60.04 -3.85 -24.42
C TYR B 656 61.46 -4.40 -24.59
N MET B 657 61.73 -4.92 -25.78
CA MET B 657 63.04 -5.49 -26.07
C MET B 657 64.00 -4.37 -26.46
N GLU B 658 65.08 -4.23 -25.68
CA GLU B 658 65.97 -3.09 -25.82
C GLU B 658 67.12 -3.45 -26.76
N PRO B 659 67.24 -2.80 -27.92
CA PRO B 659 68.38 -3.07 -28.81
C PRO B 659 69.66 -2.39 -28.40
N GLU B 660 69.62 -1.49 -27.41
CA GLU B 660 70.81 -0.76 -26.99
C GLU B 660 71.78 -1.68 -26.23
N GLY B 684 68.38 -26.52 -32.81
CA GLY B 684 68.67 -25.14 -33.18
C GLY B 684 67.99 -24.13 -32.28
N PRO B 685 68.27 -22.84 -32.53
CA PRO B 685 67.64 -21.79 -31.72
C PRO B 685 66.12 -21.83 -31.84
N ALA B 686 65.45 -21.56 -30.73
CA ALA B 686 64.00 -21.68 -30.66
C ALA B 686 63.34 -20.48 -31.35
N VAL B 687 62.00 -20.49 -31.35
CA VAL B 687 61.24 -19.43 -32.00
C VAL B 687 61.47 -18.11 -31.27
N ARG B 688 61.76 -17.06 -32.02
CA ARG B 688 62.00 -15.74 -31.47
C ARG B 688 60.68 -14.98 -31.37
N LEU B 689 60.30 -14.60 -30.16
CA LEU B 689 59.09 -13.82 -29.98
C LEU B 689 59.28 -12.40 -30.49
N GLY B 690 58.16 -11.77 -30.82
CA GLY B 690 58.17 -10.38 -31.20
C GLY B 690 57.80 -9.51 -30.02
N SER B 691 58.18 -8.25 -30.10
CA SER B 691 57.85 -7.27 -29.10
C SER B 691 56.82 -6.30 -29.66
N VAL B 692 55.72 -6.14 -28.95
CA VAL B 692 54.73 -5.13 -29.27
C VAL B 692 54.61 -4.30 -28.00
N PRO B 693 55.59 -3.45 -27.72
CA PRO B 693 55.66 -2.81 -26.41
C PRO B 693 54.59 -1.74 -26.27
N TYR B 694 53.94 -1.74 -25.11
CA TYR B 694 52.86 -0.78 -24.86
C TYR B 694 53.37 0.65 -24.84
N SER B 695 54.68 0.84 -24.67
CA SER B 695 55.23 2.18 -24.50
C SER B 695 54.88 3.08 -25.68
N LEU B 696 54.94 2.56 -26.90
CA LEU B 696 54.66 3.42 -28.06
C LEU B 696 53.22 3.93 -28.02
N LEU B 697 52.27 3.03 -27.83
CA LEU B 697 50.87 3.45 -27.75
C LEU B 697 50.65 4.40 -26.59
N PHE B 698 51.31 4.14 -25.46
CA PHE B 698 51.16 5.01 -24.30
C PHE B 698 51.69 6.41 -24.60
N ARG B 699 52.86 6.48 -25.23
CA ARG B 699 53.43 7.76 -25.62
C ARG B 699 52.43 8.54 -26.46
N VAL B 700 51.73 7.85 -27.35
CA VAL B 700 50.73 8.52 -28.17
C VAL B 700 49.54 8.97 -27.32
N LEU B 701 49.14 8.17 -26.33
CA LEU B 701 48.01 8.57 -25.49
C LEU B 701 48.34 9.81 -24.66
N LEU B 702 49.59 9.90 -24.20
CA LEU B 702 50.01 11.11 -23.50
C LEU B 702 49.97 12.31 -24.44
N GLN B 703 50.48 12.14 -25.65
CA GLN B 703 50.32 13.20 -26.63
C GLN B 703 48.85 13.49 -26.90
N CYS B 704 47.97 12.50 -26.72
CA CYS B 704 46.55 12.75 -26.93
C CYS B 704 46.01 13.68 -25.87
N LEU B 705 46.31 13.38 -24.61
CA LEU B 705 45.83 14.24 -23.53
C LEU B 705 46.41 15.65 -23.64
N LYS B 706 47.64 15.76 -24.13
CA LYS B 706 48.29 17.07 -24.23
C LYS B 706 47.90 17.85 -25.48
N GLN B 707 47.57 17.17 -26.58
CA GLN B 707 47.47 17.82 -27.88
C GLN B 707 46.18 17.57 -28.65
N GLU B 708 45.33 16.63 -28.25
CA GLU B 708 44.14 16.31 -29.02
C GLU B 708 43.13 17.45 -28.98
N SER B 709 42.41 17.64 -30.09
CA SER B 709 41.48 18.76 -30.21
C SER B 709 40.06 18.36 -30.61
N ASP B 710 39.89 17.25 -31.31
CA ASP B 710 38.55 16.71 -31.53
C ASP B 710 38.15 15.99 -30.25
N TRP B 711 37.08 16.47 -29.61
CA TRP B 711 36.70 15.92 -28.31
C TRP B 711 36.31 14.45 -28.40
N LYS B 712 35.81 14.00 -29.55
CA LYS B 712 35.38 12.61 -29.64
C LYS B 712 36.56 11.66 -29.43
N VAL B 713 37.72 11.99 -29.99
CA VAL B 713 38.92 11.18 -29.80
C VAL B 713 39.31 11.16 -28.34
N LEU B 714 39.39 12.35 -27.73
CA LEU B 714 39.83 12.44 -26.34
C LEU B 714 38.86 11.72 -25.43
N LYS B 715 37.56 11.83 -25.73
CA LYS B 715 36.55 11.16 -24.92
C LYS B 715 36.73 9.66 -25.00
N LEU B 716 37.07 9.13 -26.19
CA LEU B 716 37.28 7.69 -26.29
C LEU B 716 38.57 7.25 -25.58
N VAL B 717 39.62 8.06 -25.69
CA VAL B 717 40.87 7.75 -25.01
C VAL B 717 40.66 7.77 -23.51
N LEU B 718 39.96 8.78 -23.02
CA LEU B 718 39.58 8.85 -21.61
C LEU B 718 38.60 7.75 -21.25
N GLY B 719 37.88 7.22 -22.23
CA GLY B 719 36.92 6.17 -21.95
C GLY B 719 37.51 4.78 -21.88
N ARG B 720 38.65 4.57 -22.52
CA ARG B 720 39.28 3.26 -22.47
C ARG B 720 40.60 3.22 -21.75
N LEU B 721 41.16 4.35 -21.36
CA LEU B 721 42.29 4.34 -20.44
C LEU B 721 41.95 3.66 -19.11
N PRO B 722 40.78 3.86 -18.49
CA PRO B 722 40.48 3.15 -17.25
C PRO B 722 40.56 1.64 -17.36
N GLU B 723 40.07 1.08 -18.47
CA GLU B 723 40.17 -0.36 -18.67
C GLU B 723 41.61 -0.80 -18.91
N SER B 724 42.30 -0.11 -19.81
CA SER B 724 43.65 -0.54 -20.16
C SER B 724 44.59 -0.44 -18.97
N LEU B 725 44.33 0.49 -18.05
CA LEU B 725 45.18 0.64 -16.89
C LEU B 725 45.07 -0.54 -15.93
N ARG B 726 44.04 -1.39 -16.08
CA ARG B 726 43.92 -2.57 -15.22
C ARG B 726 45.08 -3.53 -15.45
N TYR B 727 45.45 -3.74 -16.71
CA TYR B 727 46.46 -4.73 -17.08
C TYR B 727 47.83 -4.07 -16.90
N LYS B 728 48.22 -3.92 -15.64
CA LYS B 728 49.41 -3.15 -15.33
C LYS B 728 50.66 -3.76 -15.94
N VAL B 729 50.58 -5.01 -16.35
CA VAL B 729 51.67 -5.63 -17.09
C VAL B 729 52.01 -4.81 -18.32
N LEU B 730 51.00 -4.18 -18.93
CA LEU B 730 51.26 -3.29 -20.06
C LEU B 730 52.14 -2.12 -19.66
N ILE B 731 51.74 -1.41 -18.60
CA ILE B 731 52.40 -0.16 -18.23
C ILE B 731 53.77 -0.43 -17.62
N PHE B 732 53.95 -1.59 -16.99
CA PHE B 732 55.22 -1.90 -16.33
C PHE B 732 56.23 -2.59 -17.22
N THR B 733 55.79 -3.40 -18.18
CA THR B 733 56.70 -4.16 -19.01
C THR B 733 57.19 -3.36 -20.22
N SER B 734 57.04 -2.05 -20.20
CA SER B 734 57.49 -1.18 -21.28
C SER B 734 57.77 0.18 -20.68
N PRO B 735 58.66 0.97 -21.28
CA PRO B 735 59.00 2.28 -20.67
C PRO B 735 57.89 3.29 -20.82
N CYS B 736 56.91 3.19 -19.92
CA CYS B 736 55.72 4.04 -19.93
C CYS B 736 55.77 5.01 -18.76
N SER B 737 55.65 6.30 -19.05
CA SER B 737 55.72 7.33 -18.03
C SER B 737 54.33 7.51 -17.42
N VAL B 738 53.99 6.59 -16.51
CA VAL B 738 52.73 6.70 -15.80
C VAL B 738 52.68 7.98 -14.99
N ASP B 739 53.85 8.49 -14.58
CA ASP B 739 53.91 9.82 -13.99
C ASP B 739 53.42 10.87 -14.96
N GLN B 740 53.82 10.79 -16.23
CA GLN B 740 53.35 11.78 -17.18
C GLN B 740 51.89 11.57 -17.54
N LEU B 741 51.35 10.37 -17.34
CA LEU B 741 49.91 10.21 -17.48
C LEU B 741 49.18 10.94 -16.37
N CYS B 742 49.65 10.76 -15.13
CA CYS B 742 49.07 11.49 -14.01
C CYS B 742 49.19 12.98 -14.24
N SER B 743 50.37 13.42 -14.69
CA SER B 743 50.60 14.82 -14.97
C SER B 743 49.63 15.33 -16.01
N ALA B 744 49.49 14.61 -17.13
CA ALA B 744 48.67 15.10 -18.23
C ALA B 744 47.22 15.20 -17.81
N LEU B 745 46.70 14.20 -17.10
CA LEU B 745 45.32 14.24 -16.64
C LEU B 745 45.10 15.37 -15.64
N CYS B 746 45.96 15.45 -14.63
CA CYS B 746 45.83 16.48 -13.62
C CYS B 746 45.87 17.86 -14.26
N SER B 747 46.90 18.13 -15.07
CA SER B 747 47.00 19.40 -15.75
C SER B 747 45.82 19.65 -16.67
N MET B 748 45.23 18.59 -17.21
CA MET B 748 44.05 18.75 -18.04
C MET B 748 42.89 19.30 -17.22
N LEU B 749 42.83 18.95 -15.94
CA LEU B 749 41.77 19.52 -15.10
C LEU B 749 42.15 20.84 -14.44
N SER B 750 43.39 20.95 -13.95
CA SER B 750 43.82 22.12 -13.21
C SER B 750 43.79 23.37 -14.07
N GLY B 751 44.26 23.27 -15.30
CA GLY B 751 44.30 24.41 -16.20
C GLY B 751 42.93 24.75 -16.74
N PRO B 752 42.78 25.99 -17.22
CA PRO B 752 41.52 26.39 -17.84
C PRO B 752 41.53 26.29 -19.36
N LYS B 753 42.70 26.03 -19.95
CA LYS B 753 42.85 26.16 -21.38
C LYS B 753 42.39 24.94 -22.16
N THR B 754 42.10 23.82 -21.50
CA THR B 754 41.77 22.59 -22.23
C THR B 754 40.51 22.76 -23.06
N LEU B 755 39.48 23.37 -22.48
CA LEU B 755 38.21 23.49 -23.17
C LEU B 755 38.31 24.40 -24.40
N GLU B 756 39.36 25.20 -24.50
CA GLU B 756 39.56 25.99 -25.70
C GLU B 756 40.26 25.18 -26.79
N ARG B 757 41.15 24.25 -26.42
CA ARG B 757 41.73 23.35 -27.41
C ARG B 757 40.68 22.41 -27.98
N LEU B 758 39.75 21.97 -27.13
CA LEU B 758 38.77 20.98 -27.56
C LEU B 758 37.75 21.61 -28.49
N ARG B 759 37.49 20.93 -29.60
CA ARG B 759 36.57 21.37 -30.62
C ARG B 759 35.71 20.18 -31.03
N GLY B 760 34.51 20.47 -31.51
CA GLY B 760 33.54 19.42 -31.77
C GLY B 760 32.86 18.86 -30.54
N ALA B 761 33.17 19.39 -29.36
CA ALA B 761 32.48 18.99 -28.15
C ALA B 761 31.06 19.56 -28.15
N PRO B 762 30.14 18.95 -27.41
CA PRO B 762 28.74 19.41 -27.41
C PRO B 762 28.61 20.89 -27.07
N GLU B 763 27.50 21.47 -27.50
CA GLU B 763 27.21 22.86 -27.16
C GLU B 763 27.09 23.02 -25.66
N GLY B 764 27.79 24.01 -25.11
CA GLY B 764 27.80 24.20 -23.68
C GLY B 764 28.68 23.24 -22.90
N PHE B 765 29.50 22.45 -23.58
CA PHE B 765 30.43 21.55 -22.92
C PHE B 765 31.28 22.32 -21.93
N SER B 766 31.24 21.90 -20.67
CA SER B 766 31.78 22.67 -19.57
C SER B 766 32.86 21.89 -18.84
N ARG B 767 33.48 22.55 -17.88
CA ARG B 767 34.58 21.94 -17.14
C ARG B 767 34.15 20.68 -16.42
N THR B 768 32.90 20.62 -15.96
CA THR B 768 32.44 19.43 -15.27
C THR B 768 32.28 18.23 -16.20
N ASP B 769 32.05 18.47 -17.49
CA ASP B 769 32.01 17.36 -18.43
C ASP B 769 33.40 16.78 -18.66
N LEU B 770 34.40 17.65 -18.76
CA LEU B 770 35.78 17.20 -18.81
C LEU B 770 36.18 16.48 -17.52
N HIS B 771 35.70 16.97 -16.38
CA HIS B 771 35.93 16.26 -15.12
C HIS B 771 35.33 14.87 -15.16
N LEU B 772 34.09 14.75 -15.65
CA LEU B 772 33.44 13.45 -15.69
C LEU B 772 34.16 12.48 -16.59
N ALA B 773 34.90 12.97 -17.57
CA ALA B 773 35.70 12.07 -18.40
C ALA B 773 37.06 11.75 -17.79
N VAL B 774 37.65 12.66 -17.04
CA VAL B 774 39.01 12.48 -16.52
C VAL B 774 39.01 11.79 -15.17
N VAL B 775 38.03 12.05 -14.33
CA VAL B 775 37.93 11.44 -13.00
C VAL B 775 37.97 9.92 -13.09
N PRO B 776 37.29 9.26 -14.04
CA PRO B 776 37.46 7.81 -14.16
C PRO B 776 38.90 7.37 -14.38
N VAL B 777 39.66 8.10 -15.19
CA VAL B 777 41.04 7.70 -15.42
C VAL B 777 41.86 7.93 -14.17
N LEU B 778 41.66 9.06 -13.50
CA LEU B 778 42.37 9.30 -12.24
C LEU B 778 42.06 8.21 -11.24
N THR B 779 40.80 7.78 -11.19
CA THR B 779 40.41 6.72 -10.27
C THR B 779 41.16 5.44 -10.57
N ALA B 780 41.25 5.07 -11.84
CA ALA B 780 42.02 3.88 -12.20
C ALA B 780 43.50 4.06 -11.90
N LEU B 781 44.00 5.28 -12.03
CA LEU B 781 45.41 5.57 -11.84
C LEU B 781 45.82 5.53 -10.38
N ILE B 782 44.85 5.62 -9.47
CA ILE B 782 45.15 5.52 -8.04
C ILE B 782 45.94 4.24 -7.73
N SER B 783 45.59 3.14 -8.38
CA SER B 783 46.23 1.87 -8.01
C SER B 783 47.66 1.76 -8.48
N TYR B 784 48.18 2.79 -9.15
CA TYR B 784 49.61 2.90 -9.42
C TYR B 784 50.33 3.66 -8.31
N HIS B 785 49.80 3.62 -7.09
CA HIS B 785 50.39 4.35 -5.97
C HIS B 785 51.83 3.94 -5.73
N ASN B 786 52.15 2.67 -5.91
CA ASN B 786 53.52 2.21 -5.71
C ASN B 786 54.44 2.62 -6.85
N TYR B 787 53.94 3.36 -7.83
CA TYR B 787 54.69 3.69 -9.03
C TYR B 787 54.63 5.16 -9.40
N LEU B 788 53.71 5.94 -8.86
CA LEU B 788 53.63 7.36 -9.12
C LEU B 788 54.50 8.15 -8.15
N ASP B 789 55.11 9.22 -8.65
CA ASP B 789 55.78 10.19 -7.79
C ASP B 789 54.76 10.79 -6.83
N LYS B 790 55.10 10.79 -5.54
CA LYS B 790 54.14 11.20 -4.52
C LYS B 790 53.68 12.65 -4.71
N THR B 791 54.49 13.48 -5.36
CA THR B 791 54.01 14.81 -5.74
C THR B 791 52.87 14.70 -6.74
N LYS B 792 53.02 13.82 -7.72
CA LYS B 792 51.95 13.57 -8.68
C LYS B 792 50.73 13.00 -7.98
N GLN B 793 50.93 12.11 -7.02
CA GLN B 793 49.82 11.55 -6.26
C GLN B 793 49.04 12.65 -5.57
N ARG B 794 49.75 13.57 -4.92
CA ARG B 794 49.07 14.64 -4.22
C ARG B 794 48.33 15.55 -5.17
N GLU B 795 48.88 15.78 -6.36
CA GLU B 795 48.15 16.58 -7.34
C GLU B 795 46.90 15.85 -7.82
N MET B 796 46.98 14.53 -7.95
CA MET B 796 45.81 13.74 -8.29
C MET B 796 44.75 13.86 -7.21
N VAL B 797 45.17 13.82 -5.94
CA VAL B 797 44.24 14.04 -4.85
C VAL B 797 43.69 15.46 -4.90
N TYR B 798 44.49 16.41 -5.33
CA TYR B 798 44.00 17.78 -5.44
C TYR B 798 42.99 17.92 -6.55
N CYS B 799 43.16 17.18 -7.65
CA CYS B 799 42.20 17.25 -8.74
C CYS B 799 40.88 16.61 -8.33
N LEU B 800 40.94 15.48 -7.63
CA LEU B 800 39.73 14.90 -7.09
C LEU B 800 39.06 15.84 -6.09
N GLU B 801 39.85 16.47 -5.22
CA GLU B 801 39.30 17.44 -4.29
C GLU B 801 38.73 18.64 -5.03
N GLN B 802 39.39 19.07 -6.10
CA GLN B 802 38.94 20.18 -6.91
C GLN B 802 37.63 19.87 -7.59
N GLY B 803 37.34 18.60 -7.80
CA GLY B 803 36.07 18.23 -8.42
C GLY B 803 34.88 18.22 -7.51
N LEU B 804 35.07 18.43 -6.21
CA LEU B 804 33.96 18.35 -5.27
C LEU B 804 32.96 19.48 -5.46
N ILE B 805 33.34 20.55 -6.15
CA ILE B 805 32.41 21.63 -6.45
C ILE B 805 31.63 21.36 -7.73
N HIS B 806 32.18 20.57 -8.64
CA HIS B 806 31.54 20.30 -9.90
C HIS B 806 30.56 19.14 -9.77
N ARG B 807 29.72 18.98 -10.80
CA ARG B 807 28.68 17.95 -10.77
C ARG B 807 29.27 16.55 -10.76
N CYS B 808 30.55 16.42 -11.05
CA CYS B 808 31.30 15.17 -10.93
C CYS B 808 31.66 14.82 -9.50
N ALA B 809 31.06 15.54 -8.54
CA ALA B 809 31.45 15.38 -7.15
C ALA B 809 31.25 13.96 -6.66
N SER B 810 30.21 13.28 -7.14
CA SER B 810 29.96 11.92 -6.69
C SER B 810 31.12 11.01 -7.03
N GLN B 811 31.58 11.07 -8.29
CA GLN B 811 32.71 10.25 -8.70
C GLN B 811 33.97 10.64 -7.95
N CYS B 812 34.15 11.94 -7.70
CA CYS B 812 35.34 12.38 -6.98
C CYS B 812 35.37 11.77 -5.58
N VAL B 813 34.24 11.77 -4.89
CA VAL B 813 34.19 11.21 -3.53
C VAL B 813 34.45 9.72 -3.58
N VAL B 814 33.85 9.02 -4.55
CA VAL B 814 34.07 7.58 -4.66
C VAL B 814 35.55 7.28 -4.91
N ALA B 815 36.21 8.13 -5.69
CA ALA B 815 37.63 7.95 -5.94
C ALA B 815 38.45 8.23 -4.70
N LEU B 816 38.04 9.21 -3.90
CA LEU B 816 38.76 9.52 -2.68
C LEU B 816 38.64 8.42 -1.64
N SER B 817 37.58 7.62 -1.70
CA SER B 817 37.56 6.43 -0.85
C SER B 817 38.70 5.48 -1.20
N ILE B 818 38.95 5.28 -2.49
CA ILE B 818 40.07 4.45 -2.92
C ILE B 818 41.38 5.12 -2.55
N CYS B 819 41.43 6.45 -2.63
CA CYS B 819 42.61 7.17 -2.19
C CYS B 819 42.87 6.93 -0.72
N SER B 820 41.82 6.89 0.09
CA SER B 820 41.96 6.65 1.52
C SER B 820 42.58 5.29 1.78
N VAL B 821 42.09 4.26 1.09
CA VAL B 821 42.59 2.92 1.37
C VAL B 821 43.94 2.68 0.70
N GLU B 822 44.03 2.90 -0.61
CA GLU B 822 45.22 2.60 -1.38
C GLU B 822 46.34 3.60 -1.16
N MET B 823 46.03 4.84 -0.77
CA MET B 823 47.03 5.89 -0.58
C MET B 823 46.86 6.48 0.80
N PRO B 824 47.24 5.73 1.84
CA PRO B 824 47.08 6.27 3.19
C PRO B 824 48.09 7.35 3.53
N ASP B 825 49.36 7.18 3.16
CA ASP B 825 50.39 8.13 3.58
C ASP B 825 50.23 9.49 2.92
N ILE B 826 49.52 9.58 1.81
CA ILE B 826 49.19 10.87 1.23
C ILE B 826 47.87 11.41 1.78
N ILE B 827 46.90 10.52 1.95
CA ILE B 827 45.59 10.98 2.38
C ILE B 827 45.59 11.40 3.85
N ILE B 828 46.57 10.96 4.63
CA ILE B 828 46.73 11.47 5.99
C ILE B 828 46.85 12.99 5.94
N LYS B 829 47.74 13.48 5.07
CA LYS B 829 47.94 14.91 4.96
C LYS B 829 46.74 15.58 4.33
N ALA B 830 46.15 14.95 3.32
CA ALA B 830 45.07 15.63 2.61
C ALA B 830 43.77 15.68 3.39
N LEU B 831 43.59 14.83 4.39
CA LEU B 831 42.27 14.69 5.03
C LEU B 831 41.77 15.95 5.71
N PRO B 832 42.52 16.63 6.56
CA PRO B 832 41.93 17.81 7.23
C PRO B 832 41.42 18.87 6.25
N VAL B 833 42.15 19.13 5.17
CA VAL B 833 41.62 20.02 4.15
C VAL B 833 40.45 19.37 3.43
N LEU B 834 40.51 18.06 3.24
CA LEU B 834 39.49 17.34 2.47
C LEU B 834 38.12 17.44 3.14
N VAL B 835 38.05 17.07 4.43
CA VAL B 835 36.77 16.94 5.11
C VAL B 835 36.07 18.29 5.18
N VAL B 836 36.84 19.35 5.35
CA VAL B 836 36.29 20.70 5.24
C VAL B 836 35.70 20.92 3.87
N LYS B 837 36.41 20.50 2.81
CA LYS B 837 35.86 20.68 1.48
C LYS B 837 34.54 19.92 1.30
N LEU B 838 34.45 18.73 1.89
CA LEU B 838 33.24 17.92 1.73
C LEU B 838 32.05 18.58 2.38
N THR B 839 32.24 19.26 3.51
CA THR B 839 31.10 19.91 4.16
C THR B 839 30.38 20.90 3.26
N HIS B 840 31.06 21.47 2.26
CA HIS B 840 30.44 22.48 1.41
C HIS B 840 29.53 21.88 0.35
N ILE B 841 29.51 20.57 0.20
CA ILE B 841 28.64 19.93 -0.78
C ILE B 841 27.21 19.96 -0.27
N SER B 842 26.31 20.54 -1.06
CA SER B 842 24.92 20.62 -0.66
C SER B 842 24.34 19.22 -0.49
N ALA B 843 23.59 19.01 0.59
CA ALA B 843 23.03 17.70 0.88
C ALA B 843 22.06 17.29 -0.20
N THR B 844 22.44 16.29 -1.01
CA THR B 844 21.58 15.77 -2.06
C THR B 844 21.70 14.26 -2.08
N ALA B 845 20.64 13.61 -2.55
CA ALA B 845 20.61 12.15 -2.54
C ALA B 845 21.69 11.56 -3.43
N SER B 846 22.06 12.25 -4.50
CA SER B 846 23.10 11.74 -5.39
C SER B 846 24.45 11.72 -4.72
N MET B 847 24.70 12.65 -3.80
CA MET B 847 25.94 12.69 -3.05
C MET B 847 25.87 11.88 -1.76
N ALA B 848 24.68 11.44 -1.36
CA ALA B 848 24.53 10.81 -0.05
C ALA B 848 25.32 9.52 0.03
N VAL B 849 25.01 8.57 -0.85
CA VAL B 849 25.69 7.27 -0.80
C VAL B 849 27.20 7.40 -1.00
N PRO B 850 27.71 8.18 -1.97
CA PRO B 850 29.17 8.33 -2.08
C PRO B 850 29.80 8.94 -0.84
N LEU B 851 29.24 10.04 -0.32
CA LEU B 851 29.82 10.71 0.84
C LEU B 851 29.83 9.80 2.06
N LEU B 852 28.68 9.19 2.36
CA LEU B 852 28.61 8.36 3.54
C LEU B 852 29.46 7.12 3.41
N GLU B 853 29.54 6.55 2.21
CA GLU B 853 30.44 5.42 2.01
C GLU B 853 31.89 5.83 2.18
N PHE B 854 32.24 7.05 1.80
CA PHE B 854 33.59 7.55 2.08
C PHE B 854 33.81 7.65 3.58
N LEU B 855 32.87 8.26 4.29
CA LEU B 855 33.04 8.43 5.73
C LEU B 855 33.05 7.10 6.46
N SER B 856 32.36 6.09 5.93
CA SER B 856 32.35 4.80 6.60
C SER B 856 33.60 4.00 6.30
N THR B 857 34.14 4.09 5.07
CA THR B 857 35.45 3.51 4.82
C THR B 857 36.50 4.19 5.67
N LEU B 858 36.39 5.51 5.81
CA LEU B 858 37.34 6.28 6.60
C LEU B 858 37.28 5.90 8.05
N ALA B 859 36.07 5.71 8.59
CA ALA B 859 35.93 5.40 10.00
C ALA B 859 36.67 4.13 10.39
N ARG B 860 36.91 3.22 9.44
CA ARG B 860 37.60 1.98 9.71
C ARG B 860 39.08 2.04 9.35
N LEU B 861 39.59 3.24 9.10
CA LEU B 861 41.01 3.47 8.86
C LEU B 861 41.50 4.34 9.99
N PRO B 862 41.78 3.76 11.16
CA PRO B 862 42.18 4.57 12.31
C PRO B 862 43.46 5.35 12.10
N HIS B 863 44.40 4.81 11.33
CA HIS B 863 45.66 5.49 11.10
C HIS B 863 45.50 6.79 10.33
N LEU B 864 44.34 7.01 9.71
CA LEU B 864 44.10 8.24 9.00
C LEU B 864 43.56 9.33 9.91
N TYR B 865 42.60 9.01 10.77
CA TYR B 865 42.07 9.96 11.73
C TYR B 865 42.72 9.82 13.10
N ARG B 866 43.95 9.33 13.14
CA ARG B 866 44.65 9.22 14.41
C ARG B 866 44.98 10.58 15.00
N ASN B 867 45.21 11.58 14.15
CA ASN B 867 45.52 12.93 14.60
C ASN B 867 44.44 13.90 14.17
N PHE B 868 43.19 13.46 14.17
CA PHE B 868 42.08 14.34 13.90
C PHE B 868 41.80 15.21 15.12
N ALA B 869 41.67 16.51 14.90
CA ALA B 869 41.27 17.41 15.97
C ALA B 869 39.75 17.45 16.04
N ALA B 870 39.23 18.29 16.93
CA ALA B 870 37.79 18.35 17.12
C ALA B 870 37.09 18.83 15.87
N GLU B 871 37.68 19.80 15.17
CA GLU B 871 37.00 20.38 14.01
C GLU B 871 36.93 19.40 12.86
N GLN B 872 37.91 18.52 12.71
CA GLN B 872 37.84 17.50 11.68
C GLN B 872 36.65 16.58 11.89
N TYR B 873 36.49 16.08 13.12
CA TYR B 873 35.32 15.26 13.42
C TYR B 873 34.05 16.06 13.27
N ALA B 874 34.09 17.35 13.63
CA ALA B 874 32.93 18.20 13.46
C ALA B 874 32.53 18.27 11.99
N SER B 875 33.52 18.28 11.10
CA SER B 875 33.23 18.18 9.68
C SER B 875 32.56 16.85 9.35
N VAL B 876 33.06 15.76 9.93
CA VAL B 876 32.48 14.45 9.63
C VAL B 876 30.99 14.43 9.99
N PHE B 877 30.66 14.93 11.18
CA PHE B 877 29.26 14.93 11.60
C PHE B 877 28.44 15.96 10.83
N ALA B 878 29.06 17.06 10.41
CA ALA B 878 28.33 18.03 9.59
C ALA B 878 28.02 17.47 8.22
N ILE B 879 28.88 16.59 7.69
CA ILE B 879 28.58 15.91 6.44
C ILE B 879 27.42 14.95 6.63
N SER B 880 27.49 14.13 7.68
CA SER B 880 26.56 13.01 7.80
C SER B 880 25.20 13.40 8.38
N LEU B 881 25.13 14.40 9.24
CA LEU B 881 23.86 14.74 9.88
C LEU B 881 22.75 15.11 8.90
N PRO B 882 22.98 15.88 7.84
CA PRO B 882 21.88 16.18 6.91
C PRO B 882 21.30 14.95 6.27
N TYR B 883 22.08 13.88 6.15
CA TYR B 883 21.62 12.64 5.55
C TYR B 883 20.89 11.75 6.53
N THR B 884 20.71 12.19 7.77
CA THR B 884 19.94 11.46 8.76
C THR B 884 18.47 11.82 8.73
N ASN B 885 18.04 12.61 7.74
CA ASN B 885 16.68 13.07 7.67
C ASN B 885 15.86 12.12 6.82
N PRO B 886 14.95 11.33 7.40
CA PRO B 886 14.10 10.47 6.56
C PRO B 886 13.07 11.25 5.75
N SER B 887 12.72 12.45 6.17
CA SER B 887 11.79 13.25 5.38
C SER B 887 12.41 13.76 4.10
N LYS B 888 13.72 13.60 3.93
CA LYS B 888 14.39 14.04 2.71
C LYS B 888 15.23 12.97 2.05
N PHE B 889 15.42 11.80 2.66
CA PHE B 889 16.38 10.85 2.14
C PHE B 889 15.90 9.42 2.30
N ASN B 890 16.42 8.56 1.42
CA ASN B 890 16.06 7.15 1.37
C ASN B 890 16.38 6.48 2.70
N GLN B 891 15.63 5.41 3.00
CA GLN B 891 15.85 4.68 4.24
C GLN B 891 17.27 4.14 4.33
N TYR B 892 17.85 3.73 3.20
CA TYR B 892 19.25 3.32 3.21
C TYR B 892 20.16 4.48 3.55
N ILE B 893 19.90 5.66 3.00
CA ILE B 893 20.71 6.84 3.30
C ILE B 893 20.63 7.19 4.78
N VAL B 894 19.44 7.09 5.38
CA VAL B 894 19.29 7.47 6.78
C VAL B 894 19.98 6.44 7.68
N CYS B 895 19.74 5.16 7.42
CA CYS B 895 20.37 4.12 8.24
C CYS B 895 21.88 4.14 8.07
N LEU B 896 22.35 4.38 6.85
CA LEU B 896 23.78 4.54 6.61
C LEU B 896 24.33 5.77 7.32
N ALA B 897 23.57 6.86 7.34
CA ALA B 897 24.03 8.08 7.98
C ALA B 897 24.19 7.86 9.47
N HIS B 898 23.24 7.17 10.09
CA HIS B 898 23.37 6.86 11.51
C HIS B 898 24.51 5.89 11.75
N HIS B 899 24.75 4.95 10.83
CA HIS B 899 25.91 4.09 10.98
C HIS B 899 27.20 4.90 10.91
N VAL B 900 27.26 5.89 10.03
CA VAL B 900 28.44 6.75 9.93
C VAL B 900 28.64 7.51 11.24
N ILE B 901 27.56 8.09 11.76
CA ILE B 901 27.64 8.86 13.00
C ILE B 901 28.07 7.97 14.16
N ALA B 902 27.48 6.77 14.25
CA ALA B 902 27.85 5.86 15.32
C ALA B 902 29.30 5.43 15.21
N MET B 903 29.74 5.09 14.00
CA MET B 903 31.13 4.72 13.78
C MET B 903 32.07 5.80 14.27
N TRP B 904 31.80 7.04 13.89
CA TRP B 904 32.73 8.11 14.23
C TRP B 904 32.64 8.50 15.69
N PHE B 905 31.43 8.55 16.24
CA PHE B 905 31.28 8.90 17.64
C PHE B 905 31.96 7.88 18.53
N ILE B 906 31.86 6.59 18.18
CA ILE B 906 32.47 5.57 19.01
C ILE B 906 33.97 5.50 18.82
N ARG B 907 34.47 5.87 17.63
CA ARG B 907 35.89 5.73 17.40
C ARG B 907 36.69 7.02 17.57
N CYS B 908 36.05 8.18 17.54
CA CYS B 908 36.79 9.43 17.73
C CYS B 908 37.28 9.55 19.17
N ARG B 909 38.35 10.34 19.35
CA ARG B 909 39.04 10.40 20.63
C ARG B 909 38.08 10.80 21.73
N LEU B 910 38.22 10.12 22.87
CA LEU B 910 37.26 10.29 23.96
C LEU B 910 37.12 11.73 24.44
N PRO B 911 38.19 12.51 24.64
CA PRO B 911 37.99 13.89 25.10
C PRO B 911 37.09 14.72 24.21
N PHE B 912 37.19 14.58 22.89
CA PHE B 912 36.35 15.39 22.02
C PHE B 912 34.91 14.95 22.02
N ARG B 913 34.65 13.73 22.50
CA ARG B 913 33.39 13.06 22.20
C ARG B 913 32.19 13.78 22.78
N LYS B 914 32.33 14.32 24.00
CA LYS B 914 31.23 15.03 24.63
C LYS B 914 30.81 16.24 23.81
N ASP B 915 31.76 16.94 23.20
CA ASP B 915 31.45 18.16 22.48
C ASP B 915 30.70 17.91 21.18
N PHE B 916 30.62 16.66 20.73
CA PHE B 916 29.85 16.34 19.54
C PHE B 916 28.41 15.97 19.85
N VAL B 917 28.11 15.64 21.11
CA VAL B 917 26.73 15.40 21.50
C VAL B 917 25.82 16.57 21.17
N PRO B 918 26.16 17.82 21.53
CA PRO B 918 25.23 18.91 21.19
C PRO B 918 25.06 19.13 19.71
N PHE B 919 26.12 18.95 18.91
CA PHE B 919 26.00 19.17 17.47
C PHE B 919 25.14 18.10 16.82
N ILE B 920 25.36 16.84 17.18
CA ILE B 920 24.53 15.77 16.64
C ILE B 920 23.09 15.93 17.09
N THR B 921 22.88 16.27 18.36
CA THR B 921 21.52 16.42 18.87
C THR B 921 20.82 17.60 18.21
N LYS B 922 21.51 18.71 18.02
CA LYS B 922 20.90 19.85 17.36
C LYS B 922 20.57 19.54 15.92
N GLY B 923 21.45 18.81 15.23
CA GLY B 923 21.14 18.41 13.86
C GLY B 923 19.91 17.51 13.78
N LEU B 924 19.86 16.50 14.66
CA LEU B 924 18.70 15.62 14.69
C LEU B 924 17.44 16.39 15.04
N ARG B 925 17.53 17.30 16.01
CA ARG B 925 16.39 18.10 16.40
C ARG B 925 15.91 18.97 15.26
N SER B 926 16.84 19.56 14.51
CA SER B 926 16.46 20.38 13.37
C SER B 926 15.76 19.55 12.31
N ASN B 927 16.18 18.30 12.13
CA ASN B 927 15.49 17.44 11.18
C ASN B 927 14.06 17.16 11.62
N VAL B 928 13.85 16.87 12.90
CA VAL B 928 12.51 16.61 13.38
C VAL B 928 11.64 17.86 13.25
N LEU B 929 12.23 19.03 13.47
CA LEU B 929 11.48 20.28 13.42
C LEU B 929 10.91 20.59 12.05
N LEU B 930 11.34 19.89 11.00
CA LEU B 930 10.76 20.07 9.68
C LEU B 930 9.46 19.30 9.49
N SER B 931 9.08 18.45 10.43
CA SER B 931 7.88 17.63 10.25
C SER B 931 7.02 17.55 11.51
N PRO B 936 8.87 16.65 24.40
CA PRO B 936 10.09 17.35 24.83
C PRO B 936 11.30 16.93 23.99
N GLU B 937 11.45 17.58 22.84
CA GLU B 937 12.28 17.06 21.75
C GLU B 937 13.78 17.13 22.03
N LYS B 938 14.24 18.02 22.90
CA LYS B 938 15.65 18.40 22.88
C LYS B 938 16.58 17.28 23.37
N ASP B 939 16.52 16.94 24.65
CA ASP B 939 17.32 15.88 25.25
C ASP B 939 18.80 15.96 24.86
N SER B 940 19.43 17.10 25.14
CA SER B 940 20.88 17.22 24.98
C SER B 940 21.51 16.90 26.32
N PHE B 941 21.87 15.63 26.51
CA PHE B 941 22.27 15.17 27.84
C PHE B 941 23.60 15.74 28.31
N ARG B 942 24.36 16.41 27.44
CA ARG B 942 25.58 17.08 27.89
C ARG B 942 25.29 18.16 28.92
N ALA B 943 24.04 18.64 28.99
CA ALA B 943 23.65 19.55 30.05
C ALA B 943 23.69 18.89 31.43
N ARG B 944 23.59 17.55 31.48
CA ARG B 944 23.70 16.76 32.70
C ARG B 944 25.10 16.24 32.93
N SER B 945 26.08 16.66 32.14
CA SER B 945 27.42 16.08 32.24
C SER B 945 28.52 17.04 31.77
N ASP B 1012 -5.16 5.25 -2.25
CA ASP B 1012 -5.96 6.28 -1.59
C ASP B 1012 -5.11 7.08 -0.60
N GLU B 1013 -5.60 8.26 -0.23
CA GLU B 1013 -4.84 9.16 0.64
C GLU B 1013 -4.67 8.64 2.06
N ASN B 1014 -5.46 7.64 2.45
CA ASN B 1014 -5.27 7.02 3.77
C ASN B 1014 -3.87 6.40 3.89
N SER B 1015 -3.35 5.85 2.80
CA SER B 1015 -1.98 5.33 2.79
C SER B 1015 -0.97 6.45 3.02
N VAL B 1016 -1.22 7.63 2.45
CA VAL B 1016 -0.32 8.76 2.67
C VAL B 1016 -0.34 9.19 4.12
N ALA B 1017 -1.52 9.20 4.74
CA ALA B 1017 -1.61 9.54 6.16
C ALA B 1017 -0.80 8.56 7.01
N GLN B 1018 -0.92 7.27 6.73
CA GLN B 1018 -0.11 6.29 7.46
C GLN B 1018 1.38 6.47 7.18
N ALA B 1019 1.75 6.82 5.95
CA ALA B 1019 3.15 7.06 5.63
C ALA B 1019 3.72 8.21 6.46
N ASP B 1020 2.96 9.31 6.57
CA ASP B 1020 3.42 10.43 7.38
C ASP B 1020 3.52 10.07 8.85
N ASP B 1021 2.51 9.35 9.37
CA ASP B 1021 2.54 8.98 10.78
C ASP B 1021 3.73 8.09 11.09
N SER B 1022 3.98 7.08 10.24
CA SER B 1022 5.13 6.23 10.43
C SER B 1022 6.43 6.99 10.22
N LEU B 1023 6.44 8.00 9.33
CA LEU B 1023 7.64 8.79 9.12
C LEU B 1023 7.99 9.59 10.36
N LYS B 1024 7.00 10.21 11.01
CA LYS B 1024 7.27 10.92 12.24
C LYS B 1024 7.76 9.96 13.33
N ASN B 1025 7.14 8.79 13.42
CA ASN B 1025 7.61 7.80 14.39
C ASN B 1025 9.03 7.34 14.09
N LEU B 1026 9.36 7.16 12.81
CA LEU B 1026 10.71 6.77 12.42
C LEU B 1026 11.71 7.85 12.75
N HIS B 1027 11.30 9.12 12.57
CA HIS B 1027 12.12 10.24 13.01
C HIS B 1027 12.53 10.05 14.46
N LEU B 1028 11.56 9.76 15.31
CA LEU B 1028 11.87 9.66 16.73
C LEU B 1028 12.67 8.41 17.05
N GLU B 1029 12.40 7.29 16.36
CA GLU B 1029 13.15 6.06 16.64
C GLU B 1029 14.62 6.22 16.26
N LEU B 1030 14.88 6.85 15.12
CA LEU B 1030 16.25 7.16 14.74
C LEU B 1030 16.90 8.12 15.73
N THR B 1031 16.15 9.16 16.12
CA THR B 1031 16.70 10.14 17.06
C THR B 1031 17.00 9.52 18.41
N GLU B 1032 16.10 8.67 18.90
CA GLU B 1032 16.26 8.06 20.21
C GLU B 1032 17.39 7.04 20.20
N THR B 1033 17.52 6.25 19.13
CA THR B 1033 18.63 5.31 19.08
C THR B 1033 19.96 6.02 18.91
N CYS B 1034 19.99 7.14 18.18
CA CYS B 1034 21.23 7.90 18.08
C CYS B 1034 21.62 8.48 19.43
N LEU B 1035 20.65 9.03 20.16
CA LEU B 1035 20.95 9.57 21.49
C LEU B 1035 21.38 8.47 22.43
N ASP B 1036 20.76 7.29 22.35
CA ASP B 1036 21.14 6.20 23.24
C ASP B 1036 22.55 5.73 22.94
N MET B 1037 22.92 5.66 21.66
CA MET B 1037 24.29 5.34 21.28
C MET B 1037 25.25 6.38 21.84
N MET B 1038 24.89 7.66 21.68
CA MET B 1038 25.74 8.74 22.16
C MET B 1038 25.95 8.65 23.67
N ALA B 1039 24.85 8.50 24.41
CA ALA B 1039 24.94 8.36 25.85
C ALA B 1039 25.79 7.16 26.22
N ARG B 1040 25.67 6.07 25.47
CA ARG B 1040 26.41 4.88 25.80
C ARG B 1040 27.91 5.06 25.58
N TYR B 1041 28.29 5.83 24.57
CA TYR B 1041 29.68 5.85 24.15
C TYR B 1041 30.38 7.18 24.36
N VAL B 1042 29.70 8.21 24.87
CA VAL B 1042 30.33 9.51 25.05
C VAL B 1042 31.49 9.44 26.04
N PHE B 1043 31.43 8.53 27.01
CA PHE B 1043 32.38 8.52 28.11
C PHE B 1043 33.10 7.20 28.30
N SER B 1044 32.81 6.18 27.50
CA SER B 1044 33.52 4.92 27.62
C SER B 1044 33.44 4.17 26.31
N ASN B 1045 34.34 3.19 26.16
CA ASN B 1045 34.31 2.28 25.04
C ASN B 1045 34.32 0.84 25.56
N PHE B 1046 33.39 0.56 26.47
CA PHE B 1046 33.08 -0.79 26.93
C PHE B 1046 32.14 -1.47 25.93
N THR B 1047 32.22 -2.79 25.86
CA THR B 1047 31.40 -3.53 24.90
C THR B 1047 29.92 -3.43 25.26
N ALA B 1048 29.08 -3.51 24.24
CA ALA B 1048 27.63 -3.42 24.45
C ALA B 1048 27.04 -4.66 25.11
N VAL B 1049 27.80 -5.74 25.27
CA VAL B 1049 27.34 -6.95 25.94
C VAL B 1049 28.13 -7.12 27.23
N PRO B 1050 27.47 -7.40 28.35
CA PRO B 1050 28.16 -7.76 29.59
C PRO B 1050 28.31 -9.27 29.74
N LYS B 1051 29.30 -9.66 30.54
CA LYS B 1051 29.48 -11.05 30.92
C LYS B 1051 29.65 -11.13 32.42
N ARG B 1052 28.78 -11.88 33.08
CA ARG B 1052 28.84 -11.99 34.52
C ARG B 1052 30.06 -12.82 34.92
N SER B 1053 30.85 -12.29 35.83
CA SER B 1053 32.09 -12.94 36.25
C SER B 1053 31.77 -14.22 37.02
N PRO B 1054 32.74 -15.12 37.15
CA PRO B 1054 32.50 -16.34 37.95
C PRO B 1054 32.08 -16.04 39.38
N VAL B 1055 32.63 -15.00 40.00
CA VAL B 1055 32.14 -14.60 41.32
C VAL B 1055 30.74 -14.02 41.22
N GLY B 1056 30.41 -13.36 40.11
CA GLY B 1056 29.06 -12.89 39.91
C GLY B 1056 28.05 -14.01 39.85
N GLU B 1057 28.38 -15.09 39.13
CA GLU B 1057 27.51 -16.25 39.12
C GLU B 1057 27.46 -16.92 40.48
N PHE B 1058 28.60 -17.03 41.16
CA PHE B 1058 28.61 -17.60 42.50
C PHE B 1058 27.65 -16.88 43.43
N LEU B 1059 27.48 -15.57 43.24
CA LEU B 1059 26.61 -14.80 44.12
C LEU B 1059 25.15 -14.83 43.66
N LEU B 1060 24.92 -14.64 42.36
CA LEU B 1060 23.58 -14.34 41.87
C LEU B 1060 22.94 -15.49 41.09
N ALA B 1061 23.62 -16.62 40.94
CA ALA B 1061 22.97 -17.76 40.31
C ALA B 1061 21.80 -18.21 41.17
N GLY B 1062 20.65 -18.42 40.54
CA GLY B 1062 19.46 -18.69 41.30
C GLY B 1062 19.02 -17.52 42.16
N GLY B 1063 19.40 -16.32 41.78
CA GLY B 1063 19.09 -15.15 42.57
C GLY B 1063 17.69 -14.65 42.34
N ARG B 1064 17.34 -13.61 43.10
CA ARG B 1064 16.01 -13.06 43.16
C ARG B 1064 15.95 -11.80 42.29
N THR B 1065 15.13 -11.82 41.23
CA THR B 1065 15.26 -10.86 40.15
C THR B 1065 13.94 -10.19 39.80
N LYS B 1066 14.01 -8.93 39.39
CA LYS B 1066 12.88 -8.15 38.90
C LYS B 1066 13.33 -7.24 37.77
N THR B 1067 12.40 -6.90 36.87
CA THR B 1067 12.69 -6.06 35.72
C THR B 1067 11.66 -4.94 35.61
N TRP B 1068 12.12 -3.74 35.29
CA TRP B 1068 11.28 -2.57 35.14
C TRP B 1068 11.54 -1.91 33.79
N LEU B 1069 10.47 -1.50 33.15
CA LEU B 1069 10.57 -0.72 31.92
C LEU B 1069 10.51 0.75 32.34
N VAL B 1070 11.66 1.43 32.27
CA VAL B 1070 11.79 2.79 32.81
C VAL B 1070 12.00 3.74 31.66
N GLY B 1071 10.91 4.22 31.06
CA GLY B 1071 11.09 4.74 29.72
C GLY B 1071 11.49 3.60 28.79
N ASN B 1072 12.17 3.93 27.71
CA ASN B 1072 12.51 2.90 26.74
C ASN B 1072 13.81 2.19 27.12
N LYS B 1073 13.84 1.62 28.31
CA LYS B 1073 14.93 0.78 28.78
C LYS B 1073 14.41 -0.17 29.83
N LEU B 1074 15.08 -1.30 29.97
CA LEU B 1074 14.68 -2.33 30.92
C LEU B 1074 15.72 -2.41 32.02
N VAL B 1075 15.47 -1.74 33.14
CA VAL B 1075 16.29 -1.93 34.33
C VAL B 1075 15.93 -3.26 34.97
N THR B 1076 16.94 -4.06 35.29
CA THR B 1076 16.76 -5.34 35.96
C THR B 1076 17.67 -5.40 37.16
N VAL B 1077 17.15 -5.88 38.29
CA VAL B 1077 17.94 -6.02 39.51
C VAL B 1077 17.82 -7.46 39.98
N THR B 1078 18.96 -8.06 40.29
CA THR B 1078 19.02 -9.44 40.78
C THR B 1078 19.81 -9.44 42.06
N THR B 1079 19.22 -9.94 43.13
CA THR B 1079 19.85 -9.97 44.44
C THR B 1079 20.23 -11.40 44.82
N SER B 1080 21.22 -11.51 45.68
CA SER B 1080 21.91 -12.77 45.93
C SER B 1080 21.19 -13.55 47.01
N VAL B 1081 20.49 -14.59 46.62
CA VAL B 1081 20.13 -15.67 47.54
C VAL B 1081 21.35 -16.54 47.71
N GLY B 1082 21.56 -17.04 48.92
CA GLY B 1082 22.82 -17.69 49.21
C GLY B 1082 23.00 -19.06 48.58
N THR B 1083 22.72 -19.17 47.28
CA THR B 1083 22.87 -20.45 46.60
C THR B 1083 24.33 -20.88 46.56
N GLY B 1084 25.20 -20.00 46.08
CA GLY B 1084 26.61 -20.33 46.04
C GLY B 1084 27.20 -20.51 47.43
N THR B 1085 26.75 -19.71 48.38
CA THR B 1085 27.22 -19.86 49.75
C THR B 1085 26.86 -21.23 50.31
N ARG B 1086 25.64 -21.69 50.04
CA ARG B 1086 25.24 -23.02 50.46
C ARG B 1086 26.14 -24.08 49.85
N SER B 1087 26.41 -23.97 48.55
CA SER B 1087 27.29 -24.95 47.92
C SER B 1087 28.69 -24.91 48.52
N LEU B 1088 29.15 -23.73 48.92
CA LEU B 1088 30.47 -23.61 49.53
C LEU B 1088 30.53 -24.35 50.85
N LEU B 1089 29.54 -24.13 51.72
CA LEU B 1089 29.53 -24.82 53.00
C LEU B 1089 29.11 -26.28 52.89
N GLY B 1090 28.67 -26.73 51.72
CA GLY B 1090 28.22 -28.08 51.56
C GLY B 1090 26.85 -28.36 52.11
N LEU B 1091 26.05 -27.33 52.38
CA LEU B 1091 24.73 -27.50 52.94
C LEU B 1091 23.76 -28.04 51.90
N ASN B 1190 21.05 -25.22 61.42
CA ASN B 1190 20.51 -23.88 61.57
C ASN B 1190 21.19 -22.90 60.63
N LEU B 1191 22.40 -23.25 60.20
CA LEU B 1191 23.19 -22.36 59.38
C LEU B 1191 22.49 -22.04 58.06
N ALA B 1192 21.72 -22.99 57.53
CA ALA B 1192 21.10 -22.79 56.23
C ALA B 1192 20.11 -21.64 56.24
N ALA B 1193 19.58 -21.28 57.40
CA ALA B 1193 18.64 -20.16 57.48
C ALA B 1193 19.34 -18.82 57.50
N TYR B 1194 20.67 -18.81 57.62
CA TYR B 1194 21.44 -17.58 57.73
C TYR B 1194 22.41 -17.35 56.58
N VAL B 1195 22.68 -18.35 55.75
CA VAL B 1195 23.59 -18.20 54.62
C VAL B 1195 23.07 -17.24 53.56
N PRO B 1196 21.76 -17.03 53.38
CA PRO B 1196 21.35 -15.93 52.49
C PRO B 1196 21.62 -14.56 53.07
N LEU B 1197 21.51 -14.39 54.38
CA LEU B 1197 21.85 -13.12 55.01
C LEU B 1197 23.32 -12.79 54.81
N LEU B 1198 24.15 -13.83 54.63
CA LEU B 1198 25.59 -13.63 54.55
C LEU B 1198 26.02 -12.93 53.27
N THR B 1199 25.19 -12.96 52.22
CA THR B 1199 25.55 -12.35 50.95
C THR B 1199 24.43 -11.50 50.37
N GLN B 1200 23.44 -11.14 51.16
CA GLN B 1200 22.28 -10.44 50.62
C GLN B 1200 22.61 -9.04 50.13
N GLY B 1201 23.77 -8.50 50.50
CA GLY B 1201 24.16 -7.20 50.00
C GLY B 1201 24.56 -7.19 48.54
N TRP B 1202 25.01 -8.32 48.02
CA TRP B 1202 25.42 -8.37 46.62
C TRP B 1202 24.21 -8.40 45.70
N ALA B 1203 24.32 -7.67 44.59
CA ALA B 1203 23.26 -7.59 43.61
C ALA B 1203 23.87 -7.35 42.25
N GLU B 1204 23.04 -7.43 41.22
CA GLU B 1204 23.41 -7.01 39.87
C GLU B 1204 22.29 -6.16 39.31
N ILE B 1205 22.64 -5.01 38.75
CA ILE B 1205 21.69 -4.20 38.01
C ILE B 1205 22.09 -4.26 36.54
N LEU B 1206 21.12 -4.50 35.68
CA LEU B 1206 21.37 -4.73 34.26
C LEU B 1206 20.38 -3.89 33.47
N VAL B 1207 20.88 -2.90 32.76
CA VAL B 1207 20.06 -1.98 31.99
C VAL B 1207 20.09 -2.42 30.53
N ARG B 1208 18.98 -2.95 30.04
CA ARG B 1208 18.84 -3.26 28.63
C ARG B 1208 18.31 -2.02 27.92
N ARG B 1209 19.03 -1.58 26.89
CA ARG B 1209 18.75 -0.33 26.22
C ARG B 1209 18.77 -0.57 24.72
N PRO B 1210 18.25 0.38 23.92
CA PRO B 1210 18.27 0.18 22.47
C PRO B 1210 19.63 -0.17 21.91
N THR B 1211 20.72 0.28 22.54
CA THR B 1211 22.05 0.10 22.00
C THR B 1211 22.90 -0.89 22.77
N GLY B 1212 22.34 -1.63 23.71
CA GLY B 1212 23.08 -2.70 24.37
C GLY B 1212 22.62 -2.91 25.79
N ASN B 1213 23.36 -3.77 26.48
CA ASN B 1213 23.14 -4.09 27.89
C ASN B 1213 24.34 -3.61 28.71
N THR B 1214 24.07 -2.90 29.80
CA THR B 1214 25.10 -2.55 30.78
C THR B 1214 24.76 -3.18 32.12
N SER B 1215 25.75 -3.73 32.81
CA SER B 1215 25.46 -4.28 34.12
C SER B 1215 26.66 -4.15 35.04
N TRP B 1216 26.38 -3.99 36.33
CA TRP B 1216 27.39 -3.93 37.37
C TRP B 1216 27.02 -4.90 38.47
N LEU B 1217 27.97 -5.73 38.87
CA LEU B 1217 27.75 -6.55 40.10
C LEU B 1217 27.95 -5.52 41.21
N MET B 1218 27.02 -5.40 42.16
CA MET B 1218 27.13 -4.32 43.18
C MET B 1218 27.01 -4.91 44.59
N SER B 1219 27.87 -4.46 45.53
CA SER B 1219 27.75 -4.92 46.94
C SER B 1219 27.26 -3.77 47.81
N LEU B 1220 26.15 -3.97 48.52
CA LEU B 1220 25.57 -2.88 49.38
C LEU B 1220 26.59 -2.58 50.49
N GLU B 1221 26.90 -1.30 50.70
CA GLU B 1221 27.94 -0.93 51.70
C GLU B 1221 27.29 -0.60 53.05
N ASN B 1222 25.97 -0.60 53.12
CA ASN B 1222 25.28 -0.21 54.38
C ASN B 1222 25.21 -1.41 55.33
N PRO B 1223 25.62 -1.27 56.61
CA PRO B 1223 25.47 -2.35 57.59
C PRO B 1223 23.98 -2.65 57.85
N LEU B 1224 23.65 -3.91 58.11
CA LEU B 1224 22.23 -4.27 58.44
C LEU B 1224 21.85 -3.59 59.75
N SER B 1225 20.61 -3.10 59.88
CA SER B 1225 20.18 -2.33 61.08
C SER B 1225 20.39 -3.11 62.39
N PRO B 1226 21.32 -2.74 63.32
CA PRO B 1226 21.45 -3.49 64.57
C PRO B 1226 20.21 -3.43 65.43
N PHE B 1227 19.27 -2.56 65.13
CA PHE B 1227 18.04 -2.45 65.89
C PHE B 1227 16.89 -3.22 65.25
N SER B 1228 16.66 -3.03 63.95
CA SER B 1228 15.45 -3.53 63.31
C SER B 1228 15.70 -4.70 62.36
N SER B 1229 16.75 -5.49 62.60
CA SER B 1229 17.02 -6.65 61.78
C SER B 1229 17.83 -7.65 62.60
N ASP B 1230 17.92 -8.86 62.08
CA ASP B 1230 18.66 -9.94 62.75
C ASP B 1230 20.10 -9.91 62.27
N ILE B 1231 20.99 -9.35 63.09
CA ILE B 1231 22.42 -9.57 62.97
C ILE B 1231 23.00 -10.09 64.27
N ASN B 1232 22.59 -9.51 65.40
CA ASN B 1232 23.14 -9.83 66.70
C ASN B 1232 22.93 -11.30 67.06
N ASN B 1233 22.11 -12.03 66.30
CA ASN B 1233 21.86 -13.43 66.57
C ASN B 1233 22.36 -14.34 65.45
N MET B 1234 23.11 -13.80 64.50
CA MET B 1234 23.69 -14.65 63.46
C MET B 1234 24.73 -15.58 64.07
N PRO B 1235 24.77 -16.83 63.66
CA PRO B 1235 25.74 -17.78 64.20
C PRO B 1235 27.08 -17.67 63.50
N LEU B 1236 27.80 -16.59 63.81
CA LEU B 1236 29.03 -16.32 63.08
C LEU B 1236 30.14 -17.30 63.42
N GLN B 1237 30.19 -17.78 64.66
CA GLN B 1237 31.22 -18.76 64.99
C GLN B 1237 31.04 -20.03 64.18
N GLU B 1238 29.81 -20.53 64.12
CA GLU B 1238 29.54 -21.72 63.31
C GLU B 1238 29.71 -21.42 61.83
N LEU B 1239 29.23 -20.27 61.36
CA LEU B 1239 29.33 -19.97 59.93
C LEU B 1239 30.79 -19.87 59.49
N SER B 1240 31.61 -19.16 60.27
CA SER B 1240 33.02 -19.02 59.93
C SER B 1240 33.73 -20.36 60.02
N ASN B 1241 33.50 -21.10 61.10
CA ASN B 1241 34.14 -22.40 61.24
C ASN B 1241 33.71 -23.35 60.14
N ALA B 1242 32.45 -23.27 59.72
CA ALA B 1242 31.96 -24.15 58.68
C ALA B 1242 32.63 -23.87 57.35
N LEU B 1243 32.67 -22.61 56.94
CA LEU B 1243 33.23 -22.34 55.62
C LEU B 1243 34.75 -22.44 55.61
N MET B 1244 35.40 -22.32 56.77
CA MET B 1244 36.83 -22.58 56.78
C MET B 1244 37.12 -24.07 56.75
N ALA B 1245 36.30 -24.88 57.42
CA ALA B 1245 36.54 -26.32 57.42
C ALA B 1245 36.17 -26.94 56.08
N ALA B 1246 35.20 -26.38 55.36
CA ALA B 1246 34.75 -26.95 54.11
C ALA B 1246 35.84 -26.88 53.04
N GLU B 1247 35.76 -27.80 52.08
CA GLU B 1247 36.75 -27.90 51.03
C GLU B 1247 36.08 -28.32 49.74
N ARG B 1248 36.79 -28.12 48.63
CA ARG B 1248 36.36 -28.58 47.32
C ARG B 1248 37.55 -28.63 46.38
N GLU B 1475 8.11 -11.73 52.10
CA GLU B 1475 9.56 -11.59 52.21
C GLU B 1475 10.16 -12.73 53.02
N LYS B 1476 9.40 -13.81 53.18
CA LYS B 1476 9.95 -15.05 53.72
C LYS B 1476 11.00 -15.64 52.78
N VAL B 1477 10.96 -15.26 51.51
CA VAL B 1477 11.93 -15.73 50.52
C VAL B 1477 13.32 -15.23 50.89
N PRO B 1478 14.37 -16.04 50.75
CA PRO B 1478 15.71 -15.57 51.10
C PRO B 1478 16.14 -14.41 50.22
N GLY B 1479 17.03 -13.60 50.75
CA GLY B 1479 17.61 -12.52 49.97
C GLY B 1479 16.71 -11.31 49.90
N ILE B 1480 17.32 -10.13 49.75
CA ILE B 1480 16.57 -8.90 49.73
C ILE B 1480 15.81 -8.77 48.41
N ASN B 1481 14.68 -8.09 48.47
CA ASN B 1481 13.89 -7.83 47.28
C ASN B 1481 14.70 -6.94 46.34
N PRO B 1482 14.82 -7.30 45.06
CA PRO B 1482 15.53 -6.42 44.12
C PRO B 1482 14.92 -5.04 44.01
N SER B 1483 13.64 -4.90 44.36
CA SER B 1483 13.03 -3.59 44.34
C SER B 1483 13.66 -2.66 45.36
N PHE B 1484 14.40 -3.17 46.35
CA PHE B 1484 15.16 -2.28 47.22
C PHE B 1484 16.16 -1.47 46.43
N VAL B 1485 16.99 -2.16 45.64
CA VAL B 1485 17.98 -1.46 44.82
C VAL B 1485 17.30 -0.55 43.85
N PHE B 1486 16.22 -1.04 43.21
CA PHE B 1486 15.58 -0.20 42.21
C PHE B 1486 14.99 1.06 42.82
N LEU B 1487 14.37 0.96 44.00
CA LEU B 1487 13.78 2.14 44.61
C LEU B 1487 14.85 3.08 45.13
N GLN B 1488 15.92 2.55 45.68
CA GLN B 1488 16.99 3.41 46.17
C GLN B 1488 17.68 4.14 45.03
N LEU B 1489 17.69 3.56 43.84
CA LEU B 1489 18.27 4.25 42.70
C LEU B 1489 17.26 5.18 42.02
N TYR B 1490 16.07 4.67 41.69
CA TYR B 1490 15.18 5.28 40.73
C TYR B 1490 13.93 5.92 41.31
N HIS B 1491 13.60 5.71 42.57
CA HIS B 1491 12.35 6.25 43.08
C HIS B 1491 12.39 7.76 43.16
N SER B 1492 11.30 8.39 42.71
CA SER B 1492 11.06 9.81 42.83
C SER B 1492 9.62 9.99 43.30
N PRO B 1493 9.37 10.80 44.33
CA PRO B 1493 8.00 10.94 44.82
C PRO B 1493 7.08 11.72 43.88
N PHE B 1494 7.61 12.32 42.81
CA PHE B 1494 6.78 13.10 41.89
C PHE B 1494 7.31 12.97 40.47
N PHE B 1495 6.41 13.13 39.49
CA PHE B 1495 6.73 13.04 38.07
C PHE B 1495 5.96 14.10 37.29
N GLY B 1496 6.50 14.47 36.13
CA GLY B 1496 5.82 15.45 35.28
C GLY B 1496 4.61 14.89 34.57
N ASP B 1497 4.73 13.67 34.04
CA ASP B 1497 3.61 12.97 33.40
C ASP B 1497 3.65 11.52 33.85
N GLU B 1498 2.48 10.87 33.81
CA GLU B 1498 2.42 9.47 34.22
C GLU B 1498 3.26 8.57 33.32
N SER B 1499 3.58 9.04 32.10
CA SER B 1499 4.43 8.29 31.20
C SER B 1499 5.87 8.16 31.72
N ASN B 1500 6.28 9.00 32.66
CA ASN B 1500 7.63 8.92 33.20
C ASN B 1500 7.81 7.72 34.12
N LYS B 1501 6.73 7.15 34.66
CA LYS B 1501 6.82 6.16 35.73
C LYS B 1501 7.47 4.87 35.25
N PRO B 1502 8.27 4.22 36.08
CA PRO B 1502 8.68 2.84 35.80
C PRO B 1502 7.47 1.92 35.73
N ILE B 1503 7.54 0.94 34.83
CA ILE B 1503 6.53 -0.08 34.69
C ILE B 1503 7.17 -1.41 35.05
N LEU B 1504 6.67 -2.05 36.11
CA LEU B 1504 7.18 -3.35 36.51
C LEU B 1504 6.71 -4.40 35.52
N LEU B 1505 7.62 -5.23 35.05
CA LEU B 1505 7.23 -6.35 34.23
C LEU B 1505 6.62 -7.43 35.11
N PRO B 1506 5.40 -7.87 34.85
CA PRO B 1506 4.81 -8.95 35.65
C PRO B 1506 5.70 -10.18 35.68
N ASN B 1507 6.23 -10.48 36.86
CA ASN B 1507 7.26 -11.49 37.01
C ASN B 1507 6.72 -12.91 36.99
N GLU B 1508 5.41 -13.09 37.15
CA GLU B 1508 4.81 -14.42 37.15
C GLU B 1508 4.38 -14.87 35.77
N SER B 1509 4.48 -14.01 34.76
CA SER B 1509 4.02 -14.34 33.42
C SER B 1509 5.15 -14.91 32.59
N GLN B 1510 4.84 -15.95 31.81
CA GLN B 1510 5.80 -16.48 30.85
C GLN B 1510 6.01 -15.51 29.69
N SER B 1511 4.97 -14.75 29.34
CA SER B 1511 5.04 -13.92 28.15
C SER B 1511 6.08 -12.82 28.30
N PHE B 1512 6.05 -12.07 29.39
CA PHE B 1512 6.96 -10.94 29.52
C PHE B 1512 8.39 -11.40 29.77
N GLU B 1513 8.56 -12.52 30.47
CA GLU B 1513 9.89 -13.11 30.61
C GLU B 1513 10.44 -13.52 29.25
N ARG B 1514 9.60 -14.13 28.42
CA ARG B 1514 10.03 -14.50 27.08
C ARG B 1514 10.29 -13.27 26.22
N SER B 1515 9.58 -12.17 26.47
CA SER B 1515 9.83 -10.96 25.71
C SER B 1515 11.18 -10.35 26.04
N VAL B 1516 11.56 -10.34 27.33
CA VAL B 1516 12.90 -9.92 27.70
C VAL B 1516 13.95 -10.83 27.11
N GLN B 1517 13.74 -12.14 27.19
CA GLN B 1517 14.70 -13.08 26.64
C GLN B 1517 14.85 -12.88 25.13
N LEU B 1518 13.75 -12.55 24.46
CA LEU B 1518 13.77 -12.27 23.04
C LEU B 1518 14.52 -10.99 22.74
N LEU B 1519 14.37 -9.96 23.58
CA LEU B 1519 15.16 -8.75 23.39
C LEU B 1519 16.64 -9.03 23.53
N ASP B 1520 17.01 -9.83 24.52
CA ASP B 1520 18.42 -10.20 24.64
C ASP B 1520 18.92 -10.91 23.40
N GLN B 1521 18.03 -11.58 22.68
CA GLN B 1521 18.46 -12.20 21.43
C GLN B 1521 18.48 -11.23 20.24
N ILE B 1522 17.86 -10.07 20.32
CA ILE B 1522 18.12 -9.01 19.35
C ILE B 1522 19.50 -8.46 19.65
N PRO B 1523 20.47 -8.54 18.74
CA PRO B 1523 21.82 -8.14 19.08
C PRO B 1523 21.93 -6.64 19.32
N SER B 1524 22.97 -6.27 20.04
CA SER B 1524 23.28 -4.88 20.32
C SER B 1524 24.07 -4.21 19.20
N TYR B 1525 24.13 -4.85 18.03
CA TYR B 1525 24.98 -4.45 16.93
C TYR B 1525 24.34 -4.95 15.63
N ASP B 1526 24.65 -4.29 14.52
CA ASP B 1526 24.07 -4.69 13.24
C ASP B 1526 24.77 -5.95 12.74
N THR B 1527 24.04 -7.06 12.69
CA THR B 1527 24.59 -8.31 12.19
C THR B 1527 24.46 -8.36 10.67
N HIS B 1528 25.54 -8.73 10.00
CA HIS B 1528 25.54 -8.92 8.55
C HIS B 1528 26.10 -10.30 8.24
N LYS B 1529 25.52 -10.97 7.24
CA LYS B 1529 26.04 -12.25 6.75
C LYS B 1529 26.32 -12.10 5.27
N ILE B 1530 27.60 -12.27 4.89
CA ILE B 1530 28.06 -12.02 3.54
C ILE B 1530 28.56 -13.33 2.97
N ALA B 1531 28.04 -13.73 1.82
CA ALA B 1531 28.54 -14.92 1.16
C ALA B 1531 29.87 -14.62 0.48
N VAL B 1532 30.71 -15.65 0.38
CA VAL B 1532 31.98 -15.55 -0.33
C VAL B 1532 32.11 -16.75 -1.24
N LEU B 1533 32.35 -16.50 -2.52
CA LEU B 1533 32.38 -17.56 -3.53
C LEU B 1533 33.69 -17.49 -4.31
N TYR B 1534 34.26 -18.66 -4.58
CA TYR B 1534 35.45 -18.77 -5.42
C TYR B 1534 35.04 -19.43 -6.72
N VAL B 1535 35.32 -18.77 -7.83
CA VAL B 1535 34.95 -19.26 -9.15
C VAL B 1535 36.23 -19.66 -9.87
N GLY B 1536 36.38 -20.95 -10.12
CA GLY B 1536 37.53 -21.45 -10.85
C GLY B 1536 37.34 -21.32 -12.35
N GLU B 1537 38.28 -21.90 -13.08
CA GLU B 1537 38.24 -21.81 -14.54
C GLU B 1537 36.97 -22.44 -15.08
N GLY B 1538 36.24 -21.69 -15.89
CA GLY B 1538 35.09 -22.21 -16.59
C GLY B 1538 33.83 -22.34 -15.76
N GLN B 1539 33.87 -21.96 -14.49
CA GLN B 1539 32.73 -22.10 -13.61
C GLN B 1539 31.85 -20.86 -13.59
N SER B 1540 32.06 -19.93 -14.52
CA SER B 1540 31.34 -18.67 -14.48
C SER B 1540 29.84 -18.83 -14.59
N ASN B 1541 29.36 -19.95 -15.13
CA ASN B 1541 27.92 -20.18 -15.30
C ASN B 1541 27.46 -21.49 -14.69
N SER B 1542 28.20 -22.04 -13.73
CA SER B 1542 27.86 -23.32 -13.11
C SER B 1542 27.77 -23.13 -11.60
N GLU B 1543 26.54 -22.98 -11.10
CA GLU B 1543 26.34 -22.86 -9.66
C GLU B 1543 26.89 -24.06 -8.92
N LEU B 1544 26.56 -25.26 -9.39
CA LEU B 1544 27.01 -26.47 -8.72
C LEU B 1544 28.52 -26.55 -8.68
N ALA B 1545 29.20 -26.04 -9.70
CA ALA B 1545 30.66 -26.07 -9.71
C ALA B 1545 31.25 -25.06 -8.76
N ILE B 1546 30.66 -23.86 -8.68
CA ILE B 1546 31.12 -22.86 -7.72
C ILE B 1546 30.96 -23.38 -6.31
N LEU B 1547 29.80 -23.95 -6.01
CA LEU B 1547 29.55 -24.46 -4.67
C LEU B 1547 30.35 -25.70 -4.37
N SER B 1548 30.74 -26.45 -5.41
CA SER B 1548 31.55 -27.64 -5.18
C SER B 1548 32.98 -27.32 -4.81
N ASN B 1549 33.38 -26.06 -4.89
CA ASN B 1549 34.78 -25.71 -4.67
C ASN B 1549 35.17 -25.95 -3.22
N GLU B 1550 36.23 -26.72 -3.03
CA GLU B 1550 36.81 -26.94 -1.70
C GLU B 1550 38.09 -26.18 -1.48
N HIS B 1551 38.87 -25.97 -2.53
CA HIS B 1551 40.11 -25.21 -2.47
C HIS B 1551 39.96 -23.92 -3.25
N GLY B 1552 41.02 -23.11 -3.23
CA GLY B 1552 41.04 -21.88 -4.00
C GLY B 1552 42.47 -21.55 -4.37
N SER B 1553 42.60 -20.60 -5.29
CA SER B 1553 43.92 -20.13 -5.66
C SER B 1553 44.59 -19.51 -4.44
N TYR B 1554 45.93 -19.46 -4.47
CA TYR B 1554 46.66 -18.93 -3.33
C TYR B 1554 46.24 -17.50 -3.02
N ARG B 1555 46.01 -16.70 -4.07
CA ARG B 1555 45.55 -15.34 -3.86
C ARG B 1555 44.19 -15.33 -3.19
N TYR B 1556 43.31 -16.27 -3.54
CA TYR B 1556 42.01 -16.34 -2.89
C TYR B 1556 42.14 -16.74 -1.43
N THR B 1557 43.03 -17.68 -1.12
CA THR B 1557 43.25 -18.06 0.27
C THR B 1557 43.74 -16.87 1.08
N GLU B 1558 44.69 -16.13 0.53
CA GLU B 1558 45.20 -14.95 1.22
C GLU B 1558 44.14 -13.86 1.32
N PHE B 1559 43.26 -13.77 0.33
CA PHE B 1559 42.16 -12.81 0.39
C PHE B 1559 41.21 -13.14 1.51
N LEU B 1560 40.93 -14.43 1.71
CA LEU B 1560 40.07 -14.82 2.81
C LEU B 1560 40.67 -14.42 4.15
N THR B 1561 41.98 -14.61 4.31
CA THR B 1561 42.58 -14.31 5.61
C THR B 1561 42.38 -12.86 6.05
N GLY B 1562 42.17 -11.94 5.11
CA GLY B 1562 41.98 -10.55 5.46
C GLY B 1562 40.57 -10.14 5.76
N LEU B 1563 39.61 -11.05 5.64
CA LEU B 1563 38.21 -10.66 5.79
C LEU B 1563 37.85 -10.38 7.24
N GLY B 1564 38.49 -11.06 8.19
CA GLY B 1564 38.21 -10.82 9.59
C GLY B 1564 39.02 -11.74 10.48
N ARG B 1565 38.53 -11.93 11.70
CA ARG B 1565 39.09 -12.97 12.57
C ARG B 1565 38.70 -14.34 12.05
N LEU B 1566 39.65 -15.26 12.04
CA LEU B 1566 39.33 -16.66 11.79
C LEU B 1566 38.84 -17.27 13.09
N ILE B 1567 37.57 -17.67 13.12
CA ILE B 1567 36.95 -18.20 14.33
C ILE B 1567 36.63 -19.66 14.11
N GLU B 1568 37.11 -20.51 15.02
CA GLU B 1568 36.77 -21.93 14.98
C GLU B 1568 35.36 -22.10 15.53
N LEU B 1569 34.50 -22.74 14.73
CA LEU B 1569 33.07 -22.72 15.04
C LEU B 1569 32.77 -23.48 16.34
N LYS B 1570 33.48 -24.57 16.60
CA LYS B 1570 33.16 -25.35 17.79
C LYS B 1570 33.51 -24.63 19.08
N ASP B 1571 34.23 -23.51 19.01
CA ASP B 1571 34.48 -22.67 20.16
C ASP B 1571 33.54 -21.49 20.27
N CYS B 1572 32.67 -21.29 19.28
CA CYS B 1572 31.87 -20.07 19.19
C CYS B 1572 30.53 -20.24 19.89
N GLN B 1573 30.06 -19.13 20.47
CA GLN B 1573 28.71 -19.03 21.02
C GLN B 1573 27.91 -18.09 20.15
N PRO B 1574 26.87 -18.56 19.45
CA PRO B 1574 26.20 -17.70 18.47
C PRO B 1574 25.53 -16.48 19.07
N ASP B 1575 25.25 -16.46 20.37
CA ASP B 1575 24.71 -15.27 20.99
C ASP B 1575 25.78 -14.18 21.13
N LYS B 1576 27.04 -14.57 21.25
CA LYS B 1576 28.16 -13.66 21.47
C LYS B 1576 28.84 -13.28 20.17
N VAL B 1577 29.16 -14.26 19.34
CA VAL B 1577 29.77 -14.06 18.02
C VAL B 1577 28.74 -14.47 16.98
N TYR B 1578 28.39 -13.55 16.08
CA TYR B 1578 27.39 -13.84 15.06
C TYR B 1578 27.92 -14.89 14.09
N LEU B 1579 27.27 -16.04 14.03
CA LEU B 1579 27.61 -17.07 13.07
C LEU B 1579 26.69 -17.09 11.86
N GLY B 1580 25.60 -16.34 11.90
CA GLY B 1580 24.73 -16.22 10.75
C GLY B 1580 23.94 -17.45 10.42
N GLY B 1581 23.98 -18.48 11.25
CA GLY B 1581 23.36 -19.75 10.97
C GLY B 1581 24.32 -20.88 10.77
N LEU B 1582 25.62 -20.62 10.77
CA LEU B 1582 26.60 -21.69 10.72
C LEU B 1582 26.52 -22.51 11.99
N ASP B 1583 26.61 -23.82 11.84
CA ASP B 1583 26.45 -24.68 13.01
C ASP B 1583 27.77 -24.82 13.76
N VAL B 1584 27.67 -24.81 15.08
CA VAL B 1584 28.83 -25.02 15.93
C VAL B 1584 29.34 -26.44 15.83
N CYS B 1585 28.45 -27.40 15.52
CA CYS B 1585 28.81 -28.80 15.55
C CYS B 1585 29.79 -29.20 14.45
N GLY B 1586 30.03 -28.34 13.47
CA GLY B 1586 31.02 -28.61 12.46
C GLY B 1586 30.50 -29.14 11.15
N GLU B 1587 29.19 -29.20 10.95
CA GLU B 1587 28.67 -29.62 9.65
C GLU B 1587 28.92 -28.58 8.58
N ASP B 1588 29.17 -27.32 8.97
CA ASP B 1588 29.45 -26.24 8.04
C ASP B 1588 30.90 -25.78 8.12
N GLY B 1589 31.80 -26.69 8.45
CA GLY B 1589 33.22 -26.38 8.44
C GLY B 1589 33.76 -26.11 9.82
N GLN B 1590 35.08 -26.27 9.96
CA GLN B 1590 35.72 -25.98 11.22
C GLN B 1590 35.88 -24.50 11.47
N PHE B 1591 35.99 -23.70 10.41
CA PHE B 1591 36.34 -22.29 10.56
C PHE B 1591 35.47 -21.42 9.70
N THR B 1592 35.44 -20.14 10.05
CA THR B 1592 34.86 -19.10 9.22
C THR B 1592 35.48 -17.78 9.64
N TYR B 1593 35.20 -16.73 8.88
CA TYR B 1593 35.78 -15.42 9.11
C TYR B 1593 34.71 -14.45 9.59
N CYS B 1594 35.04 -13.67 10.60
CA CYS B 1594 34.10 -12.76 11.23
C CYS B 1594 34.75 -11.42 11.47
N TRP B 1595 34.03 -10.35 11.14
CA TRP B 1595 34.49 -8.98 11.25
C TRP B 1595 33.54 -8.23 12.18
N HIS B 1596 34.10 -7.54 13.17
CA HIS B 1596 33.31 -7.05 14.29
C HIS B 1596 33.82 -5.67 14.71
N ASP B 1597 32.89 -4.77 15.02
CA ASP B 1597 33.20 -3.58 15.80
C ASP B 1597 32.01 -3.32 16.73
N ASP B 1598 32.08 -2.23 17.50
CA ASP B 1598 31.04 -1.94 18.49
C ASP B 1598 29.68 -1.76 17.86
N ILE B 1599 29.61 -1.50 16.57
CA ILE B 1599 28.36 -1.14 15.90
C ILE B 1599 27.82 -2.32 15.10
N MET B 1600 28.70 -3.15 14.53
CA MET B 1600 28.27 -4.22 13.65
C MET B 1600 29.09 -5.48 13.85
N GLN B 1601 28.56 -6.58 13.36
CA GLN B 1601 29.31 -7.84 13.29
C GLN B 1601 28.91 -8.59 12.04
N ALA B 1602 29.86 -8.77 11.12
CA ALA B 1602 29.64 -9.49 9.89
C ALA B 1602 30.27 -10.87 9.98
N VAL B 1603 29.65 -11.84 9.33
CA VAL B 1603 30.24 -13.17 9.19
C VAL B 1603 30.21 -13.56 7.72
N PHE B 1604 31.26 -14.22 7.26
CA PHE B 1604 31.43 -14.55 5.86
C PHE B 1604 31.17 -16.04 5.65
N HIS B 1605 30.08 -16.36 4.98
CA HIS B 1605 29.76 -17.73 4.62
C HIS B 1605 30.64 -18.11 3.43
N ILE B 1606 31.85 -18.56 3.74
CA ILE B 1606 32.81 -18.88 2.70
C ILE B 1606 32.53 -20.29 2.18
N ALA B 1607 32.21 -20.38 0.90
CA ALA B 1607 31.78 -21.67 0.34
C ALA B 1607 32.88 -22.70 0.46
N THR B 1608 34.12 -22.31 0.20
CA THR B 1608 35.21 -23.27 0.24
C THR B 1608 35.44 -23.80 1.65
N LEU B 1609 35.11 -23.01 2.67
CA LEU B 1609 35.32 -23.48 4.04
C LEU B 1609 34.29 -24.53 4.44
N MET B 1610 33.06 -24.41 3.96
CA MET B 1610 32.07 -25.44 4.22
C MET B 1610 32.48 -26.72 3.48
N PRO B 1611 32.38 -27.88 4.13
CA PRO B 1611 32.86 -29.11 3.52
C PRO B 1611 31.93 -29.59 2.41
N THR B 1612 32.50 -30.41 1.53
CA THR B 1612 31.75 -31.09 0.49
C THR B 1612 31.50 -32.52 0.93
N LYS B 1613 30.25 -32.96 0.79
CA LYS B 1613 29.82 -34.26 1.31
C LYS B 1613 29.30 -35.12 0.19
N ASP B 1614 29.66 -36.41 0.22
CA ASP B 1614 29.10 -37.35 -0.74
C ASP B 1614 27.59 -37.52 -0.56
N VAL B 1615 27.08 -37.25 0.63
CA VAL B 1615 25.63 -37.31 0.85
C VAL B 1615 24.94 -36.17 0.10
N ASP B 1616 25.58 -35.02 -0.03
CA ASP B 1616 24.99 -33.83 -0.63
C ASP B 1616 25.68 -33.57 -1.96
N LYS B 1617 25.15 -34.16 -3.03
CA LYS B 1617 25.73 -34.05 -4.35
C LYS B 1617 25.25 -32.81 -5.10
N HIS B 1618 24.34 -32.04 -4.52
CA HIS B 1618 23.98 -30.72 -5.05
C HIS B 1618 24.63 -29.58 -4.29
N ARG B 1619 25.44 -29.89 -3.28
CA ARG B 1619 26.03 -28.90 -2.40
C ARG B 1619 24.96 -27.98 -1.83
N CYS B 1620 23.80 -28.55 -1.51
CA CYS B 1620 22.69 -27.76 -1.00
C CYS B 1620 22.90 -27.34 0.45
N ASP B 1621 23.79 -28.02 1.17
CA ASP B 1621 24.12 -27.57 2.52
C ASP B 1621 24.71 -26.17 2.48
N LYS B 1622 25.60 -25.90 1.52
CA LYS B 1622 26.14 -24.55 1.38
C LYS B 1622 25.11 -23.59 0.81
N LYS B 1623 24.38 -24.02 -0.22
CA LYS B 1623 23.39 -23.15 -0.84
C LYS B 1623 22.35 -22.69 0.16
N ARG B 1624 22.09 -23.51 1.19
CA ARG B 1624 21.17 -23.13 2.24
C ARG B 1624 21.56 -21.79 2.85
N HIS B 1625 22.85 -21.55 3.04
CA HIS B 1625 23.34 -20.27 3.54
C HIS B 1625 23.51 -19.25 2.41
N LEU B 1626 24.29 -19.61 1.40
CA LEU B 1626 24.70 -18.65 0.40
C LEU B 1626 23.51 -18.10 -0.38
N GLY B 1627 22.45 -18.87 -0.51
CA GLY B 1627 21.27 -18.38 -1.20
C GLY B 1627 20.43 -17.44 -0.37
N ASN B 1628 20.55 -17.51 0.94
CA ASN B 1628 19.78 -16.64 1.83
C ASN B 1628 20.54 -15.38 2.24
N ASP B 1629 21.83 -15.29 1.91
CA ASP B 1629 22.58 -14.06 2.14
C ASP B 1629 22.24 -13.04 1.07
N PHE B 1630 22.13 -11.78 1.47
CA PHE B 1630 21.82 -10.72 0.53
C PHE B 1630 22.98 -10.43 -0.42
N VAL B 1631 24.21 -10.56 0.07
CA VAL B 1631 25.39 -10.11 -0.66
C VAL B 1631 26.39 -11.24 -0.69
N SER B 1632 27.06 -11.39 -1.83
CA SER B 1632 28.12 -12.37 -1.98
C SER B 1632 29.36 -11.68 -2.54
N ILE B 1633 30.52 -12.04 -2.02
CA ILE B 1633 31.79 -11.61 -2.57
C ILE B 1633 32.25 -12.70 -3.52
N VAL B 1634 32.14 -12.46 -4.82
CA VAL B 1634 32.50 -13.44 -5.82
C VAL B 1634 33.94 -13.18 -6.22
N TYR B 1635 34.84 -14.05 -5.79
CA TYR B 1635 36.23 -13.98 -6.23
C TYR B 1635 36.28 -14.65 -7.59
N ASN B 1636 36.10 -13.84 -8.64
CA ASN B 1636 35.88 -14.35 -9.99
C ASN B 1636 37.22 -14.66 -10.64
N ASP B 1637 37.77 -15.81 -10.26
CA ASP B 1637 39.03 -16.29 -10.82
C ASP B 1637 38.83 -17.05 -12.12
N SER B 1638 37.60 -17.02 -12.66
CA SER B 1638 37.30 -17.82 -13.85
C SER B 1638 37.92 -17.24 -15.11
N GLY B 1639 38.12 -15.93 -15.15
CA GLY B 1639 38.52 -15.28 -16.37
C GLY B 1639 37.37 -14.87 -17.26
N GLU B 1640 36.14 -15.21 -16.91
CA GLU B 1640 34.97 -14.81 -17.65
C GLU B 1640 34.09 -13.92 -16.79
N ASP B 1641 33.23 -13.16 -17.44
CA ASP B 1641 32.39 -12.22 -16.73
C ASP B 1641 31.29 -12.97 -15.98
N PHE B 1642 31.28 -12.81 -14.66
CA PHE B 1642 30.26 -13.41 -13.82
C PHE B 1642 28.94 -12.66 -13.99
N LYS B 1643 27.84 -13.36 -13.80
CA LYS B 1643 26.51 -12.77 -13.86
C LYS B 1643 25.82 -12.98 -12.52
N LEU B 1644 25.18 -11.93 -12.02
CA LEU B 1644 24.32 -12.08 -10.85
C LEU B 1644 23.16 -13.02 -11.21
N GLY B 1645 22.80 -13.88 -10.26
CA GLY B 1645 21.81 -14.89 -10.52
C GLY B 1645 22.36 -16.21 -11.02
N THR B 1646 23.67 -16.30 -11.23
CA THR B 1646 24.27 -17.58 -11.55
C THR B 1646 23.98 -18.59 -10.45
N ILE B 1647 23.94 -18.13 -9.21
CA ILE B 1647 23.50 -18.93 -8.08
C ILE B 1647 22.06 -18.53 -7.76
N LYS B 1648 21.18 -19.53 -7.70
CA LYS B 1648 19.75 -19.32 -7.90
C LYS B 1648 19.00 -19.01 -6.61
N GLY B 1649 19.66 -18.40 -5.63
CA GLY B 1649 18.97 -18.04 -4.41
C GLY B 1649 17.93 -16.98 -4.62
N GLN B 1650 16.96 -16.97 -3.71
CA GLN B 1650 15.92 -15.94 -3.74
C GLN B 1650 16.49 -14.58 -3.37
N PHE B 1651 17.55 -14.54 -2.58
CA PHE B 1651 18.01 -13.32 -1.92
C PHE B 1651 19.38 -12.84 -2.41
N ASN B 1652 19.85 -13.29 -3.57
CA ASN B 1652 21.12 -12.80 -4.13
C ASN B 1652 20.92 -11.40 -4.69
N PHE B 1653 20.88 -10.41 -3.80
CA PHE B 1653 20.58 -9.04 -4.19
C PHE B 1653 21.76 -8.34 -4.84
N VAL B 1654 22.96 -8.50 -4.29
CA VAL B 1654 24.17 -7.82 -4.78
C VAL B 1654 25.35 -8.78 -4.73
N HIS B 1655 26.18 -8.75 -5.75
CA HIS B 1655 27.42 -9.52 -5.77
C HIS B 1655 28.57 -8.55 -5.91
N VAL B 1656 29.54 -8.63 -4.99
CA VAL B 1656 30.74 -7.81 -5.06
C VAL B 1656 31.78 -8.66 -5.76
N ILE B 1657 31.81 -8.57 -7.09
CA ILE B 1657 32.71 -9.41 -7.88
C ILE B 1657 34.13 -8.90 -7.72
N VAL B 1658 35.03 -9.79 -7.36
CA VAL B 1658 36.45 -9.49 -7.26
C VAL B 1658 37.14 -10.22 -8.39
N THR B 1659 37.69 -9.47 -9.32
CA THR B 1659 38.42 -10.07 -10.44
C THR B 1659 39.90 -9.85 -10.21
N PRO B 1660 40.67 -10.88 -9.84
CA PRO B 1660 42.10 -10.68 -9.65
C PRO B 1660 42.79 -10.33 -10.95
N LEU B 1661 43.51 -9.21 -10.95
CA LEU B 1661 44.29 -8.74 -12.07
C LEU B 1661 45.75 -9.15 -11.90
N ASP B 1662 46.58 -8.78 -12.86
CA ASP B 1662 48.01 -9.01 -12.76
C ASP B 1662 48.63 -8.00 -11.79
N TYR B 1663 49.85 -8.31 -11.36
CA TYR B 1663 50.67 -7.43 -10.52
C TYR B 1663 49.98 -7.08 -9.19
N GLU B 1664 49.65 -8.12 -8.43
CA GLU B 1664 49.27 -8.03 -7.02
C GLU B 1664 48.09 -7.09 -6.77
N CYS B 1665 47.10 -7.08 -7.66
CA CYS B 1665 45.94 -6.22 -7.47
C CYS B 1665 44.72 -6.83 -8.12
N ASN B 1666 43.56 -6.24 -7.84
CA ASN B 1666 42.28 -6.80 -8.24
C ASN B 1666 41.33 -5.69 -8.68
N LEU B 1667 40.34 -6.09 -9.46
CA LEU B 1667 39.25 -5.20 -9.85
C LEU B 1667 38.02 -5.61 -9.06
N VAL B 1668 37.50 -4.69 -8.25
CA VAL B 1668 36.33 -4.95 -7.45
C VAL B 1668 35.16 -4.19 -8.04
N SER B 1669 34.14 -4.93 -8.46
CA SER B 1669 32.98 -4.32 -9.09
C SER B 1669 31.74 -4.76 -8.33
N LEU B 1670 30.57 -4.51 -8.88
CA LEU B 1670 29.36 -4.73 -8.12
C LEU B 1670 28.21 -4.91 -9.10
N GLN B 1671 27.57 -6.07 -9.05
CA GLN B 1671 26.37 -6.34 -9.82
C GLN B 1671 25.20 -6.49 -8.86
N CYS B 1672 24.07 -5.90 -9.19
CA CYS B 1672 22.90 -5.95 -8.32
C CYS B 1672 21.65 -6.27 -9.12
N ARG B 1673 20.65 -6.78 -8.41
CA ARG B 1673 19.36 -7.11 -9.01
C ARG B 1673 18.66 -5.82 -9.41
N LYS B 1674 17.90 -5.88 -10.50
CA LYS B 1674 17.43 -4.65 -11.13
C LYS B 1674 16.51 -3.84 -10.22
N ASP B 1675 15.86 -4.49 -9.26
CA ASP B 1675 14.99 -3.74 -8.34
C ASP B 1675 15.79 -2.93 -7.33
N MET B 1676 17.04 -3.31 -7.08
CA MET B 1676 17.84 -2.68 -6.05
C MET B 1676 18.85 -1.68 -6.61
N GLU B 1677 18.96 -1.55 -7.93
CA GLU B 1677 19.92 -0.63 -8.51
C GLU B 1677 19.63 0.82 -8.17
N GLY B 1678 18.42 1.11 -7.68
CA GLY B 1678 18.13 2.43 -7.17
C GLY B 1678 18.81 2.76 -5.86
N LEU B 1679 19.25 1.74 -5.12
CA LEU B 1679 19.99 1.94 -3.89
C LEU B 1679 21.49 1.86 -4.07
N VAL B 1680 21.98 0.93 -4.89
CA VAL B 1680 23.40 0.69 -5.04
C VAL B 1680 23.81 0.94 -6.48
N ASP B 1681 24.73 1.87 -6.68
CA ASP B 1681 25.18 2.27 -8.01
C ASP B 1681 26.26 1.31 -8.49
N THR B 1682 25.92 0.50 -9.49
CA THR B 1682 26.81 -0.50 -10.06
C THR B 1682 27.87 0.08 -10.99
N SER B 1683 27.77 1.37 -11.32
CA SER B 1683 28.50 1.91 -12.46
C SER B 1683 30.00 2.04 -12.21
N VAL B 1684 30.46 1.98 -10.97
CA VAL B 1684 31.85 2.23 -10.64
C VAL B 1684 32.52 0.92 -10.28
N ALA B 1685 33.63 0.63 -10.95
CA ALA B 1685 34.48 -0.51 -10.66
C ALA B 1685 35.84 0.01 -10.24
N LYS B 1686 36.39 -0.59 -9.19
CA LYS B 1686 37.59 -0.09 -8.53
C LYS B 1686 38.73 -1.08 -8.69
N ILE B 1687 39.95 -0.55 -8.72
CA ILE B 1687 41.16 -1.36 -8.75
C ILE B 1687 41.79 -1.25 -7.37
N VAL B 1688 41.96 -2.39 -6.70
CA VAL B 1688 42.49 -2.40 -5.35
C VAL B 1688 43.54 -3.49 -5.23
N SER B 1689 44.64 -3.16 -4.55
CA SER B 1689 45.72 -4.11 -4.37
C SER B 1689 45.26 -5.30 -3.55
N ASP B 1690 46.07 -6.37 -3.60
CA ASP B 1690 45.75 -7.57 -2.83
C ASP B 1690 45.74 -7.29 -1.34
N ARG B 1691 46.70 -6.50 -0.86
CA ARG B 1691 46.77 -6.20 0.57
C ARG B 1691 45.59 -5.36 1.03
N ASN B 1692 44.94 -4.63 0.14
CA ASN B 1692 43.75 -3.87 0.47
C ASN B 1692 42.49 -4.46 -0.13
N LEU B 1693 42.60 -5.56 -0.86
CA LEU B 1693 41.40 -6.20 -1.42
C LEU B 1693 40.42 -6.64 -0.34
N PRO B 1694 40.82 -7.34 0.72
CA PRO B 1694 39.82 -7.72 1.72
C PRO B 1694 39.10 -6.54 2.30
N PHE B 1695 39.79 -5.43 2.57
CA PHE B 1695 39.14 -4.26 3.14
C PHE B 1695 38.09 -3.69 2.20
N VAL B 1696 38.46 -3.44 0.95
CA VAL B 1696 37.56 -2.75 0.03
C VAL B 1696 36.39 -3.65 -0.33
N ALA B 1697 36.65 -4.92 -0.66
CA ALA B 1697 35.57 -5.83 -0.99
C ALA B 1697 34.64 -6.03 0.20
N ARG B 1698 35.22 -6.15 1.39
CA ARG B 1698 34.43 -6.31 2.61
C ARG B 1698 33.56 -5.11 2.88
N GLN B 1699 34.13 -3.93 2.71
CA GLN B 1699 33.41 -2.69 3.01
C GLN B 1699 32.29 -2.46 2.01
N MET B 1700 32.55 -2.73 0.73
CA MET B 1700 31.47 -2.67 -0.26
C MET B 1700 30.39 -3.67 0.06
N ALA B 1701 30.76 -4.86 0.51
CA ALA B 1701 29.77 -5.87 0.83
C ALA B 1701 28.92 -5.45 2.02
N LEU B 1702 29.53 -4.80 3.01
CA LEU B 1702 28.73 -4.30 4.13
C LEU B 1702 27.77 -3.22 3.68
N HIS B 1703 28.23 -2.29 2.83
CA HIS B 1703 27.31 -1.26 2.34
C HIS B 1703 26.20 -1.85 1.49
N ALA B 1704 26.55 -2.82 0.64
CA ALA B 1704 25.56 -3.52 -0.16
C ALA B 1704 24.60 -4.28 0.71
N ASN B 1705 25.06 -4.79 1.85
CA ASN B 1705 24.19 -5.53 2.73
C ASN B 1705 23.29 -4.60 3.53
N MET B 1706 23.77 -3.42 3.91
CA MET B 1706 22.90 -2.44 4.55
C MET B 1706 21.80 -2.01 3.58
N ALA B 1707 22.17 -1.74 2.33
CA ALA B 1707 21.17 -1.40 1.33
C ALA B 1707 20.21 -2.54 1.10
N SER B 1708 20.73 -3.76 0.99
CA SER B 1708 19.89 -4.93 0.76
C SER B 1708 18.94 -5.17 1.91
N GLN B 1709 19.44 -5.04 3.14
CA GLN B 1709 18.60 -5.27 4.31
C GLN B 1709 17.48 -4.24 4.39
N VAL B 1710 17.79 -2.99 4.06
CA VAL B 1710 16.74 -1.97 4.02
C VAL B 1710 15.72 -2.28 2.92
N HIS B 1711 16.21 -2.68 1.75
CA HIS B 1711 15.31 -3.03 0.65
C HIS B 1711 14.41 -4.20 1.05
N HIS B 1712 14.99 -5.23 1.65
CA HIS B 1712 14.23 -6.37 2.13
C HIS B 1712 13.22 -5.94 3.19
N SER B 1713 13.57 -4.96 4.01
CA SER B 1713 12.63 -4.47 5.02
C SER B 1713 11.41 -3.83 4.38
N ARG B 1714 11.59 -3.21 3.22
CA ARG B 1714 10.42 -2.63 2.56
C ARG B 1714 9.47 -3.69 2.01
N SER B 1715 9.93 -4.92 1.83
CA SER B 1715 9.07 -6.02 1.37
C SER B 1715 8.61 -6.92 2.51
N ASN B 1716 9.29 -6.88 3.66
CA ASN B 1716 8.93 -7.71 4.80
C ASN B 1716 8.82 -6.82 6.03
N PRO B 1717 7.75 -6.02 6.13
CA PRO B 1717 7.62 -5.11 7.26
C PRO B 1717 7.39 -5.81 8.59
N THR B 1718 7.06 -7.11 8.58
CA THR B 1718 6.91 -7.86 9.82
C THR B 1718 8.23 -8.41 10.35
N ASP B 1719 9.32 -8.29 9.59
CA ASP B 1719 10.59 -8.81 10.04
C ASP B 1719 11.24 -7.88 11.06
N ILE B 1720 12.25 -8.40 11.76
CA ILE B 1720 13.01 -7.62 12.72
C ILE B 1720 13.88 -6.62 11.97
N TYR B 1721 13.81 -5.36 12.37
CA TYR B 1721 14.37 -4.26 11.59
C TYR B 1721 15.88 -4.42 11.43
N PRO B 1722 16.44 -3.98 10.29
CA PRO B 1722 17.86 -4.24 10.01
C PRO B 1722 18.82 -3.48 10.90
N SER B 1723 18.52 -2.22 11.21
CA SER B 1723 19.25 -1.54 12.28
C SER B 1723 18.83 -2.15 13.59
N LYS B 1724 19.72 -2.93 14.21
CA LYS B 1724 19.32 -3.68 15.38
C LYS B 1724 19.05 -2.79 16.59
N TRP B 1725 19.53 -1.55 16.58
CA TRP B 1725 19.15 -0.62 17.64
C TRP B 1725 17.70 -0.17 17.46
N ILE B 1726 17.27 0.08 16.22
CA ILE B 1726 15.85 0.34 16.01
C ILE B 1726 15.04 -0.92 16.21
N ALA B 1727 15.59 -2.09 15.89
CA ALA B 1727 14.89 -3.34 16.22
C ALA B 1727 14.70 -3.45 17.73
N ARG B 1728 15.74 -3.16 18.50
CA ARG B 1728 15.65 -3.21 19.95
C ARG B 1728 14.70 -2.17 20.49
N LEU B 1729 14.73 -0.95 19.95
CA LEU B 1729 13.83 0.08 20.42
C LEU B 1729 12.40 -0.22 20.05
N ARG B 1730 12.16 -0.77 18.86
CA ARG B 1730 10.82 -1.19 18.50
C ARG B 1730 10.34 -2.31 19.41
N HIS B 1731 11.23 -3.22 19.77
CA HIS B 1731 10.86 -4.28 20.70
C HIS B 1731 10.51 -3.70 22.06
N ILE B 1732 11.32 -2.76 22.56
CA ILE B 1732 11.07 -2.16 23.86
C ILE B 1732 9.79 -1.32 23.84
N LYS B 1733 9.57 -0.57 22.78
CA LYS B 1733 8.35 0.22 22.65
C LYS B 1733 7.13 -0.69 22.55
N ARG B 1734 7.25 -1.79 21.81
CA ARG B 1734 6.18 -2.77 21.70
C ARG B 1734 5.91 -3.45 23.04
N LEU B 1735 6.97 -3.74 23.79
CA LEU B 1735 6.82 -4.33 25.12
C LEU B 1735 6.15 -3.37 26.09
N ARG B 1736 6.57 -2.10 26.07
CA ARG B 1736 5.94 -1.07 26.88
C ARG B 1736 4.46 -0.95 26.55
N GLN B 1737 4.15 -0.90 25.26
CA GLN B 1737 2.76 -0.80 24.83
C GLN B 1737 1.98 -2.05 25.22
N ARG B 1738 2.61 -3.22 25.17
CA ARG B 1738 1.92 -4.44 25.56
C ARG B 1738 1.57 -4.43 27.04
N ILE B 1739 2.49 -3.96 27.90
CA ILE B 1739 2.16 -3.89 29.32
C ILE B 1739 1.05 -2.87 29.55
N CYS B 1740 1.08 -1.75 28.82
CA CYS B 1740 -0.01 -0.79 28.95
C CYS B 1740 -1.34 -1.40 28.52
N GLU B 1741 -1.33 -2.17 27.44
CA GLU B 1741 -2.56 -2.79 26.95
C GLU B 1741 -3.08 -3.83 27.93
N GLU B 1742 -2.20 -4.68 28.47
CA GLU B 1742 -2.66 -5.71 29.39
C GLU B 1742 -3.06 -5.12 30.74
N ALA B 1743 -2.42 -4.02 31.15
CA ALA B 1743 -2.88 -3.31 32.35
C ALA B 1743 -4.25 -2.69 32.12
N ALA B 1744 -4.46 -2.07 30.95
CA ALA B 1744 -5.77 -1.51 30.64
C ALA B 1744 -6.82 -2.61 30.54
N TYR B 1745 -6.46 -3.74 29.95
CA TYR B 1745 -7.34 -4.89 29.89
C TYR B 1745 -7.67 -5.41 31.27
N SER B 1746 -6.72 -5.31 32.20
CA SER B 1746 -6.92 -5.83 33.55
C SER B 1746 -7.66 -4.86 34.45
N ASN B 1747 -7.41 -3.56 34.31
CA ASN B 1747 -8.04 -2.57 35.17
C ASN B 1747 -9.42 -2.16 34.67
N ASN C 6 -39.46 11.56 -128.16
CA ASN C 6 -39.47 10.26 -128.81
C ASN C 6 -38.07 9.73 -129.06
N VAL C 7 -37.88 8.43 -128.81
CA VAL C 7 -36.59 7.81 -129.06
C VAL C 7 -36.22 7.88 -130.54
N GLY C 8 -37.22 7.95 -131.41
CA GLY C 8 -36.93 8.02 -132.84
C GLY C 8 -36.15 9.27 -133.24
N GLU C 9 -36.48 10.40 -132.63
CA GLU C 9 -35.73 11.62 -132.88
C GLU C 9 -34.26 11.45 -132.47
N LEU C 10 -34.04 10.87 -131.29
CA LEU C 10 -32.67 10.59 -130.87
C LEU C 10 -31.97 9.64 -131.83
N LEU C 11 -32.70 8.68 -132.40
CA LEU C 11 -32.11 7.82 -133.42
C LEU C 11 -31.61 8.65 -134.59
N ALA C 12 -32.45 9.57 -135.07
CA ALA C 12 -32.03 10.42 -136.18
C ALA C 12 -30.74 11.17 -135.85
N MET C 13 -30.52 11.48 -134.57
CA MET C 13 -29.26 12.09 -134.19
C MET C 13 -28.18 11.09 -133.79
N LEU C 14 -28.45 9.79 -133.82
CA LEU C 14 -27.41 8.81 -133.51
C LEU C 14 -26.31 8.82 -134.56
N ASP C 15 -26.67 9.09 -135.82
CA ASP C 15 -25.71 9.20 -136.91
C ASP C 15 -25.45 10.64 -137.29
N SER C 16 -25.41 11.52 -136.29
CA SER C 16 -25.27 12.95 -136.55
C SER C 16 -23.91 13.26 -137.17
N PRO C 17 -23.84 14.33 -137.98
CA PRO C 17 -22.53 14.74 -138.54
C PRO C 17 -21.58 15.31 -137.51
N MET C 18 -22.04 15.65 -136.30
CA MET C 18 -21.17 16.17 -135.25
C MET C 18 -20.88 15.08 -134.23
N LEU C 19 -19.60 14.83 -133.96
CA LEU C 19 -19.23 13.75 -133.05
C LEU C 19 -19.79 13.96 -131.66
N GLY C 20 -19.86 15.22 -131.22
CA GLY C 20 -20.45 15.51 -129.94
C GLY C 20 -21.88 15.02 -129.84
N VAL C 21 -22.68 15.26 -130.88
CA VAL C 21 -24.08 14.85 -130.84
C VAL C 21 -24.19 13.33 -130.89
N ARG C 22 -23.35 12.69 -131.68
CA ARG C 22 -23.36 11.23 -131.73
C ARG C 22 -23.07 10.65 -130.36
N ASP C 23 -22.05 11.19 -129.68
CA ASP C 23 -21.70 10.68 -128.37
C ASP C 23 -22.75 11.03 -127.33
N ASP C 24 -23.41 12.18 -127.48
CA ASP C 24 -24.54 12.49 -126.60
C ASP C 24 -25.63 11.42 -126.73
N VAL C 25 -26.00 11.10 -127.96
CA VAL C 25 -27.03 10.08 -128.16
C VAL C 25 -26.56 8.74 -127.64
N THR C 26 -25.28 8.42 -127.85
CA THR C 26 -24.75 7.14 -127.38
C THR C 26 -24.80 7.04 -125.87
N ALA C 27 -24.40 8.10 -125.17
CA ALA C 27 -24.41 8.08 -123.72
C ALA C 27 -25.83 8.03 -123.19
N VAL C 28 -26.75 8.79 -123.79
CA VAL C 28 -28.14 8.75 -123.36
C VAL C 28 -28.72 7.35 -123.57
N PHE C 29 -28.38 6.72 -124.69
CA PHE C 29 -28.85 5.37 -124.96
C PHE C 29 -28.28 4.37 -123.98
N LYS C 30 -26.99 4.49 -123.65
CA LYS C 30 -26.41 3.59 -122.66
C LYS C 30 -27.08 3.78 -121.30
N GLU C 31 -27.35 5.03 -120.93
CA GLU C 31 -28.06 5.28 -119.68
C GLU C 31 -29.44 4.65 -119.69
N ASN C 32 -30.17 4.80 -120.80
CA ASN C 32 -31.50 4.20 -120.90
C ASN C 32 -31.43 2.69 -120.82
N LEU C 33 -30.43 2.10 -121.48
CA LEU C 33 -30.27 0.65 -121.43
C LEU C 33 -29.99 0.19 -120.01
N ASN C 34 -29.16 0.93 -119.28
CA ASN C 34 -28.92 0.57 -117.88
C ASN C 34 -30.19 0.73 -117.05
N SER C 35 -30.92 1.82 -117.27
CA SER C 35 -32.07 2.12 -116.41
C SER C 35 -33.21 1.14 -116.65
N ASP C 36 -33.57 0.94 -117.91
CA ASP C 36 -34.75 0.17 -118.28
C ASP C 36 -34.31 -1.21 -118.73
N ARG C 37 -34.85 -2.25 -118.10
CA ARG C 37 -34.50 -3.62 -118.45
C ARG C 37 -35.46 -4.23 -119.46
N GLY C 38 -36.41 -3.46 -119.96
CA GLY C 38 -37.28 -3.93 -121.02
C GLY C 38 -36.53 -4.01 -122.34
N PRO C 39 -36.96 -4.90 -123.22
CA PRO C 39 -36.25 -5.07 -124.49
C PRO C 39 -36.51 -3.96 -125.49
N MET C 40 -37.43 -3.03 -125.20
CA MET C 40 -37.85 -2.07 -126.20
C MET C 40 -36.67 -1.31 -126.80
N LEU C 41 -35.71 -0.93 -125.96
CA LEU C 41 -34.54 -0.22 -126.48
C LEU C 41 -33.74 -1.10 -127.43
N VAL C 42 -33.54 -2.37 -127.08
CA VAL C 42 -32.79 -3.26 -127.95
C VAL C 42 -33.52 -3.47 -129.26
N ASN C 43 -34.84 -3.66 -129.21
CA ASN C 43 -35.60 -3.86 -130.43
C ASN C 43 -35.55 -2.63 -131.32
N THR C 44 -35.68 -1.45 -130.73
CA THR C 44 -35.57 -0.23 -131.51
C THR C 44 -34.20 -0.09 -132.14
N LEU C 45 -33.15 -0.41 -131.39
CA LEU C 45 -31.80 -0.36 -131.94
C LEU C 45 -31.63 -1.31 -133.11
N VAL C 46 -32.14 -2.53 -132.97
CA VAL C 46 -31.99 -3.51 -134.05
C VAL C 46 -32.75 -3.06 -135.29
N ASP C 47 -33.99 -2.61 -135.11
CA ASP C 47 -34.77 -2.16 -136.26
C ASP C 47 -34.11 -0.98 -136.96
N TYR C 48 -33.63 -0.02 -136.18
CA TYR C 48 -32.95 1.13 -136.75
C TYR C 48 -31.68 0.72 -137.48
N TYR C 49 -30.91 -0.19 -136.90
CA TYR C 49 -29.70 -0.64 -137.57
C TYR C 49 -30.00 -1.32 -138.89
N LEU C 50 -31.04 -2.17 -138.90
CA LEU C 50 -31.42 -2.82 -140.14
C LEU C 50 -31.74 -1.80 -141.22
N GLU C 51 -32.36 -0.69 -140.84
CA GLU C 51 -32.70 0.33 -141.82
C GLU C 51 -31.55 1.28 -142.15
N THR C 52 -30.45 1.26 -141.40
CA THR C 52 -29.37 2.20 -141.65
C THR C 52 -27.98 1.59 -141.73
N SER C 53 -27.77 0.39 -141.20
CA SER C 53 -26.42 -0.16 -141.03
C SER C 53 -25.54 0.83 -140.27
N SER C 54 -26.10 1.43 -139.24
CA SER C 54 -25.41 2.47 -138.50
C SER C 54 -24.28 1.87 -137.68
N GLN C 55 -23.08 2.43 -137.83
CA GLN C 55 -21.94 1.95 -137.04
C GLN C 55 -22.09 2.24 -135.55
N PRO C 56 -22.42 3.47 -135.12
CA PRO C 56 -22.59 3.67 -133.67
C PRO C 56 -23.69 2.81 -133.08
N ALA C 57 -24.79 2.61 -133.81
CA ALA C 57 -25.83 1.72 -133.34
C ALA C 57 -25.29 0.30 -133.22
N LEU C 58 -24.45 -0.10 -134.18
CA LEU C 58 -23.84 -1.42 -134.12
C LEU C 58 -22.96 -1.54 -132.88
N HIS C 59 -22.24 -0.47 -132.54
CA HIS C 59 -21.41 -0.50 -131.33
C HIS C 59 -22.27 -0.61 -130.09
N ILE C 60 -23.36 0.16 -130.04
CA ILE C 60 -24.26 0.08 -128.89
C ILE C 60 -24.82 -1.33 -128.74
N LEU C 61 -25.18 -1.95 -129.86
CA LEU C 61 -25.68 -3.32 -129.81
C LEU C 61 -24.59 -4.29 -129.35
N THR C 62 -23.38 -4.13 -129.84
CA THR C 62 -22.34 -5.13 -129.58
C THR C 62 -21.74 -5.01 -128.19
N THR C 63 -21.89 -3.88 -127.53
CA THR C 63 -21.34 -3.71 -126.19
C THR C 63 -22.32 -4.09 -125.09
N LEU C 64 -23.50 -4.58 -125.44
CA LEU C 64 -24.52 -4.86 -124.45
C LEU C 64 -24.08 -5.96 -123.51
N GLN C 65 -24.52 -5.85 -122.26
CA GLN C 65 -24.37 -6.87 -121.23
C GLN C 65 -25.75 -7.34 -120.80
N GLU C 66 -25.77 -8.18 -119.76
CA GLU C 66 -27.04 -8.61 -119.21
C GLU C 66 -27.81 -7.41 -118.64
N PRO C 67 -29.13 -7.44 -118.66
CA PRO C 67 -30.02 -8.49 -119.15
C PRO C 67 -30.30 -8.36 -120.64
N HIS C 68 -29.82 -7.28 -121.25
CA HIS C 68 -30.10 -7.03 -122.66
C HIS C 68 -29.38 -7.98 -123.59
N ASP C 69 -28.45 -8.80 -123.07
CA ASP C 69 -27.91 -9.85 -123.92
C ASP C 69 -29.01 -10.81 -124.35
N LYS C 70 -29.93 -11.13 -123.44
CA LYS C 70 -31.06 -11.96 -123.80
C LYS C 70 -31.96 -11.26 -124.81
N HIS C 71 -32.18 -9.96 -124.65
CA HIS C 71 -33.02 -9.23 -125.60
C HIS C 71 -32.38 -9.16 -126.98
N LEU C 72 -31.06 -8.94 -127.02
CA LEU C 72 -30.34 -8.95 -128.29
C LEU C 72 -30.43 -10.31 -128.97
N LEU C 73 -30.19 -11.37 -128.20
CA LEU C 73 -30.32 -12.72 -128.76
C LEU C 73 -31.73 -12.98 -129.23
N ASP C 74 -32.73 -12.50 -128.50
CA ASP C 74 -34.12 -12.79 -128.87
C ASP C 74 -34.53 -12.07 -130.14
N ARG C 75 -34.20 -10.79 -130.27
CA ARG C 75 -34.52 -10.06 -131.49
C ARG C 75 -33.75 -10.63 -132.68
N ILE C 76 -32.47 -10.96 -132.47
CA ILE C 76 -31.68 -11.56 -133.56
C ILE C 76 -32.28 -12.89 -133.98
N ASN C 77 -32.68 -13.73 -133.03
CA ASN C 77 -33.29 -15.00 -133.36
C ASN C 77 -34.60 -14.82 -134.11
N GLU C 78 -35.43 -13.88 -133.65
CA GLU C 78 -36.69 -13.61 -134.31
C GLU C 78 -36.47 -13.23 -135.76
N TYR C 79 -35.51 -12.34 -136.01
CA TYR C 79 -35.28 -11.94 -137.39
C TYR C 79 -34.55 -13.00 -138.20
N VAL C 80 -33.75 -13.84 -137.56
CA VAL C 80 -33.03 -14.87 -138.30
C VAL C 80 -34.02 -15.85 -138.89
N GLY C 81 -35.09 -16.16 -138.15
CA GLY C 81 -36.12 -17.00 -138.72
C GLY C 81 -36.77 -16.40 -139.96
N LYS C 82 -37.07 -15.10 -139.90
CA LYS C 82 -37.74 -14.39 -140.99
C LYS C 82 -36.77 -14.21 -142.15
N ALA C 83 -37.01 -14.93 -143.24
CA ALA C 83 -36.08 -14.91 -144.37
C ALA C 83 -35.99 -13.54 -145.03
N ALA C 84 -36.98 -12.67 -144.85
CA ALA C 84 -36.97 -11.36 -145.48
C ALA C 84 -35.91 -10.44 -144.90
N THR C 85 -35.32 -10.78 -143.75
CA THR C 85 -34.31 -9.94 -143.14
C THR C 85 -33.11 -10.74 -142.65
N ARG C 86 -33.02 -12.02 -143.03
CA ARG C 86 -32.05 -12.91 -142.41
C ARG C 86 -30.62 -12.50 -142.72
N LEU C 87 -30.35 -12.06 -143.94
CA LEU C 87 -28.99 -11.70 -144.31
C LEU C 87 -28.48 -10.55 -143.46
N SER C 88 -29.28 -9.49 -143.33
CA SER C 88 -28.87 -8.34 -142.53
C SER C 88 -28.76 -8.71 -141.05
N ILE C 89 -29.75 -9.44 -140.53
CA ILE C 89 -29.70 -9.74 -139.11
C ILE C 89 -28.56 -10.70 -138.80
N LEU C 90 -28.19 -11.54 -139.76
CA LEU C 90 -27.06 -12.44 -139.56
C LEU C 90 -25.74 -11.69 -139.61
N SER C 91 -25.66 -10.64 -140.43
CA SER C 91 -24.48 -9.78 -140.38
C SER C 91 -24.36 -9.10 -139.01
N LEU C 92 -25.48 -8.62 -138.47
CA LEU C 92 -25.47 -8.06 -137.13
C LEU C 92 -25.06 -9.10 -136.09
N LEU C 93 -25.57 -10.32 -136.22
CA LEU C 93 -25.20 -11.38 -135.29
C LEU C 93 -23.72 -11.68 -135.39
N GLY C 94 -23.17 -11.67 -136.60
CA GLY C 94 -21.74 -11.87 -136.75
C GLY C 94 -20.94 -10.82 -136.01
N HIS C 95 -21.36 -9.57 -136.14
CA HIS C 95 -20.68 -8.52 -135.38
C HIS C 95 -20.78 -8.77 -133.89
N VAL C 96 -21.95 -9.17 -133.41
CA VAL C 96 -22.12 -9.42 -131.98
C VAL C 96 -21.21 -10.57 -131.54
N ILE C 97 -21.12 -11.61 -132.35
CA ILE C 97 -20.37 -12.80 -131.99
C ILE C 97 -18.88 -12.51 -131.92
N ARG C 98 -18.34 -11.84 -132.95
CA ARG C 98 -16.89 -11.67 -133.02
C ARG C 98 -16.35 -10.82 -131.88
N LEU C 99 -17.18 -9.94 -131.31
CA LEU C 99 -16.75 -9.15 -130.17
C LEU C 99 -16.50 -9.99 -128.93
N GLN C 100 -16.96 -11.24 -128.92
CA GLN C 100 -16.77 -12.17 -127.81
C GLN C 100 -17.23 -11.58 -126.48
N PRO C 101 -18.51 -11.29 -126.33
CA PRO C 101 -19.01 -10.82 -125.03
C PRO C 101 -18.92 -11.94 -123.99
N SER C 102 -18.93 -11.52 -122.72
CA SER C 102 -18.76 -12.48 -121.63
C SER C 102 -19.82 -13.57 -121.63
N TRP C 103 -20.97 -13.32 -122.25
CA TRP C 103 -22.00 -14.33 -122.42
C TRP C 103 -21.80 -15.17 -123.68
N LYS C 104 -20.54 -15.31 -124.11
CA LYS C 104 -20.24 -16.14 -125.27
C LYS C 104 -20.71 -17.57 -125.06
N HIS C 105 -20.59 -18.09 -123.83
CA HIS C 105 -20.98 -19.47 -123.59
C HIS C 105 -22.48 -19.68 -123.68
N LYS C 106 -23.26 -18.61 -123.54
CA LYS C 106 -24.71 -18.73 -123.71
C LYS C 106 -25.11 -19.07 -125.13
N LEU C 107 -24.19 -18.92 -126.09
CA LEU C 107 -24.49 -19.30 -127.47
C LEU C 107 -24.71 -20.79 -127.63
N SER C 108 -24.26 -21.61 -126.68
CA SER C 108 -24.42 -23.04 -126.82
C SER C 108 -25.84 -23.49 -126.58
N GLN C 109 -26.67 -22.66 -125.95
CA GLN C 109 -28.02 -23.09 -125.59
C GLN C 109 -29.12 -22.11 -125.97
N ALA C 110 -28.79 -20.88 -126.37
CA ALA C 110 -29.83 -19.93 -126.73
C ALA C 110 -30.56 -20.41 -127.98
N PRO C 111 -31.84 -20.04 -128.14
CA PRO C 111 -32.59 -20.50 -129.31
C PRO C 111 -32.10 -19.92 -130.62
N LEU C 112 -31.18 -18.94 -130.59
CA LEU C 112 -30.64 -18.37 -131.81
C LEU C 112 -29.82 -19.38 -132.59
N LEU C 113 -28.97 -20.16 -131.93
CA LEU C 113 -28.19 -21.16 -132.63
C LEU C 113 -29.04 -22.19 -133.36
N PRO C 114 -30.12 -22.73 -132.77
CA PRO C 114 -31.01 -23.56 -133.58
C PRO C 114 -31.57 -22.85 -134.79
N SER C 115 -31.89 -21.55 -134.70
CA SER C 115 -32.35 -20.84 -135.87
C SER C 115 -31.27 -20.74 -136.94
N LEU C 116 -30.02 -20.51 -136.53
CA LEU C 116 -28.94 -20.43 -137.50
C LEU C 116 -28.74 -21.76 -138.20
N LEU C 117 -28.76 -22.85 -137.46
CA LEU C 117 -28.61 -24.16 -138.12
C LEU C 117 -29.83 -24.50 -138.95
N LYS C 118 -31.02 -24.01 -138.57
CA LYS C 118 -32.19 -24.16 -139.40
C LYS C 118 -32.01 -23.46 -140.73
N CYS C 119 -31.43 -22.27 -140.73
CA CYS C 119 -31.14 -21.59 -141.97
C CYS C 119 -30.11 -22.36 -142.79
N LEU C 120 -28.97 -22.69 -142.19
CA LEU C 120 -27.88 -23.30 -142.94
C LEU C 120 -28.22 -24.69 -143.45
N LYS C 121 -29.28 -25.33 -142.96
CA LYS C 121 -29.63 -26.65 -143.45
C LYS C 121 -30.88 -26.66 -144.33
N MET C 122 -31.67 -25.60 -144.33
CA MET C 122 -32.93 -25.59 -145.05
C MET C 122 -33.13 -24.26 -145.78
N ASP C 123 -32.08 -23.81 -146.47
CA ASP C 123 -32.18 -22.60 -147.26
C ASP C 123 -31.32 -22.74 -148.51
N THR C 124 -31.57 -21.86 -149.48
CA THR C 124 -30.98 -21.97 -150.80
C THR C 124 -30.21 -20.75 -151.28
N ASP C 125 -30.41 -19.59 -150.67
CA ASP C 125 -29.67 -18.40 -151.07
C ASP C 125 -28.20 -18.55 -150.69
N VAL C 126 -27.32 -18.70 -151.68
CA VAL C 126 -25.92 -18.95 -151.39
C VAL C 126 -25.28 -17.77 -150.67
N VAL C 127 -25.80 -16.56 -150.89
CA VAL C 127 -25.29 -15.41 -150.13
C VAL C 127 -25.51 -15.64 -148.64
N VAL C 128 -26.74 -16.04 -148.27
CA VAL C 128 -27.05 -16.30 -146.87
C VAL C 128 -26.30 -17.51 -146.36
N LEU C 129 -26.27 -18.61 -147.12
CA LEU C 129 -25.59 -19.81 -146.66
C LEU C 129 -24.10 -19.56 -146.44
N THR C 130 -23.45 -18.85 -147.34
CA THR C 130 -22.05 -18.50 -147.19
C THR C 130 -21.85 -17.64 -145.94
N THR C 131 -22.70 -16.62 -145.77
CA THR C 131 -22.61 -15.79 -144.57
C THR C 131 -22.79 -16.62 -143.31
N GLY C 132 -23.78 -17.50 -143.31
CA GLY C 132 -24.07 -18.31 -142.16
C GLY C 132 -22.99 -19.31 -141.84
N VAL C 133 -22.33 -19.84 -142.87
CA VAL C 133 -21.23 -20.76 -142.61
C VAL C 133 -20.06 -20.01 -142.01
N LEU C 134 -19.78 -18.81 -142.51
CA LEU C 134 -18.74 -18.00 -141.86
C LEU C 134 -19.07 -17.73 -140.40
N VAL C 135 -20.34 -17.40 -140.12
CA VAL C 135 -20.74 -17.15 -138.74
C VAL C 135 -20.61 -18.41 -137.89
N LEU C 136 -21.00 -19.56 -138.43
CA LEU C 136 -20.91 -20.81 -137.67
C LEU C 136 -19.47 -21.20 -137.41
N ILE C 137 -18.59 -21.01 -138.40
CA ILE C 137 -17.17 -21.29 -138.16
C ILE C 137 -16.62 -20.36 -137.09
N THR C 138 -17.07 -19.11 -137.09
CA THR C 138 -16.65 -18.19 -136.04
C THR C 138 -17.16 -18.63 -134.67
N MET C 139 -18.40 -19.10 -134.61
CA MET C 139 -19.05 -19.38 -133.34
C MET C 139 -18.65 -20.72 -132.77
N LEU C 140 -18.23 -21.66 -133.61
CA LEU C 140 -17.86 -22.99 -133.10
C LEU C 140 -16.77 -22.95 -132.05
N PRO C 141 -15.64 -22.26 -132.23
CA PRO C 141 -14.63 -22.24 -131.17
C PRO C 141 -15.06 -21.45 -129.95
N MET C 142 -16.05 -20.56 -130.09
CA MET C 142 -16.58 -19.88 -128.92
C MET C 142 -17.43 -20.80 -128.07
N ILE C 143 -18.10 -21.77 -128.70
CA ILE C 143 -18.87 -22.77 -127.96
C ILE C 143 -18.51 -24.15 -128.47
N PRO C 144 -17.28 -24.62 -128.26
CA PRO C 144 -16.92 -25.97 -128.71
C PRO C 144 -17.64 -27.05 -127.96
N GLN C 145 -18.20 -26.74 -126.79
CA GLN C 145 -18.93 -27.74 -126.03
C GLN C 145 -20.19 -28.19 -126.74
N SER C 146 -20.64 -27.46 -127.76
CA SER C 146 -21.85 -27.81 -128.50
C SER C 146 -21.66 -28.99 -129.40
N GLY C 147 -20.54 -29.69 -129.30
CA GLY C 147 -20.32 -30.91 -130.04
C GLY C 147 -21.41 -31.92 -129.76
N LYS C 148 -21.53 -32.34 -128.51
CA LYS C 148 -22.50 -33.38 -128.18
C LYS C 148 -23.95 -32.95 -128.45
N GLN C 149 -24.21 -31.65 -128.65
CA GLN C 149 -25.57 -31.17 -128.90
C GLN C 149 -25.90 -31.03 -130.38
N HIS C 150 -24.92 -30.62 -131.21
CA HIS C 150 -25.22 -30.33 -132.61
C HIS C 150 -24.16 -30.89 -133.56
N LEU C 151 -23.48 -31.96 -133.17
CA LEU C 151 -22.41 -32.50 -134.01
C LEU C 151 -22.91 -32.96 -135.36
N LEU C 152 -23.98 -33.75 -135.37
CA LEU C 152 -24.49 -34.27 -136.62
C LEU C 152 -25.14 -33.18 -137.45
N ASP C 153 -25.67 -32.13 -136.81
CA ASP C 153 -26.14 -30.99 -137.58
C ASP C 153 -24.99 -30.29 -138.29
N PHE C 154 -23.87 -30.07 -137.60
CA PHE C 154 -22.69 -29.50 -138.25
C PHE C 154 -22.24 -30.38 -139.40
N PHE C 155 -22.17 -31.69 -139.16
CA PHE C 155 -21.70 -32.61 -140.17
C PHE C 155 -22.61 -32.60 -141.39
N ASP C 156 -23.92 -32.61 -141.17
CA ASP C 156 -24.84 -32.63 -142.29
C ASP C 156 -24.82 -31.33 -143.07
N ILE C 157 -24.63 -30.20 -142.38
CA ILE C 157 -24.50 -28.94 -143.11
C ILE C 157 -23.25 -28.95 -143.96
N PHE C 158 -22.14 -29.45 -143.42
CA PHE C 158 -20.93 -29.56 -144.21
C PHE C 158 -21.17 -30.41 -145.45
N GLY C 159 -21.83 -31.56 -145.28
CA GLY C 159 -22.07 -32.43 -146.41
C GLY C 159 -22.96 -31.79 -147.46
N ARG C 160 -24.06 -31.18 -147.03
CA ARG C 160 -24.98 -30.54 -147.95
C ARG C 160 -24.28 -29.46 -148.75
N LEU C 161 -23.54 -28.59 -148.07
CA LEU C 161 -22.97 -27.46 -148.78
C LEU C 161 -21.75 -27.88 -149.60
N SER C 162 -21.05 -28.94 -149.21
CA SER C 162 -19.99 -29.43 -150.08
C SER C 162 -20.55 -30.07 -151.33
N SER C 163 -21.71 -30.73 -151.24
CA SER C 163 -22.37 -31.19 -152.46
C SER C 163 -22.83 -30.01 -153.30
N TRP C 164 -23.24 -28.92 -152.66
CA TRP C 164 -23.62 -27.71 -153.39
C TRP C 164 -22.44 -27.10 -154.13
N CYS C 165 -21.24 -27.24 -153.58
CA CYS C 165 -20.07 -26.74 -154.29
C CYS C 165 -19.86 -27.41 -155.65
N LEU C 166 -20.43 -28.60 -155.87
CA LEU C 166 -20.33 -29.30 -157.14
C LEU C 166 -21.60 -29.19 -157.98
N LYS C 167 -22.77 -29.36 -157.36
CA LYS C 167 -24.00 -29.57 -158.11
C LYS C 167 -24.61 -28.30 -158.70
N LYS C 168 -24.06 -27.11 -158.41
CA LYS C 168 -24.35 -25.86 -159.12
C LYS C 168 -25.84 -25.54 -159.24
N PRO C 169 -26.48 -25.04 -158.18
CA PRO C 169 -27.91 -24.70 -158.25
C PRO C 169 -28.25 -23.81 -159.44
N GLY C 170 -29.50 -23.90 -159.89
CA GLY C 170 -29.87 -23.37 -161.19
C GLY C 170 -29.82 -21.85 -161.30
N HIS C 171 -29.97 -21.14 -160.18
CA HIS C 171 -30.02 -19.70 -160.19
C HIS C 171 -28.74 -19.05 -159.67
N VAL C 172 -27.66 -19.81 -159.50
CA VAL C 172 -26.47 -19.37 -158.80
C VAL C 172 -25.32 -19.21 -159.78
N ALA C 173 -24.80 -17.99 -159.91
CA ALA C 173 -23.62 -17.73 -160.72
C ALA C 173 -22.37 -18.26 -160.03
N GLU C 174 -21.38 -18.64 -160.84
CA GLU C 174 -20.24 -19.39 -160.32
C GLU C 174 -19.45 -18.63 -159.24
N VAL C 175 -19.52 -17.29 -159.26
CA VAL C 175 -18.83 -16.48 -158.25
C VAL C 175 -19.25 -16.90 -156.85
N TYR C 176 -20.56 -17.02 -156.64
CA TYR C 176 -21.04 -17.39 -155.32
C TYR C 176 -20.51 -18.75 -154.93
N LEU C 177 -20.36 -19.67 -155.89
CA LEU C 177 -19.89 -21.00 -155.54
C LEU C 177 -18.40 -21.01 -155.19
N VAL C 178 -17.62 -20.06 -155.70
CA VAL C 178 -16.25 -19.95 -155.19
C VAL C 178 -16.27 -19.52 -153.73
N HIS C 179 -17.09 -18.50 -153.41
CA HIS C 179 -17.22 -18.10 -152.00
C HIS C 179 -17.66 -19.28 -151.14
N LEU C 180 -18.69 -20.00 -151.59
CA LEU C 180 -19.25 -21.08 -150.80
C LEU C 180 -18.26 -22.19 -150.61
N HIS C 181 -17.50 -22.53 -151.64
CA HIS C 181 -16.51 -23.58 -151.50
C HIS C 181 -15.41 -23.16 -150.53
N ALA C 182 -15.01 -21.89 -150.56
CA ALA C 182 -14.05 -21.41 -149.57
C ALA C 182 -14.62 -21.51 -148.15
N SER C 183 -15.89 -21.12 -147.99
CA SER C 183 -16.52 -21.19 -146.67
C SER C 183 -16.64 -22.62 -146.18
N VAL C 184 -17.03 -23.54 -147.06
CA VAL C 184 -17.15 -24.94 -146.68
C VAL C 184 -15.77 -25.53 -146.41
N TYR C 185 -14.74 -25.04 -147.09
CA TYR C 185 -13.38 -25.47 -146.78
C TYR C 185 -12.96 -25.02 -145.39
N ALA C 186 -13.29 -23.78 -145.03
CA ALA C 186 -13.04 -23.32 -143.68
C ALA C 186 -13.82 -24.15 -142.67
N LEU C 187 -15.08 -24.48 -142.99
CA LEU C 187 -15.87 -25.34 -142.10
C LEU C 187 -15.25 -26.72 -141.99
N PHE C 188 -14.69 -27.23 -143.08
CA PHE C 188 -14.00 -28.51 -143.04
C PHE C 188 -12.82 -28.46 -142.08
N HIS C 189 -12.02 -27.40 -142.20
CA HIS C 189 -10.88 -27.26 -141.28
C HIS C 189 -11.35 -27.15 -139.84
N ARG C 190 -12.38 -26.34 -139.60
CA ARG C 190 -12.90 -26.17 -138.25
C ARG C 190 -13.37 -27.49 -137.67
N LEU C 191 -14.20 -28.22 -138.41
CA LEU C 191 -14.77 -29.45 -137.91
C LEU C 191 -13.70 -30.52 -137.71
N TYR C 192 -12.82 -30.69 -138.69
CA TYR C 192 -11.82 -31.73 -138.57
C TYR C 192 -10.82 -31.41 -137.47
N GLY C 193 -10.55 -30.14 -137.21
CA GLY C 193 -9.71 -29.81 -136.06
C GLY C 193 -10.40 -30.05 -134.74
N MET C 194 -11.67 -29.63 -134.63
CA MET C 194 -12.37 -29.73 -133.36
C MET C 194 -12.77 -31.17 -133.05
N TYR C 195 -13.28 -31.89 -134.04
CA TYR C 195 -13.79 -33.25 -133.84
C TYR C 195 -13.15 -34.20 -134.83
N PRO C 196 -11.89 -34.56 -134.62
CA PRO C 196 -11.18 -35.37 -135.61
C PRO C 196 -11.78 -36.76 -135.84
N CYS C 197 -11.89 -37.57 -134.79
CA CYS C 197 -12.40 -38.93 -134.98
C CYS C 197 -13.85 -38.92 -135.42
N ASN C 198 -14.67 -38.06 -134.80
CA ASN C 198 -16.08 -37.99 -135.18
C ASN C 198 -16.22 -37.58 -136.65
N PHE C 199 -15.45 -36.59 -137.08
CA PHE C 199 -15.57 -36.11 -138.45
C PHE C 199 -15.03 -37.12 -139.45
N VAL C 200 -13.96 -37.84 -139.08
CA VAL C 200 -13.44 -38.86 -139.99
C VAL C 200 -14.45 -39.99 -140.14
N SER C 201 -15.05 -40.43 -139.03
CA SER C 201 -16.05 -41.48 -139.12
C SER C 201 -17.26 -41.02 -139.92
N PHE C 202 -17.69 -39.78 -139.72
CA PHE C 202 -18.80 -39.24 -140.50
C PHE C 202 -18.43 -39.15 -141.98
N LEU C 203 -17.20 -38.76 -142.28
CA LEU C 203 -16.75 -38.72 -143.66
C LEU C 203 -16.81 -40.09 -144.29
N ARG C 204 -16.34 -41.11 -143.57
CA ARG C 204 -16.41 -42.46 -144.09
C ARG C 204 -17.86 -42.88 -144.34
N SER C 205 -18.74 -42.57 -143.40
CA SER C 205 -20.13 -43.03 -143.52
C SER C 205 -20.86 -42.29 -144.64
N HIS C 206 -20.69 -40.99 -144.75
CA HIS C 206 -21.46 -40.20 -145.71
C HIS C 206 -20.80 -40.10 -147.07
N TYR C 207 -19.53 -40.51 -147.21
CA TYR C 207 -18.86 -40.43 -148.49
C TYR C 207 -18.26 -41.75 -148.95
N SER C 208 -18.52 -42.85 -148.24
CA SER C 208 -18.48 -44.14 -148.90
C SER C 208 -19.80 -44.45 -149.58
N MET C 209 -20.78 -43.54 -149.46
CA MET C 209 -22.06 -43.69 -150.12
C MET C 209 -21.90 -43.62 -151.63
N LYS C 210 -22.65 -44.46 -152.34
CA LYS C 210 -22.60 -44.46 -153.79
C LYS C 210 -23.14 -43.15 -154.36
N GLU C 211 -24.07 -42.51 -153.67
CA GLU C 211 -24.70 -41.31 -154.19
C GLU C 211 -23.93 -40.04 -153.87
N ASN C 212 -22.94 -40.10 -152.98
CA ASN C 212 -22.16 -38.94 -152.61
C ASN C 212 -20.69 -39.06 -152.96
N LEU C 213 -20.25 -40.19 -153.50
CA LEU C 213 -18.86 -40.34 -153.91
C LEU C 213 -18.50 -39.32 -154.97
N GLU C 214 -19.47 -38.91 -155.79
CA GLU C 214 -19.24 -37.87 -156.77
C GLU C 214 -18.81 -36.56 -156.11
N THR C 215 -19.59 -36.13 -155.11
CA THR C 215 -19.21 -34.95 -154.33
C THR C 215 -17.87 -35.16 -153.66
N PHE C 216 -17.62 -36.34 -153.10
CA PHE C 216 -16.36 -36.58 -152.44
C PHE C 216 -15.19 -36.33 -153.38
N GLU C 217 -15.17 -37.02 -154.50
CA GLU C 217 -14.06 -36.90 -155.43
C GLU C 217 -13.89 -35.48 -155.91
N GLU C 218 -14.99 -34.79 -156.22
CA GLU C 218 -14.81 -33.47 -156.82
C GLU C 218 -14.51 -32.38 -155.79
N VAL C 219 -14.90 -32.54 -154.52
CA VAL C 219 -14.88 -31.45 -153.55
C VAL C 219 -14.04 -31.77 -152.33
N VAL C 220 -14.27 -32.93 -151.71
CA VAL C 220 -13.72 -33.15 -150.36
C VAL C 220 -12.32 -33.73 -150.42
N LYS C 221 -12.05 -34.62 -151.37
CA LYS C 221 -10.69 -35.16 -151.50
C LYS C 221 -9.65 -34.05 -151.67
N PRO C 222 -9.86 -33.01 -152.49
CA PRO C 222 -8.96 -31.86 -152.45
C PRO C 222 -8.80 -31.25 -151.07
N MET C 223 -9.90 -31.15 -150.30
CA MET C 223 -9.79 -30.65 -148.94
C MET C 223 -8.96 -31.60 -148.09
N MET C 224 -9.13 -32.91 -148.29
CA MET C 224 -8.34 -33.87 -147.53
C MET C 224 -6.86 -33.74 -147.84
N GLU C 225 -6.51 -33.28 -149.03
CA GLU C 225 -5.10 -33.08 -149.34
C GLU C 225 -4.46 -31.97 -148.52
N HIS C 226 -5.25 -31.13 -147.85
CA HIS C 226 -4.74 -29.94 -147.20
C HIS C 226 -4.64 -30.05 -145.67
N VAL C 227 -4.77 -31.24 -145.10
CA VAL C 227 -4.76 -31.39 -143.65
C VAL C 227 -3.90 -32.58 -143.26
N ARG C 228 -3.15 -32.44 -142.17
CA ARG C 228 -2.40 -33.56 -141.63
C ARG C 228 -3.35 -34.58 -141.02
N ILE C 229 -2.79 -35.72 -140.64
CA ILE C 229 -3.55 -36.66 -139.83
C ILE C 229 -3.62 -36.11 -138.42
N HIS C 230 -4.83 -35.96 -137.91
CA HIS C 230 -5.00 -35.45 -136.56
C HIS C 230 -4.48 -36.47 -135.56
N PRO C 231 -3.55 -36.10 -134.67
CA PRO C 231 -3.02 -37.10 -133.73
C PRO C 231 -4.05 -37.66 -132.80
N GLU C 232 -5.20 -36.99 -132.63
CA GLU C 232 -6.27 -37.56 -131.84
C GLU C 232 -6.94 -38.73 -132.55
N LEU C 233 -6.65 -38.96 -133.83
CA LEU C 233 -7.04 -40.22 -134.43
C LEU C 233 -6.32 -41.38 -133.77
N VAL C 234 -5.24 -41.11 -133.06
CA VAL C 234 -4.53 -42.12 -132.30
C VAL C 234 -4.78 -41.97 -130.80
N THR C 235 -4.82 -40.74 -130.30
CA THR C 235 -4.97 -40.51 -128.87
C THR C 235 -6.39 -40.17 -128.43
N GLY C 236 -7.25 -39.70 -129.33
CA GLY C 236 -8.56 -39.24 -128.96
C GLY C 236 -9.62 -40.32 -129.00
N SER C 237 -10.84 -39.91 -128.72
CA SER C 237 -12.00 -40.80 -128.77
C SER C 237 -13.18 -40.03 -129.33
N LYS C 238 -14.12 -40.78 -129.91
CA LYS C 238 -15.34 -40.14 -130.40
C LYS C 238 -16.13 -39.52 -129.27
N ASP C 239 -16.09 -40.11 -128.08
CA ASP C 239 -16.73 -39.51 -126.93
C ASP C 239 -15.91 -38.35 -126.37
N HIS C 240 -14.58 -38.48 -126.43
CA HIS C 240 -13.70 -37.48 -125.83
C HIS C 240 -13.88 -36.12 -126.46
N GLU C 241 -13.99 -36.07 -127.80
CA GLU C 241 -14.02 -34.78 -128.48
C GLU C 241 -15.26 -33.97 -128.12
N LEU C 242 -16.37 -34.65 -127.81
CA LEU C 242 -17.60 -33.95 -127.47
C LEU C 242 -17.77 -33.75 -125.97
N ASP C 243 -16.90 -34.33 -125.15
CA ASP C 243 -17.03 -34.24 -123.71
C ASP C 243 -16.65 -32.84 -123.25
N PRO C 244 -17.55 -32.11 -122.57
CA PRO C 244 -17.19 -30.76 -122.12
C PRO C 244 -16.01 -30.71 -121.17
N ARG C 245 -15.67 -31.83 -120.53
CA ARG C 245 -14.45 -31.89 -119.75
C ARG C 245 -13.24 -31.57 -120.59
N ARG C 246 -13.30 -31.88 -121.90
CA ARG C 246 -12.20 -31.54 -122.78
C ARG C 246 -12.14 -30.04 -123.03
N TRP C 247 -13.27 -29.42 -123.35
CA TRP C 247 -13.27 -28.05 -123.79
C TRP C 247 -13.19 -27.04 -122.65
N LYS C 248 -13.36 -27.47 -121.39
CA LYS C 248 -13.35 -26.52 -120.30
C LYS C 248 -12.02 -25.78 -120.18
N ARG C 249 -10.93 -26.41 -120.58
CA ARG C 249 -9.61 -25.80 -120.44
C ARG C 249 -9.37 -24.68 -121.45
N LEU C 250 -9.98 -24.76 -122.63
CA LEU C 250 -9.55 -24.00 -123.79
C LEU C 250 -10.42 -22.77 -123.98
N GLU C 251 -9.78 -21.63 -124.22
CA GLU C 251 -10.50 -20.44 -124.66
C GLU C 251 -10.77 -20.52 -126.16
N THR C 252 -11.35 -19.45 -126.71
CA THR C 252 -11.69 -19.47 -128.13
C THR C 252 -10.44 -19.60 -128.99
N HIS C 253 -9.41 -18.82 -128.68
CA HIS C 253 -8.21 -18.86 -129.50
C HIS C 253 -7.51 -20.21 -129.40
N ASP C 254 -7.60 -20.87 -128.26
CA ASP C 254 -7.03 -22.20 -128.15
C ASP C 254 -7.75 -23.18 -129.07
N VAL C 255 -9.06 -23.06 -129.19
CA VAL C 255 -9.79 -23.93 -130.12
C VAL C 255 -9.42 -23.59 -131.56
N VAL C 256 -9.23 -22.31 -131.85
CA VAL C 256 -8.81 -21.92 -133.20
C VAL C 256 -7.47 -22.55 -133.53
N ILE C 257 -6.53 -22.53 -132.57
CA ILE C 257 -5.23 -23.14 -132.84
C ILE C 257 -5.33 -24.66 -132.87
N GLU C 258 -6.23 -25.25 -132.09
CA GLU C 258 -6.51 -26.67 -132.23
C GLU C 258 -6.89 -27.01 -133.66
N CYS C 259 -7.76 -26.19 -134.26
CA CYS C 259 -8.09 -26.38 -135.66
C CYS C 259 -6.88 -26.13 -136.56
N ALA C 260 -6.05 -25.16 -136.20
CA ALA C 260 -4.88 -24.86 -137.01
C ALA C 260 -3.86 -25.99 -137.00
N LYS C 261 -3.89 -26.84 -135.97
CA LYS C 261 -2.86 -27.88 -135.83
C LYS C 261 -2.78 -28.79 -137.04
N ILE C 262 -3.88 -28.97 -137.76
CA ILE C 262 -3.91 -29.90 -138.88
C ILE C 262 -3.60 -29.24 -140.23
N SER C 263 -3.68 -27.92 -140.32
CA SER C 263 -3.80 -27.25 -141.60
C SER C 263 -2.47 -27.22 -142.35
N LEU C 264 -2.53 -27.59 -143.63
CA LEU C 264 -1.42 -27.41 -144.54
C LEU C 264 -1.52 -26.11 -145.33
N ASP C 265 -2.62 -25.37 -145.18
CA ASP C 265 -2.89 -24.22 -146.05
C ASP C 265 -2.83 -22.93 -145.24
N PRO C 266 -1.77 -22.14 -145.36
CA PRO C 266 -1.73 -20.85 -144.67
C PRO C 266 -2.83 -19.89 -145.09
N THR C 267 -3.41 -20.07 -146.28
CA THR C 267 -4.42 -19.13 -146.74
C THR C 267 -5.76 -19.30 -146.06
N GLU C 268 -5.93 -20.34 -145.24
CA GLU C 268 -7.07 -20.45 -144.33
C GLU C 268 -6.64 -20.55 -142.87
N ALA C 269 -5.67 -21.41 -142.55
CA ALA C 269 -5.35 -21.66 -141.14
C ALA C 269 -3.86 -21.94 -141.02
N SER C 270 -3.19 -21.21 -140.13
CA SER C 270 -1.75 -21.23 -140.04
C SER C 270 -1.30 -22.20 -138.95
N TYR C 271 -0.51 -23.20 -139.34
CA TYR C 271 -0.14 -24.30 -138.45
C TYR C 271 0.66 -23.80 -137.26
N GLU C 272 0.49 -24.48 -136.13
CA GLU C 272 1.13 -24.06 -134.89
C GLU C 272 1.02 -25.11 -133.80
N ASP C 273 2.13 -25.39 -133.11
CA ASP C 273 2.11 -26.08 -131.82
C ASP C 273 1.39 -27.42 -131.89
N GLY C 274 1.60 -28.16 -132.97
CA GLY C 274 0.85 -29.38 -133.14
C GLY C 274 1.50 -30.65 -132.64
N TYR C 275 2.68 -30.96 -133.14
CA TYR C 275 3.30 -32.26 -132.89
C TYR C 275 4.64 -32.17 -132.20
N SER C 276 5.58 -31.41 -132.76
CA SER C 276 6.93 -31.37 -132.24
C SER C 276 7.03 -30.47 -131.01
N SER C 598 31.11 -51.79 -144.33
CA SER C 598 31.12 -50.34 -144.10
C SER C 598 32.30 -49.68 -144.82
N GLY C 599 32.28 -48.35 -144.86
CA GLY C 599 33.34 -47.58 -145.47
C GLY C 599 33.17 -46.11 -145.17
N GLN C 600 33.44 -45.25 -146.16
CA GLN C 600 33.09 -43.84 -146.00
C GLN C 600 31.59 -43.66 -145.76
N PRO C 601 30.70 -44.32 -146.49
CA PRO C 601 29.30 -44.35 -146.07
C PRO C 601 29.02 -45.60 -145.26
N PRO C 602 27.90 -45.64 -144.54
CA PRO C 602 27.47 -46.90 -143.93
C PRO C 602 27.03 -47.87 -145.00
N PRO C 603 27.10 -49.17 -144.74
CA PRO C 603 26.76 -50.16 -145.78
C PRO C 603 25.32 -50.10 -146.25
N TYR C 604 24.42 -49.54 -145.45
CA TYR C 604 23.01 -49.46 -145.80
C TYR C 604 22.61 -48.10 -146.36
N ASP C 605 23.56 -47.20 -146.56
CA ASP C 605 23.23 -45.81 -146.86
C ASP C 605 22.44 -45.68 -148.15
N HIS C 606 22.82 -46.46 -149.17
CA HIS C 606 22.23 -46.38 -150.48
C HIS C 606 20.75 -46.77 -150.50
N LEU C 607 20.26 -47.38 -149.43
CA LEU C 607 18.85 -47.71 -149.34
C LEU C 607 18.00 -46.53 -148.92
N PHE C 608 18.57 -45.53 -148.22
CA PHE C 608 17.80 -44.34 -147.90
C PHE C 608 17.24 -43.71 -149.16
N GLU C 609 17.96 -43.88 -150.27
CA GLU C 609 17.55 -43.42 -151.58
C GLU C 609 16.16 -43.92 -151.96
N VAL C 610 15.87 -45.19 -151.67
CA VAL C 610 14.60 -45.80 -152.04
C VAL C 610 13.68 -46.03 -150.85
N ALA C 611 14.09 -45.66 -149.64
CA ALA C 611 13.30 -45.85 -148.44
C ALA C 611 12.62 -44.57 -147.98
N LEU C 612 13.37 -43.47 -147.85
CA LEU C 612 12.78 -42.23 -147.38
C LEU C 612 11.71 -41.78 -148.38
N PRO C 613 10.62 -41.19 -147.90
CA PRO C 613 9.40 -41.11 -148.71
C PRO C 613 9.54 -40.31 -149.99
N LYS C 614 9.99 -39.05 -149.89
CA LYS C 614 9.96 -38.21 -151.07
C LYS C 614 11.12 -38.50 -152.02
N THR C 615 12.21 -39.10 -151.52
CA THR C 615 13.27 -39.51 -152.43
C THR C 615 12.89 -40.79 -153.18
N ALA C 616 12.25 -41.74 -152.49
CA ALA C 616 11.90 -43.02 -153.11
C ALA C 616 11.03 -42.84 -154.35
N HIS C 617 10.23 -41.76 -154.37
CA HIS C 617 9.38 -41.45 -155.49
C HIS C 617 10.16 -41.37 -156.80
N HIS C 618 11.43 -41.00 -156.72
CA HIS C 618 12.24 -40.79 -157.92
C HIS C 618 13.18 -41.94 -158.22
N PHE C 619 13.78 -42.54 -157.22
CA PHE C 619 14.85 -43.50 -157.48
C PHE C 619 14.36 -44.94 -157.66
N VAL C 620 13.09 -45.22 -157.35
CA VAL C 620 12.60 -46.58 -157.55
C VAL C 620 12.68 -46.92 -159.03
N ILE C 621 13.26 -48.09 -159.33
CA ILE C 621 13.71 -48.39 -160.69
C ILE C 621 12.50 -48.76 -161.53
N ARG C 622 11.87 -47.76 -162.15
CA ARG C 622 10.59 -47.92 -162.83
C ARG C 622 10.72 -48.62 -164.18
N LEU C 652 -4.94 -28.99 -155.85
CA LEU C 652 -4.16 -28.59 -154.70
C LEU C 652 -4.32 -27.11 -154.42
N ILE C 653 -5.53 -26.59 -154.68
CA ILE C 653 -5.89 -25.21 -154.40
C ILE C 653 -7.32 -25.21 -153.90
N GLN C 654 -7.56 -24.73 -152.66
CA GLN C 654 -8.92 -24.74 -152.13
C GLN C 654 -9.43 -23.37 -151.71
N GLN C 655 -8.67 -22.62 -150.92
CA GLN C 655 -9.07 -21.25 -150.60
C GLN C 655 -8.37 -20.23 -151.48
N GLY C 656 -7.17 -20.55 -151.99
CA GLY C 656 -6.54 -19.69 -152.96
C GLY C 656 -7.38 -19.48 -154.20
N ALA C 657 -8.29 -20.42 -154.49
CA ALA C 657 -9.19 -20.26 -155.63
C ALA C 657 -10.09 -19.05 -155.44
N ASP C 658 -10.52 -18.79 -154.21
CA ASP C 658 -11.30 -17.59 -153.96
C ASP C 658 -10.48 -16.33 -154.21
N ALA C 659 -9.23 -16.34 -153.78
CA ALA C 659 -8.34 -15.21 -154.04
C ALA C 659 -8.15 -14.99 -155.54
N HIS C 660 -7.91 -16.07 -156.28
CA HIS C 660 -7.78 -15.96 -157.73
C HIS C 660 -9.04 -15.35 -158.33
N SER C 661 -10.22 -15.80 -157.88
CA SER C 661 -11.45 -15.28 -158.46
C SER C 661 -11.61 -13.80 -158.17
N LYS C 662 -11.26 -13.36 -156.96
CA LYS C 662 -11.35 -11.94 -156.66
C LYS C 662 -10.18 -11.14 -157.23
N GLU C 663 -9.08 -11.80 -157.57
CA GLU C 663 -8.02 -11.17 -158.35
C GLU C 663 -8.36 -11.14 -159.84
N LEU C 664 -9.53 -11.65 -160.22
CA LEU C 664 -10.01 -11.62 -161.60
C LEU C 664 -9.09 -12.43 -162.52
N ASN C 665 -8.76 -13.64 -162.09
CA ASN C 665 -7.78 -14.44 -162.82
C ASN C 665 -8.42 -15.56 -163.64
N LYS C 666 -9.45 -16.24 -163.13
CA LYS C 666 -9.98 -17.41 -163.82
C LYS C 666 -11.42 -17.67 -163.40
N LEU C 667 -12.32 -17.83 -164.40
CA LEU C 667 -13.74 -18.11 -164.23
C LEU C 667 -14.39 -18.30 -165.61
N PRO C 668 -15.66 -18.78 -165.70
CA PRO C 668 -16.40 -18.64 -166.96
C PRO C 668 -16.37 -17.21 -167.45
N LEU C 669 -16.17 -17.02 -168.77
CA LEU C 669 -15.53 -15.80 -169.26
C LEU C 669 -16.26 -14.52 -168.93
N PRO C 670 -17.57 -14.37 -169.20
CA PRO C 670 -18.25 -13.13 -168.74
C PRO C 670 -18.21 -12.97 -167.23
N SER C 671 -18.27 -14.08 -166.49
CA SER C 671 -18.17 -14.01 -165.03
C SER C 671 -16.76 -13.67 -164.56
N LYS C 672 -15.75 -13.78 -165.42
CA LYS C 672 -14.42 -13.33 -165.07
C LYS C 672 -14.27 -11.82 -165.26
N SER C 673 -14.45 -11.33 -166.50
CA SER C 673 -14.25 -9.91 -166.78
C SER C 673 -15.17 -9.31 -167.85
N VAL C 674 -16.50 -9.50 -167.74
CA VAL C 674 -17.41 -8.78 -168.64
C VAL C 674 -17.37 -7.29 -168.32
N ASP C 675 -17.55 -6.45 -169.34
CA ASP C 675 -17.54 -5.01 -169.17
C ASP C 675 -18.54 -4.37 -170.12
N TRP C 676 -19.54 -3.70 -169.58
CA TRP C 676 -20.65 -3.11 -170.34
C TRP C 676 -20.33 -1.71 -170.86
N THR C 677 -19.11 -1.20 -170.63
CA THR C 677 -18.72 0.10 -171.14
C THR C 677 -18.57 0.11 -172.66
N HIS C 678 -18.53 -1.06 -173.31
CA HIS C 678 -18.16 -1.08 -174.72
C HIS C 678 -19.20 -0.40 -175.58
N PHE C 679 -20.47 -0.53 -175.23
CA PHE C 679 -21.51 0.13 -175.98
C PHE C 679 -22.42 1.02 -175.11
N GLY C 680 -22.13 1.14 -173.82
CA GLY C 680 -22.59 2.27 -173.03
C GLY C 680 -24.01 2.18 -172.51
N GLY C 681 -24.40 3.22 -171.79
CA GLY C 681 -25.71 3.28 -171.16
C GLY C 681 -25.64 2.99 -169.67
N SER C 682 -26.48 2.06 -169.20
CA SER C 682 -26.48 1.59 -167.83
C SER C 682 -26.35 0.06 -167.77
N PRO C 683 -25.71 -0.49 -166.75
CA PRO C 683 -25.49 -1.95 -166.69
C PRO C 683 -26.80 -2.68 -166.41
N PRO C 684 -26.88 -3.97 -166.73
CA PRO C 684 -28.02 -4.76 -166.26
C PRO C 684 -27.97 -4.87 -164.74
N SER C 685 -29.09 -4.52 -164.09
CA SER C 685 -29.09 -4.46 -162.64
C SER C 685 -28.82 -5.80 -161.99
N ASP C 686 -28.99 -6.90 -162.74
CA ASP C 686 -28.60 -8.22 -162.24
C ASP C 686 -27.09 -8.31 -162.02
N GLU C 687 -26.30 -7.68 -162.90
CA GLU C 687 -24.85 -7.67 -162.70
C GLU C 687 -24.47 -6.82 -161.50
N ILE C 688 -25.14 -5.68 -161.33
CA ILE C 688 -24.91 -4.85 -160.15
C ILE C 688 -25.23 -5.64 -158.89
N ARG C 689 -26.34 -6.38 -158.91
CA ARG C 689 -26.65 -7.22 -157.76
C ARG C 689 -25.58 -8.27 -157.55
N THR C 690 -25.12 -8.90 -158.63
CA THR C 690 -24.14 -9.97 -158.47
C THR C 690 -22.87 -9.44 -157.79
N LEU C 691 -22.43 -8.25 -158.18
CA LEU C 691 -21.27 -7.68 -157.51
C LEU C 691 -21.59 -7.24 -156.09
N ARG C 692 -22.79 -6.68 -155.85
CA ARG C 692 -23.11 -6.25 -154.48
C ARG C 692 -23.20 -7.43 -153.53
N ASP C 693 -23.76 -8.54 -154.00
CA ASP C 693 -23.75 -9.79 -153.23
C ASP C 693 -22.33 -10.27 -153.01
N GLN C 694 -21.50 -10.27 -154.07
CA GLN C 694 -20.13 -10.74 -153.93
C GLN C 694 -19.35 -9.84 -152.98
N LEU C 695 -19.65 -8.56 -152.99
CA LEU C 695 -19.02 -7.62 -152.07
C LEU C 695 -19.40 -7.92 -150.63
N LEU C 696 -20.68 -8.17 -150.39
CA LEU C 696 -21.12 -8.50 -149.04
C LEU C 696 -20.50 -9.81 -148.57
N LEU C 697 -20.39 -10.79 -149.46
CA LEU C 697 -19.74 -12.05 -149.10
C LEU C 697 -18.28 -11.83 -148.76
N LEU C 698 -17.57 -11.04 -149.57
CA LEU C 698 -16.16 -10.78 -149.28
C LEU C 698 -15.99 -9.95 -148.02
N HIS C 699 -16.95 -9.08 -147.74
CA HIS C 699 -16.94 -8.32 -146.48
C HIS C 699 -17.01 -9.26 -145.29
N ASN C 700 -17.91 -10.26 -145.36
CA ASN C 700 -17.99 -11.22 -144.27
C ASN C 700 -16.75 -12.11 -144.20
N GLN C 701 -16.19 -12.48 -145.35
CA GLN C 701 -14.96 -13.26 -145.37
C GLN C 701 -13.80 -12.48 -144.74
N LEU C 702 -13.74 -11.19 -145.04
CA LEU C 702 -12.75 -10.30 -144.42
C LEU C 702 -12.93 -10.26 -142.92
N LEU C 703 -14.18 -10.14 -142.46
CA LEU C 703 -14.43 -10.12 -141.02
C LEU C 703 -13.98 -11.42 -140.37
N TYR C 704 -14.20 -12.55 -141.05
CA TYR C 704 -13.75 -13.82 -140.50
C TYR C 704 -12.22 -13.88 -140.39
N GLU C 705 -11.52 -13.38 -141.40
CA GLU C 705 -10.06 -13.32 -141.29
C GLU C 705 -9.63 -12.38 -140.19
N ARG C 706 -10.36 -11.28 -140.00
CA ARG C 706 -10.10 -10.39 -138.88
C ARG C 706 -10.25 -11.14 -137.56
N PHE C 707 -11.25 -12.02 -137.49
CA PHE C 707 -11.46 -12.82 -136.29
C PHE C 707 -10.28 -13.74 -136.03
N LYS C 708 -9.79 -14.42 -137.07
CA LYS C 708 -8.66 -15.32 -136.86
C LYS C 708 -7.41 -14.53 -136.45
N ARG C 709 -7.24 -13.33 -137.02
CA ARG C 709 -6.16 -12.44 -136.62
C ARG C 709 -6.27 -12.08 -135.14
N GLN C 710 -7.47 -11.71 -134.69
CA GLN C 710 -7.66 -11.37 -133.29
C GLN C 710 -7.37 -12.55 -132.38
N GLN C 711 -7.83 -13.74 -132.77
CA GLN C 711 -7.60 -14.92 -131.94
C GLN C 711 -6.13 -15.25 -131.86
N HIS C 712 -5.41 -15.14 -132.97
CA HIS C 712 -3.98 -15.40 -132.93
C HIS C 712 -3.25 -14.37 -132.11
N ALA C 713 -3.69 -13.10 -132.17
CA ALA C 713 -3.10 -12.09 -131.30
C ALA C 713 -3.32 -12.44 -129.83
N LEU C 714 -4.53 -12.87 -129.48
CA LEU C 714 -4.81 -13.23 -128.09
C LEU C 714 -3.95 -14.39 -127.65
N ARG C 715 -3.79 -15.39 -128.51
CA ARG C 715 -2.90 -16.48 -128.14
C ARG C 715 -1.47 -16.01 -128.04
N ASN C 716 -1.07 -15.04 -128.86
CA ASN C 716 0.27 -14.48 -128.76
C ASN C 716 0.47 -13.80 -127.41
N ARG C 717 -0.58 -13.20 -126.87
CA ARG C 717 -0.48 -12.61 -125.53
C ARG C 717 -0.41 -13.70 -124.47
N ARG C 718 -1.28 -14.70 -124.54
CA ARG C 718 -1.30 -15.75 -123.52
C ARG C 718 0.00 -16.52 -123.50
N LEU C 719 0.57 -16.78 -124.67
CA LEU C 719 1.82 -17.51 -124.72
C LEU C 719 2.95 -16.71 -124.10
N LEU C 720 2.83 -15.38 -123.96
CA LEU C 720 3.82 -14.65 -123.18
C LEU C 720 3.75 -15.06 -121.72
N ARG C 721 2.53 -15.09 -121.15
CA ARG C 721 2.40 -15.53 -119.77
C ARG C 721 2.93 -16.95 -119.60
N LYS C 722 2.78 -17.77 -120.63
CA LYS C 722 3.37 -19.10 -120.56
C LYS C 722 4.88 -19.04 -120.62
N VAL C 723 5.43 -18.27 -121.55
CA VAL C 723 6.87 -18.25 -121.81
C VAL C 723 7.61 -17.64 -120.62
N ILE C 724 7.01 -16.66 -119.96
CA ILE C 724 7.64 -16.08 -118.77
C ILE C 724 7.89 -17.17 -117.75
N LYS C 725 6.86 -17.96 -117.44
CA LYS C 725 7.04 -19.07 -116.52
C LYS C 725 8.04 -20.07 -117.07
N ALA C 726 7.98 -20.33 -118.37
CA ALA C 726 8.86 -21.34 -118.95
C ALA C 726 10.31 -20.96 -118.76
N ALA C 727 10.67 -19.75 -119.15
CA ALA C 727 12.04 -19.27 -119.03
C ALA C 727 12.45 -19.14 -117.56
N ALA C 728 11.55 -18.61 -116.74
CA ALA C 728 11.84 -18.49 -115.32
C ALA C 728 12.21 -19.83 -114.75
N LEU C 729 11.39 -20.84 -114.98
CA LEU C 729 11.69 -22.17 -114.46
C LEU C 729 12.92 -22.77 -115.14
N GLU C 730 13.19 -22.40 -116.39
CA GLU C 730 14.37 -22.92 -117.05
C GLU C 730 15.63 -22.48 -116.32
N GLU C 731 15.71 -21.20 -115.97
CA GLU C 731 16.82 -20.76 -115.15
C GLU C 731 16.70 -21.29 -113.73
N HIS C 732 15.48 -21.37 -113.22
CA HIS C 732 15.20 -21.85 -111.87
C HIS C 732 15.77 -23.23 -111.64
N ASN C 733 15.86 -24.04 -112.69
CA ASN C 733 16.46 -25.36 -112.57
C ASN C 733 17.93 -25.24 -112.18
N ALA C 734 18.70 -24.44 -112.92
CA ALA C 734 20.10 -24.24 -112.56
C ALA C 734 20.23 -23.50 -111.25
N ALA C 735 19.33 -22.58 -110.97
CA ALA C 735 19.37 -21.84 -109.71
C ALA C 735 19.18 -22.79 -108.53
N MET C 736 18.28 -23.76 -108.68
CA MET C 736 18.10 -24.75 -107.63
C MET C 736 19.28 -25.69 -107.56
N LYS C 737 19.94 -25.96 -108.69
CA LYS C 737 21.18 -26.71 -108.61
C LYS C 737 22.22 -25.97 -107.78
N ASP C 738 22.32 -24.66 -108.00
CA ASP C 738 23.24 -23.83 -107.21
C ASP C 738 22.85 -23.82 -105.75
N GLN C 739 21.56 -23.68 -105.47
CA GLN C 739 21.09 -23.66 -104.09
C GLN C 739 21.36 -24.99 -103.42
N LEU C 740 21.19 -26.09 -104.14
CA LEU C 740 21.45 -27.42 -103.59
C LEU C 740 22.92 -27.62 -103.32
N LYS C 741 23.80 -27.15 -104.22
CA LYS C 741 25.22 -27.25 -103.96
C LYS C 741 25.62 -26.41 -102.76
N LEU C 742 25.03 -25.21 -102.64
CA LEU C 742 25.31 -24.35 -101.50
C LEU C 742 24.84 -25.01 -100.21
N GLN C 743 23.70 -25.68 -100.24
CA GLN C 743 23.22 -26.35 -99.04
C GLN C 743 24.03 -27.60 -98.73
N GLU C 744 24.61 -28.23 -99.74
CA GLU C 744 25.59 -29.29 -99.47
C GLU C 744 26.80 -28.72 -98.74
N LYS C 745 27.28 -27.56 -99.21
CA LYS C 745 28.36 -26.88 -98.50
C LYS C 745 27.94 -26.53 -97.08
N ASP C 746 26.67 -26.15 -96.88
CA ASP C 746 26.19 -25.83 -95.54
C ASP C 746 26.10 -27.06 -94.66
N ILE C 747 25.77 -28.21 -95.24
CA ILE C 747 25.83 -29.46 -94.48
C ILE C 747 27.26 -29.70 -94.02
N GLN C 748 28.23 -29.52 -94.91
CA GLN C 748 29.62 -29.64 -94.51
C GLN C 748 29.95 -28.62 -93.42
N MET C 749 29.36 -27.43 -93.50
CA MET C 749 29.61 -26.38 -92.53
C MET C 749 29.07 -26.77 -91.15
N TRP C 750 27.81 -27.20 -91.07
CA TRP C 750 27.27 -27.63 -89.79
C TRP C 750 28.05 -28.81 -89.24
N LYS C 751 28.57 -29.68 -90.11
CA LYS C 751 29.37 -30.80 -89.61
C LYS C 751 30.69 -30.32 -89.00
N VAL C 752 31.39 -29.41 -89.69
CA VAL C 752 32.63 -28.86 -89.15
C VAL C 752 32.33 -28.05 -87.89
N SER C 753 31.20 -27.36 -87.87
CA SER C 753 30.80 -26.57 -86.72
C SER C 753 30.53 -27.46 -85.50
N LEU C 754 29.83 -28.57 -85.71
CA LEU C 754 29.60 -29.51 -84.64
C LEU C 754 30.90 -30.15 -84.19
N GLN C 755 31.80 -30.44 -85.12
CA GLN C 755 33.11 -30.94 -84.75
C GLN C 755 33.84 -29.96 -83.84
N LYS C 756 33.82 -28.67 -84.20
CA LYS C 756 34.54 -27.67 -83.43
C LYS C 756 33.92 -27.46 -82.06
N GLU C 757 32.59 -27.34 -82.00
CA GLU C 757 31.95 -27.16 -80.71
C GLU C 757 32.06 -28.40 -79.84
N GLN C 758 32.10 -29.59 -80.44
CA GLN C 758 32.34 -30.80 -79.68
C GLN C 758 33.76 -30.83 -79.14
N ALA C 759 34.72 -30.31 -79.91
CA ALA C 759 36.09 -30.20 -79.39
C ALA C 759 36.14 -29.21 -78.22
N ARG C 760 35.41 -28.09 -78.33
CA ARG C 760 35.35 -27.13 -77.24
C ARG C 760 34.77 -27.77 -75.99
N TYR C 761 33.73 -28.56 -76.15
CA TYR C 761 33.09 -29.25 -75.04
C TYR C 761 33.94 -30.40 -74.52
N ASN C 762 34.81 -30.97 -75.36
CA ASN C 762 35.70 -32.03 -74.94
C ASN C 762 36.90 -31.50 -74.17
N GLN C 763 37.34 -30.28 -74.46
CA GLN C 763 38.37 -29.65 -73.64
C GLN C 763 37.91 -29.55 -72.19
N LEU C 764 36.60 -29.52 -71.97
CA LEU C 764 36.09 -29.59 -70.62
C LEU C 764 36.36 -30.94 -69.97
N GLN C 765 36.81 -31.95 -70.73
CA GLN C 765 37.32 -33.17 -70.10
C GLN C 765 38.62 -32.90 -69.36
N GLU C 766 39.53 -32.15 -69.98
CA GLU C 766 40.71 -31.69 -69.27
C GLU C 766 40.30 -30.79 -68.10
N GLN C 767 39.28 -29.96 -68.30
CA GLN C 767 38.79 -29.12 -67.20
C GLN C 767 38.26 -29.96 -66.04
N ARG C 768 37.54 -31.04 -66.36
CA ARG C 768 37.03 -31.95 -65.35
C ARG C 768 38.17 -32.59 -64.58
N ASP C 769 39.19 -33.07 -65.30
CA ASP C 769 40.33 -33.67 -64.62
C ASP C 769 41.08 -32.66 -63.76
N THR C 770 41.19 -31.42 -64.24
CA THR C 770 41.85 -30.38 -63.48
C THR C 770 41.08 -30.06 -62.20
N MET C 771 39.76 -29.95 -62.29
CA MET C 771 38.98 -29.66 -61.09
C MET C 771 38.95 -30.84 -60.15
N VAL C 772 39.03 -32.07 -60.69
CA VAL C 772 39.17 -33.25 -59.84
C VAL C 772 40.49 -33.21 -59.10
N THR C 773 41.55 -32.74 -59.77
CA THR C 773 42.84 -32.57 -59.10
C THR C 773 42.76 -31.49 -58.02
N LYS C 774 42.08 -30.39 -58.33
CA LYS C 774 41.92 -29.32 -57.35
C LYS C 774 41.15 -29.82 -56.13
N LEU C 775 40.10 -30.61 -56.35
CA LEU C 775 39.39 -31.24 -55.25
C LEU C 775 40.30 -32.20 -54.49
N HIS C 776 41.07 -33.01 -55.21
CA HIS C 776 41.97 -33.94 -54.53
C HIS C 776 43.08 -33.23 -53.79
N SER C 777 43.27 -31.93 -54.04
CA SER C 777 44.13 -31.12 -53.21
C SER C 777 43.37 -30.57 -52.00
N GLN C 778 42.24 -29.91 -52.24
CA GLN C 778 41.52 -29.24 -51.16
C GLN C 778 40.98 -30.24 -50.14
N ILE C 779 40.30 -31.28 -50.61
CA ILE C 779 39.76 -32.31 -49.73
C ILE C 779 40.88 -33.05 -49.01
N ARG C 780 41.92 -33.44 -49.74
CA ARG C 780 42.99 -34.22 -49.11
C ARG C 780 43.72 -33.42 -48.07
N GLN C 781 44.00 -32.14 -48.35
CA GLN C 781 44.62 -31.29 -47.36
C GLN C 781 43.68 -31.00 -46.20
N LEU C 782 42.37 -30.91 -46.46
CA LEU C 782 41.41 -30.76 -45.37
C LEU C 782 41.45 -31.96 -44.45
N GLN C 783 41.48 -33.16 -45.02
CA GLN C 783 41.54 -34.37 -44.20
C GLN C 783 42.86 -34.44 -43.43
N HIS C 784 43.97 -34.11 -44.08
CA HIS C 784 45.27 -34.13 -43.40
C HIS C 784 45.30 -33.10 -42.28
N ASP C 785 44.79 -31.90 -42.53
CA ASP C 785 44.76 -30.86 -41.51
C ASP C 785 43.89 -31.26 -40.34
N ARG C 786 42.72 -31.84 -40.62
CA ARG C 786 41.85 -32.26 -39.53
C ARG C 786 42.47 -33.39 -38.72
N GLU C 787 43.12 -34.34 -39.39
CA GLU C 787 43.72 -35.46 -38.67
C GLU C 787 44.89 -35.00 -37.80
N GLU C 788 45.73 -34.09 -38.32
CA GLU C 788 46.80 -33.57 -37.48
C GLU C 788 46.28 -32.61 -36.42
N PHE C 789 45.20 -31.90 -36.72
CA PHE C 789 44.52 -31.08 -35.72
C PHE C 789 44.09 -31.93 -34.54
N TYR C 790 43.46 -33.06 -34.81
CA TYR C 790 43.21 -34.03 -33.75
C TYR C 790 44.52 -34.43 -33.09
N ASN C 791 45.42 -35.05 -33.86
CA ASN C 791 46.59 -35.73 -33.33
C ASN C 791 47.48 -34.84 -32.47
N GLN C 792 47.42 -33.52 -32.64
CA GLN C 792 48.15 -32.62 -31.76
C GLN C 792 47.23 -31.83 -30.84
N SER C 793 46.31 -31.04 -31.40
CA SER C 793 45.54 -30.11 -30.58
C SER C 793 44.49 -30.79 -29.71
N GLN C 794 44.24 -32.10 -29.88
CA GLN C 794 43.34 -32.82 -29.01
C GLN C 794 44.06 -33.83 -28.13
N GLU C 795 45.13 -34.45 -28.63
CA GLU C 795 45.98 -35.24 -27.74
C GLU C 795 46.61 -34.36 -26.67
N LEU C 796 47.08 -33.17 -27.04
CA LEU C 796 47.59 -32.24 -26.05
C LEU C 796 46.47 -31.67 -25.20
N GLN C 797 45.24 -31.62 -25.71
CA GLN C 797 44.11 -31.26 -24.86
C GLN C 797 43.87 -32.34 -23.82
N THR C 798 44.03 -33.60 -24.20
CA THR C 798 43.94 -34.69 -23.23
C THR C 798 45.03 -34.55 -22.17
N LYS C 799 46.24 -34.22 -22.61
CA LYS C 799 47.32 -33.96 -21.65
C LYS C 799 46.97 -32.80 -20.72
N LEU C 800 46.38 -31.75 -21.28
CA LEU C 800 46.01 -30.59 -20.47
C LEU C 800 44.97 -30.96 -19.43
N GLU C 801 43.97 -31.75 -19.81
CA GLU C 801 42.96 -32.17 -18.85
C GLU C 801 43.55 -33.10 -17.80
N ASP C 802 44.49 -33.97 -18.19
CA ASP C 802 45.17 -34.82 -17.24
C ASP C 802 45.93 -33.98 -16.22
N CYS C 803 46.69 -32.98 -16.71
CA CYS C 803 47.44 -32.12 -15.81
C CYS C 803 46.51 -31.26 -14.96
N ARG C 804 45.34 -30.88 -15.49
CA ARG C 804 44.40 -30.12 -14.68
C ARG C 804 43.81 -31.00 -13.58
N ASN C 805 43.55 -32.27 -13.87
CA ASN C 805 43.12 -33.19 -12.82
C ASN C 805 44.20 -33.33 -11.76
N MET C 806 45.46 -33.45 -12.18
CA MET C 806 46.55 -33.52 -11.22
C MET C 806 46.64 -32.25 -10.38
N ILE C 807 46.46 -31.09 -11.02
CA ILE C 807 46.54 -29.83 -10.29
C ILE C 807 45.37 -29.70 -9.32
N ALA C 808 44.19 -30.20 -9.72
CA ALA C 808 43.06 -30.20 -8.81
C ALA C 808 43.32 -31.05 -7.59
N GLU C 809 43.93 -32.23 -7.77
CA GLU C 809 44.22 -33.05 -6.60
C GLU C 809 45.36 -32.45 -5.78
N LEU C 810 46.30 -31.78 -6.42
CA LEU C 810 47.34 -31.07 -5.68
C LEU C 810 46.75 -29.94 -4.85
N ARG C 811 45.77 -29.24 -5.38
CA ARG C 811 45.14 -28.16 -4.64
C ARG C 811 44.21 -28.68 -3.55
N ILE C 812 43.63 -29.87 -3.75
CA ILE C 812 42.94 -30.53 -2.64
C ILE C 812 43.93 -30.86 -1.53
N GLU C 813 45.12 -31.34 -1.90
CA GLU C 813 46.16 -31.60 -0.92
C GLU C 813 46.61 -30.31 -0.24
N LEU C 814 46.68 -29.22 -0.99
CA LEU C 814 47.02 -27.92 -0.41
C LEU C 814 45.95 -27.47 0.57
N LYS C 815 44.68 -27.67 0.22
CA LYS C 815 43.60 -27.34 1.16
C LYS C 815 43.71 -28.18 2.42
N LYS C 816 44.00 -29.47 2.27
CA LYS C 816 44.17 -30.35 3.42
C LYS C 816 45.32 -29.87 4.29
N ALA C 817 46.45 -29.54 3.67
CA ALA C 817 47.62 -29.10 4.40
C ALA C 817 47.36 -27.78 5.11
N ASN C 818 46.76 -26.82 4.41
CA ASN C 818 46.50 -25.51 4.99
C ASN C 818 45.45 -25.59 6.08
N ASN C 819 44.46 -26.45 5.94
CA ASN C 819 43.48 -26.64 6.99
C ASN C 819 44.12 -27.28 8.22
N LYS C 820 45.02 -28.24 8.02
CA LYS C 820 45.75 -28.79 9.16
C LYS C 820 46.64 -27.73 9.80
N VAL C 821 47.23 -26.87 8.98
CA VAL C 821 48.05 -25.79 9.51
C VAL C 821 47.20 -24.87 10.38
N CYS C 822 46.02 -24.49 9.88
CA CYS C 822 45.14 -23.63 10.66
C CYS C 822 44.69 -24.32 11.94
N HIS C 823 44.33 -25.59 11.86
CA HIS C 823 43.85 -26.32 13.02
C HIS C 823 44.92 -26.43 14.09
N THR C 824 46.13 -26.85 13.71
CA THR C 824 47.19 -26.99 14.70
C THR C 824 47.73 -25.64 15.15
N GLU C 825 47.62 -24.61 14.31
CA GLU C 825 47.96 -23.27 14.76
C GLU C 825 47.01 -22.80 15.85
N LEU C 826 45.71 -23.04 15.67
CA LEU C 826 44.77 -22.70 16.73
C LEU C 826 45.00 -23.56 17.97
N LEU C 827 45.36 -24.82 17.78
CA LEU C 827 45.68 -25.67 18.93
C LEU C 827 46.87 -25.12 19.72
N LEU C 828 47.93 -24.74 19.02
CA LEU C 828 49.11 -24.22 19.72
C LEU C 828 48.85 -22.84 20.28
N SER C 829 47.98 -22.06 19.65
CA SER C 829 47.56 -20.78 20.24
C SER C 829 46.82 -21.02 21.55
N GLN C 830 45.93 -22.02 21.56
CA GLN C 830 45.24 -22.38 22.79
C GLN C 830 46.22 -22.86 23.85
N VAL C 831 47.23 -23.63 23.44
CA VAL C 831 48.23 -24.11 24.39
C VAL C 831 49.02 -22.95 24.98
N SER C 832 49.40 -21.98 24.13
CA SER C 832 50.13 -20.82 24.63
C SER C 832 49.28 -20.00 25.60
N GLN C 833 48.01 -19.79 25.25
CA GLN C 833 47.11 -19.08 26.15
C GLN C 833 46.96 -19.83 27.45
N LYS C 834 46.85 -21.16 27.39
CA LYS C 834 46.72 -21.96 28.59
C LYS C 834 47.95 -21.85 29.47
N LEU C 835 49.13 -21.86 28.87
CA LEU C 835 50.36 -21.77 29.67
C LEU C 835 50.47 -20.40 30.35
N SER C 836 50.22 -19.33 29.60
CA SER C 836 50.28 -18.00 30.20
C SER C 836 49.24 -17.84 31.31
N ASN C 837 48.02 -18.31 31.04
CA ASN C 837 46.97 -18.25 32.05
C ASN C 837 47.33 -19.08 33.27
N SER C 838 47.99 -20.22 33.06
CA SER C 838 48.37 -21.06 34.19
C SER C 838 49.39 -20.37 35.07
N GLU C 839 50.39 -19.73 34.47
CA GLU C 839 51.37 -19.00 35.28
C GLU C 839 50.71 -17.89 36.07
N SER C 840 49.88 -17.09 35.39
CA SER C 840 49.17 -16.01 36.07
C SER C 840 48.27 -16.54 37.17
N VAL C 841 47.61 -17.67 36.93
CA VAL C 841 46.69 -18.25 37.89
C VAL C 841 47.44 -18.77 39.12
N GLN C 842 48.62 -19.35 38.91
CA GLN C 842 49.38 -19.82 40.06
C GLN C 842 49.79 -18.65 40.95
N GLN C 843 50.28 -17.56 40.34
CA GLN C 843 50.64 -16.41 41.16
C GLN C 843 49.41 -15.80 41.84
N GLN C 844 48.29 -15.72 41.11
CA GLN C 844 47.05 -15.20 41.68
C GLN C 844 46.56 -16.07 42.83
N MET C 845 46.73 -17.38 42.71
CA MET C 845 46.32 -18.27 43.79
C MET C 845 47.22 -18.11 44.99
N GLU C 846 48.49 -17.79 44.78
CA GLU C 846 49.32 -17.42 45.93
C GLU C 846 48.77 -16.17 46.61
N PHE C 847 48.33 -15.19 45.82
CA PHE C 847 47.71 -14.00 46.41
C PHE C 847 46.43 -14.35 47.19
N LEU C 848 45.60 -15.23 46.61
CA LEU C 848 44.38 -15.65 47.29
C LEU C 848 44.68 -16.37 48.59
N ASN C 849 45.69 -17.23 48.59
CA ASN C 849 46.07 -17.93 49.81
C ASN C 849 46.59 -16.95 50.86
N ARG C 850 47.33 -15.93 50.42
CA ARG C 850 47.82 -14.91 51.35
C ARG C 850 46.69 -14.11 51.96
N GLN C 851 45.75 -13.63 51.14
CA GLN C 851 44.59 -12.94 51.69
C GLN C 851 43.76 -13.85 52.57
N LEU C 852 43.72 -15.14 52.24
CA LEU C 852 42.91 -16.06 53.04
C LEU C 852 43.50 -16.27 54.42
N LEU C 853 44.82 -16.45 54.52
CA LEU C 853 45.42 -16.60 55.83
C LEU C 853 45.32 -15.31 56.64
N VAL C 854 45.44 -14.16 55.96
CA VAL C 854 45.29 -12.88 56.65
C VAL C 854 43.87 -12.74 57.22
N LEU C 855 42.86 -13.02 56.39
CA LEU C 855 41.49 -12.88 56.89
C LEU C 855 41.12 -14.00 57.85
N GLY C 856 41.81 -15.15 57.81
CA GLY C 856 41.61 -16.15 58.83
C GLY C 856 42.11 -15.69 60.18
N GLU C 857 43.29 -15.07 60.21
CA GLU C 857 43.77 -14.48 61.45
C GLU C 857 42.81 -13.41 61.96
N VAL C 858 42.31 -12.55 61.06
CA VAL C 858 41.39 -11.50 61.46
C VAL C 858 40.09 -12.07 62.00
N ASN C 859 39.59 -13.13 61.36
CA ASN C 859 38.38 -13.78 61.84
C ASN C 859 38.58 -14.42 63.20
N GLU C 860 39.74 -15.04 63.41
CA GLU C 860 40.02 -15.63 64.72
C GLU C 860 40.09 -14.55 65.79
N LEU C 861 40.64 -13.40 65.45
CA LEU C 861 40.69 -12.29 66.40
C LEU C 861 39.28 -11.82 66.78
N TYR C 862 38.41 -11.64 65.78
CA TYR C 862 37.04 -11.24 66.07
C TYR C 862 36.33 -12.31 66.92
N LEU C 863 36.57 -13.59 66.61
CA LEU C 863 35.95 -14.66 67.38
C LEU C 863 36.39 -14.62 68.83
N GLU C 864 37.68 -14.46 69.07
CA GLU C 864 38.19 -14.38 70.43
C GLU C 864 37.58 -13.19 71.16
N GLN C 865 37.45 -12.05 70.49
CA GLN C 865 36.87 -10.88 71.15
C GLN C 865 35.41 -11.12 71.54
N LEU C 866 34.64 -11.72 70.64
CA LEU C 866 33.25 -11.98 70.98
C LEU C 866 33.11 -13.12 71.98
N GLN C 867 34.17 -13.88 72.25
CA GLN C 867 34.13 -14.80 73.37
C GLN C 867 34.09 -14.09 74.72
N ASN C 868 34.47 -12.80 74.78
CA ASN C 868 34.59 -12.10 76.05
C ASN C 868 34.05 -10.69 75.97
N LYS C 869 33.06 -10.48 75.10
CA LYS C 869 32.30 -9.22 75.11
C LYS C 869 31.68 -8.86 76.48
N HIS C 870 31.57 -9.80 77.43
CA HIS C 870 30.88 -9.50 78.70
C HIS C 870 31.57 -8.41 79.51
N SER C 871 32.85 -8.17 79.28
CA SER C 871 33.62 -7.22 80.08
C SER C 871 33.13 -5.78 79.92
N ASP C 872 32.30 -5.50 78.92
CA ASP C 872 31.83 -4.14 78.69
C ASP C 872 30.86 -3.66 79.76
N THR C 873 30.29 -4.57 80.55
CA THR C 873 29.34 -4.18 81.60
C THR C 873 30.03 -3.61 82.84
N THR C 874 31.31 -3.91 83.04
CA THR C 874 31.98 -3.53 84.27
C THR C 874 31.98 -2.03 84.46
N LYS C 875 31.91 -1.28 83.38
CA LYS C 875 31.94 0.18 83.49
C LYS C 875 30.75 0.70 84.29
N GLU C 876 29.55 0.16 84.03
CA GLU C 876 28.39 0.55 84.82
C GLU C 876 28.29 -0.25 86.12
N VAL C 877 28.87 -1.45 86.15
CA VAL C 877 28.89 -2.20 87.40
C VAL C 877 29.66 -1.44 88.46
N GLU C 878 30.73 -0.76 88.06
CA GLU C 878 31.48 0.06 89.00
C GLU C 878 30.63 1.22 89.52
N MET C 879 29.83 1.84 88.66
CA MET C 879 28.93 2.89 89.12
C MET C 879 27.97 2.33 90.16
N MET C 880 27.39 1.17 89.88
CA MET C 880 26.45 0.57 90.81
C MET C 880 27.12 0.27 92.15
N LYS C 881 28.32 -0.27 92.11
CA LYS C 881 29.05 -0.56 93.34
C LYS C 881 29.35 0.71 94.11
N ALA C 882 29.76 1.77 93.42
CA ALA C 882 30.05 3.03 94.09
C ALA C 882 28.80 3.60 94.75
N ALA C 883 27.68 3.58 94.04
CA ALA C 883 26.44 4.10 94.60
C ALA C 883 25.98 3.27 95.79
N TYR C 884 26.09 1.95 95.70
CA TYR C 884 25.74 1.08 96.82
C TYR C 884 26.63 1.34 98.01
N ARG C 885 27.93 1.48 97.79
CA ARG C 885 28.85 1.78 98.87
C ARG C 885 28.52 3.11 99.52
N LYS C 886 28.23 4.13 98.71
CA LYS C 886 27.90 5.44 99.26
C LYS C 886 26.61 5.39 100.06
N GLU C 887 25.60 4.68 99.56
CA GLU C 887 24.35 4.53 100.29
C GLU C 887 24.58 3.84 101.62
N LEU C 888 25.33 2.73 101.61
CA LEU C 888 25.61 2.00 102.84
C LEU C 888 26.37 2.88 103.82
N GLU C 889 27.39 3.58 103.36
CA GLU C 889 28.17 4.44 104.24
C GLU C 889 27.32 5.55 104.83
N LYS C 890 26.49 6.18 103.99
CA LYS C 890 25.66 7.28 104.48
C LYS C 890 24.65 6.78 105.52
N ASN C 891 24.02 5.63 105.26
CA ASN C 891 23.05 5.12 106.22
C ASN C 891 23.73 4.67 107.51
N ARG C 892 24.89 4.03 107.40
CA ARG C 892 25.60 3.60 108.60
C ARG C 892 26.07 4.80 109.42
N SER C 893 26.52 5.87 108.77
CA SER C 893 26.88 7.08 109.48
C SER C 893 25.65 7.71 110.12
N HIS C 894 24.51 7.65 109.43
CA HIS C 894 23.28 8.23 109.95
C HIS C 894 22.78 7.47 111.18
N VAL C 895 23.00 6.15 111.22
CA VAL C 895 22.48 5.33 112.31
C VAL C 895 23.09 5.75 113.65
N LEU C 896 24.40 6.01 113.67
CA LEU C 896 25.05 6.39 114.92
C LEU C 896 24.54 7.75 115.42
N GLN C 897 24.41 8.71 114.51
CA GLN C 897 23.86 10.01 114.88
C GLN C 897 22.44 9.87 115.39
N GLN C 898 21.63 9.05 114.72
CA GLN C 898 20.25 8.87 115.16
C GLN C 898 20.20 8.18 116.51
N THR C 899 21.13 7.26 116.79
CA THR C 899 21.05 6.59 118.09
C THR C 899 21.53 7.48 119.22
N GLN C 900 22.54 8.33 118.97
CA GLN C 900 22.88 9.35 119.95
C GLN C 900 21.67 10.23 120.24
N ARG C 901 20.99 10.68 119.19
CA ARG C 901 19.85 11.58 119.38
C ARG C 901 18.67 10.87 120.02
N LEU C 902 18.44 9.59 119.66
CA LEU C 902 17.41 8.80 120.30
C LEU C 902 17.65 8.68 121.79
N ASP C 903 18.89 8.32 122.18
CA ASP C 903 19.17 8.15 123.60
C ASP C 903 19.04 9.46 124.35
N THR C 904 19.60 10.55 123.81
CA THR C 904 19.51 11.81 124.51
C THR C 904 18.06 12.28 124.62
N SER C 905 17.27 12.09 123.56
CA SER C 905 15.89 12.56 123.60
C SER C 905 15.04 11.68 124.50
N GLN C 906 15.29 10.37 124.55
CA GLN C 906 14.58 9.51 125.48
C GLN C 906 14.91 9.88 126.93
N LYS C 907 16.18 10.15 127.22
CA LYS C 907 16.55 10.60 128.56
C LYS C 907 15.90 11.93 128.90
N ARG C 908 15.89 12.87 127.93
CA ARG C 908 15.22 14.14 128.12
C ARG C 908 13.73 13.94 128.36
N ILE C 909 13.13 12.97 127.68
CA ILE C 909 11.72 12.70 127.87
C ILE C 909 11.47 12.19 129.27
N LEU C 910 12.34 11.31 129.77
CA LEU C 910 12.19 10.83 131.14
C LEU C 910 12.29 12.00 132.13
N GLU C 911 13.25 12.90 131.91
CA GLU C 911 13.37 14.07 132.77
C GLU C 911 12.10 14.91 132.72
N LEU C 912 11.58 15.17 131.51
CA LEU C 912 10.40 16.00 131.38
C LEU C 912 9.18 15.33 131.97
N GLU C 913 9.08 14.01 131.86
CA GLU C 913 7.96 13.28 132.44
C GLU C 913 7.99 13.36 133.96
N SER C 914 9.18 13.22 134.56
CA SER C 914 9.29 13.39 136.00
C SER C 914 8.93 14.82 136.41
N HIS C 915 9.39 15.81 135.66
CA HIS C 915 9.07 17.19 135.97
C HIS C 915 7.57 17.44 135.85
N LEU C 916 6.94 16.85 134.84
CA LEU C 916 5.51 17.02 134.65
C LEU C 916 4.73 16.31 135.75
N ALA C 917 5.23 15.17 136.22
CA ALA C 917 4.61 14.50 137.36
C ALA C 917 4.70 15.38 138.60
N LYS C 918 5.83 16.06 138.79
CA LYS C 918 5.94 16.99 139.90
C LYS C 918 4.93 18.12 139.76
N LYS C 919 4.77 18.65 138.55
CA LYS C 919 3.79 19.72 138.34
C LYS C 919 2.37 19.24 138.62
N ASP C 920 2.05 18.02 138.21
CA ASP C 920 0.72 17.47 138.47
C ASP C 920 0.51 17.27 139.96
N HIS C 921 1.54 16.81 140.68
CA HIS C 921 1.44 16.66 142.12
C HIS C 921 1.21 18.01 142.79
N LEU C 922 1.90 19.05 142.33
CA LEU C 922 1.69 20.38 142.86
C LEU C 922 0.27 20.87 142.58
N LEU C 923 -0.25 20.56 141.40
CA LEU C 923 -1.61 20.95 141.06
C LEU C 923 -2.62 20.27 141.96
N LEU C 924 -2.44 18.97 142.22
CA LEU C 924 -3.32 18.25 143.14
C LEU C 924 -3.23 18.82 144.54
N GLU C 925 -2.01 19.11 144.99
CA GLU C 925 -1.84 19.70 146.31
C GLU C 925 -2.53 21.04 146.41
N GLN C 926 -2.44 21.86 145.37
CA GLN C 926 -3.11 23.15 145.42
C GLN C 926 -4.62 23.01 145.30
N LYS C 927 -5.09 21.96 144.64
CA LYS C 927 -6.52 21.69 144.63
C LYS C 927 -7.02 21.40 146.03
N LYS C 928 -6.34 20.51 146.74
CA LYS C 928 -6.78 20.25 148.10
C LYS C 928 -6.48 21.41 149.04
N TYR C 929 -5.52 22.26 148.71
CA TYR C 929 -5.32 23.50 149.45
C TYR C 929 -6.50 24.44 149.28
N LEU C 930 -7.02 24.56 148.06
CA LEU C 930 -8.21 25.36 147.85
C LEU C 930 -9.40 24.75 148.57
N GLU C 931 -9.51 23.43 148.54
CA GLU C 931 -10.59 22.77 149.27
C GLU C 931 -10.49 23.06 150.76
N ASP C 932 -9.28 22.98 151.30
CA ASP C 932 -9.03 23.33 152.70
C ASP C 932 -9.37 24.79 152.97
N VAL C 933 -8.99 25.67 152.05
CA VAL C 933 -9.20 27.10 152.23
C VAL C 933 -10.68 27.42 152.28
N LYS C 934 -11.45 26.89 151.33
CA LYS C 934 -12.87 27.22 151.31
C LYS C 934 -13.61 26.47 152.40
N LEU C 935 -13.11 25.32 152.85
CA LEU C 935 -13.68 24.68 154.03
C LEU C 935 -13.48 25.54 155.27
N GLN C 936 -12.29 26.10 155.46
CA GLN C 936 -12.06 27.00 156.58
C GLN C 936 -12.93 28.25 156.47
N ALA C 937 -13.04 28.79 155.25
CA ALA C 937 -13.79 30.02 155.03
C ALA C 937 -15.27 29.82 155.33
N ARG C 938 -15.86 28.74 154.82
CA ARG C 938 -17.25 28.46 155.14
C ARG C 938 -17.40 27.98 156.58
N GLY C 939 -16.33 27.46 157.18
CA GLY C 939 -16.39 27.05 158.57
C GLY C 939 -16.62 28.20 159.52
N GLN C 940 -16.08 29.38 159.20
CA GLN C 940 -16.48 30.54 160.02
C GLN C 940 -17.53 31.42 159.36
N LEU C 941 -17.79 31.26 158.07
CA LEU C 941 -18.95 31.92 157.47
C LEU C 941 -20.24 31.35 158.01
N GLN C 942 -20.28 30.05 158.29
CA GLN C 942 -21.47 29.46 158.87
C GLN C 942 -21.72 29.99 160.28
N ALA C 943 -20.66 30.21 161.05
CA ALA C 943 -20.81 30.82 162.36
C ALA C 943 -21.31 32.27 162.26
N ALA C 944 -20.77 33.04 161.31
CA ALA C 944 -21.23 34.41 161.14
C ALA C 944 -22.70 34.45 160.69
N GLU C 945 -23.08 33.58 159.77
CA GLU C 945 -24.46 33.54 159.31
C GLU C 945 -25.38 33.04 160.41
N SER C 946 -24.86 32.21 161.33
CA SER C 946 -25.65 31.85 162.49
C SER C 946 -25.93 33.08 163.36
N ARG C 947 -24.94 33.96 163.50
CA ARG C 947 -25.20 35.22 164.20
C ARG C 947 -26.30 36.01 163.51
N TYR C 948 -26.22 36.10 162.19
CA TYR C 948 -27.24 36.85 161.45
C TYR C 948 -28.62 36.23 161.61
N GLU C 949 -28.70 34.90 161.59
CA GLU C 949 -29.97 34.20 161.80
C GLU C 949 -30.51 34.46 163.20
N ALA C 950 -29.63 34.45 164.20
CA ALA C 950 -30.06 34.76 165.56
C ALA C 950 -30.62 36.16 165.62
N GLN C 951 -30.01 37.10 164.91
CA GLN C 951 -30.54 38.47 164.91
C GLN C 951 -31.87 38.57 164.16
N LYS C 952 -32.05 37.76 163.11
CA LYS C 952 -33.37 37.67 162.48
C LYS C 952 -34.43 37.20 163.48
N ARG C 953 -34.10 36.19 164.29
CA ARG C 953 -35.08 35.71 165.27
C ARG C 953 -35.30 36.73 166.39
N ILE C 954 -34.24 37.42 166.80
CA ILE C 954 -34.39 38.49 167.78
C ILE C 954 -35.32 39.56 167.24
N THR C 955 -35.21 39.87 165.94
CA THR C 955 -36.14 40.78 165.30
C THR C 955 -37.56 40.22 165.31
N GLN C 956 -37.70 38.94 165.02
CA GLN C 956 -39.02 38.32 164.99
C GLN C 956 -39.72 38.44 166.34
N VAL C 957 -39.00 38.14 167.43
CA VAL C 957 -39.60 38.25 168.75
C VAL C 957 -39.76 39.71 169.16
N PHE C 958 -38.86 40.60 168.75
CA PHE C 958 -39.02 42.00 169.07
C PHE C 958 -40.23 42.60 168.38
N GLU C 959 -40.48 42.23 167.12
CA GLU C 959 -41.66 42.73 166.41
C GLU C 959 -42.94 42.17 167.03
N LEU C 960 -42.92 40.89 167.38
CA LEU C 960 -44.05 40.31 168.10
C LEU C 960 -44.28 41.01 169.45
N GLU C 961 -43.19 41.35 170.14
CA GLU C 961 -43.29 42.01 171.44
C GLU C 961 -43.74 43.46 171.28
N ILE C 962 -43.38 44.11 170.18
CA ILE C 962 -43.85 45.47 169.94
C ILE C 962 -45.36 45.46 169.67
N LEU C 963 -45.84 44.46 168.92
CA LEU C 963 -47.29 44.31 168.76
C LEU C 963 -47.97 44.03 170.10
N ASP C 964 -47.38 43.13 170.89
CA ASP C 964 -47.87 42.84 172.23
C ASP C 964 -47.95 44.12 173.08
N LEU C 965 -46.88 44.90 173.09
CA LEU C 965 -46.80 46.08 173.93
C LEU C 965 -47.75 47.17 173.46
N TYR C 966 -47.90 47.35 172.15
CA TYR C 966 -48.87 48.31 171.67
C TYR C 966 -50.29 47.88 172.06
N GLY C 967 -50.59 46.58 171.94
CA GLY C 967 -51.90 46.11 172.37
C GLY C 967 -52.12 46.19 173.87
N ARG C 968 -51.03 46.17 174.64
CA ARG C 968 -51.04 46.24 176.09
C ARG C 968 -51.05 47.67 176.59
N LEU C 969 -50.60 48.61 175.77
CA LEU C 969 -50.38 49.99 176.14
C LEU C 969 -51.49 50.91 175.68
N GLU C 970 -52.20 50.57 174.61
CA GLU C 970 -53.30 51.38 174.14
C GLU C 970 -54.61 51.07 174.88
N LYS C 971 -54.52 50.46 176.05
CA LYS C 971 -55.66 50.29 176.93
C LYS C 971 -55.66 51.39 178.01
N ASN D 6 38.21 -73.30 -165.79
CA ASN D 6 37.88 -73.46 -164.39
C ASN D 6 37.03 -72.32 -163.88
N VAL D 7 36.13 -72.64 -162.95
CA VAL D 7 35.19 -71.64 -162.44
C VAL D 7 35.92 -70.57 -161.65
N GLY D 8 36.97 -70.93 -160.92
CA GLY D 8 37.70 -69.94 -160.15
C GLY D 8 38.32 -68.86 -161.02
N GLU D 9 38.94 -69.27 -162.13
CA GLU D 9 39.48 -68.29 -163.05
C GLU D 9 38.39 -67.40 -163.61
N LEU D 10 37.22 -67.97 -163.87
CA LEU D 10 36.12 -67.17 -164.38
C LEU D 10 35.63 -66.17 -163.35
N LEU D 11 35.59 -66.59 -162.08
CA LEU D 11 35.28 -65.65 -161.01
C LEU D 11 36.27 -64.51 -160.98
N ALA D 12 37.56 -64.83 -161.17
CA ALA D 12 38.56 -63.77 -161.25
C ALA D 12 38.29 -62.85 -162.44
N MET D 13 37.99 -63.44 -163.60
CA MET D 13 37.77 -62.65 -164.80
C MET D 13 36.53 -61.78 -164.70
N LEU D 14 35.60 -62.12 -163.81
CA LEU D 14 34.42 -61.28 -163.62
C LEU D 14 34.83 -59.84 -163.29
N ASP D 15 35.87 -59.68 -162.48
CA ASP D 15 36.29 -58.37 -162.00
C ASP D 15 37.32 -57.71 -162.93
N SER D 16 37.32 -58.06 -164.21
CA SER D 16 38.34 -57.55 -165.12
C SER D 16 38.19 -56.04 -165.30
N PRO D 17 39.29 -55.29 -165.33
CA PRO D 17 39.21 -53.88 -165.74
C PRO D 17 38.87 -53.75 -167.21
N MET D 18 39.25 -54.72 -168.02
CA MET D 18 38.87 -54.73 -169.43
C MET D 18 37.39 -55.04 -169.52
N LEU D 19 36.58 -53.99 -169.63
CA LEU D 19 35.14 -54.16 -169.49
C LEU D 19 34.55 -55.05 -170.57
N GLY D 20 35.01 -54.89 -171.82
CA GLY D 20 34.46 -55.71 -172.89
C GLY D 20 34.71 -57.19 -172.69
N VAL D 21 35.93 -57.54 -172.28
CA VAL D 21 36.26 -58.94 -172.04
C VAL D 21 35.36 -59.53 -170.97
N ARG D 22 35.25 -58.82 -169.84
CA ARG D 22 34.47 -59.36 -168.73
C ARG D 22 32.99 -59.45 -169.09
N ASP D 23 32.48 -58.51 -169.87
CA ASP D 23 31.08 -58.58 -170.26
C ASP D 23 30.82 -59.74 -171.20
N ASP D 24 31.83 -60.18 -171.97
CA ASP D 24 31.69 -61.46 -172.66
C ASP D 24 31.69 -62.63 -171.67
N VAL D 25 32.54 -62.53 -170.65
CA VAL D 25 32.57 -63.59 -169.63
C VAL D 25 31.23 -63.71 -168.91
N THR D 26 30.47 -62.62 -168.86
CA THR D 26 29.16 -62.67 -168.21
C THR D 26 28.23 -63.67 -168.93
N ALA D 27 28.20 -63.59 -170.27
CA ALA D 27 27.46 -64.58 -171.03
C ALA D 27 28.01 -65.99 -170.80
N VAL D 28 29.33 -66.10 -170.65
CA VAL D 28 29.90 -67.41 -170.30
C VAL D 28 29.30 -67.92 -169.00
N PHE D 29 29.17 -67.04 -168.00
CA PHE D 29 28.61 -67.45 -166.72
C PHE D 29 27.16 -67.88 -166.86
N LYS D 30 26.37 -67.13 -167.63
CA LYS D 30 24.99 -67.52 -167.85
C LYS D 30 24.91 -68.89 -168.51
N GLU D 31 25.78 -69.14 -169.50
CA GLU D 31 25.78 -70.43 -170.17
C GLU D 31 26.14 -71.55 -169.21
N ASN D 32 27.14 -71.32 -168.34
CA ASN D 32 27.52 -72.35 -167.39
C ASN D 32 26.40 -72.62 -166.39
N LEU D 33 25.71 -71.57 -165.96
CA LEU D 33 24.58 -71.74 -165.07
C LEU D 33 23.50 -72.59 -165.72
N ASN D 34 23.19 -72.31 -166.99
CA ASN D 34 22.24 -73.15 -167.69
C ASN D 34 22.81 -74.54 -167.98
N SER D 35 24.12 -74.72 -167.84
CA SER D 35 24.75 -76.01 -168.08
C SER D 35 24.76 -76.90 -166.85
N ASP D 36 24.38 -76.38 -165.69
CA ASP D 36 24.38 -77.17 -164.46
C ASP D 36 23.33 -76.61 -163.52
N ARG D 37 22.37 -77.45 -163.13
CA ARG D 37 21.32 -77.04 -162.20
C ARG D 37 21.75 -77.14 -160.75
N GLY D 38 22.96 -77.61 -160.47
CA GLY D 38 23.43 -77.74 -159.11
C GLY D 38 23.62 -76.38 -158.45
N PRO D 39 23.54 -76.35 -157.12
CA PRO D 39 23.66 -75.08 -156.39
C PRO D 39 25.08 -74.57 -156.27
N MET D 40 26.07 -75.31 -156.78
CA MET D 40 27.46 -74.94 -156.57
C MET D 40 27.76 -73.57 -157.17
N LEU D 41 27.28 -73.33 -158.40
CA LEU D 41 27.60 -72.08 -159.06
C LEU D 41 27.02 -70.89 -158.31
N VAL D 42 25.77 -70.98 -157.88
CA VAL D 42 25.14 -69.86 -157.19
C VAL D 42 25.74 -69.67 -155.80
N ASN D 43 25.99 -70.77 -155.09
CA ASN D 43 26.65 -70.66 -153.79
C ASN D 43 27.98 -69.94 -153.92
N THR D 44 28.79 -70.36 -154.90
CA THR D 44 30.09 -69.73 -155.08
C THR D 44 29.94 -68.28 -155.55
N LEU D 45 28.94 -68.00 -156.37
CA LEU D 45 28.72 -66.62 -156.81
C LEU D 45 28.39 -65.71 -155.64
N VAL D 46 27.50 -66.17 -154.75
CA VAL D 46 27.12 -65.35 -153.60
C VAL D 46 28.30 -65.17 -152.66
N ASP D 47 28.99 -66.28 -152.35
CA ASP D 47 30.16 -66.21 -151.49
C ASP D 47 31.22 -65.26 -152.07
N TYR D 48 31.39 -65.29 -153.39
CA TYR D 48 32.33 -64.41 -154.04
C TYR D 48 31.89 -62.96 -153.98
N TYR D 49 30.59 -62.70 -154.16
CA TYR D 49 30.13 -61.32 -154.07
C TYR D 49 30.39 -60.76 -152.69
N LEU D 50 30.08 -61.53 -151.66
CA LEU D 50 30.34 -61.08 -150.31
C LEU D 50 31.83 -60.86 -150.07
N GLU D 51 32.69 -61.54 -150.85
CA GLU D 51 34.12 -61.25 -150.80
C GLU D 51 34.56 -60.06 -151.64
N THR D 52 33.75 -59.61 -152.59
CA THR D 52 34.26 -58.67 -153.58
C THR D 52 33.42 -57.41 -153.72
N SER D 53 32.11 -57.51 -153.46
CA SER D 53 31.17 -56.46 -153.82
C SER D 53 31.23 -56.17 -155.32
N SER D 54 31.42 -57.22 -156.11
CA SER D 54 31.59 -57.09 -157.55
C SER D 54 30.25 -56.80 -158.22
N GLN D 55 30.18 -55.67 -158.91
CA GLN D 55 28.94 -55.30 -159.58
C GLN D 55 28.50 -56.26 -160.68
N PRO D 56 29.38 -56.71 -161.60
CA PRO D 56 28.90 -57.66 -162.62
C PRO D 56 28.35 -58.95 -162.05
N ALA D 57 28.97 -59.47 -160.98
CA ALA D 57 28.41 -60.64 -160.33
C ALA D 57 27.03 -60.34 -159.76
N LEU D 58 26.85 -59.14 -159.22
CA LEU D 58 25.53 -58.75 -158.74
C LEU D 58 24.55 -58.67 -159.88
N HIS D 59 25.00 -58.27 -161.06
CA HIS D 59 24.10 -58.27 -162.21
C HIS D 59 23.71 -59.68 -162.61
N ILE D 60 24.64 -60.63 -162.49
CA ILE D 60 24.29 -62.03 -162.67
C ILE D 60 23.21 -62.44 -161.68
N LEU D 61 23.42 -62.10 -160.41
CA LEU D 61 22.50 -62.53 -159.36
C LEU D 61 21.12 -61.91 -159.53
N THR D 62 21.05 -60.65 -159.97
CA THR D 62 19.77 -59.98 -160.10
C THR D 62 18.91 -60.53 -161.23
N THR D 63 19.46 -61.35 -162.11
CA THR D 63 18.70 -61.83 -163.26
C THR D 63 18.66 -63.34 -163.34
N LEU D 64 18.82 -64.04 -162.22
CA LEU D 64 18.85 -65.49 -162.24
C LEU D 64 17.48 -66.06 -162.59
N GLN D 65 17.47 -67.34 -162.94
CA GLN D 65 16.25 -68.08 -163.20
C GLN D 65 16.34 -69.44 -162.54
N GLU D 66 15.25 -70.18 -162.59
CA GLU D 66 15.16 -71.46 -161.91
C GLU D 66 16.15 -72.45 -162.49
N PRO D 67 16.69 -73.35 -161.68
CA PRO D 67 16.53 -73.45 -160.22
C PRO D 67 17.54 -72.58 -159.48
N HIS D 68 18.38 -71.86 -160.23
CA HIS D 68 19.36 -70.97 -159.63
C HIS D 68 18.69 -69.83 -158.88
N ASP D 69 17.52 -69.43 -159.33
CA ASP D 69 16.67 -68.47 -158.61
C ASP D 69 16.38 -68.97 -157.19
N LYS D 70 15.90 -70.22 -157.10
CA LYS D 70 15.65 -70.82 -155.80
C LYS D 70 16.94 -70.97 -155.00
N HIS D 71 18.03 -71.37 -155.66
CA HIS D 71 19.30 -71.53 -154.95
C HIS D 71 19.76 -70.21 -154.34
N LEU D 72 19.58 -69.10 -155.06
CA LEU D 72 19.97 -67.80 -154.52
C LEU D 72 19.16 -67.47 -153.29
N LEU D 73 17.83 -67.56 -153.39
CA LEU D 73 17.04 -67.20 -152.21
C LEU D 73 17.30 -68.17 -151.06
N ASP D 74 17.57 -69.43 -151.35
CA ASP D 74 17.91 -70.40 -150.30
C ASP D 74 19.23 -70.05 -149.62
N ARG D 75 20.24 -69.68 -150.40
CA ARG D 75 21.54 -69.38 -149.81
C ARG D 75 21.50 -68.05 -149.06
N ILE D 76 20.75 -67.07 -149.57
CA ILE D 76 20.55 -65.84 -148.81
C ILE D 76 19.85 -66.15 -147.50
N ASN D 77 18.82 -67.00 -147.55
CA ASN D 77 18.09 -67.36 -146.34
C ASN D 77 18.97 -68.08 -145.33
N GLU D 78 19.82 -69.00 -145.80
CA GLU D 78 20.76 -69.66 -144.90
C GLU D 78 21.69 -68.65 -144.25
N TYR D 79 22.28 -67.76 -145.05
CA TYR D 79 23.23 -66.80 -144.48
C TYR D 79 22.55 -65.77 -143.59
N VAL D 80 21.24 -65.54 -143.74
CA VAL D 80 20.53 -64.72 -142.76
C VAL D 80 20.34 -65.50 -141.47
N GLY D 81 20.12 -66.82 -141.57
CA GLY D 81 19.94 -67.62 -140.37
C GLY D 81 21.15 -67.60 -139.45
N LYS D 82 22.35 -67.78 -140.00
CA LYS D 82 23.57 -67.79 -139.20
C LYS D 82 23.97 -66.36 -138.81
N ALA D 83 24.72 -66.24 -137.72
CA ALA D 83 25.03 -64.93 -137.15
C ALA D 83 26.16 -64.23 -137.90
N ALA D 84 27.23 -64.96 -138.23
CA ALA D 84 28.41 -64.32 -138.80
C ALA D 84 28.14 -63.68 -140.14
N THR D 85 27.39 -64.38 -141.01
CA THR D 85 27.15 -63.93 -142.36
C THR D 85 26.05 -62.88 -142.47
N ARG D 86 25.35 -62.60 -141.36
CA ARG D 86 24.06 -61.92 -141.42
C ARG D 86 24.16 -60.53 -142.05
N LEU D 87 25.09 -59.70 -141.57
CA LEU D 87 25.17 -58.34 -142.08
C LEU D 87 25.57 -58.31 -143.54
N SER D 88 26.55 -59.14 -143.91
CA SER D 88 27.01 -59.19 -145.30
C SER D 88 25.86 -59.54 -146.23
N ILE D 89 25.14 -60.61 -145.92
CA ILE D 89 24.09 -61.06 -146.81
C ILE D 89 22.92 -60.09 -146.80
N LEU D 90 22.66 -59.41 -145.68
CA LEU D 90 21.62 -58.39 -145.68
C LEU D 90 21.99 -57.24 -146.61
N SER D 91 23.27 -56.88 -146.65
CA SER D 91 23.72 -55.87 -147.61
C SER D 91 23.54 -56.34 -149.04
N LEU D 92 23.90 -57.60 -149.32
CA LEU D 92 23.69 -58.15 -150.66
C LEU D 92 22.21 -58.10 -151.03
N LEU D 93 21.35 -58.49 -150.10
CA LEU D 93 19.93 -58.48 -150.33
C LEU D 93 19.44 -57.08 -150.66
N GLY D 94 19.90 -56.08 -149.90
CA GLY D 94 19.50 -54.73 -150.20
C GLY D 94 19.92 -54.27 -151.57
N HIS D 95 21.20 -54.50 -151.92
CA HIS D 95 21.70 -54.06 -153.21
C HIS D 95 20.97 -54.74 -154.35
N VAL D 96 20.74 -56.05 -154.23
CA VAL D 96 20.05 -56.81 -155.27
C VAL D 96 18.62 -56.33 -155.42
N ILE D 97 17.92 -56.18 -154.29
CA ILE D 97 16.50 -55.85 -154.33
C ILE D 97 16.30 -54.44 -154.88
N ARG D 98 17.24 -53.54 -154.62
CA ARG D 98 17.11 -52.18 -155.13
C ARG D 98 16.91 -52.15 -156.64
N LEU D 99 17.45 -53.13 -157.36
CA LEU D 99 17.46 -53.11 -158.81
C LEU D 99 16.28 -53.84 -159.44
N GLN D 100 15.28 -54.23 -158.64
CA GLN D 100 14.11 -54.96 -159.13
C GLN D 100 14.53 -56.20 -159.91
N PRO D 101 15.00 -57.25 -159.23
CA PRO D 101 15.52 -58.41 -159.93
C PRO D 101 14.43 -59.13 -160.73
N SER D 102 14.88 -60.08 -161.55
CA SER D 102 13.95 -60.85 -162.37
C SER D 102 12.98 -61.65 -161.52
N TRP D 103 13.38 -62.02 -160.31
CA TRP D 103 12.58 -62.83 -159.41
C TRP D 103 11.87 -62.00 -158.35
N LYS D 104 11.53 -60.75 -158.67
CA LYS D 104 11.07 -59.83 -157.64
C LYS D 104 9.80 -60.30 -156.95
N HIS D 105 8.95 -61.04 -157.66
CA HIS D 105 7.68 -61.46 -157.07
C HIS D 105 7.79 -62.75 -156.27
N LYS D 106 8.93 -63.42 -156.27
CA LYS D 106 9.11 -64.62 -155.47
C LYS D 106 9.62 -64.34 -154.08
N LEU D 107 9.95 -63.09 -153.76
CA LEU D 107 10.25 -62.71 -152.39
C LEU D 107 9.02 -62.78 -151.50
N SER D 108 7.83 -62.73 -152.09
CA SER D 108 6.60 -62.67 -151.32
C SER D 108 6.29 -63.95 -150.56
N GLN D 109 6.91 -65.07 -150.93
CA GLN D 109 6.60 -66.36 -150.32
C GLN D 109 7.82 -67.18 -149.91
N ALA D 110 9.03 -66.72 -150.21
CA ALA D 110 10.23 -67.45 -149.83
C ALA D 110 10.45 -67.39 -148.32
N PRO D 111 11.15 -68.37 -147.74
CA PRO D 111 11.45 -68.31 -146.30
C PRO D 111 12.32 -67.13 -145.91
N LEU D 112 12.94 -66.49 -146.91
CA LEU D 112 13.80 -65.34 -146.67
C LEU D 112 13.03 -64.18 -146.04
N LEU D 113 11.80 -63.93 -146.47
CA LEU D 113 11.03 -62.84 -145.84
C LEU D 113 10.76 -63.13 -144.37
N PRO D 114 10.25 -64.30 -143.97
CA PRO D 114 10.17 -64.61 -142.54
C PRO D 114 11.51 -64.53 -141.84
N SER D 115 12.59 -64.94 -142.50
CA SER D 115 13.91 -64.91 -141.88
C SER D 115 14.37 -63.48 -141.60
N LEU D 116 14.17 -62.59 -142.56
CA LEU D 116 14.47 -61.18 -142.36
C LEU D 116 13.62 -60.59 -141.24
N LEU D 117 12.32 -60.89 -141.23
CA LEU D 117 11.45 -60.35 -140.19
C LEU D 117 11.84 -60.89 -138.82
N LYS D 118 12.21 -62.17 -138.75
CA LYS D 118 12.70 -62.77 -137.51
C LYS D 118 13.93 -62.05 -137.01
N CYS D 119 14.90 -61.82 -137.91
CA CYS D 119 16.08 -61.04 -137.54
C CYS D 119 15.68 -59.67 -137.00
N LEU D 120 14.76 -59.00 -137.68
CA LEU D 120 14.34 -57.67 -137.26
C LEU D 120 13.54 -57.66 -135.97
N LYS D 121 13.08 -58.80 -135.49
CA LYS D 121 12.41 -58.85 -134.20
C LYS D 121 13.24 -59.47 -133.08
N MET D 122 14.37 -60.09 -133.40
CA MET D 122 15.21 -60.75 -132.40
C MET D 122 16.54 -60.06 -132.15
N ASP D 123 17.19 -59.51 -133.17
CA ASP D 123 18.56 -59.03 -133.06
C ASP D 123 18.62 -57.63 -132.43
N THR D 124 19.79 -57.31 -131.88
CA THR D 124 20.03 -56.02 -131.25
C THR D 124 21.14 -55.21 -131.92
N ASP D 125 21.89 -55.79 -132.86
CA ASP D 125 22.90 -55.05 -133.59
C ASP D 125 22.24 -53.95 -134.39
N VAL D 126 22.51 -52.69 -134.02
CA VAL D 126 21.81 -51.57 -134.64
C VAL D 126 22.13 -51.49 -136.13
N VAL D 127 23.35 -51.83 -136.52
CA VAL D 127 23.68 -51.83 -137.95
C VAL D 127 22.84 -52.87 -138.68
N VAL D 128 22.77 -54.09 -138.13
CA VAL D 128 21.98 -55.14 -138.73
C VAL D 128 20.51 -54.77 -138.77
N LEU D 129 20.00 -54.22 -137.67
CA LEU D 129 18.60 -53.80 -137.63
C LEU D 129 18.33 -52.72 -138.67
N THR D 130 19.21 -51.74 -138.78
CA THR D 130 19.00 -50.66 -139.74
C THR D 130 19.04 -51.19 -141.17
N THR D 131 20.02 -52.04 -141.47
CA THR D 131 20.10 -52.63 -142.79
C THR D 131 18.83 -53.38 -143.12
N GLY D 132 18.40 -54.26 -142.21
CA GLY D 132 17.21 -55.04 -142.45
C GLY D 132 15.96 -54.20 -142.60
N VAL D 133 15.83 -53.15 -141.80
CA VAL D 133 14.66 -52.28 -141.90
C VAL D 133 14.63 -51.62 -143.26
N LEU D 134 15.78 -51.12 -143.72
CA LEU D 134 15.80 -50.47 -145.02
C LEU D 134 15.55 -51.48 -146.14
N VAL D 135 16.05 -52.70 -145.98
CA VAL D 135 15.75 -53.76 -146.95
C VAL D 135 14.25 -54.01 -147.01
N LEU D 136 13.62 -54.11 -145.84
CA LEU D 136 12.19 -54.37 -145.77
C LEU D 136 11.40 -53.25 -146.43
N ILE D 137 11.75 -52.01 -146.11
CA ILE D 137 11.05 -50.87 -146.71
C ILE D 137 11.17 -50.92 -148.23
N THR D 138 12.36 -51.24 -148.73
CA THR D 138 12.53 -51.38 -150.17
C THR D 138 11.68 -52.52 -150.71
N MET D 139 11.47 -53.57 -149.92
CA MET D 139 10.72 -54.74 -150.39
C MET D 139 9.23 -54.48 -150.45
N LEU D 140 8.69 -53.67 -149.54
CA LEU D 140 7.24 -53.54 -149.43
C LEU D 140 6.56 -53.14 -150.74
N PRO D 141 7.03 -52.13 -151.49
CA PRO D 141 6.39 -51.85 -152.79
C PRO D 141 6.58 -52.97 -153.79
N MET D 142 7.62 -53.79 -153.64
CA MET D 142 7.86 -54.89 -154.56
C MET D 142 7.04 -56.13 -154.21
N ILE D 143 6.74 -56.33 -152.93
CA ILE D 143 5.90 -57.46 -152.51
C ILE D 143 4.77 -56.95 -151.64
N PRO D 144 3.93 -56.01 -152.11
CA PRO D 144 2.87 -55.49 -151.25
C PRO D 144 1.83 -56.53 -150.90
N GLN D 145 1.75 -57.61 -151.66
CA GLN D 145 0.81 -58.67 -151.36
C GLN D 145 1.14 -59.33 -150.03
N SER D 146 2.42 -59.34 -149.64
CA SER D 146 2.82 -59.98 -148.40
C SER D 146 2.24 -59.29 -147.18
N GLY D 147 1.55 -58.17 -147.34
CA GLY D 147 0.84 -57.58 -146.22
C GLY D 147 -0.19 -58.53 -145.63
N LYS D 148 -0.96 -59.19 -146.51
CA LYS D 148 -1.97 -60.14 -146.06
C LYS D 148 -1.39 -61.25 -145.19
N GLN D 149 -0.11 -61.54 -145.34
CA GLN D 149 0.53 -62.56 -144.52
C GLN D 149 1.20 -61.98 -143.28
N HIS D 150 1.93 -60.87 -143.43
CA HIS D 150 2.83 -60.41 -142.39
C HIS D 150 2.54 -58.97 -141.93
N LEU D 151 1.27 -58.55 -141.98
CA LEU D 151 0.93 -57.20 -141.54
C LEU D 151 1.27 -57.00 -140.08
N LEU D 152 0.94 -57.98 -139.24
CA LEU D 152 1.26 -57.87 -137.82
C LEU D 152 2.75 -57.90 -137.58
N ASP D 153 3.53 -58.60 -138.41
CA ASP D 153 4.98 -58.58 -138.24
C ASP D 153 5.57 -57.23 -138.63
N PHE D 154 5.06 -56.62 -139.72
CA PHE D 154 5.50 -55.27 -140.05
C PHE D 154 5.19 -54.31 -138.91
N PHE D 155 3.98 -54.41 -138.35
CA PHE D 155 3.60 -53.50 -137.27
C PHE D 155 4.41 -53.76 -136.00
N ASP D 156 4.70 -55.03 -135.70
CA ASP D 156 5.56 -55.35 -134.56
C ASP D 156 6.94 -54.76 -134.75
N ILE D 157 7.50 -54.86 -135.95
CA ILE D 157 8.82 -54.29 -136.20
C ILE D 157 8.78 -52.78 -136.02
N PHE D 158 7.73 -52.13 -136.54
CA PHE D 158 7.64 -50.68 -136.40
C PHE D 158 7.57 -50.27 -134.93
N GLY D 159 6.70 -50.93 -134.16
CA GLY D 159 6.58 -50.58 -132.75
C GLY D 159 7.85 -50.86 -131.96
N ARG D 160 8.46 -52.03 -132.19
CA ARG D 160 9.68 -52.39 -131.48
C ARG D 160 10.77 -51.37 -131.74
N LEU D 161 10.99 -51.02 -133.01
CA LEU D 161 12.08 -50.10 -133.28
C LEU D 161 11.72 -48.65 -132.96
N SER D 162 10.44 -48.31 -132.89
CA SER D 162 10.08 -47.00 -132.34
C SER D 162 10.46 -46.92 -130.87
N SER D 163 10.17 -47.98 -130.11
CA SER D 163 10.62 -48.02 -128.72
C SER D 163 12.14 -48.00 -128.65
N TRP D 164 12.82 -48.59 -129.62
CA TRP D 164 14.28 -48.50 -129.68
C TRP D 164 14.73 -47.07 -129.83
N CYS D 165 14.15 -46.35 -130.79
CA CYS D 165 14.46 -44.93 -130.95
C CYS D 165 14.19 -44.16 -129.66
N LEU D 166 13.19 -44.59 -128.90
CA LEU D 166 12.94 -43.94 -127.61
C LEU D 166 14.07 -44.23 -126.61
N LYS D 167 14.46 -45.50 -126.49
CA LYS D 167 15.36 -45.90 -125.41
C LYS D 167 16.80 -45.46 -125.67
N LYS D 168 17.27 -45.59 -126.91
CA LYS D 168 18.60 -45.15 -127.31
C LYS D 168 19.71 -45.79 -126.48
N PRO D 169 19.98 -47.08 -126.64
CA PRO D 169 21.13 -47.69 -125.95
C PRO D 169 22.43 -47.02 -126.38
N GLY D 170 23.14 -46.45 -125.40
CA GLY D 170 24.36 -45.71 -125.66
C GLY D 170 25.58 -46.55 -125.95
N HIS D 171 25.49 -47.87 -125.76
CA HIS D 171 26.60 -48.75 -126.12
C HIS D 171 26.83 -48.79 -127.62
N VAL D 172 25.86 -48.33 -128.41
CA VAL D 172 26.02 -48.18 -129.85
C VAL D 172 25.96 -46.70 -130.16
N ALA D 173 26.63 -46.30 -131.23
CA ALA D 173 26.85 -44.89 -131.52
C ALA D 173 25.54 -44.16 -131.77
N GLU D 174 25.54 -42.86 -131.47
CA GLU D 174 24.38 -42.03 -131.76
C GLU D 174 24.13 -41.92 -133.25
N VAL D 175 25.19 -41.97 -134.07
CA VAL D 175 25.00 -41.91 -135.51
C VAL D 175 24.19 -43.10 -136.00
N TYR D 176 24.52 -44.30 -135.51
CA TYR D 176 23.77 -45.48 -135.91
C TYR D 176 22.32 -45.38 -135.45
N LEU D 177 22.08 -44.81 -134.27
CA LEU D 177 20.71 -44.67 -133.80
C LEU D 177 19.95 -43.62 -134.58
N VAL D 178 20.62 -42.57 -135.06
CA VAL D 178 19.94 -41.61 -135.91
C VAL D 178 19.58 -42.26 -137.24
N HIS D 179 20.48 -43.08 -137.77
CA HIS D 179 20.14 -43.82 -138.99
C HIS D 179 18.98 -44.77 -138.75
N LEU D 180 18.95 -45.42 -137.59
CA LEU D 180 17.85 -46.32 -137.26
C LEU D 180 16.54 -45.56 -137.14
N HIS D 181 16.57 -44.37 -136.55
CA HIS D 181 15.36 -43.57 -136.45
C HIS D 181 14.90 -43.09 -137.81
N ALA D 182 15.84 -42.74 -138.68
CA ALA D 182 15.47 -42.38 -140.03
C ALA D 182 14.84 -43.56 -140.77
N SER D 183 15.35 -44.77 -140.50
CA SER D 183 14.75 -45.96 -141.07
C SER D 183 13.36 -46.22 -140.51
N VAL D 184 13.17 -45.99 -139.22
CA VAL D 184 11.84 -46.13 -138.62
C VAL D 184 10.88 -45.10 -139.18
N TYR D 185 11.38 -43.89 -139.43
CA TYR D 185 10.58 -42.87 -140.07
C TYR D 185 10.15 -43.30 -141.46
N ALA D 186 11.10 -43.84 -142.22
CA ALA D 186 10.76 -44.35 -143.54
C ALA D 186 9.77 -45.50 -143.46
N LEU D 187 9.89 -46.36 -142.45
CA LEU D 187 8.96 -47.47 -142.28
C LEU D 187 7.57 -46.98 -141.94
N PHE D 188 7.47 -45.98 -141.05
CA PHE D 188 6.17 -45.38 -140.75
C PHE D 188 5.53 -44.86 -142.02
N HIS D 189 6.29 -44.11 -142.81
CA HIS D 189 5.73 -43.53 -144.02
C HIS D 189 5.30 -44.63 -145.00
N ARG D 190 6.13 -45.65 -145.18
CA ARG D 190 5.81 -46.71 -146.12
C ARG D 190 4.56 -47.47 -145.69
N LEU D 191 4.45 -47.79 -144.40
CA LEU D 191 3.30 -48.54 -143.91
C LEU D 191 2.02 -47.70 -143.98
N TYR D 192 2.09 -46.43 -143.60
CA TYR D 192 0.90 -45.59 -143.66
C TYR D 192 0.46 -45.39 -145.10
N GLY D 193 1.42 -45.30 -146.02
CA GLY D 193 1.05 -45.17 -147.43
C GLY D 193 0.42 -46.43 -147.99
N MET D 194 0.95 -47.60 -147.63
CA MET D 194 0.50 -48.83 -148.27
C MET D 194 -0.74 -49.43 -147.59
N TYR D 195 -0.84 -49.33 -146.27
CA TYR D 195 -1.96 -49.91 -145.52
C TYR D 195 -2.51 -48.86 -144.58
N PRO D 196 -3.20 -47.85 -145.10
CA PRO D 196 -3.56 -46.70 -144.25
C PRO D 196 -4.48 -47.05 -143.11
N CYS D 197 -5.62 -47.70 -143.37
CA CYS D 197 -6.54 -48.01 -142.28
C CYS D 197 -5.95 -49.04 -141.32
N ASN D 198 -5.26 -50.06 -141.84
CA ASN D 198 -4.60 -51.03 -140.97
C ASN D 198 -3.57 -50.36 -140.08
N PHE D 199 -2.75 -49.48 -140.65
CA PHE D 199 -1.69 -48.86 -139.88
C PHE D 199 -2.24 -47.86 -138.87
N VAL D 200 -3.30 -47.14 -139.23
CA VAL D 200 -3.91 -46.22 -138.28
C VAL D 200 -4.55 -47.00 -137.15
N SER D 201 -5.18 -48.14 -137.45
CA SER D 201 -5.73 -48.97 -136.39
C SER D 201 -4.63 -49.47 -135.47
N PHE D 202 -3.50 -49.89 -136.03
CA PHE D 202 -2.39 -50.32 -135.20
C PHE D 202 -1.86 -49.20 -134.33
N LEU D 203 -1.73 -48.00 -134.89
CA LEU D 203 -1.26 -46.86 -134.11
C LEU D 203 -2.21 -46.56 -132.96
N ARG D 204 -3.52 -46.53 -133.23
CA ARG D 204 -4.48 -46.26 -132.19
C ARG D 204 -4.47 -47.33 -131.12
N SER D 205 -4.40 -48.59 -131.51
CA SER D 205 -4.48 -49.67 -130.54
C SER D 205 -3.17 -49.89 -129.78
N HIS D 206 -2.04 -49.42 -130.33
CA HIS D 206 -0.74 -49.69 -129.74
C HIS D 206 -0.13 -48.51 -129.01
N TYR D 207 -0.51 -47.29 -129.38
CA TYR D 207 0.01 -46.09 -128.73
C TYR D 207 -1.05 -45.38 -127.89
N SER D 208 -2.22 -45.97 -127.74
CA SER D 208 -3.13 -45.59 -126.68
C SER D 208 -2.93 -46.44 -125.43
N MET D 209 -2.04 -47.43 -125.49
CA MET D 209 -1.64 -48.15 -124.29
C MET D 209 -0.74 -47.28 -123.44
N LYS D 210 -0.92 -47.38 -122.12
CA LYS D 210 -0.15 -46.52 -121.22
C LYS D 210 1.34 -46.79 -121.31
N GLU D 211 1.73 -48.02 -121.64
CA GLU D 211 3.14 -48.38 -121.65
C GLU D 211 3.84 -47.95 -122.93
N ASN D 212 3.15 -47.26 -123.84
CA ASN D 212 3.80 -46.78 -125.05
C ASN D 212 3.40 -45.36 -125.43
N LEU D 213 2.69 -44.65 -124.56
CA LEU D 213 2.28 -43.29 -124.91
C LEU D 213 3.48 -42.34 -124.97
N GLU D 214 4.46 -42.56 -124.09
CA GLU D 214 5.69 -41.78 -124.18
C GLU D 214 6.43 -42.07 -125.47
N THR D 215 6.52 -43.35 -125.85
CA THR D 215 7.08 -43.72 -127.15
C THR D 215 6.36 -42.98 -128.25
N PHE D 216 5.03 -42.97 -128.20
CA PHE D 216 4.24 -42.27 -129.20
C PHE D 216 4.65 -40.80 -129.30
N GLU D 217 4.48 -40.06 -128.20
CA GLU D 217 4.70 -38.62 -128.27
C GLU D 217 6.14 -38.28 -128.64
N GLU D 218 7.11 -39.05 -128.15
CA GLU D 218 8.50 -38.70 -128.37
C GLU D 218 9.04 -39.16 -129.72
N VAL D 219 8.42 -40.16 -130.37
CA VAL D 219 8.95 -40.74 -131.58
C VAL D 219 7.95 -40.67 -132.73
N VAL D 220 6.74 -41.20 -132.52
CA VAL D 220 5.80 -41.40 -133.61
C VAL D 220 5.01 -40.12 -133.88
N LYS D 221 4.53 -39.46 -132.83
CA LYS D 221 3.73 -38.26 -133.03
C LYS D 221 4.40 -37.19 -133.88
N PRO D 222 5.71 -36.93 -133.76
CA PRO D 222 6.34 -36.03 -134.73
C PRO D 222 6.21 -36.50 -136.17
N MET D 223 6.23 -37.81 -136.42
CA MET D 223 6.07 -38.32 -137.77
C MET D 223 4.69 -37.98 -138.33
N MET D 224 3.68 -37.94 -137.48
CA MET D 224 2.33 -37.65 -137.95
C MET D 224 2.21 -36.23 -138.48
N GLU D 225 3.18 -35.36 -138.17
CA GLU D 225 3.16 -34.01 -138.74
C GLU D 225 3.40 -34.03 -140.23
N HIS D 226 4.10 -35.05 -140.72
CA HIS D 226 4.57 -35.09 -142.10
C HIS D 226 3.71 -35.94 -143.01
N VAL D 227 2.50 -36.30 -142.59
CA VAL D 227 1.60 -37.11 -143.40
C VAL D 227 0.22 -36.45 -143.43
N ARG D 228 -0.35 -36.34 -144.62
CA ARG D 228 -1.73 -35.92 -144.78
C ARG D 228 -2.67 -36.99 -144.23
N ILE D 229 -3.95 -36.68 -144.22
CA ILE D 229 -4.95 -37.71 -143.93
C ILE D 229 -5.16 -38.52 -145.19
N HIS D 230 -4.99 -39.84 -145.08
CA HIS D 230 -5.06 -40.69 -146.26
C HIS D 230 -6.49 -40.76 -146.76
N PRO D 231 -6.72 -40.57 -148.06
CA PRO D 231 -8.10 -40.65 -148.56
C PRO D 231 -8.76 -41.99 -148.35
N GLU D 232 -7.97 -43.06 -148.24
CA GLU D 232 -8.57 -44.36 -147.96
C GLU D 232 -9.12 -44.43 -146.53
N LEU D 233 -8.80 -43.46 -145.68
CA LEU D 233 -9.49 -43.35 -144.40
C LEU D 233 -10.94 -42.94 -144.57
N VAL D 234 -11.33 -42.48 -145.76
CA VAL D 234 -12.70 -42.19 -146.05
C VAL D 234 -13.28 -43.12 -147.10
N THR D 235 -12.46 -43.67 -148.00
CA THR D 235 -12.98 -44.53 -149.06
C THR D 235 -12.52 -45.98 -148.95
N GLY D 236 -11.64 -46.33 -148.02
CA GLY D 236 -11.05 -47.63 -147.97
C GLY D 236 -11.59 -48.52 -146.87
N SER D 237 -10.90 -49.65 -146.68
CA SER D 237 -11.24 -50.62 -145.65
C SER D 237 -9.97 -51.36 -145.25
N LYS D 238 -10.07 -52.15 -144.19
CA LYS D 238 -8.91 -52.87 -143.70
C LYS D 238 -8.52 -54.02 -144.62
N ASP D 239 -9.51 -54.79 -145.09
CA ASP D 239 -9.18 -55.89 -145.99
C ASP D 239 -8.97 -55.41 -147.43
N HIS D 240 -9.40 -54.19 -147.75
CA HIS D 240 -9.13 -53.64 -149.07
C HIS D 240 -7.65 -53.37 -149.30
N GLU D 241 -6.89 -53.24 -148.22
CA GLU D 241 -5.45 -53.01 -148.30
C GLU D 241 -4.64 -54.30 -148.35
N LEU D 242 -5.29 -55.45 -148.18
CA LEU D 242 -4.62 -56.73 -148.27
C LEU D 242 -5.05 -57.52 -149.50
N ASP D 243 -5.96 -57.00 -150.29
CA ASP D 243 -6.47 -57.71 -151.46
C ASP D 243 -5.38 -57.84 -152.51
N PRO D 244 -5.01 -59.06 -152.92
CA PRO D 244 -3.96 -59.20 -153.93
C PRO D 244 -4.26 -58.50 -155.23
N ARG D 245 -5.54 -58.39 -155.60
CA ARG D 245 -5.88 -57.76 -156.88
C ARG D 245 -5.45 -56.30 -156.91
N ARG D 246 -5.72 -55.56 -155.82
CA ARG D 246 -5.32 -54.16 -155.78
C ARG D 246 -3.81 -54.00 -155.89
N TRP D 247 -3.06 -54.86 -155.20
CA TRP D 247 -1.61 -54.76 -155.28
C TRP D 247 -1.08 -55.13 -156.66
N LYS D 248 -1.72 -56.08 -157.34
CA LYS D 248 -1.28 -56.42 -158.69
C LYS D 248 -1.57 -55.29 -159.69
N ARG D 249 -2.65 -54.54 -159.48
CA ARG D 249 -2.98 -53.44 -160.38
C ARG D 249 -2.03 -52.26 -160.26
N LEU D 250 -1.05 -52.32 -159.37
CA LEU D 250 -0.09 -51.23 -159.18
C LEU D 250 1.32 -51.80 -159.28
N GLU D 251 2.16 -51.14 -160.06
CA GLU D 251 3.56 -51.53 -160.13
C GLU D 251 4.31 -50.98 -158.92
N THR D 252 5.61 -51.26 -158.86
CA THR D 252 6.42 -50.79 -157.74
C THR D 252 6.39 -49.27 -157.65
N HIS D 253 6.53 -48.61 -158.79
CA HIS D 253 6.54 -47.16 -158.81
C HIS D 253 5.21 -46.59 -158.35
N ASP D 254 4.10 -47.21 -158.73
CA ASP D 254 2.80 -46.64 -158.39
C ASP D 254 2.52 -46.73 -156.90
N VAL D 255 2.94 -47.83 -156.27
CA VAL D 255 2.85 -47.92 -154.82
C VAL D 255 3.62 -46.76 -154.20
N VAL D 256 4.83 -46.50 -154.69
CA VAL D 256 5.62 -45.43 -154.10
C VAL D 256 4.98 -44.06 -154.38
N ILE D 257 4.38 -43.88 -155.55
CA ILE D 257 3.73 -42.61 -155.87
C ILE D 257 2.56 -42.36 -154.93
N GLU D 258 1.74 -43.39 -154.70
CA GLU D 258 0.64 -43.24 -153.77
C GLU D 258 1.13 -42.93 -152.37
N CYS D 259 2.21 -43.58 -151.94
CA CYS D 259 2.78 -43.26 -150.63
C CYS D 259 3.23 -41.81 -150.58
N ALA D 260 3.82 -41.32 -151.67
CA ALA D 260 4.28 -39.94 -151.71
C ALA D 260 3.12 -38.95 -151.70
N LYS D 261 1.97 -39.35 -152.22
CA LYS D 261 0.83 -38.43 -152.28
C LYS D 261 0.37 -38.00 -150.90
N ILE D 262 0.62 -38.80 -149.87
CA ILE D 262 0.19 -38.48 -148.52
C ILE D 262 1.33 -38.06 -147.63
N SER D 263 2.56 -38.00 -148.14
CA SER D 263 3.72 -37.60 -147.36
C SER D 263 4.09 -36.15 -147.65
N LEU D 264 4.78 -35.53 -146.70
CA LEU D 264 5.12 -34.12 -146.73
C LEU D 264 6.56 -33.92 -146.27
N ASP D 265 7.09 -32.72 -146.47
CA ASP D 265 8.20 -32.24 -145.66
C ASP D 265 8.39 -30.73 -145.75
N THR D 615 19.62 -33.45 -134.38
CA THR D 615 18.29 -34.03 -134.20
C THR D 615 17.91 -34.85 -135.44
N ALA D 616 17.07 -35.86 -135.25
CA ALA D 616 16.83 -36.86 -136.30
C ALA D 616 16.03 -36.27 -137.47
N HIS D 617 15.03 -35.45 -137.16
CA HIS D 617 14.28 -34.80 -138.24
C HIS D 617 15.20 -33.97 -139.11
N HIS D 618 16.23 -33.36 -138.51
CA HIS D 618 17.23 -32.67 -139.31
C HIS D 618 17.92 -33.64 -140.25
N PHE D 619 18.21 -34.86 -139.77
CA PHE D 619 18.86 -35.83 -140.65
C PHE D 619 17.99 -36.20 -141.83
N VAL D 620 16.71 -36.53 -141.58
CA VAL D 620 15.89 -36.92 -142.72
C VAL D 620 15.65 -35.75 -143.65
N ILE D 621 15.57 -34.52 -143.13
CA ILE D 621 15.44 -33.38 -144.02
C ILE D 621 16.68 -33.22 -144.88
N ARG D 622 17.85 -33.32 -144.27
CA ARG D 622 19.09 -33.16 -145.02
C ARG D 622 19.25 -34.26 -146.06
N LYS D 623 18.97 -35.50 -145.68
CA LYS D 623 19.11 -36.61 -146.61
C LYS D 623 18.07 -36.53 -147.72
N THR D 624 16.87 -36.05 -147.40
CA THR D 624 15.86 -35.81 -148.43
C THR D 624 16.35 -34.79 -149.45
N GLU D 625 16.89 -33.66 -148.97
CA GLU D 625 17.37 -32.65 -149.90
C GLU D 625 18.54 -33.14 -150.72
N GLU D 626 19.45 -33.88 -150.10
CA GLU D 626 20.62 -34.39 -150.82
C GLU D 626 20.19 -35.35 -151.93
N LEU D 627 19.32 -36.31 -151.60
CA LEU D 627 18.90 -37.26 -152.60
C LEU D 627 18.03 -36.58 -153.66
N LEU D 628 17.27 -35.54 -153.29
CA LEU D 628 16.54 -34.80 -154.31
C LEU D 628 17.48 -34.04 -155.23
N LYS D 629 18.62 -33.58 -154.71
CA LYS D 629 19.62 -32.98 -155.58
C LYS D 629 20.18 -34.02 -156.54
N LYS D 630 20.35 -35.26 -156.10
CA LYS D 630 20.72 -36.31 -157.04
C LYS D 630 19.61 -36.54 -158.07
N ALA D 631 18.35 -36.45 -157.65
CA ALA D 631 17.22 -36.79 -158.52
C ALA D 631 16.87 -35.64 -159.46
N LYS D 632 17.04 -34.40 -159.02
CA LYS D 632 16.52 -33.25 -159.72
C LYS D 632 17.49 -32.09 -159.53
N GLY D 633 17.60 -31.26 -160.57
CA GLY D 633 18.51 -30.13 -160.56
C GLY D 633 18.28 -29.13 -159.43
N PRO D 645 3.61 -7.59 -147.47
CA PRO D 645 2.51 -7.15 -146.61
C PRO D 645 2.38 -5.64 -146.58
N MET D 646 3.51 -4.94 -146.44
CA MET D 646 3.50 -3.49 -146.56
C MET D 646 3.02 -3.07 -147.94
N GLU D 647 3.27 -3.90 -148.95
CA GLU D 647 2.76 -3.63 -150.28
C GLU D 647 1.23 -3.60 -150.29
N VAL D 648 0.60 -4.53 -149.55
CA VAL D 648 -0.86 -4.59 -149.50
C VAL D 648 -1.43 -3.33 -148.87
N LEU D 649 -0.81 -2.87 -147.77
CA LEU D 649 -1.25 -1.63 -147.13
C LEU D 649 -1.06 -0.44 -148.06
N ASP D 650 0.09 -0.38 -148.73
CA ASP D 650 0.36 0.70 -149.66
C ASP D 650 -0.67 0.73 -150.79
N ARG D 651 -1.15 -0.45 -151.19
CA ARG D 651 -2.16 -0.48 -152.24
C ARG D 651 -3.52 -0.03 -151.71
N LEU D 652 -3.89 -0.47 -150.50
CA LEU D 652 -5.24 -0.20 -150.03
C LEU D 652 -5.45 1.29 -149.74
N ILE D 653 -4.41 2.00 -149.30
CA ILE D 653 -4.60 3.43 -149.09
C ILE D 653 -4.87 4.14 -150.41
N GLN D 654 -4.14 3.76 -151.45
CA GLN D 654 -4.38 4.33 -152.78
C GLN D 654 -5.78 3.99 -153.27
N GLN D 655 -6.20 2.74 -153.06
CA GLN D 655 -7.53 2.33 -153.50
C GLN D 655 -8.60 3.13 -152.78
N GLY D 656 -8.41 3.38 -151.49
CA GLY D 656 -9.37 4.19 -150.75
C GLY D 656 -9.42 5.62 -151.25
N ALA D 657 -8.25 6.18 -151.58
CA ALA D 657 -8.24 7.52 -152.14
C ALA D 657 -9.03 7.56 -153.44
N ASP D 658 -8.82 6.56 -154.29
CA ASP D 658 -9.58 6.50 -155.53
C ASP D 658 -11.07 6.35 -155.25
N ALA D 659 -11.43 5.55 -154.25
CA ALA D 659 -12.84 5.34 -153.94
C ALA D 659 -13.50 6.63 -153.48
N HIS D 660 -12.83 7.38 -152.62
CA HIS D 660 -13.36 8.66 -152.22
C HIS D 660 -13.45 9.60 -153.41
N SER D 661 -12.53 9.48 -154.35
CA SER D 661 -12.64 10.25 -155.58
C SER D 661 -13.91 9.89 -156.34
N LYS D 662 -14.24 8.59 -156.38
CA LYS D 662 -15.46 8.17 -157.06
C LYS D 662 -16.68 8.77 -156.37
N GLU D 663 -16.70 8.72 -155.04
CA GLU D 663 -17.80 9.32 -154.30
C GLU D 663 -17.88 10.82 -154.56
N LEU D 664 -16.72 11.46 -154.69
CA LEU D 664 -16.68 12.88 -155.07
C LEU D 664 -17.17 13.11 -156.48
N ASN D 665 -17.10 12.09 -157.34
CA ASN D 665 -17.69 12.22 -158.67
C ASN D 665 -19.20 12.05 -158.65
N LYS D 666 -19.72 11.24 -157.72
CA LYS D 666 -21.17 11.12 -157.58
C LYS D 666 -21.79 12.45 -157.19
N LEU D 667 -21.13 13.20 -156.29
CA LEU D 667 -21.71 14.41 -155.72
C LEU D 667 -22.14 15.46 -156.75
N PRO D 668 -21.39 15.75 -157.82
CA PRO D 668 -21.89 16.67 -158.85
C PRO D 668 -23.21 16.25 -159.48
N LEU D 669 -23.52 14.95 -159.52
CA LEU D 669 -24.73 14.52 -160.22
C LEU D 669 -26.02 15.00 -159.56
N PRO D 670 -26.22 14.85 -158.25
CA PRO D 670 -27.34 15.56 -157.62
C PRO D 670 -27.14 17.06 -157.61
N SER D 671 -25.90 17.53 -157.53
CA SER D 671 -25.61 18.96 -157.48
C SER D 671 -25.95 19.63 -158.81
N ILE D 688 -22.36 3.57 -167.21
CA ILE D 688 -21.91 2.22 -166.89
C ILE D 688 -21.03 2.21 -165.64
N ARG D 689 -20.50 3.39 -165.28
CA ARG D 689 -19.42 3.50 -164.31
C ARG D 689 -19.72 2.81 -162.98
N THR D 690 -21.00 2.60 -162.68
CA THR D 690 -21.38 1.94 -161.43
C THR D 690 -20.70 0.59 -161.26
N LEU D 691 -20.57 -0.18 -162.33
CA LEU D 691 -20.02 -1.52 -162.18
C LEU D 691 -18.51 -1.50 -161.99
N ARG D 692 -17.80 -0.61 -162.69
CA ARG D 692 -16.38 -0.44 -162.41
C ARG D 692 -16.18 -0.01 -160.97
N ASP D 693 -17.02 0.91 -160.50
CA ASP D 693 -16.95 1.36 -159.12
C ASP D 693 -17.06 0.19 -158.17
N GLN D 694 -18.03 -0.70 -158.40
CA GLN D 694 -18.21 -1.86 -157.54
C GLN D 694 -17.02 -2.80 -157.63
N LEU D 695 -16.44 -2.96 -158.83
CA LEU D 695 -15.29 -3.86 -158.96
C LEU D 695 -14.09 -3.35 -158.17
N LEU D 696 -13.81 -2.04 -158.24
CA LEU D 696 -12.71 -1.50 -157.45
C LEU D 696 -12.99 -1.60 -155.96
N LEU D 697 -14.24 -1.32 -155.55
CA LEU D 697 -14.60 -1.45 -154.14
C LEU D 697 -14.40 -2.89 -153.66
N LEU D 698 -14.79 -3.85 -154.48
CA LEU D 698 -14.59 -5.26 -154.15
C LEU D 698 -13.11 -5.60 -153.99
N HIS D 699 -12.29 -5.15 -154.94
CA HIS D 699 -10.87 -5.46 -154.82
C HIS D 699 -10.24 -4.78 -153.62
N ASN D 700 -10.79 -3.64 -153.22
CA ASN D 700 -10.35 -3.02 -151.98
C ASN D 700 -10.59 -3.94 -150.80
N GLN D 701 -11.76 -4.56 -150.76
CA GLN D 701 -12.01 -5.51 -149.67
C GLN D 701 -11.08 -6.72 -149.76
N LEU D 702 -10.75 -7.17 -150.98
CA LEU D 702 -9.78 -8.27 -151.07
C LEU D 702 -8.43 -7.85 -150.51
N LEU D 703 -8.01 -6.61 -150.78
CA LEU D 703 -6.75 -6.13 -150.22
C LEU D 703 -6.82 -6.09 -148.69
N TYR D 704 -7.94 -5.65 -148.13
CA TYR D 704 -8.10 -5.71 -146.68
C TYR D 704 -7.95 -7.13 -146.17
N GLU D 705 -8.61 -8.08 -146.83
CA GLU D 705 -8.58 -9.47 -146.39
C GLU D 705 -7.19 -10.07 -146.54
N ARG D 706 -6.48 -9.69 -147.61
CA ARG D 706 -5.11 -10.13 -147.82
C ARG D 706 -4.19 -9.57 -146.74
N PHE D 707 -4.37 -8.30 -146.39
CA PHE D 707 -3.59 -7.70 -145.30
C PHE D 707 -3.87 -8.41 -143.98
N LYS D 708 -5.13 -8.72 -143.73
CA LYS D 708 -5.49 -9.48 -142.54
C LYS D 708 -4.82 -10.84 -142.54
N ARG D 709 -4.80 -11.52 -143.68
CA ARG D 709 -4.15 -12.82 -143.77
C ARG D 709 -2.67 -12.71 -143.49
N GLN D 710 -2.02 -11.66 -143.99
CA GLN D 710 -0.60 -11.46 -143.69
C GLN D 710 -0.38 -11.20 -142.20
N GLN D 711 -1.22 -10.37 -141.59
CA GLN D 711 -1.10 -10.10 -140.16
C GLN D 711 -1.32 -11.38 -139.35
N HIS D 712 -2.31 -12.17 -139.75
CA HIS D 712 -2.60 -13.46 -139.12
C HIS D 712 -1.41 -14.40 -139.23
N ALA D 713 -0.81 -14.47 -140.41
CA ALA D 713 0.38 -15.30 -140.59
C ALA D 713 1.55 -14.78 -139.75
N LEU D 714 1.66 -13.47 -139.58
CA LEU D 714 2.73 -12.92 -138.76
C LEU D 714 2.52 -13.28 -137.29
N ARG D 715 1.31 -13.10 -136.78
CA ARG D 715 1.01 -13.53 -135.42
C ARG D 715 1.34 -15.00 -135.25
N ASN D 716 1.03 -15.81 -136.26
CA ASN D 716 1.31 -17.24 -136.18
C ASN D 716 2.80 -17.52 -136.11
N ARG D 717 3.60 -16.88 -136.97
CA ARG D 717 5.03 -17.10 -136.94
C ARG D 717 5.60 -16.71 -135.58
N ARG D 718 5.09 -15.60 -135.03
CA ARG D 718 5.49 -15.19 -133.70
C ARG D 718 5.17 -16.27 -132.68
N LEU D 719 4.00 -16.89 -132.81
CA LEU D 719 3.61 -17.92 -131.87
C LEU D 719 4.47 -19.16 -132.00
N LEU D 720 4.81 -19.55 -133.24
CA LEU D 720 5.72 -20.68 -133.42
C LEU D 720 7.04 -20.42 -132.71
N ARG D 721 7.55 -19.19 -132.81
CA ARG D 721 8.78 -18.83 -132.09
C ARG D 721 8.60 -18.96 -130.58
N LYS D 722 7.50 -18.43 -130.05
CA LYS D 722 7.28 -18.47 -128.60
C LYS D 722 7.20 -19.90 -128.10
N VAL D 723 6.45 -20.74 -128.79
CA VAL D 723 6.30 -22.11 -128.31
C VAL D 723 7.61 -22.86 -128.46
N ILE D 724 8.41 -22.53 -129.47
CA ILE D 724 9.74 -23.14 -129.57
C ILE D 724 10.56 -22.81 -128.34
N LYS D 725 10.54 -21.54 -127.92
CA LYS D 725 11.35 -21.17 -126.76
C LYS D 725 10.74 -21.65 -125.46
N ALA D 726 9.46 -21.99 -125.43
CA ALA D 726 8.85 -22.57 -124.24
C ALA D 726 8.94 -24.09 -124.22
N ALA D 727 9.36 -24.71 -125.31
CA ALA D 727 9.34 -26.17 -125.39
C ALA D 727 10.28 -26.80 -124.38
N ALA D 728 11.46 -26.24 -124.17
CA ALA D 728 12.41 -26.83 -123.24
C ALA D 728 11.83 -26.87 -121.84
N LEU D 729 11.57 -28.07 -121.33
CA LEU D 729 10.87 -28.23 -120.06
C LEU D 729 11.45 -29.39 -119.27
N GLU D 730 12.16 -29.08 -118.19
CA GLU D 730 12.61 -30.05 -117.20
C GLU D 730 11.91 -29.83 -115.87
N GLU D 731 10.60 -29.57 -115.93
CA GLU D 731 9.84 -29.28 -114.72
C GLU D 731 9.91 -30.43 -113.73
N HIS D 732 9.97 -31.67 -114.23
CA HIS D 732 10.13 -32.80 -113.33
C HIS D 732 11.45 -32.71 -112.59
N ASN D 733 12.54 -32.39 -113.30
CA ASN D 733 13.82 -32.25 -112.63
C ASN D 733 13.82 -31.09 -111.66
N ALA D 734 13.10 -30.01 -112.00
CA ALA D 734 12.97 -28.89 -111.07
C ALA D 734 12.25 -29.32 -109.80
N ALA D 735 11.18 -30.10 -109.93
CA ALA D 735 10.48 -30.60 -108.75
C ALA D 735 11.37 -31.53 -107.93
N MET D 736 12.16 -32.37 -108.62
CA MET D 736 13.08 -33.25 -107.90
C MET D 736 14.13 -32.45 -107.14
N LYS D 737 14.63 -31.37 -107.75
CA LYS D 737 15.55 -30.50 -107.05
C LYS D 737 14.88 -29.81 -105.88
N ASP D 738 13.57 -29.55 -105.98
CA ASP D 738 12.84 -29.07 -104.81
C ASP D 738 12.83 -30.14 -103.71
N GLN D 739 12.65 -31.40 -104.10
CA GLN D 739 12.66 -32.49 -103.13
C GLN D 739 14.01 -32.58 -102.43
N LEU D 740 15.10 -32.45 -103.19
CA LEU D 740 16.43 -32.44 -102.58
C LEU D 740 16.67 -31.16 -101.79
N LYS D 741 16.06 -30.05 -102.22
CA LYS D 741 16.10 -28.81 -101.44
C LYS D 741 15.47 -29.01 -100.08
N LEU D 742 14.56 -29.95 -99.98
CA LEU D 742 14.05 -30.26 -98.64
C LEU D 742 15.11 -30.91 -97.75
N GLN D 743 16.38 -30.97 -98.17
CA GLN D 743 17.48 -31.14 -97.23
C GLN D 743 17.56 -29.93 -96.31
N GLU D 744 16.69 -28.94 -96.54
CA GLU D 744 16.42 -27.94 -95.51
C GLU D 744 16.02 -28.62 -94.21
N LYS D 745 15.31 -29.75 -94.29
CA LYS D 745 14.99 -30.50 -93.09
C LYS D 745 16.26 -31.01 -92.40
N ASP D 746 17.22 -31.51 -93.17
CA ASP D 746 18.47 -31.95 -92.57
C ASP D 746 19.29 -30.79 -92.03
N ILE D 747 19.23 -29.64 -92.70
CA ILE D 747 19.90 -28.45 -92.20
C ILE D 747 19.31 -28.03 -90.87
N GLN D 748 17.98 -28.01 -90.78
CA GLN D 748 17.31 -27.68 -89.53
C GLN D 748 17.63 -28.71 -88.45
N MET D 749 17.67 -29.99 -88.82
CA MET D 749 17.98 -31.03 -87.86
C MET D 749 19.40 -30.89 -87.34
N TRP D 750 20.34 -30.58 -88.21
CA TRP D 750 21.69 -30.35 -87.72
C TRP D 750 21.79 -29.06 -86.94
N LYS D 751 20.95 -28.07 -87.26
CA LYS D 751 20.94 -26.85 -86.47
C LYS D 751 20.51 -27.15 -85.04
N VAL D 752 19.45 -27.95 -84.89
CA VAL D 752 19.03 -28.28 -83.53
C VAL D 752 20.00 -29.25 -82.88
N SER D 753 20.71 -30.06 -83.68
CA SER D 753 21.68 -30.99 -83.10
C SER D 753 22.88 -30.24 -82.52
N LEU D 754 23.46 -29.36 -83.31
CA LEU D 754 24.52 -28.51 -82.79
C LEU D 754 24.00 -27.65 -81.66
N GLN D 755 22.74 -27.24 -81.72
CA GLN D 755 22.16 -26.46 -80.63
C GLN D 755 22.07 -27.30 -79.36
N LYS D 756 21.80 -28.60 -79.50
CA LYS D 756 21.79 -29.46 -78.33
C LYS D 756 23.21 -29.67 -77.80
N GLU D 757 24.19 -29.72 -78.68
CA GLU D 757 25.58 -29.75 -78.21
C GLU D 757 25.92 -28.47 -77.47
N GLN D 758 25.45 -27.33 -77.98
CA GLN D 758 25.61 -26.07 -77.28
C GLN D 758 24.93 -26.11 -75.92
N ALA D 759 23.75 -26.72 -75.87
CA ALA D 759 23.03 -26.83 -74.61
C ALA D 759 23.78 -27.69 -73.62
N ARG D 760 24.39 -28.77 -74.10
CA ARG D 760 25.22 -29.60 -73.23
C ARG D 760 26.44 -28.84 -72.74
N TYR D 761 27.02 -28.01 -73.60
CA TYR D 761 28.13 -27.16 -73.17
C TYR D 761 27.70 -26.16 -72.12
N ASN D 762 26.54 -25.51 -72.33
CA ASN D 762 26.04 -24.55 -71.36
C ASN D 762 25.69 -25.22 -70.05
N GLN D 763 25.05 -26.38 -70.11
CA GLN D 763 24.73 -27.12 -68.90
C GLN D 763 25.98 -27.55 -68.16
N LEU D 764 26.99 -28.00 -68.90
CA LEU D 764 28.23 -28.42 -68.25
C LEU D 764 28.95 -27.23 -67.63
N GLN D 765 28.93 -26.09 -68.31
CA GLN D 765 29.54 -24.90 -67.74
C GLN D 765 28.80 -24.44 -66.49
N GLU D 766 27.47 -24.47 -66.52
CA GLU D 766 26.70 -24.09 -65.34
C GLU D 766 26.94 -25.08 -64.20
N GLN D 767 26.99 -26.38 -64.52
CA GLN D 767 27.20 -27.39 -63.49
C GLN D 767 28.60 -27.30 -62.90
N ARG D 768 29.61 -27.07 -63.74
CA ARG D 768 30.96 -26.92 -63.23
C ARG D 768 31.09 -25.64 -62.41
N ASP D 769 30.45 -24.55 -62.85
CA ASP D 769 30.47 -23.33 -62.06
C ASP D 769 29.78 -23.54 -60.72
N THR D 770 28.63 -24.23 -60.72
CA THR D 770 27.90 -24.47 -59.48
C THR D 770 28.69 -25.40 -58.56
N MET D 771 29.34 -26.42 -59.11
CA MET D 771 30.11 -27.34 -58.28
C MET D 771 31.40 -26.69 -57.79
N VAL D 772 31.96 -25.75 -58.55
CA VAL D 772 33.09 -24.98 -58.06
C VAL D 772 32.64 -24.05 -56.93
N THR D 773 31.47 -23.45 -57.08
CA THR D 773 30.91 -22.63 -56.01
C THR D 773 30.68 -23.46 -54.75
N LYS D 774 30.11 -24.65 -54.92
CA LYS D 774 29.89 -25.54 -53.79
C LYS D 774 31.22 -25.97 -53.17
N LEU D 775 32.19 -26.35 -54.01
CA LEU D 775 33.51 -26.72 -53.50
C LEU D 775 34.10 -25.58 -52.68
N HIS D 776 34.07 -24.37 -53.22
CA HIS D 776 34.57 -23.21 -52.50
C HIS D 776 33.86 -23.10 -51.16
N SER D 777 32.56 -22.80 -51.20
CA SER D 777 31.83 -22.39 -50.00
C SER D 777 31.66 -23.50 -48.99
N GLN D 778 31.79 -24.77 -49.38
CA GLN D 778 31.51 -25.88 -48.48
C GLN D 778 32.72 -26.76 -48.19
N ILE D 779 33.80 -26.67 -48.95
CA ILE D 779 35.03 -27.39 -48.69
C ILE D 779 36.20 -26.44 -48.50
N ARG D 780 36.37 -25.49 -49.42
CA ARG D 780 37.49 -24.56 -49.28
C ARG D 780 37.24 -23.58 -48.14
N GLN D 781 36.04 -23.01 -48.07
CA GLN D 781 35.69 -22.15 -46.94
C GLN D 781 35.66 -22.96 -45.65
N LEU D 782 35.14 -24.18 -45.70
CA LEU D 782 35.12 -25.03 -44.51
C LEU D 782 36.53 -25.33 -44.02
N GLN D 783 37.45 -25.63 -44.94
CA GLN D 783 38.84 -25.85 -44.56
C GLN D 783 39.48 -24.58 -44.05
N HIS D 784 39.17 -23.44 -44.67
CA HIS D 784 39.68 -22.17 -44.19
C HIS D 784 39.31 -21.98 -42.72
N ASP D 785 38.03 -22.15 -42.40
CA ASP D 785 37.61 -22.09 -41.00
C ASP D 785 38.40 -23.12 -40.19
N ARG D 786 38.16 -24.40 -40.49
CA ARG D 786 38.59 -25.48 -39.62
C ARG D 786 40.08 -25.44 -39.35
N GLU D 787 40.88 -25.04 -40.33
CA GLU D 787 42.33 -24.94 -40.11
C GLU D 787 42.67 -23.57 -39.56
N GLU D 788 42.53 -22.53 -40.39
CA GLU D 788 43.14 -21.23 -40.08
C GLU D 788 42.54 -20.63 -38.82
N PHE D 789 41.21 -20.70 -38.67
CA PHE D 789 40.63 -20.21 -37.43
C PHE D 789 40.63 -21.31 -36.38
N TYR D 790 39.91 -22.39 -36.65
CA TYR D 790 39.61 -23.36 -35.59
C TYR D 790 40.86 -24.09 -35.13
N ASN D 791 41.58 -24.74 -36.06
CA ASN D 791 42.67 -25.61 -35.61
C ASN D 791 43.80 -24.81 -35.00
N GLN D 792 44.17 -23.71 -35.64
CA GLN D 792 45.27 -22.91 -35.11
C GLN D 792 44.89 -22.24 -33.80
N SER D 793 43.66 -21.71 -33.69
CA SER D 793 43.25 -21.11 -32.43
C SER D 793 43.19 -22.14 -31.32
N GLN D 794 42.67 -23.33 -31.61
CA GLN D 794 42.57 -24.36 -30.58
C GLN D 794 43.95 -24.86 -30.17
N GLU D 795 44.86 -25.03 -31.13
CA GLU D 795 46.22 -25.39 -30.79
C GLU D 795 46.87 -24.31 -29.93
N LEU D 796 46.69 -23.05 -30.31
CA LEU D 796 47.22 -21.94 -29.54
C LEU D 796 46.71 -21.98 -28.11
N GLN D 797 45.39 -22.06 -27.94
CA GLN D 797 44.81 -22.04 -26.60
C GLN D 797 45.23 -23.26 -25.80
N THR D 798 45.23 -24.44 -26.44
CA THR D 798 45.61 -25.65 -25.73
C THR D 798 47.05 -25.59 -25.24
N LYS D 799 47.98 -25.26 -26.13
CA LYS D 799 49.37 -25.26 -25.72
C LYS D 799 49.67 -24.12 -24.76
N LEU D 800 49.02 -22.97 -24.92
CA LEU D 800 49.26 -21.87 -23.99
C LEU D 800 48.72 -22.17 -22.61
N GLU D 801 47.52 -22.73 -22.51
CA GLU D 801 46.97 -23.05 -21.21
C GLU D 801 47.71 -24.22 -20.57
N ASP D 802 48.18 -25.17 -21.39
CA ASP D 802 49.00 -26.25 -20.84
C ASP D 802 50.33 -25.72 -20.35
N CYS D 803 50.91 -24.75 -21.05
CA CYS D 803 52.11 -24.09 -20.56
C CYS D 803 51.82 -23.41 -19.23
N ARG D 804 50.70 -22.67 -19.15
CA ARG D 804 50.34 -22.02 -17.89
C ARG D 804 50.26 -23.04 -16.77
N ASN D 805 49.47 -24.09 -16.96
CA ASN D 805 49.34 -25.12 -15.94
C ASN D 805 50.71 -25.69 -15.58
N MET D 806 51.34 -26.39 -16.52
CA MET D 806 52.52 -27.19 -16.21
C MET D 806 53.69 -26.35 -15.72
N ILE D 807 53.83 -25.12 -16.19
CA ILE D 807 55.02 -24.33 -15.92
C ILE D 807 54.81 -23.36 -14.77
N ALA D 808 53.63 -22.75 -14.65
CA ALA D 808 53.35 -21.88 -13.52
C ALA D 808 52.62 -22.62 -12.40
N GLU D 809 51.44 -23.18 -12.70
CA GLU D 809 50.58 -23.68 -11.64
C GLU D 809 51.18 -24.92 -10.98
N LEU D 810 51.65 -25.87 -11.78
CA LEU D 810 52.20 -27.10 -11.20
C LEU D 810 53.42 -26.81 -10.34
N ARG D 811 54.32 -25.94 -10.83
CA ARG D 811 55.53 -25.64 -10.06
C ARG D 811 55.20 -24.84 -8.80
N ILE D 812 54.26 -23.90 -8.90
CA ILE D 812 53.84 -23.16 -7.71
C ILE D 812 53.20 -24.10 -6.70
N GLU D 813 52.46 -25.10 -7.17
CA GLU D 813 51.86 -26.08 -6.26
C GLU D 813 52.93 -26.96 -5.62
N LEU D 814 54.00 -27.29 -6.34
CA LEU D 814 55.10 -28.01 -5.71
C LEU D 814 55.74 -27.16 -4.62
N LYS D 815 55.95 -25.87 -4.89
CA LYS D 815 56.46 -24.98 -3.86
C LYS D 815 55.49 -24.86 -2.68
N LYS D 816 54.19 -24.95 -2.95
CA LYS D 816 53.21 -24.90 -1.87
C LYS D 816 53.19 -26.19 -1.08
N ALA D 817 53.51 -27.32 -1.70
CA ALA D 817 53.73 -28.55 -0.94
C ALA D 817 54.96 -28.44 -0.06
N ASN D 818 55.99 -27.74 -0.55
CA ASN D 818 57.12 -27.42 0.31
C ASN D 818 56.68 -26.55 1.48
N ASN D 819 55.80 -25.59 1.24
CA ASN D 819 55.25 -24.78 2.32
C ASN D 819 54.44 -25.64 3.30
N LYS D 820 53.72 -26.63 2.77
CA LYS D 820 53.00 -27.59 3.59
C LYS D 820 53.95 -28.29 4.55
N VAL D 821 55.06 -28.83 4.04
CA VAL D 821 55.97 -29.52 4.93
C VAL D 821 56.67 -28.54 5.86
N CYS D 822 56.82 -27.29 5.44
CA CYS D 822 57.40 -26.28 6.33
C CYS D 822 56.52 -26.07 7.56
N HIS D 823 55.23 -25.82 7.35
CA HIS D 823 54.36 -25.60 8.51
C HIS D 823 54.08 -26.90 9.27
N THR D 824 54.16 -28.04 8.60
CA THR D 824 54.08 -29.32 9.31
C THR D 824 55.27 -29.49 10.24
N GLU D 825 56.45 -29.10 9.79
CA GLU D 825 57.63 -29.09 10.68
C GLU D 825 57.42 -28.11 11.82
N LEU D 826 56.83 -26.95 11.53
CA LEU D 826 56.50 -26.00 12.60
C LEU D 826 55.64 -26.66 13.67
N LEU D 827 54.60 -27.39 13.26
CA LEU D 827 53.78 -28.10 14.23
C LEU D 827 54.57 -29.17 14.97
N LEU D 828 55.33 -29.99 14.23
CA LEU D 828 56.04 -31.10 14.83
C LEU D 828 57.13 -30.66 15.79
N SER D 829 57.63 -29.43 15.65
CA SER D 829 58.59 -28.89 16.60
C SER D 829 57.94 -28.07 17.69
N GLN D 830 56.77 -27.49 17.44
CA GLN D 830 56.08 -26.69 18.43
C GLN D 830 55.34 -27.52 19.46
N VAL D 831 54.97 -28.75 19.12
CA VAL D 831 54.25 -29.61 20.03
C VAL D 831 55.19 -30.16 21.09
N GLU D 839 47.27 -29.48 37.27
CA GLU D 839 46.84 -28.93 35.99
C GLU D 839 45.45 -28.32 36.12
N SER D 840 44.64 -28.89 37.01
CA SER D 840 43.29 -28.40 37.27
C SER D 840 43.25 -27.34 38.37
N VAL D 841 44.33 -26.58 38.51
CA VAL D 841 44.47 -25.59 39.57
C VAL D 841 43.33 -24.57 39.57
N GLN D 842 42.64 -24.40 38.44
CA GLN D 842 41.55 -23.43 38.39
C GLN D 842 40.43 -23.79 39.35
N GLN D 843 40.18 -25.08 39.55
CA GLN D 843 39.13 -25.49 40.48
C GLN D 843 39.45 -25.00 41.90
N GLN D 844 40.65 -25.29 42.38
CA GLN D 844 41.04 -24.87 43.72
C GLN D 844 41.11 -23.36 43.81
N MET D 845 41.58 -22.69 42.75
CA MET D 845 41.67 -21.25 42.78
C MET D 845 40.30 -20.61 42.90
N GLU D 846 39.33 -21.11 42.13
CA GLU D 846 37.98 -20.56 42.21
C GLU D 846 37.35 -20.85 43.56
N PHE D 847 37.57 -22.04 44.11
CA PHE D 847 37.04 -22.32 45.44
C PHE D 847 37.65 -21.39 46.47
N LEU D 848 38.96 -21.14 46.37
CA LEU D 848 39.62 -20.24 47.30
C LEU D 848 39.06 -18.84 47.18
N ASN D 849 38.79 -18.39 45.95
CA ASN D 849 38.22 -17.06 45.75
C ASN D 849 36.84 -16.96 46.38
N ARG D 850 36.00 -17.97 46.15
CA ARG D 850 34.66 -17.97 46.74
C ARG D 850 34.75 -17.98 48.26
N GLN D 851 35.66 -18.80 48.81
CA GLN D 851 35.83 -18.88 50.26
C GLN D 851 36.30 -17.56 50.83
N LEU D 852 37.21 -16.88 50.14
CA LEU D 852 37.68 -15.58 50.58
C LEU D 852 36.57 -14.53 50.56
N LEU D 853 35.73 -14.54 49.52
CA LEU D 853 34.61 -13.61 49.47
C LEU D 853 33.65 -13.84 50.63
N VAL D 854 33.26 -15.10 50.86
CA VAL D 854 32.30 -15.39 51.91
C VAL D 854 32.92 -15.10 53.28
N LEU D 855 34.22 -15.39 53.43
CA LEU D 855 34.92 -15.08 54.67
C LEU D 855 34.99 -13.58 54.90
N GLY D 856 35.15 -12.79 53.84
CA GLY D 856 35.13 -11.36 53.99
C GLY D 856 33.78 -10.87 54.47
N GLU D 857 32.71 -11.42 53.92
CA GLU D 857 31.37 -11.05 54.41
C GLU D 857 31.19 -11.46 55.87
N VAL D 858 31.70 -12.63 56.24
CA VAL D 858 31.62 -13.08 57.63
C VAL D 858 32.36 -12.11 58.54
N ASN D 859 33.54 -11.66 58.12
CA ASN D 859 34.31 -10.73 58.92
C ASN D 859 33.60 -9.39 59.06
N GLU D 860 33.01 -8.89 57.99
CA GLU D 860 32.26 -7.64 58.11
C GLU D 860 31.10 -7.80 59.07
N LEU D 861 30.44 -8.94 59.04
CA LEU D 861 29.35 -9.18 59.98
C LEU D 861 29.88 -9.27 61.40
N TYR D 862 31.06 -9.87 61.58
CA TYR D 862 31.70 -9.88 62.88
C TYR D 862 31.98 -8.47 63.37
N LEU D 863 32.45 -7.60 62.48
CA LEU D 863 32.78 -6.24 62.85
C LEU D 863 31.54 -5.48 63.27
N GLU D 864 30.44 -5.64 62.52
CA GLU D 864 29.24 -4.90 62.88
C GLU D 864 28.58 -5.47 64.13
N GLN D 865 28.70 -6.77 64.37
CA GLN D 865 28.25 -7.30 65.66
C GLN D 865 29.11 -6.76 66.79
N LEU D 866 30.42 -6.72 66.59
CA LEU D 866 31.34 -6.31 67.64
C LEU D 866 31.10 -4.87 68.05
N GLN D 867 30.77 -4.01 67.09
CA GLN D 867 30.53 -2.62 67.37
C GLN D 867 29.08 -2.32 67.72
N ASN D 868 28.21 -3.31 67.73
CA ASN D 868 26.79 -3.07 68.01
C ASN D 868 26.16 -4.02 69.02
N LYS D 869 26.73 -5.20 69.26
CA LYS D 869 26.10 -6.15 70.16
C LYS D 869 26.40 -5.82 71.62
N HIS D 870 25.40 -6.00 72.48
CA HIS D 870 25.54 -5.72 73.89
C HIS D 870 26.38 -6.80 74.58
N SER D 871 26.80 -6.50 75.80
CA SER D 871 27.61 -7.44 76.56
C SER D 871 26.78 -8.60 77.07
N ASP D 872 27.40 -9.78 77.12
CA ASP D 872 26.73 -11.00 77.56
C ASP D 872 26.96 -11.22 79.05
N THR D 873 26.47 -12.36 79.55
CA THR D 873 26.62 -12.77 80.95
C THR D 873 26.06 -11.70 81.89
N THR D 874 24.75 -11.48 81.79
CA THR D 874 24.07 -10.47 82.57
C THR D 874 23.53 -10.98 83.89
N LYS D 875 23.57 -12.30 84.13
CA LYS D 875 22.99 -12.84 85.36
C LYS D 875 23.73 -12.36 86.59
N GLU D 876 25.05 -12.23 86.50
CA GLU D 876 25.83 -11.71 87.63
C GLU D 876 25.36 -10.31 88.00
N VAL D 877 25.17 -9.46 87.00
CA VAL D 877 24.72 -8.09 87.24
C VAL D 877 23.30 -8.10 87.79
N GLU D 878 22.45 -8.99 87.28
CA GLU D 878 21.09 -9.09 87.80
C GLU D 878 21.10 -9.45 89.28
N MET D 879 21.93 -10.43 89.66
CA MET D 879 21.98 -10.83 91.06
C MET D 879 22.57 -9.72 91.93
N MET D 880 23.58 -9.01 91.42
CA MET D 880 24.10 -7.87 92.17
C MET D 880 23.04 -6.80 92.37
N LYS D 881 22.26 -6.51 91.33
CA LYS D 881 21.18 -5.54 91.46
C LYS D 881 20.18 -5.98 92.51
N ALA D 882 19.78 -7.25 92.48
CA ALA D 882 18.79 -7.74 93.43
C ALA D 882 19.33 -7.69 94.86
N ALA D 883 20.57 -8.13 95.05
CA ALA D 883 21.15 -8.12 96.39
C ALA D 883 21.31 -6.70 96.92
N TYR D 884 21.81 -5.79 96.08
CA TYR D 884 21.95 -4.41 96.50
C TYR D 884 20.61 -3.80 96.85
N ARG D 885 19.59 -4.07 96.04
CA ARG D 885 18.27 -3.51 96.29
C ARG D 885 17.69 -4.06 97.58
N LYS D 886 17.88 -5.36 97.84
CA LYS D 886 17.38 -5.95 99.07
C LYS D 886 18.07 -5.37 100.30
N GLU D 887 19.40 -5.27 100.26
CA GLU D 887 20.11 -4.73 101.40
C GLU D 887 19.81 -3.25 101.59
N LEU D 888 19.57 -2.53 100.49
CA LEU D 888 19.14 -1.14 100.60
C LEU D 888 17.77 -1.04 101.25
N GLU D 889 16.86 -1.96 100.91
CA GLU D 889 15.57 -1.98 101.59
C GLU D 889 15.74 -2.23 103.08
N LYS D 890 16.62 -3.17 103.44
CA LYS D 890 16.86 -3.45 104.86
C LYS D 890 17.40 -2.22 105.58
N ASN D 891 18.47 -1.64 105.04
CA ASN D 891 19.11 -0.51 105.71
C ASN D 891 18.19 0.71 105.73
N ARG D 892 17.42 0.91 104.67
CA ARG D 892 16.49 2.02 104.66
C ARG D 892 15.36 1.80 105.65
N SER D 893 14.92 0.55 105.83
CA SER D 893 13.95 0.28 106.88
C SER D 893 14.53 0.60 108.25
N HIS D 894 15.78 0.21 108.48
CA HIS D 894 16.41 0.50 109.77
C HIS D 894 16.51 2.00 110.02
N VAL D 895 17.04 2.74 109.05
CA VAL D 895 17.22 4.18 109.24
C VAL D 895 15.86 4.88 109.28
N LEU D 896 14.87 4.34 108.57
CA LEU D 896 13.53 4.91 108.59
C LEU D 896 12.90 4.74 109.96
N GLN D 897 12.99 3.53 110.53
CA GLN D 897 12.46 3.31 111.87
C GLN D 897 13.20 4.18 112.89
N GLN D 898 14.53 4.26 112.78
CA GLN D 898 15.28 5.10 113.72
C GLN D 898 14.89 6.57 113.61
N THR D 899 14.75 7.07 112.38
CA THR D 899 14.33 8.46 112.17
C THR D 899 12.93 8.68 112.71
N GLN D 900 12.05 7.70 112.54
CA GLN D 900 10.70 7.80 113.10
C GLN D 900 10.75 7.82 114.63
N ARG D 901 11.57 6.97 115.24
CA ARG D 901 11.69 6.96 116.70
C ARG D 901 12.18 8.32 117.21
N LEU D 902 13.21 8.87 116.56
CA LEU D 902 13.63 10.22 116.94
C LEU D 902 12.47 11.19 116.81
N ASP D 903 11.84 11.27 115.64
CA ASP D 903 10.80 12.29 115.45
C ASP D 903 9.66 12.14 116.47
N THR D 904 9.26 10.90 116.79
CA THR D 904 8.30 10.72 117.88
C THR D 904 8.83 11.35 119.15
N SER D 905 10.10 11.09 119.47
CA SER D 905 10.67 11.60 120.72
C SER D 905 10.85 13.12 120.68
N GLN D 906 11.21 13.68 119.54
CA GLN D 906 11.57 15.08 119.47
C GLN D 906 10.33 15.97 119.44
N LYS D 907 9.32 15.55 118.68
CA LYS D 907 8.02 16.21 118.80
C LYS D 907 7.46 16.00 120.19
N ARG D 908 7.64 14.82 120.79
CA ARG D 908 7.16 14.63 122.15
C ARG D 908 7.87 15.55 123.12
N ILE D 909 9.14 15.84 122.90
CA ILE D 909 9.84 16.79 123.75
C ILE D 909 9.19 18.17 123.62
N LEU D 910 8.93 18.61 122.39
CA LEU D 910 8.29 19.91 122.23
C LEU D 910 6.91 19.93 122.90
N GLU D 911 6.18 18.82 122.80
CA GLU D 911 4.88 18.70 123.44
C GLU D 911 5.01 18.67 124.97
N LEU D 912 6.02 17.97 125.49
CA LEU D 912 6.25 17.90 126.92
C LEU D 912 6.71 19.22 127.49
N GLU D 913 7.46 20.00 126.71
CA GLU D 913 7.87 21.31 127.17
C GLU D 913 6.72 22.29 127.12
N SER D 914 5.87 22.21 126.10
CA SER D 914 4.63 22.96 126.14
C SER D 914 3.72 22.49 127.27
N HIS D 915 3.78 21.20 127.61
CA HIS D 915 3.01 20.69 128.74
C HIS D 915 3.51 21.24 130.05
N LEU D 916 4.83 21.26 130.25
CA LEU D 916 5.38 21.83 131.46
C LEU D 916 5.11 23.32 131.54
N ALA D 917 5.23 24.04 130.43
CA ALA D 917 4.87 25.45 130.43
C ALA D 917 3.40 25.64 130.77
N LYS D 918 2.53 24.81 130.20
CA LYS D 918 1.10 24.94 130.46
C LYS D 918 0.77 24.59 131.90
N LYS D 919 1.42 23.58 132.45
CA LYS D 919 1.18 23.21 133.84
C LYS D 919 1.70 24.27 134.79
N ASP D 920 2.82 24.90 134.46
CA ASP D 920 3.31 26.01 135.27
C ASP D 920 2.36 27.21 135.19
N HIS D 921 1.84 27.49 134.00
CA HIS D 921 0.90 28.60 133.88
C HIS D 921 -0.42 28.29 134.56
N LEU D 922 -0.85 27.03 134.50
CA LEU D 922 -2.03 26.59 135.24
C LEU D 922 -1.80 26.68 136.74
N LEU D 923 -0.61 26.33 137.19
CA LEU D 923 -0.26 26.45 138.60
C LEU D 923 -0.27 27.91 139.03
N LEU D 924 0.20 28.81 138.16
CA LEU D 924 0.18 30.23 138.48
C LEU D 924 -1.24 30.75 138.55
N GLU D 925 -2.05 30.45 137.54
CA GLU D 925 -3.44 30.90 137.57
C GLU D 925 -4.23 30.25 138.68
N GLN D 926 -3.81 29.06 139.12
CA GLN D 926 -4.45 28.40 140.24
C GLN D 926 -4.05 29.02 141.57
N LYS D 927 -2.79 29.44 141.71
CA LYS D 927 -2.40 30.23 142.87
C LYS D 927 -3.17 31.53 142.91
N LYS D 928 -3.30 32.20 141.77
CA LYS D 928 -4.08 33.43 141.71
C LYS D 928 -5.54 33.17 142.03
N TYR D 929 -6.08 32.05 141.57
CA TYR D 929 -7.47 31.73 141.88
C TYR D 929 -7.66 31.37 143.34
N LEU D 930 -6.66 30.74 143.96
CA LEU D 930 -6.75 30.49 145.39
C LEU D 930 -6.71 31.79 146.17
N GLU D 931 -5.87 32.73 145.73
CA GLU D 931 -5.86 34.02 146.41
C GLU D 931 -7.14 34.79 146.16
N ASP D 932 -7.77 34.60 145.01
CA ASP D 932 -9.05 35.25 144.76
C ASP D 932 -10.19 34.59 145.53
N VAL D 933 -10.16 33.28 145.72
CA VAL D 933 -11.20 32.67 146.54
C VAL D 933 -10.96 32.99 148.01
N LYS D 934 -9.70 33.13 148.41
CA LYS D 934 -9.39 33.61 149.75
C LYS D 934 -9.87 35.06 149.95
N LEU D 935 -9.73 35.88 148.92
CA LEU D 935 -10.24 37.25 148.96
C LEU D 935 -11.75 37.30 148.98
N GLN D 936 -12.41 36.47 148.17
CA GLN D 936 -13.86 36.37 148.22
C GLN D 936 -14.32 35.82 149.56
N ALA D 937 -13.49 35.00 150.20
CA ALA D 937 -13.81 34.54 151.55
C ALA D 937 -13.85 35.70 152.51
N ARG D 938 -12.84 36.56 152.46
CA ARG D 938 -12.89 37.78 153.28
C ARG D 938 -14.10 38.64 152.93
N GLY D 939 -14.36 38.81 151.64
CA GLY D 939 -15.48 39.64 151.23
C GLY D 939 -16.81 39.09 151.70
N GLN D 940 -16.99 37.78 151.59
CA GLN D 940 -18.24 37.17 152.01
C GLN D 940 -18.37 37.13 153.52
N LEU D 941 -17.26 36.93 154.23
CA LEU D 941 -17.31 36.99 155.69
C LEU D 941 -17.67 38.38 156.16
N GLN D 942 -17.09 39.42 155.55
CA GLN D 942 -17.45 40.78 155.94
C GLN D 942 -18.83 41.17 155.46
N ALA D 943 -19.31 40.58 154.36
CA ALA D 943 -20.71 40.76 153.97
C ALA D 943 -21.64 40.17 155.02
N ALA D 944 -21.33 38.98 155.52
CA ALA D 944 -22.12 38.39 156.59
C ALA D 944 -22.02 39.23 157.86
N GLU D 945 -20.84 39.75 158.16
CA GLU D 945 -20.68 40.65 159.30
C GLU D 945 -21.54 41.89 159.15
N SER D 946 -21.57 42.46 157.95
CA SER D 946 -22.40 43.66 157.73
C SER D 946 -23.88 43.33 157.84
N ARG D 947 -24.29 42.17 157.32
CA ARG D 947 -25.67 41.72 157.52
C ARG D 947 -25.99 41.64 159.00
N TYR D 948 -25.10 41.03 159.78
CA TYR D 948 -25.31 40.91 161.21
C TYR D 948 -25.37 42.27 161.88
N GLU D 949 -24.50 43.19 161.49
CA GLU D 949 -24.49 44.51 162.11
C GLU D 949 -25.75 45.28 161.78
N ALA D 950 -26.22 45.18 160.54
CA ALA D 950 -27.46 45.86 160.17
C ALA D 950 -28.64 45.29 160.92
N GLN D 951 -28.72 43.96 161.03
CA GLN D 951 -29.81 43.37 161.78
C GLN D 951 -29.67 43.65 163.27
N LYS D 952 -28.45 43.79 163.76
CA LYS D 952 -28.22 44.19 165.13
C LYS D 952 -28.71 45.60 165.38
N ARG D 953 -28.49 46.50 164.43
CA ARG D 953 -29.00 47.87 164.59
C ARG D 953 -30.52 47.90 164.51
N ILE D 954 -31.10 47.08 163.64
CA ILE D 954 -32.56 47.01 163.54
C ILE D 954 -33.15 46.52 164.86
N THR D 955 -32.56 45.46 165.42
CA THR D 955 -32.99 45.02 166.73
C THR D 955 -32.69 46.04 167.80
N GLN D 956 -31.65 46.87 167.64
CA GLN D 956 -31.37 47.90 168.62
C GLN D 956 -32.47 48.94 168.65
N VAL D 957 -32.93 49.36 167.47
CA VAL D 957 -34.06 50.29 167.39
C VAL D 957 -35.30 49.67 168.03
N PHE D 958 -35.58 48.40 167.70
CA PHE D 958 -36.73 47.75 168.30
C PHE D 958 -36.55 47.55 169.81
N GLU D 959 -35.32 47.31 170.27
CA GLU D 959 -35.05 47.18 171.69
C GLU D 959 -35.33 48.47 172.42
N LEU D 960 -34.90 49.58 171.84
CA LEU D 960 -35.18 50.88 172.45
C LEU D 960 -36.68 51.17 172.43
N GLU D 961 -37.38 50.77 171.36
CA GLU D 961 -38.83 50.90 171.35
C GLU D 961 -39.47 50.06 172.44
N ILE D 962 -39.00 48.83 172.62
CA ILE D 962 -39.55 47.93 173.63
C ILE D 962 -39.30 48.49 175.03
N LEU D 963 -38.08 48.99 175.27
CA LEU D 963 -37.77 49.56 176.57
C LEU D 963 -38.58 50.83 176.83
N ASP D 964 -38.82 51.64 175.79
CA ASP D 964 -39.68 52.80 175.96
C ASP D 964 -41.12 52.40 176.25
N LEU D 965 -41.66 51.45 175.47
CA LEU D 965 -43.05 51.03 175.66
C LEU D 965 -43.25 50.37 177.02
N TYR D 966 -42.29 49.55 177.46
CA TYR D 966 -42.33 49.00 178.81
C TYR D 966 -42.24 50.11 179.85
N GLY D 967 -41.38 51.10 179.62
CA GLY D 967 -41.28 52.21 180.54
C GLY D 967 -42.57 52.98 180.67
N ARG D 968 -43.35 53.04 179.59
CA ARG D 968 -44.64 53.70 179.60
C ARG D 968 -45.75 52.85 180.21
N LEU D 969 -45.46 51.59 180.52
CA LEU D 969 -46.37 50.75 181.28
C LEU D 969 -46.05 50.85 182.76
N GLY E 18 -1.66 -1.76 183.45
CA GLY E 18 -1.48 -1.16 182.15
C GLY E 18 -1.96 0.27 182.08
N PHE E 19 -1.11 1.15 181.58
CA PHE E 19 -1.42 2.58 181.48
C PHE E 19 -2.14 2.88 180.16
N ARG E 20 -3.33 2.29 180.02
CA ARG E 20 -4.11 2.51 178.81
C ARG E 20 -4.75 3.90 178.80
N GLY E 21 -5.01 4.47 179.98
CA GLY E 21 -5.50 5.84 180.02
C GLY E 21 -4.51 6.83 179.44
N VAL E 22 -3.22 6.62 179.70
CA VAL E 22 -2.19 7.45 179.10
C VAL E 22 -2.20 7.31 177.58
N GLU E 23 -2.33 6.07 177.10
CA GLU E 23 -2.38 5.85 175.65
C GLU E 23 -3.56 6.57 175.03
N GLU E 24 -4.74 6.47 175.65
CA GLU E 24 -5.92 7.15 175.13
C GLU E 24 -5.73 8.65 175.10
N LYS E 25 -5.24 9.22 176.21
CA LYS E 25 -5.09 10.66 176.29
C LYS E 25 -4.08 11.16 175.28
N LYS E 26 -2.95 10.46 175.13
CA LYS E 26 -1.93 10.92 174.21
C LYS E 26 -2.39 10.77 172.76
N SER E 27 -3.13 9.71 172.46
CA SER E 27 -3.68 9.58 171.11
C SER E 27 -4.66 10.71 170.81
N LEU E 28 -5.50 11.08 171.78
CA LEU E 28 -6.41 12.19 171.53
C LEU E 28 -5.66 13.51 171.40
N GLU E 29 -4.60 13.71 172.20
CA GLU E 29 -3.80 14.92 172.07
C GLU E 29 -3.12 14.98 170.70
N ILE E 30 -2.74 13.84 170.15
CA ILE E 30 -2.21 13.81 168.79
C ILE E 30 -3.29 14.14 167.78
N LEU E 31 -4.50 13.61 167.98
CA LEU E 31 -5.61 13.96 167.11
C LEU E 31 -5.95 15.44 167.18
N LEU E 32 -5.74 16.05 168.33
CA LEU E 32 -6.02 17.47 168.56
C LEU E 32 -4.85 18.38 168.21
N LYS E 33 -3.66 17.81 167.96
CA LYS E 33 -2.48 18.62 167.65
C LYS E 33 -2.52 19.17 166.22
N ASP E 34 -3.21 18.49 165.31
CA ASP E 34 -3.20 18.87 163.91
C ASP E 34 -3.96 20.18 163.69
N ASP E 35 -3.41 21.05 162.82
CA ASP E 35 -4.04 22.34 162.55
C ASP E 35 -5.45 22.18 162.01
N ARG E 36 -5.77 21.02 161.45
CA ARG E 36 -7.12 20.67 161.06
C ARG E 36 -7.52 19.41 161.81
N LEU E 37 -8.54 19.53 162.66
CA LEU E 37 -9.03 18.40 163.44
C LEU E 37 -9.88 17.50 162.57
N ASP E 38 -9.49 16.23 162.45
CA ASP E 38 -10.24 15.28 161.63
C ASP E 38 -11.45 14.82 162.44
N THR E 39 -12.63 15.32 162.08
CA THR E 39 -13.84 14.95 162.81
C THR E 39 -14.17 13.48 162.69
N GLU E 40 -13.77 12.83 161.58
CA GLU E 40 -14.04 11.40 161.45
C GLU E 40 -13.16 10.60 162.41
N LYS E 41 -11.88 10.93 162.49
CA LYS E 41 -11.00 10.28 163.45
C LYS E 41 -11.44 10.58 164.87
N LEU E 42 -11.89 11.81 165.13
CA LEU E 42 -12.38 12.15 166.46
C LEU E 42 -13.65 11.37 166.81
N CYS E 43 -14.54 11.17 165.83
CA CYS E 43 -15.72 10.34 166.07
C CYS E 43 -15.33 8.90 166.36
N THR E 44 -14.41 8.35 165.57
CA THR E 44 -13.99 6.96 165.79
C THR E 44 -13.33 6.81 167.16
N PHE E 45 -12.51 7.78 167.55
CA PHE E 45 -11.91 7.74 168.87
C PHE E 45 -12.98 7.81 169.95
N SER E 46 -13.93 8.74 169.80
CA SER E 46 -14.99 8.87 170.79
C SER E 46 -15.80 7.59 170.89
N GLN E 47 -16.01 6.88 169.78
CA GLN E 47 -16.61 5.56 169.85
C GLN E 47 -15.75 4.61 170.68
N ARG E 48 -14.46 4.53 170.34
CA ARG E 48 -13.62 3.47 170.86
C ARG E 48 -13.15 3.73 172.29
N PHE E 49 -13.11 4.99 172.72
CA PHE E 49 -12.52 5.35 174.00
C PHE E 49 -13.34 6.44 174.68
N PRO E 50 -13.16 6.65 175.98
CA PRO E 50 -13.75 7.84 176.62
C PRO E 50 -12.92 9.08 176.35
N LEU E 51 -13.57 10.23 176.42
CA LEU E 51 -12.85 11.49 176.28
C LEU E 51 -12.32 11.95 177.64
N PRO E 52 -11.05 12.32 177.74
CA PRO E 52 -10.58 12.96 178.97
C PRO E 52 -11.36 14.23 179.24
N SER E 53 -11.66 14.47 180.52
CA SER E 53 -12.58 15.56 180.88
C SER E 53 -12.08 16.92 180.42
N MET E 54 -10.76 17.11 180.37
CA MET E 54 -10.20 18.39 179.96
C MET E 54 -10.39 18.66 178.47
N TYR E 55 -10.53 17.62 177.65
CA TYR E 55 -10.74 17.78 176.23
C TYR E 55 -12.15 17.43 175.79
N ARG E 56 -13.02 17.02 176.72
CA ARG E 56 -14.38 16.63 176.35
C ARG E 56 -15.14 17.80 175.74
N ALA E 57 -15.10 18.97 176.36
CA ALA E 57 -15.84 20.11 175.84
C ALA E 57 -15.32 20.52 174.47
N LEU E 58 -13.99 20.48 174.29
CA LEU E 58 -13.41 20.79 172.98
C LEU E 58 -13.86 19.80 171.92
N VAL E 59 -13.74 18.50 172.21
CA VAL E 59 -14.07 17.48 171.21
C VAL E 59 -15.56 17.47 170.92
N TRP E 60 -16.39 17.65 171.95
CA TRP E 60 -17.83 17.76 171.72
C TRP E 60 -18.16 18.98 170.88
N LYS E 61 -17.51 20.11 171.14
CA LYS E 61 -17.75 21.29 170.31
C LYS E 61 -17.37 21.04 168.87
N VAL E 62 -16.26 20.34 168.65
CA VAL E 62 -15.78 20.08 167.30
C VAL E 62 -16.70 19.11 166.57
N LEU E 63 -17.14 18.04 167.24
CA LEU E 63 -18.01 17.06 166.59
C LEU E 63 -19.43 17.59 166.43
N LEU E 64 -19.90 18.42 167.36
CA LEU E 64 -21.22 19.01 167.21
C LEU E 64 -21.23 20.15 166.21
N GLY E 65 -20.08 20.53 165.66
CA GLY E 65 -20.04 21.59 164.68
C GLY E 65 -20.10 22.97 165.27
N ILE E 66 -19.92 23.10 166.59
CA ILE E 66 -19.82 24.39 167.23
C ILE E 66 -18.52 25.06 166.86
N LEU E 67 -17.44 24.29 166.80
CA LEU E 67 -16.14 24.69 166.32
C LEU E 67 -15.84 23.95 165.03
N PRO E 68 -15.37 24.64 163.98
CA PRO E 68 -15.05 23.96 162.73
C PRO E 68 -13.76 23.16 162.84
N PRO E 69 -13.45 22.31 161.86
CA PRO E 69 -12.24 21.49 161.95
C PRO E 69 -10.95 22.27 162.12
N HIS E 70 -10.85 23.48 161.57
CA HIS E 70 -9.59 24.21 161.58
C HIS E 70 -9.40 24.90 162.92
N HIS E 71 -8.28 24.60 163.57
CA HIS E 71 -8.00 25.09 164.90
C HIS E 71 -7.80 26.59 164.93
N GLU E 72 -7.25 27.15 163.85
CA GLU E 72 -7.06 28.59 163.74
C GLU E 72 -8.38 29.33 163.87
N SER E 73 -9.46 28.76 163.36
CA SER E 73 -10.74 29.43 163.32
C SER E 73 -11.47 29.42 164.65
N HIS E 74 -10.94 28.74 165.67
CA HIS E 74 -11.68 28.57 166.92
C HIS E 74 -11.83 29.89 167.67
N ALA E 75 -10.83 30.76 167.63
CA ALA E 75 -10.94 32.03 168.33
C ALA E 75 -12.06 32.88 167.77
N LYS E 76 -12.09 33.04 166.44
CA LYS E 76 -13.12 33.87 165.83
C LYS E 76 -14.48 33.20 165.93
N VAL E 77 -14.54 31.87 165.81
CA VAL E 77 -15.83 31.20 165.88
C VAL E 77 -16.37 31.23 167.30
N MET E 78 -15.51 31.09 168.32
CA MET E 78 -15.99 31.27 169.67
C MET E 78 -16.42 32.70 169.93
N MET E 79 -15.76 33.68 169.30
CA MET E 79 -16.30 35.04 169.38
C MET E 79 -17.69 35.09 168.79
N TYR E 80 -17.90 34.41 167.66
CA TYR E 80 -19.22 34.39 167.06
C TYR E 80 -20.24 33.72 167.96
N ARG E 81 -19.87 32.58 168.56
CA ARG E 81 -20.77 31.86 169.44
C ARG E 81 -21.11 32.68 170.67
N LYS E 82 -20.12 33.34 171.26
CA LYS E 82 -20.37 34.18 172.43
C LYS E 82 -21.23 35.37 172.07
N GLU E 83 -20.99 35.99 170.92
CA GLU E 83 -21.82 37.10 170.48
C GLU E 83 -23.26 36.65 170.28
N GLN E 84 -23.45 35.50 169.63
CA GLN E 84 -24.80 35.00 169.41
C GLN E 84 -25.49 34.68 170.72
N TYR E 85 -24.76 34.04 171.66
CA TYR E 85 -25.32 33.72 172.97
C TYR E 85 -25.72 34.98 173.71
N LEU E 86 -24.85 35.97 173.75
CA LEU E 86 -25.15 37.20 174.47
C LEU E 86 -26.26 37.98 173.80
N ASP E 87 -26.33 37.95 172.48
CA ASP E 87 -27.41 38.64 171.78
C ASP E 87 -28.75 38.00 172.07
N VAL E 88 -28.83 36.67 171.99
CA VAL E 88 -30.09 35.98 172.24
C VAL E 88 -30.49 36.12 173.70
N LEU E 89 -29.53 36.04 174.61
CA LEU E 89 -29.82 36.18 176.04
C LEU E 89 -30.30 37.60 176.36
N HIS E 90 -29.63 38.61 175.80
CA HIS E 90 -30.05 39.98 176.03
C HIS E 90 -31.43 40.22 175.43
N ALA E 91 -31.72 39.60 174.28
CA ALA E 91 -33.05 39.74 173.69
C ALA E 91 -34.11 39.13 174.59
N LEU E 92 -33.84 37.95 175.16
CA LEU E 92 -34.77 37.35 176.10
C LEU E 92 -34.94 38.22 177.34
N LYS E 93 -33.88 38.90 177.76
CA LYS E 93 -34.02 39.84 178.87
C LYS E 93 -34.88 41.05 178.46
N VAL E 94 -34.75 41.50 177.22
CA VAL E 94 -35.46 42.69 176.77
C VAL E 94 -36.95 42.43 176.67
N VAL E 95 -37.35 41.27 176.14
CA VAL E 95 -38.77 40.92 176.08
C VAL E 95 -39.17 40.25 177.38
N ARG E 96 -38.30 40.31 178.39
CA ARG E 96 -38.57 39.87 179.75
C ARG E 96 -38.98 38.41 179.81
N PHE E 97 -38.56 37.63 178.82
CA PHE E 97 -38.84 36.19 178.83
C PHE E 97 -38.04 35.48 179.90
N VAL E 98 -36.80 35.88 180.10
CA VAL E 98 -35.95 35.33 181.14
C VAL E 98 -35.56 36.45 182.09
N SER E 99 -35.03 36.07 183.23
CA SER E 99 -34.52 37.00 184.22
C SER E 99 -33.28 36.40 184.86
N ASP E 100 -32.65 37.16 185.75
CA ASP E 100 -31.49 36.63 186.45
C ASP E 100 -31.85 35.45 187.34
N ALA E 101 -33.08 35.40 187.84
CA ALA E 101 -33.49 34.28 188.68
C ALA E 101 -33.76 33.04 187.86
N THR E 102 -34.07 33.18 186.58
CA THR E 102 -34.45 32.05 185.75
C THR E 102 -33.33 31.02 185.74
N PRO E 103 -33.63 29.73 185.99
CA PRO E 103 -32.57 28.73 186.02
C PRO E 103 -31.85 28.66 184.69
N GLN E 104 -30.56 28.31 184.76
CA GLN E 104 -29.72 28.31 183.56
C GLN E 104 -30.29 27.39 182.49
N ALA E 105 -30.83 26.24 182.90
CA ALA E 105 -31.43 25.32 181.93
C ALA E 105 -32.62 25.96 181.23
N GLU E 106 -33.47 26.66 181.97
CA GLU E 106 -34.60 27.32 181.33
C GLU E 106 -34.14 28.48 180.47
N VAL E 107 -33.06 29.14 180.86
CA VAL E 107 -32.48 30.17 180.00
C VAL E 107 -32.05 29.56 178.67
N TYR E 108 -31.39 28.40 178.72
CA TYR E 108 -31.00 27.72 177.49
C TYR E 108 -32.20 27.30 176.68
N LEU E 109 -33.26 26.84 177.35
CA LEU E 109 -34.47 26.43 176.65
C LEU E 109 -35.08 27.62 175.91
N ARG E 110 -35.15 28.78 176.56
CA ARG E 110 -35.71 29.95 175.90
C ARG E 110 -34.82 30.44 174.78
N MET E 111 -33.50 30.37 174.96
CA MET E 111 -32.59 30.75 173.88
C MET E 111 -32.77 29.84 172.68
N TYR E 112 -32.90 28.53 172.92
CA TYR E 112 -33.12 27.58 171.84
C TYR E 112 -34.45 27.85 171.14
N GLN E 113 -35.49 28.14 171.91
CA GLN E 113 -36.78 28.45 171.30
C GLN E 113 -36.71 29.70 170.45
N LEU E 114 -36.04 30.75 170.94
CA LEU E 114 -35.89 31.96 170.17
C LEU E 114 -35.11 31.69 168.89
N GLU E 115 -34.00 30.97 168.99
CA GLU E 115 -33.17 30.72 167.82
C GLU E 115 -33.87 29.82 166.81
N SER E 116 -34.78 28.98 167.26
CA SER E 116 -35.54 28.11 166.37
C SER E 116 -36.89 28.71 166.00
N GLY E 117 -37.18 29.92 166.45
CA GLY E 117 -38.45 30.54 166.13
C GLY E 117 -39.64 29.94 166.84
N LYS E 118 -39.42 29.15 167.89
CA LYS E 118 -40.48 28.46 168.62
C LYS E 118 -40.68 29.03 170.02
N LEU E 119 -40.44 30.32 170.19
CA LEU E 119 -40.61 30.95 171.50
C LEU E 119 -42.09 31.28 171.73
N PRO E 120 -42.66 30.88 172.87
CA PRO E 120 -44.06 31.23 173.16
C PRO E 120 -44.27 32.72 173.38
N ARG E 121 -45.52 33.11 173.64
CA ARG E 121 -45.85 34.52 173.82
C ARG E 121 -45.41 35.04 175.18
N SER E 122 -45.32 34.16 176.19
CA SER E 122 -44.88 34.55 177.52
C SER E 122 -44.36 33.31 178.23
N PRO E 123 -43.47 33.46 179.20
CA PRO E 123 -42.93 32.27 179.90
C PRO E 123 -43.99 31.50 180.67
N SER E 124 -45.13 32.10 180.98
CA SER E 124 -46.18 31.40 181.71
C SER E 124 -46.86 30.33 180.87
N PHE E 125 -46.61 30.28 179.57
CA PHE E 125 -47.15 29.21 178.74
C PHE E 125 -46.50 27.89 179.14
N PRO E 126 -47.29 26.85 179.42
CA PRO E 126 -46.70 25.59 179.88
C PRO E 126 -45.77 24.97 178.85
N LEU E 127 -44.74 24.29 179.35
CA LEU E 127 -43.75 23.69 178.47
C LEU E 127 -44.36 22.58 177.63
N GLU E 128 -43.97 22.53 176.37
CA GLU E 128 -44.31 21.42 175.50
C GLU E 128 -43.39 20.24 175.77
N PRO E 129 -43.76 19.03 175.33
CA PRO E 129 -42.87 17.88 175.57
C PRO E 129 -41.47 18.07 175.02
N ASP E 130 -41.34 18.69 173.85
CA ASP E 130 -40.01 18.99 173.31
C ASP E 130 -39.26 19.93 174.25
N ASP E 131 -39.97 20.90 174.82
CA ASP E 131 -39.35 21.82 175.76
C ASP E 131 -38.83 21.10 176.99
N GLU E 132 -39.60 20.16 177.53
CA GLU E 132 -39.13 19.42 178.70
C GLU E 132 -37.95 18.54 178.34
N VAL E 133 -37.94 17.96 177.14
CA VAL E 133 -36.81 17.14 176.73
C VAL E 133 -35.54 17.97 176.64
N PHE E 134 -35.63 19.14 175.98
CA PHE E 134 -34.49 20.03 175.90
C PHE E 134 -34.06 20.48 177.29
N LEU E 135 -35.03 20.76 178.16
CA LEU E 135 -34.72 21.22 179.51
C LEU E 135 -33.95 20.16 180.28
N ALA E 136 -34.35 18.90 180.13
CA ALA E 136 -33.66 17.81 180.82
C ALA E 136 -32.23 17.65 180.31
N ILE E 137 -32.05 17.69 178.99
CA ILE E 137 -30.70 17.58 178.45
C ILE E 137 -29.88 18.79 178.84
N ALA E 138 -30.50 19.97 178.92
CA ALA E 138 -29.79 21.18 179.33
C ALA E 138 -29.33 21.08 180.77
N LYS E 139 -30.20 20.57 181.65
CA LYS E 139 -29.82 20.36 183.04
C LYS E 139 -28.64 19.41 183.14
N ALA E 140 -28.67 18.32 182.36
CA ALA E 140 -27.56 17.39 182.39
C ALA E 140 -26.28 18.03 181.85
N MET E 141 -26.40 18.85 180.81
CA MET E 141 -25.23 19.51 180.23
C MET E 141 -24.59 20.48 181.20
N GLU E 142 -25.41 21.17 182.01
CA GLU E 142 -24.86 22.11 182.97
C GLU E 142 -23.81 21.47 183.86
N GLU E 143 -24.05 20.23 184.28
CA GLU E 143 -23.11 19.55 185.16
C GLU E 143 -21.88 19.04 184.42
N MET E 144 -21.94 18.93 183.10
CA MET E 144 -20.82 18.40 182.32
C MET E 144 -19.93 19.50 181.77
N VAL E 145 -20.51 20.63 181.37
CA VAL E 145 -19.80 21.71 180.69
C VAL E 145 -19.80 22.94 181.59
N GLU E 146 -18.60 23.43 181.93
CA GLU E 146 -18.48 24.52 182.90
C GLU E 146 -18.96 25.85 182.32
N ASP E 147 -18.53 26.18 181.10
CA ASP E 147 -18.78 27.50 180.53
C ASP E 147 -20.22 27.59 180.01
N SER E 148 -20.89 28.69 180.32
CA SER E 148 -22.30 28.83 179.98
C SER E 148 -22.51 28.90 178.48
N VAL E 149 -21.66 29.63 177.75
CA VAL E 149 -21.77 29.67 176.31
C VAL E 149 -21.50 28.30 175.70
N ASP E 150 -20.41 27.66 176.14
CA ASP E 150 -20.11 26.32 175.66
C ASP E 150 -21.21 25.36 176.01
N CYS E 151 -21.73 25.44 177.25
CA CYS E 151 -22.80 24.54 177.64
C CYS E 151 -24.04 24.74 176.79
N TYR E 152 -24.40 26.00 176.51
CA TYR E 152 -25.58 26.24 175.69
C TYR E 152 -25.40 25.70 174.29
N TRP E 153 -24.24 25.95 173.69
CA TRP E 153 -24.03 25.50 172.32
C TRP E 153 -23.99 23.98 172.24
N ILE E 154 -23.29 23.34 173.17
CA ILE E 154 -23.26 21.89 173.23
C ILE E 154 -24.66 21.34 173.40
N THR E 155 -25.45 21.94 174.28
CA THR E 155 -26.82 21.49 174.51
C THR E 155 -27.66 21.61 173.25
N ARG E 156 -27.63 22.78 172.61
CA ARG E 156 -28.48 23.01 171.44
C ARG E 156 -28.09 22.07 170.31
N ARG E 157 -26.80 21.89 170.07
CA ARG E 157 -26.38 21.01 168.99
C ARG E 157 -26.72 19.56 169.30
N PHE E 158 -26.59 19.14 170.56
CA PHE E 158 -26.97 17.79 170.94
C PHE E 158 -28.46 17.53 170.71
N VAL E 159 -29.31 18.43 171.19
CA VAL E 159 -30.75 18.27 171.00
C VAL E 159 -31.12 18.34 169.53
N ASN E 160 -30.43 19.20 168.78
CA ASN E 160 -30.68 19.27 167.34
C ASN E 160 -30.24 18.00 166.65
N GLN E 161 -29.18 17.34 167.12
CA GLN E 161 -28.83 16.03 166.59
C GLN E 161 -29.94 15.03 166.85
N LEU E 162 -30.54 15.09 168.04
CA LEU E 162 -31.66 14.20 168.30
C LEU E 162 -32.82 14.46 167.34
N ASN E 163 -33.06 15.72 166.99
CA ASN E 163 -34.18 16.03 166.09
C ASN E 163 -33.84 15.93 164.61
N THR E 164 -32.55 15.93 164.25
CA THR E 164 -32.14 15.88 162.85
C THR E 164 -31.33 14.63 162.53
N LYS E 165 -30.22 14.39 163.23
CA LYS E 165 -29.38 13.25 162.91
C LYS E 165 -30.02 11.93 163.31
N TYR E 166 -30.97 11.96 164.24
CA TYR E 166 -31.57 10.74 164.75
C TYR E 166 -33.10 10.79 164.77
N ARG E 167 -33.71 11.64 163.94
CA ARG E 167 -35.17 11.71 163.96
C ARG E 167 -35.80 10.36 163.61
N ASP E 168 -35.13 9.59 162.77
CA ASP E 168 -35.60 8.24 162.44
C ASP E 168 -34.97 7.16 163.29
N SER E 169 -33.74 7.37 163.78
CA SER E 169 -33.04 6.31 164.51
C SER E 169 -33.60 6.11 165.92
N LEU E 170 -33.89 7.22 166.61
CA LEU E 170 -34.42 7.12 167.96
C LEU E 170 -35.70 6.29 168.05
N PRO E 171 -36.70 6.45 167.18
CA PRO E 171 -37.89 5.59 167.28
C PRO E 171 -37.59 4.11 167.14
N GLN E 172 -36.55 3.75 166.40
CA GLN E 172 -36.17 2.34 166.32
C GLN E 172 -35.49 1.84 167.58
N LEU E 173 -34.92 2.75 168.37
CA LEU E 173 -34.20 2.31 169.58
C LEU E 173 -35.00 1.42 170.54
N PRO E 174 -36.29 1.65 170.81
CA PRO E 174 -37.00 0.71 171.71
C PRO E 174 -36.99 -0.72 171.23
N LYS E 175 -37.16 -0.93 169.92
CA LYS E 175 -37.13 -2.29 169.38
C LYS E 175 -35.73 -2.88 169.50
N ALA E 176 -34.69 -2.07 169.27
CA ALA E 176 -33.34 -2.55 169.45
C ALA E 176 -33.08 -2.93 170.89
N PHE E 177 -33.66 -2.20 171.82
CA PHE E 177 -33.60 -2.58 173.23
C PHE E 177 -34.24 -3.93 173.45
N GLU E 178 -35.46 -4.12 172.90
CA GLU E 178 -36.14 -5.39 173.06
C GLU E 178 -35.35 -6.54 172.45
N GLN E 179 -34.58 -6.26 171.40
CA GLN E 179 -33.76 -7.30 170.77
C GLN E 179 -32.54 -7.63 171.62
N TYR E 180 -31.70 -6.63 171.90
CA TYR E 180 -30.45 -6.91 172.59
C TYR E 180 -30.68 -7.33 174.03
N LEU E 181 -31.78 -6.90 174.64
CA LEU E 181 -32.11 -7.35 175.99
C LEU E 181 -32.26 -8.86 176.02
N ASN E 182 -33.01 -9.41 175.06
CA ASN E 182 -33.13 -10.85 174.97
C ASN E 182 -31.80 -11.48 174.61
N LEU E 183 -31.05 -10.85 173.69
CA LEU E 183 -29.80 -11.44 173.24
C LEU E 183 -28.76 -11.53 174.35
N GLU E 184 -28.91 -10.77 175.43
CA GLU E 184 -28.02 -10.95 176.57
C GLU E 184 -28.64 -11.71 177.73
N ASP E 185 -29.96 -11.58 177.96
CA ASP E 185 -30.66 -12.46 178.90
C ASP E 185 -32.13 -12.53 178.44
N GLY E 186 -32.43 -13.55 177.63
CA GLY E 186 -33.79 -13.70 177.13
C GLY E 186 -34.83 -13.83 178.24
N ARG E 187 -34.50 -14.58 179.28
CA ARG E 187 -35.46 -14.78 180.37
C ARG E 187 -35.85 -13.46 181.02
N LEU E 188 -34.96 -12.46 180.98
CA LEU E 188 -35.28 -11.16 181.56
C LEU E 188 -36.37 -10.44 180.76
N LEU E 189 -36.22 -10.40 179.43
CA LEU E 189 -37.27 -9.82 178.62
C LEU E 189 -38.55 -10.63 178.72
N THR E 190 -38.44 -11.95 178.88
CA THR E 190 -39.63 -12.76 179.10
C THR E 190 -40.30 -12.39 180.41
N HIS E 191 -39.51 -12.13 181.45
CA HIS E 191 -40.04 -11.65 182.72
C HIS E 191 -40.77 -10.32 182.54
N LEU E 192 -40.21 -9.43 181.73
CA LEU E 192 -40.86 -8.15 181.49
C LEU E 192 -42.16 -8.33 180.71
N ARG E 193 -42.15 -9.18 179.68
CA ARG E 193 -43.33 -9.33 178.84
C ARG E 193 -44.44 -10.09 179.55
N MET E 194 -44.09 -11.00 180.46
CA MET E 194 -45.11 -11.61 181.32
C MET E 194 -45.84 -10.55 182.13
N CYS E 195 -45.14 -9.50 182.53
CA CYS E 195 -45.78 -8.33 183.13
C CYS E 195 -46.42 -7.43 182.08
N SER E 196 -46.20 -7.70 180.79
CA SER E 196 -46.71 -6.89 179.70
C SER E 196 -46.29 -5.42 179.86
N ALA E 197 -45.14 -5.21 180.50
CA ALA E 197 -44.64 -3.88 180.81
C ALA E 197 -43.65 -3.38 179.78
N ALA E 198 -43.37 -4.16 178.74
CA ALA E 198 -42.38 -3.74 177.75
C ALA E 198 -42.74 -2.42 177.07
N PRO E 199 -43.98 -2.19 176.61
CA PRO E 199 -44.29 -0.87 176.04
C PRO E 199 -44.40 0.25 177.07
N LYS E 200 -44.48 -0.06 178.37
CA LYS E 200 -44.60 0.95 179.40
C LYS E 200 -43.27 1.32 180.03
N LEU E 201 -42.16 0.77 179.52
CA LEU E 201 -40.84 1.18 179.99
C LEU E 201 -40.55 2.62 179.57
N PRO E 202 -39.71 3.34 180.32
CA PRO E 202 -39.53 4.79 180.07
C PRO E 202 -38.61 5.09 178.89
N TYR E 203 -39.12 4.88 177.69
CA TYR E 203 -38.31 5.11 176.50
C TYR E 203 -38.15 6.59 176.19
N ASP E 204 -39.12 7.42 176.58
CA ASP E 204 -38.95 8.86 176.41
C ASP E 204 -37.78 9.39 177.24
N LEU E 205 -37.62 8.88 178.46
CA LEU E 205 -36.44 9.23 179.26
C LEU E 205 -35.16 8.74 178.60
N TRP E 206 -35.13 7.47 178.19
CA TRP E 206 -33.88 6.88 177.73
C TRP E 206 -33.44 7.45 176.39
N PHE E 207 -34.38 7.72 175.50
CA PHE E 207 -34.07 7.93 174.10
C PHE E 207 -34.54 9.26 173.54
N LYS E 208 -35.44 9.97 174.22
CA LYS E 208 -35.67 11.36 173.85
C LYS E 208 -34.84 12.30 174.73
N ARG E 209 -34.82 12.05 176.03
CA ARG E 209 -33.99 12.78 176.97
C ARG E 209 -32.60 12.19 177.13
N CYS E 210 -32.32 11.06 176.48
CA CYS E 210 -30.98 10.48 176.42
C CYS E 210 -30.39 10.22 177.79
N PHE E 211 -31.21 9.66 178.69
CA PHE E 211 -30.88 9.36 180.08
C PHE E 211 -30.57 10.59 180.91
N ALA E 212 -30.87 11.79 180.41
CA ALA E 212 -30.75 12.96 181.26
C ALA E 212 -31.69 12.82 182.44
N GLY E 213 -31.16 12.95 183.65
CA GLY E 213 -31.95 12.76 184.85
C GLY E 213 -32.07 11.34 185.30
N CYS E 214 -31.53 10.38 184.56
CA CYS E 214 -31.51 8.98 184.96
C CYS E 214 -30.16 8.54 185.49
N LEU E 215 -29.09 8.97 184.84
CA LEU E 215 -27.74 8.67 185.27
C LEU E 215 -27.07 9.92 185.79
N PRO E 216 -26.20 9.81 186.78
CA PRO E 216 -25.40 10.97 187.18
C PRO E 216 -24.55 11.45 186.02
N GLU E 217 -24.40 12.76 185.93
CA GLU E 217 -23.77 13.37 184.77
C GLU E 217 -22.29 13.00 184.67
N SER E 218 -21.65 12.65 185.79
CA SER E 218 -20.28 12.16 185.79
C SER E 218 -20.10 10.89 184.98
N SER E 219 -21.17 10.13 184.75
CA SER E 219 -21.11 8.95 183.91
C SER E 219 -22.05 9.00 182.73
N LEU E 220 -23.10 9.83 182.78
CA LEU E 220 -23.87 10.12 181.58
C LEU E 220 -23.00 10.75 180.51
N GLN E 221 -21.95 11.47 180.91
CA GLN E 221 -21.05 12.03 179.89
C GLN E 221 -20.34 10.94 179.09
N ARG E 222 -20.04 9.80 179.71
CA ARG E 222 -19.42 8.70 178.96
C ARG E 222 -20.37 8.19 177.87
N VAL E 223 -21.67 8.14 178.15
CA VAL E 223 -22.67 7.83 177.12
C VAL E 223 -22.66 8.88 176.04
N TRP E 224 -22.69 10.14 176.46
CA TRP E 224 -22.91 11.22 175.51
C TRP E 224 -21.71 11.46 174.62
N ASP E 225 -20.51 11.05 175.04
CA ASP E 225 -19.39 10.97 174.12
C ASP E 225 -19.79 10.23 172.85
N LYS E 226 -20.46 9.09 173.03
CA LYS E 226 -20.85 8.24 171.92
C LYS E 226 -22.05 8.80 171.18
N VAL E 227 -22.97 9.43 171.89
CA VAL E 227 -24.13 10.02 171.21
C VAL E 227 -23.69 11.17 170.31
N VAL E 228 -22.71 11.95 170.76
CA VAL E 228 -22.17 13.02 169.93
C VAL E 228 -21.49 12.46 168.69
N SER E 229 -20.72 11.39 168.86
CA SER E 229 -20.04 10.77 167.73
C SER E 229 -20.90 9.72 167.03
N GLY E 230 -22.14 10.09 166.69
CA GLY E 230 -22.93 9.36 165.73
C GLY E 230 -23.64 8.12 166.20
N SER E 231 -23.47 7.70 167.46
CA SER E 231 -24.05 6.45 167.95
C SER E 231 -25.18 6.75 168.92
N CYS E 232 -26.41 6.50 168.50
CA CYS E 232 -27.51 6.49 169.45
C CYS E 232 -27.88 5.08 169.90
N LYS E 233 -27.28 4.04 169.33
CA LYS E 233 -27.45 2.69 169.85
C LYS E 233 -26.77 2.51 171.20
N ILE E 234 -25.78 3.35 171.51
CA ILE E 234 -25.19 3.34 172.84
C ILE E 234 -26.28 3.54 173.88
N LEU E 235 -27.32 4.30 173.54
CA LEU E 235 -28.43 4.48 174.47
C LEU E 235 -29.15 3.16 174.69
N VAL E 236 -29.38 2.40 173.63
CA VAL E 236 -30.01 1.09 173.75
C VAL E 236 -29.20 0.21 174.68
N PHE E 237 -27.89 0.17 174.49
CA PHE E 237 -27.08 -0.69 175.34
C PHE E 237 -26.96 -0.16 176.75
N VAL E 238 -27.07 1.16 176.94
CA VAL E 238 -27.09 1.70 178.29
C VAL E 238 -28.33 1.23 179.04
N ALA E 239 -29.48 1.28 178.38
CA ALA E 239 -30.70 0.75 179.00
C ALA E 239 -30.58 -0.74 179.27
N VAL E 240 -30.04 -1.48 178.30
CA VAL E 240 -29.90 -2.92 178.46
C VAL E 240 -29.02 -3.23 179.66
N GLU E 241 -27.91 -2.50 179.81
CA GLU E 241 -27.03 -2.73 180.96
C GLU E 241 -27.65 -2.22 182.24
N ILE E 242 -28.56 -1.24 182.16
CA ILE E 242 -29.33 -0.86 183.33
C ILE E 242 -30.10 -2.06 183.85
N LEU E 243 -30.83 -2.72 182.95
CA LEU E 243 -31.68 -3.82 183.40
C LEU E 243 -30.87 -5.07 183.72
N LEU E 244 -29.73 -5.27 183.06
CA LEU E 244 -28.85 -6.37 183.41
C LEU E 244 -28.22 -6.15 184.78
N THR E 245 -27.86 -4.91 185.09
CA THR E 245 -27.27 -4.61 186.40
C THR E 245 -28.28 -4.79 187.51
N PHE E 246 -29.56 -4.54 187.24
CA PHE E 246 -30.62 -4.67 188.23
C PHE E 246 -31.43 -5.93 188.05
N LYS E 247 -30.79 -7.02 187.61
CA LYS E 247 -31.48 -8.28 187.45
C LYS E 247 -32.07 -8.76 188.77
N ILE E 248 -31.34 -8.59 189.87
CA ILE E 248 -31.83 -8.98 191.18
C ILE E 248 -33.11 -8.24 191.51
N LYS E 249 -33.18 -6.96 191.17
CA LYS E 249 -34.38 -6.18 191.47
C LYS E 249 -35.47 -6.41 190.43
N VAL E 250 -35.11 -6.42 189.14
CA VAL E 250 -36.12 -6.52 188.11
C VAL E 250 -36.84 -7.87 188.17
N MET E 251 -36.09 -8.95 188.39
CA MET E 251 -36.74 -10.24 188.52
C MET E 251 -37.60 -10.35 189.77
N ALA E 252 -37.43 -9.43 190.72
CA ALA E 252 -38.32 -9.34 191.87
C ALA E 252 -39.45 -8.33 191.66
N LEU E 253 -39.36 -7.50 190.64
CA LEU E 253 -40.46 -6.61 190.30
C LEU E 253 -41.63 -7.43 189.73
N ASN E 254 -42.86 -6.98 190.03
CA ASN E 254 -44.02 -7.79 189.68
C ASN E 254 -45.19 -6.98 189.16
N SER E 255 -44.98 -5.74 188.70
CA SER E 255 -46.10 -4.96 188.20
C SER E 255 -45.57 -3.92 187.23
N ALA E 256 -46.38 -3.61 186.22
CA ALA E 256 -45.94 -2.71 185.15
C ALA E 256 -45.62 -1.33 185.69
N GLU E 257 -46.51 -0.79 186.52
CA GLU E 257 -46.28 0.55 187.07
C GLU E 257 -45.09 0.56 188.02
N LYS E 258 -44.93 -0.50 188.81
CA LYS E 258 -43.76 -0.60 189.68
C LYS E 258 -42.48 -0.61 188.88
N ILE E 259 -42.47 -1.35 187.77
CA ILE E 259 -41.29 -1.37 186.91
C ILE E 259 -41.03 0.01 186.31
N THR E 260 -42.08 0.67 185.84
CA THR E 260 -41.89 1.98 185.22
C THR E 260 -41.30 2.97 186.22
N LYS E 261 -41.83 2.97 187.45
CA LYS E 261 -41.31 3.90 188.45
C LYS E 261 -39.90 3.53 188.91
N PHE E 262 -39.59 2.24 189.01
CA PHE E 262 -38.22 1.88 189.37
C PHE E 262 -37.24 2.29 188.30
N LEU E 263 -37.61 2.12 187.03
CA LEU E 263 -36.69 2.44 185.95
C LEU E 263 -36.49 3.94 185.79
N GLU E 264 -37.42 4.75 186.28
CA GLU E 264 -37.17 6.19 186.24
C GLU E 264 -36.35 6.71 187.43
N ASN E 265 -36.09 5.90 188.44
CA ASN E 265 -35.38 6.34 189.63
C ASN E 265 -34.39 5.27 190.09
N ILE E 266 -33.62 4.73 189.16
CA ILE E 266 -32.70 3.64 189.48
C ILE E 266 -31.67 4.11 190.49
N PRO E 267 -31.15 3.23 191.34
CA PRO E 267 -30.04 3.62 192.21
C PRO E 267 -28.85 4.13 191.40
N GLN E 268 -28.27 5.24 191.85
CA GLN E 268 -27.22 5.90 191.11
C GLN E 268 -25.82 5.40 191.45
N ASP E 269 -25.69 4.56 192.48
CA ASP E 269 -24.36 4.10 192.87
C ASP E 269 -23.72 3.26 191.78
N SER E 270 -24.48 2.35 191.19
CA SER E 270 -23.95 1.44 190.19
C SER E 270 -23.90 2.04 188.80
N SER E 271 -24.12 3.34 188.66
CA SER E 271 -24.26 3.94 187.33
C SER E 271 -22.94 4.01 186.57
N ASP E 272 -21.83 4.26 187.27
CA ASP E 272 -20.53 4.25 186.61
C ASP E 272 -20.28 2.91 185.95
N ALA E 273 -20.47 1.83 186.71
CA ALA E 273 -20.34 0.50 186.16
C ALA E 273 -21.40 0.22 185.10
N ILE E 274 -22.60 0.77 185.25
CA ILE E 274 -23.65 0.60 184.25
C ILE E 274 -23.15 1.11 182.90
N VAL E 275 -22.63 2.33 182.87
CA VAL E 275 -22.23 2.90 181.59
C VAL E 275 -20.97 2.22 181.08
N SER E 276 -20.05 1.87 181.98
CA SER E 276 -18.84 1.16 181.55
C SER E 276 -19.19 -0.16 180.88
N LYS E 277 -20.06 -0.95 181.50
CA LYS E 277 -20.45 -2.23 180.92
C LYS E 277 -21.42 -2.07 179.76
N ALA E 278 -22.13 -0.95 179.66
CA ALA E 278 -22.93 -0.67 178.47
C ALA E 278 -22.04 -0.37 177.27
N ILE E 279 -20.95 0.36 177.51
CA ILE E 279 -19.96 0.57 176.46
C ILE E 279 -19.26 -0.74 176.11
N ASP E 280 -18.96 -1.58 177.11
CA ASP E 280 -18.40 -2.89 176.82
C ASP E 280 -19.37 -3.73 175.99
N LEU E 281 -20.65 -3.70 176.34
CA LEU E 281 -21.65 -4.48 175.62
C LEU E 281 -21.83 -3.96 174.20
N TRP E 282 -21.75 -2.64 174.02
CA TRP E 282 -21.91 -2.06 172.70
C TRP E 282 -20.68 -2.30 171.84
N HIS E 283 -19.50 -2.40 172.47
CA HIS E 283 -18.30 -2.84 171.78
C HIS E 283 -18.31 -4.34 171.47
N LYS E 284 -19.06 -5.13 172.24
CA LYS E 284 -19.16 -6.56 171.98
C LYS E 284 -20.18 -6.87 170.90
N HIS E 285 -21.34 -6.23 170.92
CA HIS E 285 -22.41 -6.57 170.00
C HIS E 285 -22.34 -5.77 168.70
N CYS E 286 -21.88 -4.53 168.73
CA CYS E 286 -21.68 -3.75 167.52
C CYS E 286 -20.22 -3.66 167.11
N GLY E 287 -19.34 -4.41 167.77
CA GLY E 287 -17.96 -4.51 167.36
C GLY E 287 -17.12 -3.33 167.78
N THR E 288 -15.81 -3.53 167.69
CA THR E 288 -14.86 -2.46 167.99
C THR E 288 -14.70 -1.55 166.78
N PRO E 289 -14.73 -0.24 166.96
CA PRO E 289 -14.45 0.66 165.83
C PRO E 289 -13.03 0.45 165.31
N VAL E 290 -12.89 0.56 163.98
CA VAL E 290 -11.62 0.35 163.30
C VAL E 290 -11.21 1.62 162.60
N HIS E 291 -9.97 2.05 162.81
CA HIS E 291 -9.46 3.23 162.13
C HIS E 291 -9.39 2.99 160.63
N SER E 292 -9.75 4.02 159.86
CA SER E 292 -9.78 3.89 158.41
C SER E 292 -8.36 3.89 157.83
N SER E 293 -8.18 3.13 156.76
CA SER E 293 -6.91 3.06 156.07
C SER E 293 -6.84 4.10 154.96
N HIS F 7 -24.29 -2.82 -200.35
CA HIS F 7 -22.87 -2.49 -200.26
C HIS F 7 -22.25 -3.09 -199.00
N GLY F 8 -22.01 -4.40 -199.03
CA GLY F 8 -21.32 -5.09 -197.95
C GLY F 8 -22.19 -5.58 -196.81
N LEU F 9 -23.44 -5.12 -196.72
CA LEU F 9 -24.32 -5.51 -195.62
C LEU F 9 -24.81 -6.95 -195.84
N LEU F 10 -24.42 -7.84 -194.94
CA LEU F 10 -24.85 -9.24 -194.99
C LEU F 10 -25.86 -9.61 -193.90
N TYR F 11 -25.85 -8.91 -192.77
CA TYR F 11 -26.72 -9.22 -191.64
C TYR F 11 -26.93 -7.98 -190.79
N ALA F 12 -28.08 -7.93 -190.10
CA ALA F 12 -28.37 -6.91 -189.10
C ALA F 12 -29.29 -7.50 -188.03
N GLY F 13 -29.09 -7.09 -186.77
CA GLY F 13 -29.90 -7.58 -185.68
C GLY F 13 -29.80 -6.83 -184.36
N PHE F 14 -30.94 -6.65 -183.67
CA PHE F 14 -30.98 -5.95 -182.39
C PHE F 14 -30.41 -6.81 -181.26
N ASN F 15 -30.02 -6.14 -180.18
CA ASN F 15 -29.59 -6.80 -178.95
C ASN F 15 -30.80 -7.09 -178.06
N GLN F 16 -30.52 -7.48 -176.80
CA GLN F 16 -31.56 -8.01 -175.92
C GLN F 16 -32.48 -6.91 -175.37
N ASP F 17 -32.00 -5.67 -175.26
CA ASP F 17 -32.86 -4.56 -174.83
C ASP F 17 -33.26 -3.65 -175.99
N HIS F 18 -32.91 -4.03 -177.23
CA HIS F 18 -33.19 -3.29 -178.45
C HIS F 18 -32.45 -1.96 -178.51
N GLY F 19 -31.67 -1.64 -177.47
CA GLY F 19 -30.96 -0.37 -177.42
C GLY F 19 -29.78 -0.27 -178.35
N CYS F 20 -29.31 -1.39 -178.89
CA CYS F 20 -28.25 -1.42 -179.88
C CYS F 20 -28.58 -2.46 -180.95
N PHE F 21 -27.99 -2.29 -182.13
CA PHE F 21 -28.04 -3.29 -183.18
C PHE F 21 -26.64 -3.46 -183.78
N ALA F 22 -26.38 -4.66 -184.27
CA ALA F 22 -25.08 -5.02 -184.85
C ALA F 22 -25.27 -5.45 -186.31
N CYS F 23 -24.26 -5.19 -187.12
CA CYS F 23 -24.32 -5.45 -188.56
C CYS F 23 -23.14 -6.30 -189.00
N GLY F 24 -23.41 -7.34 -189.78
CA GLY F 24 -22.36 -8.16 -190.36
C GLY F 24 -21.98 -7.63 -191.74
N MET F 25 -20.67 -7.48 -191.95
CA MET F 25 -20.12 -6.88 -193.16
C MET F 25 -19.18 -7.84 -193.86
N GLU F 26 -19.01 -7.65 -195.18
CA GLU F 26 -18.08 -8.45 -195.94
C GLU F 26 -16.64 -8.27 -195.45
N ASN F 27 -16.33 -7.11 -194.86
CA ASN F 27 -15.00 -6.84 -194.34
C ASN F 27 -14.90 -6.96 -192.82
N GLY F 28 -16.01 -7.18 -192.12
CA GLY F 28 -15.99 -7.21 -190.66
C GLY F 28 -17.35 -7.07 -190.01
N PHE F 29 -17.45 -6.25 -188.95
CA PHE F 29 -18.73 -6.00 -188.29
C PHE F 29 -18.80 -4.58 -187.78
N ARG F 30 -20.03 -4.11 -187.53
CA ARG F 30 -20.32 -2.78 -186.99
C ARG F 30 -21.36 -2.87 -185.89
N VAL F 31 -21.30 -1.93 -184.94
CA VAL F 31 -22.23 -1.85 -183.83
C VAL F 31 -22.75 -0.42 -183.72
N TYR F 32 -24.06 -0.28 -183.51
CA TYR F 32 -24.72 1.02 -183.48
C TYR F 32 -25.66 1.13 -182.29
N ASN F 33 -25.74 2.35 -181.72
CA ASN F 33 -26.83 2.68 -180.80
C ASN F 33 -28.12 2.85 -181.60
N THR F 34 -29.21 2.24 -181.11
CA THR F 34 -30.47 2.22 -181.86
C THR F 34 -31.14 3.60 -181.86
N ASP F 35 -31.18 4.27 -180.71
CA ASP F 35 -31.90 5.53 -180.60
C ASP F 35 -31.35 6.37 -179.45
N PRO F 36 -30.65 7.49 -179.74
CA PRO F 36 -30.37 8.04 -181.07
C PRO F 36 -29.33 7.24 -181.83
N LEU F 37 -29.42 7.27 -183.16
CA LEU F 37 -28.48 6.56 -184.01
C LEU F 37 -27.07 7.10 -183.82
N LYS F 38 -26.13 6.22 -183.49
CA LYS F 38 -24.73 6.58 -183.42
C LYS F 38 -23.87 5.32 -183.58
N GLU F 39 -22.87 5.39 -184.46
CA GLU F 39 -21.94 4.29 -184.64
C GLU F 39 -21.07 4.16 -183.40
N LYS F 40 -21.05 2.96 -182.81
CA LYS F 40 -20.24 2.69 -181.63
C LYS F 40 -18.91 2.04 -181.98
N GLU F 41 -18.92 1.11 -182.93
CA GLU F 41 -17.69 0.41 -183.31
C GLU F 41 -17.81 -0.10 -184.75
N LYS F 42 -16.67 -0.18 -185.42
CA LYS F 42 -16.55 -0.78 -186.74
C LYS F 42 -15.21 -1.49 -186.79
N GLN F 43 -15.23 -2.82 -186.84
CA GLN F 43 -14.03 -3.65 -186.76
C GLN F 43 -13.86 -4.47 -188.03
N GLU F 44 -12.68 -4.36 -188.65
CA GLU F 44 -12.34 -5.20 -189.80
C GLU F 44 -11.99 -6.61 -189.33
N PHE F 45 -12.56 -7.61 -189.99
CA PHE F 45 -12.37 -9.03 -189.69
C PHE F 45 -12.62 -9.79 -191.00
N LEU F 46 -11.53 -10.14 -191.68
CA LEU F 46 -11.59 -10.55 -193.09
C LEU F 46 -11.84 -12.06 -193.23
N GLU F 47 -12.54 -12.65 -192.25
CA GLU F 47 -12.83 -14.08 -192.27
C GLU F 47 -14.02 -14.41 -193.15
N GLY F 48 -13.95 -14.01 -194.42
CA GLY F 48 -15.01 -14.26 -195.39
C GLY F 48 -16.23 -13.38 -195.25
N GLY F 49 -16.21 -12.39 -194.37
CA GLY F 49 -17.38 -11.59 -194.06
C GLY F 49 -18.24 -12.22 -192.99
N VAL F 50 -18.87 -11.40 -192.14
CA VAL F 50 -19.66 -11.90 -191.01
C VAL F 50 -21.13 -11.94 -191.41
N GLY F 51 -21.74 -13.12 -191.35
CA GLY F 51 -23.12 -13.33 -191.72
C GLY F 51 -24.10 -13.40 -190.57
N HIS F 52 -23.62 -13.29 -189.32
CA HIS F 52 -24.48 -13.24 -188.14
C HIS F 52 -23.67 -12.69 -186.97
N VAL F 53 -24.20 -11.66 -186.31
CA VAL F 53 -23.58 -11.07 -185.12
C VAL F 53 -24.60 -11.12 -183.98
N GLU F 54 -24.18 -11.65 -182.83
CA GLU F 54 -25.00 -11.65 -181.63
C GLU F 54 -24.30 -10.87 -180.52
N MET F 55 -25.01 -9.93 -179.92
CA MET F 55 -24.52 -9.13 -178.81
C MET F 55 -24.97 -9.73 -177.49
N LEU F 56 -24.36 -9.24 -176.40
CA LEU F 56 -24.80 -9.51 -175.03
C LEU F 56 -24.95 -8.14 -174.38
N PHE F 57 -26.14 -7.57 -174.52
CA PHE F 57 -26.46 -6.20 -174.10
C PHE F 57 -25.47 -5.18 -174.68
N ARG F 58 -24.64 -4.57 -173.83
CA ARG F 58 -23.67 -3.58 -174.28
C ARG F 58 -22.23 -3.97 -173.95
N CYS F 59 -21.98 -5.25 -173.71
CA CYS F 59 -20.69 -5.70 -173.19
C CYS F 59 -19.69 -5.97 -174.31
N ASN F 60 -18.48 -6.35 -173.91
CA ASN F 60 -17.35 -6.50 -174.83
C ASN F 60 -17.36 -7.81 -175.60
N TYR F 61 -18.29 -8.74 -175.33
CA TYR F 61 -18.31 -10.04 -176.01
C TYR F 61 -19.38 -10.07 -177.09
N LEU F 62 -18.95 -10.40 -178.31
CA LEU F 62 -19.83 -10.55 -179.47
C LEU F 62 -19.60 -11.91 -180.11
N ALA F 63 -20.69 -12.52 -180.59
CA ALA F 63 -20.61 -13.80 -181.30
C ALA F 63 -20.67 -13.54 -182.80
N LEU F 64 -19.71 -14.07 -183.54
CA LEU F 64 -19.58 -13.86 -184.98
C LEU F 64 -19.60 -15.19 -185.71
N VAL F 65 -20.29 -15.24 -186.85
CA VAL F 65 -20.30 -16.40 -187.74
C VAL F 65 -19.60 -16.03 -189.04
N GLY F 66 -18.59 -16.81 -189.41
CA GLY F 66 -17.76 -16.49 -190.56
C GLY F 66 -18.40 -16.85 -191.89
N GLY F 67 -17.68 -16.50 -192.97
CA GLY F 67 -18.23 -16.65 -194.31
C GLY F 67 -18.56 -18.08 -194.69
N GLY F 68 -17.75 -19.04 -194.22
CA GLY F 68 -18.06 -20.45 -194.44
C GLY F 68 -19.22 -20.98 -193.61
N LYS F 69 -19.69 -20.21 -192.63
CA LYS F 69 -20.87 -20.51 -191.82
C LYS F 69 -20.75 -21.81 -191.03
N LYS F 70 -19.52 -22.32 -190.85
CA LYS F 70 -19.30 -23.54 -190.08
C LYS F 70 -18.43 -23.33 -188.85
N LYS F 71 -18.14 -22.08 -188.47
CA LYS F 71 -17.36 -21.78 -187.28
C LYS F 71 -18.00 -20.59 -186.55
N VAL F 72 -18.19 -20.74 -185.23
CA VAL F 72 -18.68 -19.68 -184.37
C VAL F 72 -17.48 -19.12 -183.61
N MET F 73 -17.29 -17.80 -183.67
CA MET F 73 -16.14 -17.14 -183.07
C MET F 73 -16.63 -16.09 -182.08
N ILE F 74 -16.23 -16.21 -180.82
CA ILE F 74 -16.54 -15.21 -179.81
C ILE F 74 -15.40 -14.20 -179.80
N TRP F 75 -15.74 -12.93 -179.99
CA TRP F 75 -14.78 -11.85 -180.14
C TRP F 75 -14.86 -10.93 -178.93
N ASP F 76 -13.71 -10.70 -178.29
CA ASP F 76 -13.60 -9.76 -177.17
C ASP F 76 -13.13 -8.42 -177.72
N ASP F 77 -14.04 -7.45 -177.78
CA ASP F 77 -13.73 -6.15 -178.36
C ASP F 77 -12.82 -5.31 -177.48
N LEU F 78 -12.69 -5.65 -176.19
CA LEU F 78 -11.74 -4.98 -175.32
C LEU F 78 -10.32 -5.49 -175.54
N LYS F 79 -10.16 -6.80 -175.70
CA LYS F 79 -8.86 -7.38 -176.04
C LYS F 79 -8.56 -7.34 -177.53
N LYS F 80 -9.57 -7.05 -178.35
CA LYS F 80 -9.46 -7.00 -179.80
C LYS F 80 -8.92 -8.30 -180.38
N LYS F 81 -9.49 -9.41 -179.93
CA LYS F 81 -9.14 -10.73 -180.46
C LYS F 81 -10.27 -11.73 -180.23
N THR F 82 -10.29 -12.77 -181.06
CA THR F 82 -11.18 -13.89 -180.85
C THR F 82 -10.71 -14.69 -179.64
N VAL F 83 -11.64 -14.99 -178.72
CA VAL F 83 -11.29 -15.67 -177.47
C VAL F 83 -11.76 -17.12 -177.47
N ILE F 84 -12.82 -17.42 -178.25
CA ILE F 84 -13.38 -18.77 -178.31
C ILE F 84 -13.69 -19.09 -179.77
N GLU F 85 -13.39 -20.34 -180.18
CA GLU F 85 -13.78 -20.85 -181.48
C GLU F 85 -14.47 -22.20 -181.32
N ILE F 86 -15.69 -22.31 -181.85
CA ILE F 86 -16.44 -23.57 -181.92
C ILE F 86 -16.75 -23.83 -183.40
N GLU F 87 -16.43 -25.03 -183.88
CA GLU F 87 -16.63 -25.37 -185.29
C GLU F 87 -17.56 -26.57 -185.43
N PHE F 88 -18.28 -26.58 -186.56
CA PHE F 88 -19.37 -27.52 -186.82
C PHE F 88 -19.21 -28.14 -188.20
N SER F 89 -19.67 -29.39 -188.35
CA SER F 89 -19.65 -30.03 -189.66
C SER F 89 -20.76 -29.50 -190.55
N THR F 90 -21.91 -29.15 -189.98
CA THR F 90 -23.02 -28.53 -190.69
C THR F 90 -22.96 -27.02 -190.56
N GLU F 91 -23.78 -26.33 -191.37
CA GLU F 91 -23.81 -24.88 -191.36
C GLU F 91 -24.52 -24.32 -190.13
N VAL F 92 -23.90 -23.33 -189.50
CA VAL F 92 -24.53 -22.58 -188.42
C VAL F 92 -25.55 -21.61 -189.00
N LYS F 93 -26.77 -21.62 -188.45
CA LYS F 93 -27.83 -20.72 -188.90
C LYS F 93 -28.04 -19.52 -188.00
N ALA F 94 -27.76 -19.64 -186.69
CA ALA F 94 -27.86 -18.52 -185.76
C ALA F 94 -27.09 -18.84 -184.48
N VAL F 95 -26.81 -17.79 -183.70
CA VAL F 95 -26.16 -17.90 -182.40
C VAL F 95 -26.87 -16.96 -181.42
N LYS F 96 -27.05 -17.41 -180.18
CA LYS F 96 -27.63 -16.60 -179.10
C LYS F 96 -26.73 -16.67 -177.87
N LEU F 97 -26.68 -15.58 -177.09
CA LEU F 97 -25.72 -15.44 -175.99
C LEU F 97 -26.39 -15.05 -174.67
N ARG F 98 -25.78 -15.48 -173.57
CA ARG F 98 -26.14 -15.06 -172.21
C ARG F 98 -24.91 -15.21 -171.32
N ARG F 99 -24.98 -14.65 -170.11
CA ARG F 99 -23.81 -14.54 -169.23
C ARG F 99 -23.13 -15.88 -168.98
N ASP F 100 -23.89 -16.98 -168.97
CA ASP F 100 -23.35 -18.28 -168.62
C ASP F 100 -23.55 -19.37 -169.67
N ARG F 101 -24.15 -19.05 -170.83
CA ARG F 101 -24.43 -20.05 -171.86
C ARG F 101 -24.22 -19.48 -173.26
N ILE F 102 -23.73 -20.33 -174.15
CA ILE F 102 -23.62 -20.05 -175.58
C ILE F 102 -24.54 -21.02 -176.31
N VAL F 103 -25.46 -20.49 -177.12
CA VAL F 103 -26.46 -21.31 -177.81
C VAL F 103 -26.24 -21.19 -179.31
N VAL F 104 -26.03 -22.32 -179.99
CA VAL F 104 -25.76 -22.36 -181.42
C VAL F 104 -26.89 -23.11 -182.11
N VAL F 105 -27.41 -22.51 -183.19
CA VAL F 105 -28.57 -23.02 -183.92
C VAL F 105 -28.11 -23.57 -185.27
N LEU F 106 -28.45 -24.82 -185.54
CA LEU F 106 -28.21 -25.46 -186.83
C LEU F 106 -29.54 -25.63 -187.56
N ASP F 107 -29.46 -26.17 -188.79
CA ASP F 107 -30.65 -26.30 -189.62
C ASP F 107 -31.58 -27.43 -189.17
N SER F 108 -31.17 -28.26 -188.21
CA SER F 108 -31.97 -29.37 -187.73
C SER F 108 -31.97 -29.55 -186.21
N MET F 109 -31.06 -28.90 -185.48
CA MET F 109 -30.96 -29.07 -184.03
C MET F 109 -30.26 -27.85 -183.44
N ILE F 110 -30.33 -27.74 -182.12
CA ILE F 110 -29.72 -26.64 -181.37
C ILE F 110 -28.86 -27.24 -180.25
N LYS F 111 -27.67 -26.66 -180.05
CA LYS F 111 -26.74 -27.14 -179.03
C LYS F 111 -26.38 -26.01 -178.07
N VAL F 112 -26.31 -26.34 -176.79
CA VAL F 112 -26.02 -25.38 -175.72
C VAL F 112 -24.64 -25.69 -175.15
N PHE F 113 -23.79 -24.66 -175.05
CA PHE F 113 -22.42 -24.78 -174.57
C PHE F 113 -22.18 -23.83 -173.40
N THR F 114 -21.17 -24.14 -172.59
CA THR F 114 -20.73 -23.23 -171.54
C THR F 114 -19.93 -22.08 -172.13
N PHE F 115 -19.94 -20.95 -171.44
CA PHE F 115 -19.14 -19.78 -171.82
C PHE F 115 -17.74 -19.82 -171.21
N THR F 116 -17.04 -20.94 -171.34
CA THR F 116 -15.69 -21.13 -170.81
C THR F 116 -14.66 -21.09 -171.93
N HIS F 117 -13.38 -21.03 -171.53
CA HIS F 117 -12.28 -20.93 -172.50
C HIS F 117 -12.33 -22.07 -173.52
N ASN F 118 -12.49 -23.29 -173.03
CA ASN F 118 -12.88 -24.42 -173.86
C ASN F 118 -14.33 -24.76 -173.53
N PRO F 119 -15.28 -24.44 -174.40
CA PRO F 119 -16.69 -24.70 -174.08
C PRO F 119 -17.00 -26.19 -173.97
N HIS F 120 -17.97 -26.52 -173.12
CA HIS F 120 -18.48 -27.87 -172.94
C HIS F 120 -19.95 -27.91 -173.35
N GLN F 121 -20.31 -28.90 -174.16
CA GLN F 121 -21.69 -29.03 -174.65
C GLN F 121 -22.57 -29.59 -173.54
N LEU F 122 -23.53 -28.78 -173.09
CA LEU F 122 -24.42 -29.14 -171.99
C LEU F 122 -25.68 -29.87 -172.46
N HIS F 123 -26.31 -29.41 -173.54
CA HIS F 123 -27.57 -29.95 -174.03
C HIS F 123 -27.59 -29.95 -175.55
N VAL F 124 -28.43 -30.81 -176.12
CA VAL F 124 -28.83 -30.74 -177.52
C VAL F 124 -30.35 -30.85 -177.60
N PHE F 125 -30.96 -30.08 -178.51
CA PHE F 125 -32.40 -30.09 -178.71
C PHE F 125 -32.70 -30.19 -180.19
N GLU F 126 -33.64 -31.06 -180.56
CA GLU F 126 -34.00 -31.27 -181.95
C GLU F 126 -35.09 -30.28 -182.40
N THR F 127 -35.02 -29.89 -183.68
CA THR F 127 -35.96 -28.96 -184.29
C THR F 127 -36.37 -29.48 -185.66
N CYS F 128 -37.42 -28.89 -186.21
CA CYS F 128 -37.73 -29.09 -187.63
C CYS F 128 -36.68 -28.38 -188.48
N TYR F 129 -36.79 -28.50 -189.81
CA TYR F 129 -35.88 -27.81 -190.71
C TYR F 129 -35.99 -26.29 -190.51
N ASN F 130 -34.88 -25.67 -190.11
CA ASN F 130 -34.87 -24.29 -189.63
C ASN F 130 -33.77 -23.50 -190.34
N PRO F 131 -33.90 -23.28 -191.66
CA PRO F 131 -32.87 -22.51 -192.38
C PRO F 131 -32.84 -21.04 -191.99
N LYS F 132 -33.91 -20.51 -191.42
CA LYS F 132 -33.95 -19.12 -190.97
C LYS F 132 -33.31 -18.91 -189.60
N GLY F 133 -32.94 -19.99 -188.90
CA GLY F 133 -32.32 -19.87 -187.60
C GLY F 133 -33.20 -19.31 -186.50
N LEU F 134 -34.49 -19.67 -186.51
CA LEU F 134 -35.42 -19.15 -185.51
C LEU F 134 -35.10 -19.72 -184.13
N CYS F 135 -34.89 -18.82 -183.16
CA CYS F 135 -34.57 -19.18 -181.78
C CYS F 135 -34.59 -17.91 -180.93
N VAL F 136 -35.10 -18.02 -179.69
CA VAL F 136 -35.05 -16.91 -178.73
C VAL F 136 -34.59 -17.45 -177.38
N LEU F 137 -33.76 -16.64 -176.70
CA LEU F 137 -33.15 -16.99 -175.42
C LEU F 137 -33.28 -15.81 -174.47
N CYS F 138 -33.74 -16.08 -173.25
CA CYS F 138 -33.88 -15.02 -172.24
C CYS F 138 -32.55 -14.82 -171.53
N PRO F 139 -31.99 -13.60 -171.53
CA PRO F 139 -30.72 -13.35 -170.83
C PRO F 139 -30.88 -12.99 -169.36
N ASN F 140 -32.10 -12.82 -168.88
CA ASN F 140 -32.31 -12.38 -167.50
C ASN F 140 -31.81 -13.42 -166.51
N SER F 141 -31.34 -12.95 -165.35
CA SER F 141 -30.75 -13.86 -164.37
C SER F 141 -31.79 -14.79 -163.77
N ASN F 142 -33.03 -14.33 -163.62
CA ASN F 142 -34.09 -15.11 -163.00
C ASN F 142 -34.91 -15.92 -164.00
N ASN F 143 -34.50 -15.96 -165.27
CA ASN F 143 -35.25 -16.68 -166.30
C ASN F 143 -34.27 -17.08 -167.41
N SER F 144 -33.87 -18.36 -167.42
CA SER F 144 -32.97 -18.90 -168.45
C SER F 144 -33.73 -19.66 -169.53
N LEU F 145 -34.91 -19.16 -169.90
CA LEU F 145 -35.75 -19.80 -170.90
C LEU F 145 -35.11 -19.81 -172.29
N LEU F 146 -35.26 -20.93 -172.99
CA LEU F 146 -34.90 -21.08 -174.39
C LEU F 146 -36.11 -21.60 -175.16
N ALA F 147 -36.38 -21.02 -176.34
CA ALA F 147 -37.53 -21.42 -177.15
C ALA F 147 -37.13 -21.57 -178.62
N PHE F 148 -37.68 -22.58 -179.28
CA PHE F 148 -37.27 -22.95 -180.63
C PHE F 148 -38.42 -23.68 -181.34
N PRO F 149 -38.42 -23.72 -182.68
CA PRO F 149 -39.46 -24.48 -183.39
C PRO F 149 -39.25 -25.98 -183.21
N GLY F 150 -40.32 -26.67 -182.84
CA GLY F 150 -40.26 -28.11 -182.61
C GLY F 150 -40.23 -28.91 -183.90
N THR F 151 -40.21 -30.24 -183.74
CA THR F 151 -40.28 -31.13 -184.89
C THR F 151 -41.67 -31.12 -185.52
N HIS F 152 -42.70 -30.89 -184.73
CA HIS F 152 -44.06 -30.71 -185.25
C HIS F 152 -44.12 -29.39 -186.02
N THR F 153 -44.56 -29.46 -187.28
CA THR F 153 -44.61 -28.26 -188.12
C THR F 153 -45.67 -27.30 -187.60
N GLY F 154 -45.23 -26.13 -187.12
CA GLY F 154 -46.11 -25.15 -186.52
C GLY F 154 -46.11 -25.13 -185.01
N HIS F 155 -45.37 -26.02 -184.34
CA HIS F 155 -45.26 -26.05 -182.90
C HIS F 155 -43.98 -25.36 -182.44
N VAL F 156 -44.03 -24.73 -181.27
CA VAL F 156 -42.88 -24.10 -180.63
C VAL F 156 -42.62 -24.80 -179.30
N GLN F 157 -41.38 -25.24 -179.10
CA GLN F 157 -40.99 -25.93 -177.87
C GLN F 157 -40.17 -25.00 -176.99
N LEU F 158 -40.45 -25.02 -175.69
CA LEU F 158 -39.82 -24.16 -174.70
C LEU F 158 -39.14 -25.00 -173.62
N VAL F 159 -37.92 -24.62 -173.25
CA VAL F 159 -37.10 -25.33 -172.27
C VAL F 159 -36.48 -24.31 -171.33
N ASP F 160 -36.49 -24.61 -170.02
CA ASP F 160 -35.77 -23.81 -169.03
C ASP F 160 -34.35 -24.36 -168.90
N LEU F 161 -33.35 -23.53 -169.23
CA LEU F 161 -31.97 -23.98 -169.15
C LEU F 161 -31.46 -24.13 -167.72
N ALA F 162 -32.19 -23.63 -166.73
CA ALA F 162 -31.86 -23.90 -165.33
C ALA F 162 -32.43 -25.26 -164.89
N SER F 163 -33.76 -25.38 -164.93
CA SER F 163 -34.42 -26.65 -164.60
C SER F 163 -34.59 -27.51 -165.86
N THR F 164 -33.44 -27.97 -166.37
CA THR F 164 -33.44 -28.75 -167.61
C THR F 164 -34.14 -30.09 -167.44
N GLU F 165 -34.24 -30.59 -166.21
CA GLU F 165 -34.92 -31.85 -165.94
C GLU F 165 -36.45 -31.71 -166.04
N LYS F 166 -36.97 -30.49 -166.05
CA LYS F 166 -38.42 -30.28 -166.20
C LYS F 166 -38.84 -30.56 -167.64
N PRO F 167 -39.99 -31.22 -167.86
CA PRO F 167 -40.44 -31.50 -169.23
C PRO F 167 -40.69 -30.22 -170.02
N PRO F 168 -40.49 -30.26 -171.34
CA PRO F 168 -40.68 -29.06 -172.16
C PRO F 168 -42.15 -28.73 -172.37
N VAL F 169 -42.39 -27.49 -172.80
CA VAL F 169 -43.74 -27.01 -173.14
C VAL F 169 -43.84 -26.93 -174.66
N ASP F 170 -44.84 -27.61 -175.23
CA ASP F 170 -45.02 -27.75 -176.67
C ASP F 170 -46.25 -26.94 -177.08
N ILE F 171 -46.02 -25.72 -177.56
CA ILE F 171 -47.09 -24.79 -177.92
C ILE F 171 -47.51 -24.99 -179.37
N PRO F 172 -48.77 -25.37 -179.64
CA PRO F 172 -49.26 -25.57 -181.02
C PRO F 172 -49.63 -24.26 -181.70
N ALA F 173 -48.60 -23.47 -182.03
CA ALA F 173 -48.81 -22.07 -182.42
C ALA F 173 -49.59 -21.95 -183.72
N HIS F 174 -49.13 -22.63 -184.78
CA HIS F 174 -49.72 -22.51 -186.10
C HIS F 174 -49.79 -23.89 -186.75
N GLU F 175 -50.50 -23.96 -187.87
CA GLU F 175 -50.65 -25.21 -188.61
C GLU F 175 -49.67 -25.32 -189.78
N GLY F 176 -48.79 -24.33 -189.98
CA GLY F 176 -47.81 -24.35 -191.03
C GLY F 176 -46.42 -24.02 -190.51
N VAL F 177 -45.46 -23.96 -191.45
CA VAL F 177 -44.08 -23.67 -191.10
C VAL F 177 -43.97 -22.29 -190.46
N LEU F 178 -43.14 -22.19 -189.42
CA LEU F 178 -42.95 -20.94 -188.70
C LEU F 178 -42.01 -20.01 -189.47
N SER F 179 -42.38 -18.73 -189.55
CA SER F 179 -41.57 -17.72 -190.21
C SER F 179 -40.80 -16.83 -189.24
N CYS F 180 -41.33 -16.60 -188.05
CA CYS F 180 -40.70 -15.71 -187.09
C CYS F 180 -41.12 -16.07 -185.67
N ILE F 181 -40.23 -15.84 -184.71
CA ILE F 181 -40.48 -16.01 -183.28
C ILE F 181 -39.82 -14.86 -182.53
N ALA F 182 -40.51 -14.33 -181.52
CA ALA F 182 -39.99 -13.21 -180.74
C ALA F 182 -40.32 -13.40 -179.25
N LEU F 183 -39.46 -12.85 -178.40
CA LEU F 183 -39.60 -12.96 -176.94
C LEU F 183 -39.58 -11.56 -176.32
N ASN F 184 -40.44 -11.36 -175.31
CA ASN F 184 -40.52 -10.05 -174.66
C ASN F 184 -39.33 -9.84 -173.72
N LEU F 185 -39.17 -8.59 -173.27
CA LEU F 185 -37.98 -8.20 -172.53
C LEU F 185 -37.88 -8.92 -171.18
N GLN F 186 -39.01 -9.26 -170.57
CA GLN F 186 -39.02 -9.99 -169.31
C GLN F 186 -38.97 -11.51 -169.49
N GLY F 187 -39.07 -12.00 -170.72
CA GLY F 187 -39.04 -13.44 -170.97
C GLY F 187 -40.32 -14.18 -170.62
N THR F 188 -41.41 -13.48 -170.37
CA THR F 188 -42.66 -14.11 -169.95
C THR F 188 -43.61 -14.41 -171.12
N ARG F 189 -43.50 -13.67 -172.23
CA ARG F 189 -44.43 -13.79 -173.36
C ARG F 189 -43.67 -14.01 -174.66
N ILE F 190 -44.21 -14.88 -175.53
CA ILE F 190 -43.57 -15.25 -176.79
C ILE F 190 -44.55 -15.02 -177.94
N ALA F 191 -44.05 -14.43 -179.04
CA ALA F 191 -44.84 -14.17 -180.23
C ALA F 191 -44.45 -15.11 -181.36
N THR F 192 -45.44 -15.47 -182.20
CA THR F 192 -45.27 -16.47 -183.24
C THR F 192 -45.98 -16.05 -184.53
N ALA F 193 -45.42 -16.46 -185.68
CA ALA F 193 -46.01 -16.19 -186.98
C ALA F 193 -45.68 -17.31 -187.97
N SER F 194 -46.66 -17.67 -188.80
CA SER F 194 -46.52 -18.72 -189.80
C SER F 194 -46.11 -18.15 -191.16
N GLU F 195 -45.81 -19.04 -192.11
CA GLU F 195 -45.37 -18.62 -193.44
C GLU F 195 -46.49 -17.97 -194.26
N LYS F 196 -47.76 -18.17 -193.87
CA LYS F 196 -48.85 -17.41 -194.51
C LYS F 196 -48.81 -15.94 -194.12
N GLY F 197 -48.38 -15.65 -192.89
CA GLY F 197 -48.23 -14.27 -192.46
C GLY F 197 -49.52 -13.48 -192.33
N THR F 198 -50.65 -14.16 -192.16
CA THR F 198 -51.93 -13.47 -191.99
C THR F 198 -52.27 -13.23 -190.52
N LEU F 199 -51.94 -14.18 -189.65
CA LEU F 199 -52.25 -14.10 -188.22
C LEU F 199 -50.99 -14.21 -187.38
N ILE F 200 -51.01 -13.54 -186.23
CA ILE F 200 -49.88 -13.48 -185.30
C ILE F 200 -50.41 -13.76 -183.90
N ARG F 201 -49.67 -14.57 -183.13
CA ARG F 201 -50.18 -15.10 -181.86
C ARG F 201 -49.16 -14.92 -180.74
N ILE F 202 -49.64 -14.52 -179.56
CA ILE F 202 -48.82 -14.30 -178.37
C ILE F 202 -49.22 -15.33 -177.30
N PHE F 203 -48.21 -15.99 -176.72
CA PHE F 203 -48.43 -17.04 -175.72
C PHE F 203 -47.65 -16.75 -174.44
N ASP F 204 -48.15 -17.28 -173.32
CA ASP F 204 -47.45 -17.22 -172.04
C ASP F 204 -46.40 -18.33 -171.98
N THR F 205 -45.14 -17.94 -171.78
CA THR F 205 -44.04 -18.89 -171.77
C THR F 205 -44.11 -19.89 -170.62
N SER F 206 -44.78 -19.53 -169.52
CA SER F 206 -44.81 -20.38 -168.33
C SER F 206 -46.06 -21.25 -168.24
N SER F 207 -47.01 -21.09 -169.16
CA SER F 207 -48.21 -21.94 -169.20
C SER F 207 -48.58 -22.43 -170.60
N GLY F 208 -48.14 -21.77 -171.67
CA GLY F 208 -48.44 -22.18 -173.03
C GLY F 208 -49.76 -21.71 -173.60
N HIS F 209 -50.48 -20.86 -172.88
CA HIS F 209 -51.82 -20.45 -173.28
C HIS F 209 -51.79 -19.28 -174.26
N LEU F 210 -52.78 -19.23 -175.16
CA LEU F 210 -52.89 -18.16 -176.14
C LEU F 210 -53.41 -16.90 -175.46
N ILE F 211 -52.54 -15.87 -175.38
CA ILE F 211 -52.88 -14.64 -174.68
C ILE F 211 -53.62 -13.67 -175.60
N GLN F 212 -53.20 -13.57 -176.86
CA GLN F 212 -53.84 -12.68 -177.82
C GLN F 212 -53.58 -13.18 -179.24
N GLU F 213 -54.56 -12.96 -180.12
CA GLU F 213 -54.41 -13.19 -181.55
C GLU F 213 -54.63 -11.88 -182.31
N LEU F 214 -53.76 -11.63 -183.30
CA LEU F 214 -53.81 -10.40 -184.08
C LEU F 214 -53.81 -10.72 -185.57
N ARG F 215 -54.45 -9.86 -186.36
CA ARG F 215 -54.54 -10.00 -187.81
C ARG F 215 -53.88 -8.80 -188.48
N ARG F 216 -52.98 -9.06 -189.42
CA ARG F 216 -52.31 -7.96 -190.12
C ARG F 216 -52.87 -7.71 -191.52
N GLY F 217 -53.60 -8.66 -192.10
CA GLY F 217 -54.15 -8.45 -193.42
C GLY F 217 -54.91 -9.67 -193.90
N SER F 218 -55.23 -9.66 -195.20
CA SER F 218 -55.87 -10.77 -195.89
C SER F 218 -54.94 -11.48 -196.86
N GLN F 219 -54.15 -10.72 -197.63
CA GLN F 219 -53.19 -11.29 -198.56
C GLN F 219 -52.00 -11.90 -197.81
N ALA F 220 -51.50 -13.02 -198.30
CA ALA F 220 -50.35 -13.67 -197.69
C ALA F 220 -49.09 -12.84 -197.88
N ALA F 221 -48.29 -12.74 -196.82
CA ALA F 221 -47.06 -11.93 -196.85
C ALA F 221 -46.05 -12.51 -195.88
N ASN F 222 -44.80 -12.68 -196.33
CA ASN F 222 -43.75 -13.18 -195.46
C ASN F 222 -43.44 -12.15 -194.37
N ILE F 223 -43.20 -12.65 -193.15
CA ILE F 223 -42.94 -11.82 -191.97
C ILE F 223 -41.46 -11.88 -191.65
N TYR F 224 -40.83 -10.71 -191.52
CA TYR F 224 -39.40 -10.62 -191.29
C TYR F 224 -39.02 -10.49 -189.82
N CYS F 225 -39.72 -9.66 -189.05
CA CYS F 225 -39.33 -9.37 -187.67
C CYS F 225 -40.57 -9.06 -186.83
N ILE F 226 -40.48 -9.38 -185.54
CA ILE F 226 -41.50 -9.07 -184.54
C ILE F 226 -40.79 -8.66 -183.26
N ASN F 227 -41.33 -7.67 -182.54
CA ASN F 227 -40.76 -7.25 -181.27
C ASN F 227 -41.80 -6.57 -180.38
N PHE F 228 -41.68 -6.80 -179.07
CA PHE F 228 -42.47 -6.15 -178.03
C PHE F 228 -41.81 -4.85 -177.56
N ASN F 229 -42.59 -4.03 -176.85
CA ASN F 229 -42.03 -2.93 -176.07
C ASN F 229 -41.74 -3.39 -174.64
N GLN F 230 -41.22 -2.48 -173.81
CA GLN F 230 -40.72 -2.87 -172.49
C GLN F 230 -41.82 -3.41 -171.59
N ASP F 231 -42.98 -2.75 -171.56
CA ASP F 231 -44.08 -3.24 -170.74
C ASP F 231 -44.92 -4.30 -171.45
N ALA F 232 -44.49 -4.73 -172.64
CA ALA F 232 -45.15 -5.75 -173.46
C ALA F 232 -46.58 -5.35 -173.86
N SER F 233 -46.88 -4.06 -173.82
CA SER F 233 -48.23 -3.59 -174.17
C SER F 233 -48.42 -3.40 -175.67
N LEU F 234 -47.34 -3.21 -176.42
CA LEU F 234 -47.40 -3.02 -177.87
C LEU F 234 -46.40 -3.93 -178.56
N ILE F 235 -46.71 -4.32 -179.80
CA ILE F 235 -45.76 -5.02 -180.64
C ILE F 235 -45.70 -4.35 -182.01
N CYS F 236 -44.56 -4.52 -182.68
CA CYS F 236 -44.36 -4.09 -184.05
C CYS F 236 -43.96 -5.30 -184.90
N VAL F 237 -44.41 -5.32 -186.15
CA VAL F 237 -44.22 -6.45 -187.07
C VAL F 237 -43.83 -5.91 -188.44
N SER F 238 -42.83 -6.53 -189.08
CA SER F 238 -42.35 -6.10 -190.40
C SER F 238 -42.65 -7.16 -191.45
N SER F 239 -42.99 -6.71 -192.67
CA SER F 239 -43.40 -7.56 -193.77
C SER F 239 -43.03 -6.95 -195.12
N ASP F 240 -43.74 -7.33 -196.19
CA ASP F 240 -43.28 -7.08 -197.56
C ASP F 240 -43.07 -5.59 -197.86
N HIS F 241 -42.06 -5.35 -198.70
CA HIS F 241 -41.71 -4.01 -199.21
C HIS F 241 -41.49 -2.99 -198.09
N GLY F 242 -40.93 -3.44 -196.98
CA GLY F 242 -40.62 -2.55 -195.88
C GLY F 242 -41.82 -2.06 -195.09
N THR F 243 -42.93 -2.78 -195.15
CA THR F 243 -44.14 -2.39 -194.41
C THR F 243 -44.03 -2.84 -192.96
N VAL F 244 -44.44 -1.97 -192.04
CA VAL F 244 -44.44 -2.27 -190.61
C VAL F 244 -45.83 -1.96 -190.03
N HIS F 245 -46.33 -2.85 -189.18
CA HIS F 245 -47.60 -2.69 -188.49
C HIS F 245 -47.37 -2.66 -186.99
N ILE F 246 -48.08 -1.78 -186.28
CA ILE F 246 -47.97 -1.63 -184.84
C ILE F 246 -49.31 -2.01 -184.20
N PHE F 247 -49.27 -2.95 -183.24
CA PHE F 247 -50.46 -3.51 -182.62
C PHE F 247 -50.46 -3.31 -181.11
N ALA F 248 -51.65 -3.25 -180.53
CA ALA F 248 -51.81 -3.29 -179.08
C ALA F 248 -51.95 -4.74 -178.62
N ALA F 249 -51.16 -5.12 -177.62
CA ALA F 249 -51.08 -6.51 -177.19
C ALA F 249 -52.01 -6.84 -176.02
N GLU F 250 -52.30 -5.87 -175.14
CA GLU F 250 -53.03 -6.16 -173.91
C GLU F 250 -54.51 -5.77 -173.97
N ASP F 251 -54.99 -5.19 -175.07
CA ASP F 251 -56.40 -4.88 -175.23
C ASP F 251 -57.05 -5.85 -176.22
N PRO F 252 -57.78 -6.87 -175.75
CA PRO F 252 -58.37 -7.85 -176.68
C PRO F 252 -59.47 -7.28 -177.57
N LYS F 253 -59.92 -6.05 -177.32
CA LYS F 253 -60.85 -5.36 -178.20
C LYS F 253 -60.22 -4.98 -179.53
N SER F 254 -58.90 -5.14 -179.69
CA SER F 254 -58.20 -4.81 -180.91
C SER F 254 -57.63 -6.08 -181.55
N LYS F 255 -57.97 -6.30 -182.82
CA LYS F 255 -57.40 -7.39 -183.61
C LYS F 255 -56.46 -6.91 -184.71
N TRP F 256 -56.70 -5.72 -185.24
CA TRP F 256 -55.87 -5.11 -186.28
C TRP F 256 -54.82 -4.18 -185.67
N SER F 257 -53.91 -3.70 -186.53
CA SER F 257 -52.92 -2.72 -186.11
C SER F 257 -53.52 -1.32 -186.08
N PHE F 258 -53.16 -0.54 -185.04
CA PHE F 258 -53.63 0.84 -184.94
C PHE F 258 -52.76 1.83 -185.69
N SER F 259 -51.55 1.44 -186.09
CA SER F 259 -50.68 2.26 -186.91
C SER F 259 -49.94 1.38 -187.91
N LYS F 260 -49.60 1.96 -189.06
CA LYS F 260 -48.91 1.27 -190.14
C LYS F 260 -48.06 2.27 -190.92
N PHE F 261 -46.88 1.84 -191.37
CA PHE F 261 -46.00 2.70 -192.17
C PHE F 261 -45.14 1.85 -193.10
N GLN F 262 -44.49 2.52 -194.05
CA GLN F 262 -43.58 1.90 -195.01
C GLN F 262 -42.32 2.74 -195.14
N VAL F 263 -41.15 2.10 -195.14
CA VAL F 263 -39.88 2.84 -195.20
C VAL F 263 -39.74 3.47 -196.58
N PRO F 264 -39.07 4.64 -196.71
CA PRO F 264 -39.09 5.36 -197.99
C PRO F 264 -38.53 4.59 -199.18
N SER F 265 -37.55 3.70 -198.96
CA SER F 265 -36.97 2.93 -200.06
C SER F 265 -37.75 1.65 -200.38
N GLY F 266 -38.63 1.22 -199.49
CA GLY F 266 -39.38 0.00 -199.71
C GLY F 266 -38.57 -1.27 -199.52
N SER F 267 -37.35 -1.14 -199.01
CA SER F 267 -36.54 -2.32 -198.69
C SER F 267 -37.08 -3.01 -197.44
N PRO F 268 -36.97 -4.35 -197.36
CA PRO F 268 -37.36 -5.03 -196.13
C PRO F 268 -36.48 -4.62 -194.95
N CYS F 269 -37.05 -4.73 -193.74
CA CYS F 269 -36.43 -4.16 -192.55
C CYS F 269 -36.79 -4.96 -191.31
N ILE F 270 -35.97 -4.80 -190.25
CA ILE F 270 -36.29 -5.28 -188.90
C ILE F 270 -36.83 -4.10 -188.11
N CYS F 271 -37.65 -4.38 -187.08
CA CYS F 271 -38.34 -3.35 -186.32
C CYS F 271 -38.21 -3.57 -184.81
N ALA F 272 -38.22 -2.46 -184.08
CA ALA F 272 -38.21 -2.45 -182.61
C ALA F 272 -38.69 -1.08 -182.14
N PHE F 273 -39.04 -0.98 -180.85
CA PHE F 273 -39.46 0.29 -180.27
C PHE F 273 -38.24 1.09 -179.79
N GLY F 274 -38.36 2.41 -179.86
CA GLY F 274 -37.26 3.32 -179.59
C GLY F 274 -37.16 3.79 -178.15
N THR F 275 -36.47 4.92 -177.96
CA THR F 275 -36.29 5.48 -176.62
C THR F 275 -37.59 6.13 -176.12
N GLU F 276 -38.26 6.89 -176.97
CA GLU F 276 -39.56 7.44 -176.61
C GLU F 276 -40.62 6.33 -176.69
N PRO F 277 -41.61 6.34 -175.78
CA PRO F 277 -42.61 5.25 -175.77
C PRO F 277 -43.48 5.21 -177.01
N ASN F 278 -43.54 6.29 -177.79
CA ASN F 278 -44.32 6.33 -179.02
C ASN F 278 -43.43 6.29 -180.27
N ALA F 279 -42.25 5.70 -180.18
CA ALA F 279 -41.30 5.63 -181.30
C ALA F 279 -41.06 4.18 -181.72
N VAL F 280 -40.98 3.97 -183.04
CA VAL F 280 -40.58 2.69 -183.62
C VAL F 280 -39.42 2.94 -184.58
N ILE F 281 -38.44 2.04 -184.54
CA ILE F 281 -37.20 2.14 -185.31
C ILE F 281 -37.13 0.98 -186.29
N ALA F 282 -36.74 1.28 -187.53
CA ALA F 282 -36.61 0.27 -188.58
C ALA F 282 -35.22 0.33 -189.23
N ILE F 283 -34.56 -0.83 -189.30
CA ILE F 283 -33.25 -0.97 -189.94
C ILE F 283 -33.45 -1.83 -191.19
N CYS F 284 -33.03 -1.31 -192.34
CA CYS F 284 -33.40 -1.86 -193.64
C CYS F 284 -32.19 -2.48 -194.35
N ALA F 285 -32.48 -3.45 -195.22
CA ALA F 285 -31.44 -4.25 -195.86
C ALA F 285 -30.58 -3.45 -196.84
N ASP F 286 -31.05 -2.29 -197.29
CA ASP F 286 -30.26 -1.42 -198.16
C ASP F 286 -29.35 -0.48 -197.38
N GLY F 287 -29.32 -0.58 -196.06
CA GLY F 287 -28.54 0.32 -195.23
C GLY F 287 -29.30 1.51 -194.68
N SER F 288 -30.62 1.55 -194.84
CA SER F 288 -31.42 2.68 -194.41
C SER F 288 -31.84 2.56 -192.94
N TYR F 289 -31.81 3.69 -192.25
CA TYR F 289 -32.31 3.83 -190.88
C TYR F 289 -33.55 4.72 -190.91
N TYR F 290 -34.61 4.30 -190.20
CA TYR F 290 -35.88 5.01 -190.19
C TYR F 290 -36.45 5.06 -188.78
N LYS F 291 -36.95 6.23 -188.39
CA LYS F 291 -37.56 6.44 -187.07
C LYS F 291 -38.95 7.05 -187.23
N PHE F 292 -39.93 6.45 -186.55
CA PHE F 292 -41.35 6.75 -186.72
C PHE F 292 -41.94 7.09 -185.36
N LEU F 293 -42.57 8.26 -185.24
CA LEU F 293 -43.27 8.69 -184.03
C LEU F 293 -44.77 8.77 -184.31
N PHE F 294 -45.59 8.21 -183.41
CA PHE F 294 -47.03 8.14 -183.61
C PHE F 294 -47.80 8.77 -182.46
N ASN F 295 -49.04 9.17 -182.75
CA ASN F 295 -49.99 9.61 -181.73
C ASN F 295 -50.84 8.42 -181.27
N PRO F 296 -51.66 8.59 -180.22
CA PRO F 296 -52.48 7.45 -179.75
C PRO F 296 -53.43 6.90 -180.80
N LYS F 297 -53.86 7.71 -181.78
CA LYS F 297 -54.69 7.22 -182.88
C LYS F 297 -53.86 6.52 -183.96
N GLY F 298 -52.54 6.47 -183.82
CA GLY F 298 -51.67 5.79 -184.76
C GLY F 298 -51.15 6.62 -185.90
N GLU F 299 -51.42 7.93 -185.91
CA GLU F 299 -50.98 8.80 -186.99
C GLU F 299 -49.54 9.26 -186.74
N CYS F 300 -48.78 9.43 -187.82
CA CYS F 300 -47.41 9.91 -187.71
C CYS F 300 -47.37 11.37 -187.27
N ILE F 301 -46.51 11.67 -186.28
CA ILE F 301 -46.28 13.05 -185.87
C ILE F 301 -44.87 13.52 -186.21
N ARG F 302 -43.90 12.61 -186.35
CA ARG F 302 -42.54 12.97 -186.74
C ARG F 302 -41.86 11.79 -187.42
N ASP F 303 -40.94 12.10 -188.33
CA ASP F 303 -40.30 11.12 -189.21
C ASP F 303 -38.82 11.49 -189.37
N VAL F 304 -37.94 10.50 -189.28
CA VAL F 304 -36.49 10.68 -189.45
C VAL F 304 -35.94 9.53 -190.29
N TYR F 305 -35.02 9.86 -191.21
CA TYR F 305 -34.44 8.89 -192.15
C TYR F 305 -32.97 9.20 -192.37
N ALA F 306 -32.15 8.15 -192.48
CA ALA F 306 -30.70 8.30 -192.68
C ALA F 306 -30.11 6.99 -193.19
N GLN F 307 -28.87 7.06 -193.67
CA GLN F 307 -28.11 5.89 -194.14
C GLN F 307 -27.02 5.57 -193.10
N PHE F 308 -27.22 4.49 -192.34
CA PHE F 308 -26.33 4.25 -191.20
C PHE F 308 -24.96 3.74 -191.63
N LEU F 309 -24.84 3.12 -192.80
CA LEU F 309 -23.54 2.66 -193.28
C LEU F 309 -22.62 3.82 -193.65
N GLU F 310 -23.17 4.99 -193.98
CA GLU F 310 -22.37 6.12 -194.40
C GLU F 310 -21.85 6.94 -193.22
N MET F 311 -22.20 6.59 -192.00
CA MET F 311 -21.79 7.32 -190.80
C MET F 311 -20.40 6.87 -190.34
N UNK G 1 -61.44 47.79 143.18
CA UNK G 1 -60.50 47.95 144.28
C UNK G 1 -59.24 47.14 144.05
N UNK G 2 -58.21 47.41 144.85
CA UNK G 2 -56.93 46.74 144.68
C UNK G 2 -57.03 45.28 145.12
N UNK G 3 -55.87 44.60 145.13
CA UNK G 3 -55.82 43.14 145.02
C UNK G 3 -56.48 42.42 146.19
N UNK G 4 -56.71 43.07 147.33
CA UNK G 4 -57.39 42.43 148.45
C UNK G 4 -58.36 43.41 149.07
N UNK G 5 -59.63 43.04 149.09
CA UNK G 5 -60.69 43.90 149.62
C UNK G 5 -61.79 42.99 150.17
N UNK G 6 -62.99 43.54 150.35
CA UNK G 6 -64.13 42.72 150.73
C UNK G 6 -64.45 41.66 149.69
N UNK G 7 -63.89 41.76 148.49
CA UNK G 7 -63.95 40.67 147.52
C UNK G 7 -63.11 39.47 147.93
N UNK G 8 -62.23 39.63 148.91
CA UNK G 8 -61.52 38.50 149.50
C UNK G 8 -62.48 37.78 150.45
N UNK G 9 -61.97 36.78 151.16
CA UNK G 9 -62.82 35.78 151.82
C UNK G 9 -63.78 35.20 150.78
N UNK G 10 -63.21 34.84 149.63
CA UNK G 10 -63.95 34.63 148.39
C UNK G 10 -64.57 33.24 148.29
N UNK G 11 -64.61 32.47 149.37
CA UNK G 11 -65.27 31.17 149.41
C UNK G 11 -64.67 30.17 148.45
N UNK G 12 -63.44 30.40 148.00
CA UNK G 12 -62.72 29.50 147.11
C UNK G 12 -63.52 29.13 145.88
N UNK H 1 9.48 1.92 -90.94
CA UNK H 1 8.89 0.64 -90.55
C UNK H 1 9.55 0.09 -89.29
N UNK H 2 10.57 -0.75 -89.49
CA UNK H 2 11.41 -1.20 -88.37
C UNK H 2 12.79 -1.46 -88.95
N UNK H 3 13.64 -0.44 -88.89
CA UNK H 3 14.98 -0.45 -89.47
C UNK H 3 14.93 -0.41 -91.00
N UNK H 4 15.95 -0.98 -91.65
CA UNK H 4 16.36 -0.63 -93.00
C UNK H 4 15.21 -0.51 -94.00
N UNK H 5 15.00 0.70 -94.50
CA UNK H 5 13.90 1.08 -95.37
C UNK H 5 14.33 2.23 -96.28
N UNK H 6 13.35 3.00 -96.78
CA UNK H 6 13.64 4.16 -97.61
C UNK H 6 14.55 5.20 -96.96
N UNK H 7 14.76 5.13 -95.65
CA UNK H 7 15.65 6.08 -94.98
C UNK H 7 17.09 5.62 -94.88
N UNK H 8 17.37 4.36 -95.25
CA UNK H 8 18.72 3.85 -95.08
C UNK H 8 19.65 4.28 -96.21
N UNK H 9 19.15 4.36 -97.43
CA UNK H 9 20.02 4.63 -98.57
C UNK H 9 20.34 6.10 -98.77
N UNK H 10 19.81 6.99 -97.92
CA UNK H 10 20.09 8.42 -98.01
C UNK H 10 21.47 8.74 -97.44
N UNK H 11 21.80 10.04 -97.41
CA UNK H 11 23.16 10.48 -97.14
C UNK H 11 23.53 10.31 -95.67
N UNK H 12 24.84 10.18 -95.42
CA UNK H 12 25.41 10.16 -94.08
C UNK H 12 25.56 11.59 -93.55
#